data_9ML4
#
_entry.id   9ML4
#
_cell.length_a   1.00
_cell.length_b   1.00
_cell.length_c   1.00
_cell.angle_alpha   90.00
_cell.angle_beta   90.00
_cell.angle_gamma   90.00
#
_symmetry.space_group_name_H-M   'P 1'
#
loop_
_entity.id
_entity.type
_entity.pdbx_description
1 polymer 'Spike glycoprotein'
2 polymer 'M8b-A10 heavy chain'
3 polymer 'M8b-A10 light chain'
4 non-polymer 2-acetamido-2-deoxy-beta-D-glucopyranose
#
loop_
_entity_poly.entity_id
_entity_poly.type
_entity_poly.pdbx_seq_one_letter_code
_entity_poly.pdbx_strand_id
1 'polypeptide(L)'
;MFVFLVLLPLVSSQCVNLTTRTQLPPAYTNSFTRGVYYPDKVFRSSVLHSTQDLFLPFFSNVTWFHAIHVSGTNGTKRFD
NPVLPFNDGVYFASTEKSNIIRGWIFGTTLDSKTQSLLIVNNATNVVIKVCEFQFCNDPFLGVYYHKNNKSWMESEFRVY
SSANNCTFEYVSQPFLMDLEGKQGNFKNLREFVFKNIDGYFKIYSKHTPINLVRDLPQGFSALEPLVDLPIGINITRFQT
LLALHRSYLTPGDSSSGWTAGAAAYYVGYLQPRTFLLKYNENGTITDAVDCALDPLSETKCTLKSFTVEKGIYQTSNFRV
QPTESIVRFPNITNLCPFGEVFNATRFASVYAWNRKRISNCVADYSVLYNSASFSTFKCYGVSPTKLNDLCFTNVYADSF
VIRGDEVRQIAPGQTGKIADYNYKLPDDFTGCVIAWNSNNLDSKVGGNYNYLYRLFRKSNLKPFERDISTEIYQAGSTPC
NGVEGFNCYFPLQSYGFQPTNGVGYQPYRVVVLSFELLHAPATVCGPKKSTNLVKNKCVNFNFNGLTGTGVLTESNKKFL
PFQQFGRDIADTTDAVRDPQTLEILDITPCSFGGVSVITPGTNTSNQVAVLYQDVNCTEVPVAIHADQLTPTWRVYSTGS
NVFQTRAGCLIGAEHVNNSYECDIPIGAGICASYQTQTNSPASVASQSIIAYTMSLGAENSVAYSNNSIAIPTNFTISVT
TEILPVSMTKTSVDCTMYICGDSTECSNLLLQYGSFCTQLNRALTGIAVEQDKNTQEVFAQVKQIYKTPPIKDFGGFNFS
QILPDPSKPSKRSPIEDLLFNKVTLADAGFIKQYGDCLGDIAARDLICAQKFNGLTVLPPLLTDEMIAQYTSALLAGTIT
SGWTFGAGPALQIPFPMQMAYRFNGIGVTQNVLYENQKLIANQFNSAIGKIQDSLSSTPSALGKLQDVVNQNAQALNTLV
KQLSSNFGAISSVLNDILSRLDPPEAEVQIDRLITGRLQSLQTYVTQQLIRAAEIRASANLAATKMSECVLGQSKRVDFC
GKGYHLMSFPQSAPHGVVFLHVTYVPAQEKNFTTAPAICHDGKAHFPREGVFVSNGTHWFVTQRNFYEPQIITTDNTFVS
GNCDVVIGIVNNTVYDPLQPELDSFKEELDKYFKNHTSPDVDLGDISGINASVVNIQKEIDRLNEVAKNLNESLIDLQEL
GKYEQYIKWPSGRLVPRGSPGSGYIPEAPRDGQAYVRKDGEWVLLSTFLGHHHHHH
;
A,B,C
2 'polypeptide(L)'
;ESLEESGGGLVQPGASLTLTCKASGFSFSSGYYMCWVRQAPGKGLEWIACTSGGSSQYTIYANWAKGRSTISKTSSTTVT
LQMTSLTAADTATYFCARGPSTYYGMDLWGPGTLVTVSSGQPKAPSVFPLAPSSKSTSGGTAALGCLVKDYFPEPVTVSW
NSGALTSGVHTFPAVLQSSGLYSLSSVVTVPSSSLGTQTYICNVNHKPSNTKVDKRVEPKSCDKTH
;
H,M,P
3 'polypeptide(L)'
;DVVMTQTPASVSEPVGGTVTTKCQASQNIFNNLAWYQQKPGQPPKLLISDASNLASGVSSRFTGSGSGTEYTLTIGDLEC
ADGATYYCQSTSYGNDDGAAFGGGTEVVVKRTVAAPSVFIFPPSDEQLKSGTASVVCLLNNFYPREAKVQWKVDNALQSG
NSQESVTEQDSKDSTYSLSSTLTLSKADYEKHKVYACEVTHQGLSSPVTKSFNRGEC
;
L,N,Q
#
loop_
_chem_comp.id
_chem_comp.type
_chem_comp.name
_chem_comp.formula
NAG D-saccharide, beta linking 2-acetamido-2-deoxy-beta-D-glucopyranose 'C8 H15 N O6'
#
# COMPACT_ATOMS: atom_id res chain seq x y z
N ALA A 27 -1.37 -54.51 -14.27
CA ALA A 27 -2.76 -54.31 -13.92
C ALA A 27 -2.94 -53.09 -13.03
N TYR A 28 -4.02 -52.36 -13.22
CA TYR A 28 -4.33 -51.16 -12.47
C TYR A 28 -5.66 -51.32 -11.74
N THR A 29 -5.82 -50.57 -10.66
CA THR A 29 -7.08 -50.51 -9.93
C THR A 29 -7.43 -49.05 -9.72
N ASN A 30 -8.61 -48.79 -9.16
CA ASN A 30 -9.09 -47.43 -8.95
C ASN A 30 -9.26 -47.17 -7.47
N SER A 31 -8.48 -46.23 -6.94
CA SER A 31 -8.67 -45.80 -5.55
C SER A 31 -9.83 -44.81 -5.51
N PHE A 32 -11.02 -45.30 -5.16
CA PHE A 32 -12.23 -44.50 -5.31
C PHE A 32 -12.20 -43.27 -4.41
N THR A 33 -11.95 -43.47 -3.11
CA THR A 33 -11.93 -42.38 -2.15
C THR A 33 -10.77 -42.45 -1.16
N ARG A 34 -10.04 -43.56 -1.11
CA ARG A 34 -9.01 -43.73 -0.10
C ARG A 34 -7.82 -42.81 -0.36
N GLY A 35 -6.98 -42.66 0.66
CA GLY A 35 -5.80 -41.84 0.56
C GLY A 35 -5.90 -40.47 1.19
N VAL A 36 -6.85 -40.26 2.09
CA VAL A 36 -7.06 -38.97 2.75
C VAL A 36 -6.54 -39.08 4.17
N TYR A 37 -5.67 -38.16 4.56
CA TYR A 37 -5.05 -38.15 5.88
C TYR A 37 -5.24 -36.79 6.53
N TYR A 38 -5.15 -36.76 7.86
CA TYR A 38 -5.22 -35.51 8.60
C TYR A 38 -4.02 -34.64 8.25
N PRO A 39 -4.22 -33.53 7.55
CA PRO A 39 -3.07 -32.71 7.11
C PRO A 39 -2.29 -32.10 8.26
N ASP A 40 -2.88 -31.94 9.43
CA ASP A 40 -2.19 -31.33 10.56
C ASP A 40 -2.82 -31.83 11.85
N LYS A 41 -2.18 -31.48 12.96
CA LYS A 41 -2.65 -31.88 14.28
C LYS A 41 -3.81 -31.03 14.78
N VAL A 42 -4.27 -30.07 13.98
CA VAL A 42 -5.30 -29.14 14.44
C VAL A 42 -6.66 -29.83 14.52
N PHE A 43 -7.37 -29.58 15.61
CA PHE A 43 -8.68 -30.16 15.87
C PHE A 43 -9.77 -29.20 15.41
N ARG A 44 -10.74 -29.74 14.67
CA ARG A 44 -11.89 -28.97 14.23
C ARG A 44 -13.14 -29.82 14.40
N SER A 45 -14.24 -29.16 14.78
CA SER A 45 -15.50 -29.83 15.05
C SER A 45 -16.59 -29.23 14.17
N SER A 46 -17.25 -30.08 13.38
CA SER A 46 -18.33 -29.67 12.48
C SER A 46 -17.90 -28.52 11.57
N VAL A 47 -16.67 -28.61 11.06
CA VAL A 47 -16.09 -27.57 10.23
C VAL A 47 -15.61 -28.21 8.93
N LEU A 48 -16.03 -27.64 7.80
CA LEU A 48 -15.57 -28.07 6.49
C LEU A 48 -14.35 -27.24 6.14
N HIS A 49 -13.17 -27.84 6.24
CA HIS A 49 -11.91 -27.12 6.10
C HIS A 49 -11.27 -27.44 4.75
N SER A 50 -10.83 -26.40 4.05
CA SER A 50 -10.19 -26.54 2.76
C SER A 50 -8.68 -26.52 2.95
N THR A 51 -8.01 -27.57 2.47
CA THR A 51 -6.57 -27.70 2.60
C THR A 51 -5.93 -27.91 1.24
N GLN A 52 -4.87 -27.14 0.96
CA GLN A 52 -4.06 -27.34 -0.24
C GLN A 52 -2.82 -28.11 0.22
N ASP A 53 -2.77 -29.39 -0.15
CA ASP A 53 -1.71 -30.29 0.29
C ASP A 53 -1.52 -31.38 -0.75
N LEU A 54 -0.49 -32.19 -0.53
CA LEU A 54 -0.18 -33.32 -1.42
C LEU A 54 -1.09 -34.49 -1.06
N PHE A 55 -2.16 -34.65 -1.83
CA PHE A 55 -3.14 -35.70 -1.58
C PHE A 55 -3.14 -36.70 -2.74
N LEU A 56 -3.83 -37.81 -2.51
CA LEU A 56 -4.10 -38.78 -3.57
C LEU A 56 -5.39 -38.39 -4.27
N PRO A 57 -5.37 -38.09 -5.57
CA PRO A 57 -6.59 -37.62 -6.23
C PRO A 57 -7.70 -38.65 -6.18
N PHE A 58 -8.94 -38.16 -6.06
CA PHE A 58 -10.08 -39.04 -5.98
C PHE A 58 -10.29 -39.78 -7.30
N PHE A 59 -10.65 -41.06 -7.20
CA PHE A 59 -10.94 -41.90 -8.36
C PHE A 59 -9.74 -41.96 -9.32
N SER A 60 -8.55 -41.76 -8.77
CA SER A 60 -7.31 -41.94 -9.51
C SER A 60 -6.99 -43.43 -9.58
N ASN A 61 -6.43 -43.87 -10.69
CA ASN A 61 -6.10 -45.28 -10.82
C ASN A 61 -4.62 -45.52 -10.51
N VAL A 62 -4.39 -46.50 -9.65
CA VAL A 62 -3.10 -46.78 -9.04
C VAL A 62 -2.66 -48.19 -9.44
N THR A 63 -1.40 -48.49 -9.14
CA THR A 63 -0.79 -49.72 -9.62
C THR A 63 -1.08 -50.89 -8.67
N TRP A 64 -1.56 -51.98 -9.23
CA TRP A 64 -1.79 -53.24 -8.53
C TRP A 64 -0.52 -54.09 -8.64
N PHE A 65 -0.22 -54.83 -7.58
CA PHE A 65 0.93 -55.73 -7.59
C PHE A 65 0.53 -57.08 -7.02
N HIS A 66 1.29 -58.11 -7.40
CA HIS A 66 1.06 -59.46 -6.94
C HIS A 66 2.31 -60.01 -6.26
N ALA A 67 2.10 -60.88 -5.27
CA ALA A 67 3.20 -61.51 -4.55
C ALA A 67 3.03 -63.01 -4.38
N ILE A 68 1.87 -63.58 -4.66
CA ILE A 68 1.65 -65.02 -4.53
C ILE A 68 2.19 -65.72 -5.77
N HIS A 69 2.33 -67.04 -5.70
CA HIS A 69 2.85 -67.85 -6.80
C HIS A 69 4.25 -67.39 -7.21
N ARG A 78 7.99 -66.89 -11.03
CA ARG A 78 7.21 -66.49 -9.87
C ARG A 78 6.92 -65.00 -9.89
N PHE A 79 6.32 -64.50 -8.80
CA PHE A 79 5.93 -63.11 -8.69
C PHE A 79 6.81 -62.41 -7.66
N ASP A 80 7.36 -61.26 -8.03
CA ASP A 80 8.22 -60.50 -7.13
C ASP A 80 7.78 -59.04 -7.07
N ASN A 81 8.58 -58.19 -6.44
CA ASN A 81 8.29 -56.78 -6.32
C ASN A 81 9.33 -55.96 -7.07
N PRO A 82 8.91 -54.98 -7.88
CA PRO A 82 9.89 -54.15 -8.60
C PRO A 82 10.31 -52.93 -7.80
N VAL A 83 11.13 -52.08 -8.42
CA VAL A 83 11.58 -50.84 -7.82
C VAL A 83 10.67 -49.71 -8.28
N LEU A 84 10.26 -48.85 -7.36
CA LEU A 84 9.33 -47.79 -7.75
C LEU A 84 9.93 -46.43 -7.46
N PRO A 85 9.50 -45.39 -8.17
CA PRO A 85 9.88 -44.03 -7.79
C PRO A 85 9.01 -43.50 -6.67
N PHE A 86 9.42 -42.37 -6.11
CA PHE A 86 8.69 -41.76 -5.00
C PHE A 86 7.70 -40.70 -5.50
N ASN A 87 8.21 -39.66 -6.17
CA ASN A 87 7.40 -38.61 -6.79
C ASN A 87 6.49 -37.94 -5.76
N ASP A 88 7.14 -37.27 -4.80
CA ASP A 88 6.49 -36.40 -3.82
C ASP A 88 5.43 -37.12 -2.99
N GLY A 89 5.69 -38.35 -2.57
CA GLY A 89 4.79 -39.07 -1.69
C GLY A 89 4.27 -40.36 -2.29
N VAL A 90 4.01 -41.34 -1.43
CA VAL A 90 3.58 -42.66 -1.86
C VAL A 90 2.44 -43.11 -0.95
N TYR A 91 1.34 -43.57 -1.55
CA TYR A 91 0.26 -44.21 -0.80
C TYR A 91 0.33 -45.71 -1.05
N PHE A 92 0.48 -46.48 0.01
CA PHE A 92 0.75 -47.91 -0.06
C PHE A 92 -0.31 -48.65 0.73
N ALA A 93 -1.12 -49.46 0.04
CA ALA A 93 -2.24 -50.15 0.67
C ALA A 93 -2.10 -51.65 0.46
N SER A 94 -1.80 -52.38 1.52
CA SER A 94 -1.61 -53.82 1.44
C SER A 94 -2.67 -54.53 2.25
N THR A 95 -3.46 -55.37 1.60
CA THR A 95 -4.44 -56.20 2.29
C THR A 95 -3.84 -57.59 2.45
N GLU A 96 -3.77 -58.06 3.69
CA GLU A 96 -3.01 -59.27 4.00
C GLU A 96 -3.78 -60.13 4.98
N LYS A 97 -3.52 -61.44 4.90
CA LYS A 97 -4.02 -62.43 5.85
C LYS A 97 -2.95 -62.86 6.84
N SER A 98 -1.76 -63.19 6.35
CA SER A 98 -0.66 -63.64 7.19
C SER A 98 0.47 -62.63 7.27
N ASN A 99 0.22 -61.38 6.86
CA ASN A 99 1.19 -60.28 6.97
C ASN A 99 2.48 -60.60 6.21
N ILE A 100 2.35 -60.70 4.88
CA ILE A 100 3.51 -60.95 4.04
C ILE A 100 4.43 -59.74 4.03
N ILE A 101 3.86 -58.53 4.03
CA ILE A 101 4.67 -57.32 3.99
C ILE A 101 5.46 -57.19 5.29
N ARG A 102 6.75 -56.88 5.17
CA ARG A 102 7.62 -56.87 6.34
C ARG A 102 8.53 -55.64 6.44
N GLY A 103 8.58 -54.78 5.44
CA GLY A 103 9.42 -53.60 5.56
C GLY A 103 9.45 -52.80 4.27
N TRP A 104 9.98 -51.58 4.39
CA TRP A 104 10.04 -50.64 3.28
C TRP A 104 11.44 -50.04 3.21
N ILE A 105 11.80 -49.57 2.01
CA ILE A 105 13.07 -48.88 1.77
C ILE A 105 12.77 -47.58 1.06
N PHE A 106 13.29 -46.47 1.60
CA PHE A 106 13.19 -45.16 0.96
C PHE A 106 14.60 -44.60 0.82
N GLY A 107 15.16 -44.68 -0.38
CA GLY A 107 16.50 -44.18 -0.61
C GLY A 107 16.71 -43.80 -2.05
N THR A 108 17.56 -42.79 -2.26
CA THR A 108 17.89 -42.37 -3.63
C THR A 108 18.61 -43.46 -4.38
N THR A 109 19.56 -44.15 -3.73
CA THR A 109 20.31 -45.25 -4.32
C THR A 109 19.93 -46.61 -3.74
N LEU A 110 19.69 -46.67 -2.43
CA LEU A 110 19.23 -47.87 -1.72
C LEU A 110 20.02 -49.13 -2.09
N ASP A 111 21.30 -48.95 -2.42
CA ASP A 111 22.20 -50.07 -2.69
C ASP A 111 23.56 -49.82 -2.07
N SER A 112 23.56 -49.27 -0.84
CA SER A 112 24.76 -49.00 -0.07
C SER A 112 25.64 -47.93 -0.71
N LYS A 113 25.17 -47.32 -1.80
CA LYS A 113 25.91 -46.24 -2.43
C LYS A 113 25.88 -44.99 -1.56
N THR A 114 24.70 -44.62 -1.07
CA THR A 114 24.53 -43.49 -0.15
C THR A 114 23.59 -43.92 0.97
N GLN A 115 23.42 -43.04 1.95
CA GLN A 115 22.55 -43.35 3.08
C GLN A 115 21.11 -43.48 2.62
N SER A 116 20.43 -44.52 3.10
CA SER A 116 19.05 -44.81 2.71
C SER A 116 18.23 -45.19 3.92
N LEU A 117 16.98 -44.71 3.93
CA LEU A 117 16.06 -45.03 5.02
C LEU A 117 15.54 -46.46 4.88
N LEU A 118 15.56 -47.19 5.99
CA LEU A 118 15.11 -48.58 6.03
C LEU A 118 14.15 -48.76 7.20
N ILE A 119 12.99 -49.35 6.94
CA ILE A 119 12.00 -49.64 7.97
C ILE A 119 11.74 -51.15 7.94
N VAL A 120 11.90 -51.80 9.09
CA VAL A 120 11.66 -53.23 9.21
C VAL A 120 10.65 -53.46 10.32
N ASN A 121 9.54 -54.12 9.99
CA ASN A 121 8.50 -54.41 10.96
C ASN A 121 8.60 -55.87 11.38
N ASN A 122 8.84 -56.08 12.67
CA ASN A 122 9.00 -57.40 13.26
C ASN A 122 8.04 -57.47 14.45
N ALA A 123 7.48 -58.66 14.68
CA ALA A 123 6.49 -58.83 15.74
C ALA A 123 7.03 -58.38 17.10
N THR A 124 8.35 -58.38 17.26
CA THR A 124 8.95 -57.89 18.51
C THR A 124 8.97 -56.36 18.54
N ASN A 125 9.67 -55.74 17.59
CA ASN A 125 9.76 -54.29 17.54
C ASN A 125 9.79 -53.82 16.09
N VAL A 126 9.58 -52.52 15.90
CA VAL A 126 9.70 -51.86 14.61
C VAL A 126 11.00 -51.06 14.60
N VAL A 127 11.80 -51.23 13.56
CA VAL A 127 13.13 -50.66 13.50
C VAL A 127 13.20 -49.69 12.32
N ILE A 128 13.69 -48.47 12.60
CA ILE A 128 13.93 -47.46 11.57
C ILE A 128 15.41 -47.11 11.62
N LYS A 129 16.09 -47.27 10.48
CA LYS A 129 17.54 -47.15 10.39
C LYS A 129 17.91 -46.35 9.15
N VAL A 130 19.15 -45.85 9.13
CA VAL A 130 19.67 -45.07 8.01
C VAL A 130 20.95 -45.66 7.44
N CYS A 131 21.50 -46.72 8.04
CA CYS A 131 22.75 -47.30 7.57
C CYS A 131 22.60 -47.82 6.13
N GLU A 132 23.73 -47.86 5.43
CA GLU A 132 23.78 -48.28 4.04
C GLU A 132 23.85 -49.79 3.95
N PHE A 133 22.97 -50.39 3.15
CA PHE A 133 22.92 -51.83 2.97
C PHE A 133 22.89 -52.17 1.49
N GLN A 134 23.53 -53.27 1.13
CA GLN A 134 23.55 -53.78 -0.23
C GLN A 134 22.57 -54.94 -0.34
N PHE A 135 21.64 -54.84 -1.28
CA PHE A 135 20.61 -55.85 -1.47
C PHE A 135 20.53 -56.24 -2.95
N CYS A 136 20.14 -57.47 -3.21
CA CYS A 136 20.02 -57.96 -4.57
C CYS A 136 18.76 -57.39 -5.23
N ASN A 137 18.53 -57.81 -6.48
CA ASN A 137 17.34 -57.35 -7.20
C ASN A 137 16.07 -57.84 -6.54
N ASP A 138 16.06 -59.08 -6.04
CA ASP A 138 14.90 -59.67 -5.38
C ASP A 138 15.35 -60.22 -4.03
N PRO A 139 15.46 -59.36 -3.01
CA PRO A 139 15.86 -59.83 -1.68
C PRO A 139 14.67 -60.44 -0.95
N PHE A 140 14.81 -61.72 -0.58
CA PHE A 140 13.75 -62.47 0.08
C PHE A 140 14.08 -62.65 1.55
N LEU A 141 13.03 -62.74 2.37
CA LEU A 141 13.15 -62.94 3.80
C LEU A 141 12.62 -64.32 4.17
N GLY A 142 13.36 -65.04 5.00
CA GLY A 142 12.96 -66.37 5.39
C GLY A 142 11.82 -66.37 6.40
N VAL A 143 11.21 -67.53 6.56
CA VAL A 143 10.11 -67.70 7.51
C VAL A 143 10.46 -68.75 8.55
N ASN A 165 27.51 -45.89 7.76
CA ASN A 165 27.25 -45.35 9.08
C ASN A 165 25.77 -44.99 9.27
N CYS A 166 25.34 -44.97 10.53
CA CYS A 166 23.96 -44.67 10.87
C CYS A 166 23.85 -43.25 11.41
N THR A 167 22.81 -42.54 10.98
CA THR A 167 22.54 -41.19 11.46
C THR A 167 21.32 -41.12 12.36
N PHE A 168 20.27 -41.89 12.06
CA PHE A 168 19.05 -41.90 12.84
C PHE A 168 18.63 -43.33 13.12
N GLU A 169 18.01 -43.52 14.28
CA GLU A 169 17.44 -44.82 14.64
C GLU A 169 16.12 -44.58 15.36
N TYR A 170 15.24 -45.56 15.29
CA TYR A 170 13.94 -45.44 15.95
C TYR A 170 13.40 -46.84 16.23
N VAL A 171 12.85 -47.01 17.43
CA VAL A 171 12.19 -48.25 17.83
C VAL A 171 10.82 -47.89 18.39
N SER A 172 9.78 -48.55 17.87
CA SER A 172 8.42 -48.30 18.33
C SER A 172 7.91 -49.46 19.18
N PHE A 186 -8.96 -61.86 3.19
CA PHE A 186 -8.18 -60.65 3.45
C PHE A 186 -8.93 -59.70 4.38
N LYS A 187 -8.99 -60.07 5.66
CA LYS A 187 -9.76 -59.28 6.63
C LYS A 187 -9.09 -57.96 6.92
N ASN A 188 -7.76 -57.93 6.94
CA ASN A 188 -7.00 -56.74 7.34
C ASN A 188 -6.42 -56.05 6.12
N LEU A 189 -6.61 -54.74 6.04
CA LEU A 189 -6.00 -53.91 5.01
C LEU A 189 -5.27 -52.75 5.69
N ARG A 190 -3.96 -52.66 5.45
CA ARG A 190 -3.10 -51.65 6.04
C ARG A 190 -2.92 -50.55 5.00
N GLU A 191 -3.30 -49.32 5.37
CA GLU A 191 -3.10 -48.19 4.48
C GLU A 191 -2.05 -47.25 5.06
N PHE A 192 -1.07 -46.90 4.24
CA PHE A 192 0.03 -46.05 4.66
C PHE A 192 0.19 -44.91 3.66
N VAL A 193 0.61 -43.77 4.19
CA VAL A 193 0.95 -42.60 3.38
C VAL A 193 2.32 -42.11 3.84
N PHE A 194 3.30 -42.11 2.94
CA PHE A 194 4.64 -41.66 3.22
C PHE A 194 4.92 -40.39 2.44
N LYS A 195 5.44 -39.37 3.12
CA LYS A 195 5.76 -38.14 2.42
C LYS A 195 7.00 -37.50 3.04
N ASN A 196 7.65 -36.64 2.26
CA ASN A 196 8.79 -35.86 2.73
C ASN A 196 8.50 -34.38 2.47
N ILE A 197 8.65 -33.56 3.51
CA ILE A 197 8.44 -32.13 3.38
C ILE A 197 9.15 -31.42 4.52
N ASP A 198 9.85 -30.32 4.19
CA ASP A 198 10.57 -29.50 5.17
C ASP A 198 11.56 -30.36 5.97
N GLY A 199 12.26 -31.24 5.27
CA GLY A 199 13.22 -32.12 5.92
C GLY A 199 12.60 -33.11 6.88
N TYR A 200 11.29 -33.31 6.84
CA TYR A 200 10.57 -34.18 7.76
C TYR A 200 9.96 -35.32 6.97
N PHE A 201 10.04 -36.53 7.51
CA PHE A 201 9.48 -37.72 6.88
C PHE A 201 8.23 -38.13 7.66
N LYS A 202 7.07 -37.96 7.04
CA LYS A 202 5.78 -38.17 7.68
C LYS A 202 5.15 -39.49 7.24
N ILE A 203 4.67 -40.24 8.22
CA ILE A 203 3.98 -41.51 8.00
C ILE A 203 2.57 -41.40 8.57
N TYR A 204 1.58 -41.78 7.77
CA TYR A 204 0.20 -41.86 8.20
C TYR A 204 -0.32 -43.28 7.99
N SER A 205 -1.12 -43.76 8.94
CA SER A 205 -1.51 -45.17 8.94
C SER A 205 -3.01 -45.30 9.18
N LYS A 206 -3.55 -46.43 8.72
CA LYS A 206 -4.93 -46.82 8.97
C LYS A 206 -5.08 -48.33 8.87
N HIS A 207 -5.93 -48.90 9.73
CA HIS A 207 -6.05 -50.35 9.84
C HIS A 207 -7.51 -50.80 9.77
N THR A 208 -8.25 -50.29 8.79
CA THR A 208 -9.66 -50.62 8.70
C THR A 208 -9.85 -52.09 8.31
N PRO A 209 -10.88 -52.75 8.83
CA PRO A 209 -11.16 -54.13 8.42
C PRO A 209 -12.00 -54.17 7.15
N ILE A 210 -11.56 -54.98 6.18
CA ILE A 210 -12.19 -55.06 4.87
C ILE A 210 -12.68 -56.49 4.66
N ASN A 211 -13.93 -56.63 4.25
CA ASN A 211 -14.51 -57.94 3.95
C ASN A 211 -14.56 -58.22 2.45
N LEU A 212 -13.96 -57.37 1.63
CA LEU A 212 -13.91 -57.56 0.19
C LEU A 212 -12.49 -57.94 -0.20
N VAL A 213 -12.33 -59.15 -0.73
CA VAL A 213 -11.01 -59.65 -1.09
C VAL A 213 -10.61 -59.29 -2.52
N ARG A 214 -11.53 -58.81 -3.33
CA ARG A 214 -11.22 -58.49 -4.73
C ARG A 214 -10.49 -57.16 -4.85
N ASP A 215 -11.04 -56.11 -4.24
CA ASP A 215 -10.50 -54.76 -4.39
C ASP A 215 -10.75 -53.99 -3.11
N LEU A 216 -10.13 -52.80 -3.03
CA LEU A 216 -10.41 -51.90 -1.93
C LEU A 216 -11.87 -51.43 -2.01
N PRO A 217 -12.58 -51.38 -0.89
CA PRO A 217 -14.02 -51.14 -0.95
C PRO A 217 -14.35 -49.67 -1.14
N GLN A 218 -15.57 -49.44 -1.61
CA GLN A 218 -16.10 -48.09 -1.69
C GLN A 218 -16.38 -47.56 -0.29
N GLY A 219 -15.91 -46.35 -0.02
CA GLY A 219 -16.09 -45.75 1.28
C GLY A 219 -14.96 -44.78 1.58
N PHE A 220 -15.03 -44.20 2.78
CA PHE A 220 -14.08 -43.19 3.21
C PHE A 220 -13.50 -43.56 4.56
N SER A 221 -12.20 -43.35 4.72
CA SER A 221 -11.52 -43.65 5.98
C SER A 221 -10.23 -42.83 6.02
N ALA A 222 -10.10 -41.96 7.02
CA ALA A 222 -8.94 -41.11 7.13
C ALA A 222 -7.75 -41.87 7.74
N LEU A 223 -6.55 -41.37 7.46
CA LEU A 223 -5.31 -41.95 7.95
C LEU A 223 -4.71 -41.03 9.01
N GLU A 224 -4.35 -41.60 10.16
CA GLU A 224 -3.83 -40.74 11.22
C GLU A 224 -2.30 -40.81 11.28
N PRO A 225 -1.64 -39.71 11.61
CA PRO A 225 -0.16 -39.73 11.64
C PRO A 225 0.37 -40.63 12.75
N LEU A 226 1.53 -41.23 12.47
CA LEU A 226 2.20 -42.13 13.41
C LEU A 226 3.59 -41.64 13.77
N VAL A 227 4.42 -41.34 12.77
CA VAL A 227 5.81 -40.99 12.99
C VAL A 227 6.12 -39.73 12.17
N ASP A 228 6.87 -38.81 12.77
CA ASP A 228 7.26 -37.57 12.11
C ASP A 228 8.74 -37.32 12.29
N LEU A 229 9.54 -38.38 12.16
CA LEU A 229 10.96 -38.30 12.44
C LEU A 229 11.68 -37.45 11.39
N PRO A 230 12.53 -36.51 11.79
CA PRO A 230 13.32 -35.70 10.82
C PRO A 230 14.55 -36.43 10.29
N ILE A 231 14.32 -37.38 9.39
CA ILE A 231 15.42 -38.17 8.84
C ILE A 231 16.36 -37.27 8.04
N GLY A 232 15.80 -36.39 7.20
CA GLY A 232 16.60 -35.46 6.42
C GLY A 232 17.23 -36.04 5.18
N ILE A 233 17.01 -37.31 4.88
CA ILE A 233 17.57 -37.96 3.70
C ILE A 233 16.56 -37.82 2.56
N ASN A 234 16.98 -37.15 1.48
CA ASN A 234 16.11 -37.01 0.32
C ASN A 234 15.82 -38.36 -0.30
N ILE A 235 14.57 -38.56 -0.71
CA ILE A 235 14.09 -39.85 -1.19
C ILE A 235 13.49 -39.66 -2.58
N THR A 236 13.91 -40.51 -3.52
CA THR A 236 13.36 -40.53 -4.86
C THR A 236 12.98 -41.94 -5.31
N ARG A 237 13.12 -42.94 -4.45
CA ARG A 237 12.84 -44.32 -4.82
C ARG A 237 12.26 -45.04 -3.62
N PHE A 238 11.60 -46.18 -3.89
CA PHE A 238 10.80 -46.88 -2.91
C PHE A 238 10.80 -48.36 -3.24
N GLN A 239 11.03 -49.17 -2.21
CA GLN A 239 11.07 -50.63 -2.32
C GLN A 239 10.31 -51.24 -1.14
N THR A 240 9.88 -52.49 -1.33
CA THR A 240 9.09 -53.20 -0.33
C THR A 240 9.63 -54.61 -0.15
N LEU A 241 9.48 -55.16 1.05
CA LEU A 241 9.87 -56.52 1.37
C LEU A 241 8.65 -57.43 1.49
N LEU A 242 8.85 -58.71 1.23
CA LEU A 242 7.84 -59.74 1.41
C LEU A 242 8.44 -60.89 2.21
N ALA A 243 7.59 -61.83 2.59
CA ALA A 243 8.01 -63.02 3.33
C ALA A 243 7.84 -64.26 2.46
N LEU A 244 8.89 -65.08 2.42
CA LEU A 244 8.89 -66.30 1.64
C LEU A 244 9.13 -67.49 2.55
N HIS A 245 8.30 -68.52 2.39
CA HIS A 245 8.39 -69.72 3.22
C HIS A 245 9.47 -70.66 2.69
N ALA A 263 -1.71 -61.82 -1.39
CA ALA A 263 -0.60 -60.99 -0.94
C ALA A 263 -0.42 -59.79 -1.86
N ALA A 264 -1.51 -59.31 -2.44
CA ALA A 264 -1.46 -58.18 -3.34
C ALA A 264 -1.36 -56.86 -2.56
N TYR A 265 -0.85 -55.84 -3.24
CA TYR A 265 -0.77 -54.50 -2.65
C TYR A 265 -0.85 -53.45 -3.74
N TYR A 266 -1.32 -52.28 -3.36
CA TYR A 266 -1.61 -51.19 -4.27
C TYR A 266 -0.69 -50.01 -3.95
N VAL A 267 -0.24 -49.34 -5.00
CA VAL A 267 0.62 -48.16 -4.85
C VAL A 267 0.02 -47.01 -5.65
N GLY A 268 -0.30 -45.91 -4.96
CA GLY A 268 -0.68 -44.68 -5.59
C GLY A 268 0.39 -43.61 -5.43
N TYR A 269 0.11 -42.45 -6.02
CA TYR A 269 1.06 -41.34 -6.00
C TYR A 269 0.34 -40.06 -5.60
N LEU A 270 0.97 -39.30 -4.70
CA LEU A 270 0.40 -38.07 -4.21
C LEU A 270 0.83 -36.89 -5.08
N GLN A 271 -0.01 -35.86 -5.11
CA GLN A 271 0.29 -34.64 -5.84
C GLN A 271 -0.47 -33.49 -5.20
N PRO A 272 -0.04 -32.24 -5.39
CA PRO A 272 -0.75 -31.12 -4.77
C PRO A 272 -2.15 -30.96 -5.32
N ARG A 273 -3.16 -31.20 -4.48
CA ARG A 273 -4.55 -31.14 -4.89
C ARG A 273 -5.40 -30.64 -3.74
N THR A 274 -6.10 -29.53 -3.96
CA THR A 274 -6.94 -28.94 -2.92
C THR A 274 -8.08 -29.89 -2.56
N PHE A 275 -8.29 -30.08 -1.27
CA PHE A 275 -9.35 -30.94 -0.75
C PHE A 275 -10.22 -30.15 0.22
N LEU A 276 -11.48 -30.58 0.35
CA LEU A 276 -12.39 -30.03 1.35
C LEU A 276 -12.77 -31.19 2.27
N LEU A 277 -12.27 -31.14 3.50
CA LEU A 277 -12.47 -32.22 4.46
C LEU A 277 -13.57 -31.83 5.44
N LYS A 278 -14.53 -32.73 5.65
CA LYS A 278 -15.62 -32.52 6.59
C LYS A 278 -15.22 -33.13 7.93
N TYR A 279 -14.98 -32.26 8.92
CA TYR A 279 -14.62 -32.69 10.26
C TYR A 279 -15.89 -32.95 11.06
N ASN A 280 -15.93 -34.10 11.73
CA ASN A 280 -17.08 -34.45 12.55
C ASN A 280 -17.06 -33.64 13.85
N GLU A 281 -18.09 -33.84 14.68
CA GLU A 281 -18.17 -33.14 15.94
C GLU A 281 -17.04 -33.55 16.88
N ASN A 282 -16.50 -34.75 16.72
CA ASN A 282 -15.40 -35.24 17.55
C ASN A 282 -14.04 -34.99 16.93
N GLY A 283 -13.98 -34.41 15.73
CA GLY A 283 -12.71 -34.09 15.10
C GLY A 283 -12.21 -35.10 14.09
N THR A 284 -12.94 -36.19 13.87
CA THR A 284 -12.53 -37.19 12.89
C THR A 284 -13.11 -36.85 11.52
N ILE A 285 -12.30 -37.03 10.48
CA ILE A 285 -12.68 -36.70 9.12
C ILE A 285 -13.61 -37.80 8.62
N THR A 286 -14.88 -37.46 8.42
CA THR A 286 -15.88 -38.44 7.99
C THR A 286 -16.17 -38.38 6.49
N ASP A 287 -15.73 -37.32 5.80
CA ASP A 287 -15.96 -37.20 4.37
C ASP A 287 -14.99 -36.19 3.80
N ALA A 288 -14.84 -36.25 2.47
CA ALA A 288 -13.96 -35.31 1.79
C ALA A 288 -14.39 -35.20 0.33
N VAL A 289 -14.19 -34.02 -0.25
CA VAL A 289 -14.47 -33.79 -1.66
C VAL A 289 -13.26 -33.14 -2.31
N ASP A 290 -12.90 -33.63 -3.49
CA ASP A 290 -11.81 -33.04 -4.26
C ASP A 290 -12.25 -31.69 -4.83
N CYS A 291 -11.27 -30.86 -5.17
CA CYS A 291 -11.53 -29.55 -5.75
C CYS A 291 -11.17 -29.49 -7.23
N ALA A 292 -10.81 -30.62 -7.84
CA ALA A 292 -10.49 -30.64 -9.26
C ALA A 292 -10.99 -31.90 -9.96
N LEU A 293 -11.77 -32.74 -9.27
CA LEU A 293 -12.22 -33.99 -9.88
C LEU A 293 -13.25 -33.76 -10.96
N ASP A 294 -14.24 -32.92 -10.71
CA ASP A 294 -15.34 -32.69 -11.64
C ASP A 294 -16.01 -31.38 -11.27
N PRO A 295 -16.83 -30.82 -12.18
CA PRO A 295 -17.46 -29.53 -11.90
C PRO A 295 -18.32 -29.52 -10.65
N LEU A 296 -19.01 -30.60 -10.32
CA LEU A 296 -19.79 -30.63 -9.08
C LEU A 296 -18.88 -30.51 -7.86
N SER A 297 -17.73 -31.20 -7.90
CA SER A 297 -16.78 -31.08 -6.80
C SER A 297 -16.19 -29.68 -6.73
N GLU A 298 -15.93 -29.05 -7.88
CA GLU A 298 -15.47 -27.68 -7.89
C GLU A 298 -16.50 -26.75 -7.27
N THR A 299 -17.78 -26.96 -7.59
CA THR A 299 -18.85 -26.17 -7.00
C THR A 299 -18.91 -26.36 -5.49
N LYS A 300 -18.78 -27.60 -5.03
CA LYS A 300 -18.78 -27.85 -3.60
C LYS A 300 -17.62 -27.16 -2.91
N CYS A 301 -16.43 -27.21 -3.52
CA CYS A 301 -15.26 -26.56 -2.94
C CYS A 301 -15.44 -25.05 -2.89
N THR A 302 -15.98 -24.46 -3.95
CA THR A 302 -16.16 -23.01 -3.96
C THR A 302 -17.23 -22.57 -2.97
N LEU A 303 -18.31 -23.34 -2.85
CA LEU A 303 -19.37 -23.05 -1.89
C LEU A 303 -18.98 -23.38 -0.46
N LYS A 304 -17.90 -24.14 -0.25
CA LYS A 304 -17.44 -24.54 1.07
C LYS A 304 -18.54 -25.31 1.82
N SER A 305 -19.29 -26.11 1.07
CA SER A 305 -20.35 -26.92 1.66
C SER A 305 -20.49 -28.20 0.85
N PHE A 306 -20.92 -29.27 1.51
CA PHE A 306 -21.07 -30.56 0.86
C PHE A 306 -22.40 -30.73 0.14
N THR A 307 -23.36 -29.84 0.38
CA THR A 307 -24.63 -29.85 -0.33
C THR A 307 -24.73 -28.57 -1.14
N VAL A 308 -25.11 -28.71 -2.41
CA VAL A 308 -25.18 -27.59 -3.33
C VAL A 308 -26.63 -27.40 -3.75
N GLU A 309 -27.16 -26.21 -3.51
CA GLU A 309 -28.55 -25.93 -3.84
C GLU A 309 -28.72 -25.72 -5.34
N LYS A 310 -29.96 -25.87 -5.80
CA LYS A 310 -30.28 -25.71 -7.21
C LYS A 310 -29.95 -24.30 -7.69
N GLY A 311 -29.22 -24.21 -8.78
CA GLY A 311 -28.86 -22.92 -9.34
C GLY A 311 -27.58 -23.02 -10.15
N ILE A 312 -27.04 -21.85 -10.48
CA ILE A 312 -25.82 -21.70 -11.26
C ILE A 312 -24.77 -21.01 -10.40
N TYR A 313 -23.60 -21.62 -10.29
CA TYR A 313 -22.55 -21.15 -9.41
C TYR A 313 -21.25 -21.00 -10.19
N GLN A 314 -20.65 -19.82 -10.14
CA GLN A 314 -19.38 -19.59 -10.83
C GLN A 314 -18.23 -20.13 -9.99
N THR A 315 -17.44 -21.04 -10.56
CA THR A 315 -16.42 -21.77 -9.82
C THR A 315 -15.00 -21.36 -10.19
N SER A 316 -14.65 -21.38 -11.48
CA SER A 316 -13.28 -21.12 -11.89
C SER A 316 -13.32 -20.16 -13.08
N ASN A 317 -12.14 -19.86 -13.63
CA ASN A 317 -12.00 -18.94 -14.75
C ASN A 317 -11.37 -19.68 -15.91
N PHE A 318 -12.10 -19.76 -17.02
CA PHE A 318 -11.55 -20.30 -18.26
C PHE A 318 -10.46 -19.39 -18.80
N ARG A 319 -9.47 -20.00 -19.44
CA ARG A 319 -8.35 -19.24 -20.00
C ARG A 319 -7.67 -20.09 -21.06
N VAL A 320 -7.54 -19.56 -22.27
CA VAL A 320 -6.91 -20.28 -23.36
C VAL A 320 -5.44 -19.89 -23.41
N GLN A 321 -4.57 -20.86 -23.17
CA GLN A 321 -3.14 -20.62 -23.20
C GLN A 321 -2.65 -20.42 -24.62
N PRO A 322 -1.61 -19.59 -24.82
CA PRO A 322 -1.07 -19.42 -26.18
C PRO A 322 -0.49 -20.73 -26.70
N THR A 323 -0.74 -20.98 -27.99
CA THR A 323 -0.28 -22.24 -28.59
C THR A 323 1.24 -22.24 -28.78
N GLU A 324 1.79 -21.16 -29.30
CA GLU A 324 3.21 -21.09 -29.62
C GLU A 324 3.63 -19.62 -29.65
N SER A 325 4.84 -19.35 -30.13
CA SER A 325 5.35 -17.99 -30.26
C SER A 325 5.91 -17.82 -31.66
N ILE A 326 5.50 -16.74 -32.33
CA ILE A 326 5.96 -16.40 -33.67
C ILE A 326 6.59 -15.01 -33.62
N VAL A 327 7.76 -14.86 -34.24
CA VAL A 327 8.48 -13.59 -34.25
C VAL A 327 8.73 -13.25 -35.72
N ARG A 328 7.96 -12.29 -36.24
CA ARG A 328 8.12 -11.84 -37.63
C ARG A 328 8.91 -10.54 -37.65
N PHE A 329 10.23 -10.68 -37.48
CA PHE A 329 11.11 -9.53 -37.46
C PHE A 329 11.32 -8.98 -38.87
N PRO A 330 11.65 -7.70 -38.99
CA PRO A 330 11.77 -7.08 -40.33
C PRO A 330 12.96 -7.62 -41.11
N ASN A 331 13.11 -7.09 -42.31
CA ASN A 331 14.14 -7.58 -43.24
C ASN A 331 15.43 -6.77 -43.06
N ILE A 332 16.37 -6.92 -43.99
CA ILE A 332 17.73 -6.47 -43.76
C ILE A 332 17.79 -4.95 -43.75
N THR A 333 18.41 -4.40 -42.71
CA THR A 333 18.60 -2.96 -42.59
C THR A 333 19.72 -2.46 -43.50
N ASN A 334 20.93 -2.97 -43.31
CA ASN A 334 22.10 -2.58 -44.10
C ASN A 334 22.90 -3.83 -44.43
N LEU A 335 22.66 -4.41 -45.60
CA LEU A 335 23.30 -5.67 -45.98
C LEU A 335 24.42 -5.37 -46.97
N CYS A 336 25.61 -5.10 -46.45
CA CYS A 336 26.77 -4.97 -47.34
C CYS A 336 27.40 -6.35 -47.50
N PRO A 337 27.35 -6.92 -48.70
CA PRO A 337 27.76 -8.31 -48.88
C PRO A 337 29.23 -8.43 -49.25
N PHE A 338 29.69 -9.69 -49.23
CA PHE A 338 31.02 -10.03 -49.71
C PHE A 338 31.00 -10.52 -51.16
N GLY A 339 29.88 -10.32 -51.86
CA GLY A 339 29.76 -10.72 -53.24
C GLY A 339 30.76 -10.02 -54.14
N GLU A 340 30.91 -8.70 -53.98
CA GLU A 340 31.87 -7.97 -54.79
C GLU A 340 33.30 -8.24 -54.33
N VAL A 341 33.48 -8.58 -53.05
CA VAL A 341 34.82 -8.92 -52.56
C VAL A 341 35.29 -10.24 -53.15
N PHE A 342 34.37 -11.21 -53.28
CA PHE A 342 34.72 -12.55 -53.74
C PHE A 342 34.68 -12.66 -55.26
N ASN A 343 33.55 -12.38 -55.88
CA ASN A 343 33.47 -12.32 -57.34
C ASN A 343 33.89 -10.96 -57.87
N ALA A 344 35.08 -10.50 -57.49
CA ALA A 344 35.60 -9.25 -58.00
C ALA A 344 36.08 -9.41 -59.43
N THR A 345 36.28 -8.27 -60.10
CA THR A 345 36.81 -8.31 -61.46
C THR A 345 38.21 -8.91 -61.48
N ARG A 346 39.11 -8.39 -60.66
CA ARG A 346 40.46 -8.91 -60.51
C ARG A 346 40.92 -8.64 -59.08
N PHE A 347 41.56 -9.64 -58.47
CA PHE A 347 42.13 -9.44 -57.15
C PHE A 347 43.46 -8.71 -57.26
N ALA A 348 43.96 -8.26 -56.11
CA ALA A 348 45.25 -7.58 -56.04
C ALA A 348 46.39 -8.58 -55.94
N SER A 349 47.61 -8.08 -56.10
CA SER A 349 48.78 -8.92 -55.96
C SER A 349 48.92 -9.41 -54.52
N VAL A 350 49.59 -10.55 -54.35
CA VAL A 350 49.69 -11.14 -53.02
C VAL A 350 50.56 -10.30 -52.09
N TYR A 351 51.64 -9.69 -52.61
CA TYR A 351 52.51 -8.90 -51.76
C TYR A 351 51.83 -7.62 -51.29
N ALA A 352 50.97 -7.03 -52.12
CA ALA A 352 50.15 -5.89 -51.75
C ALA A 352 48.70 -6.30 -51.98
N TRP A 353 48.12 -6.97 -50.99
CA TRP A 353 46.82 -7.60 -51.15
C TRP A 353 45.69 -6.59 -51.07
N ASN A 354 44.51 -7.01 -51.52
CA ASN A 354 43.33 -6.16 -51.41
C ASN A 354 42.82 -6.15 -49.98
N ARG A 355 42.76 -4.97 -49.38
CA ARG A 355 42.40 -4.78 -47.98
C ARG A 355 41.06 -4.08 -47.91
N LYS A 356 40.12 -4.68 -47.17
CA LYS A 356 38.79 -4.12 -47.02
C LYS A 356 38.39 -4.16 -45.55
N ARG A 357 37.64 -3.14 -45.12
CA ARG A 357 37.15 -3.05 -43.74
C ARG A 357 35.63 -3.18 -43.76
N ILE A 358 35.11 -4.10 -42.95
CA ILE A 358 33.68 -4.34 -42.83
C ILE A 358 33.27 -4.00 -41.42
N SER A 359 32.39 -3.00 -41.30
CA SER A 359 31.85 -2.57 -40.02
C SER A 359 30.54 -1.83 -40.28
N ASN A 360 29.75 -1.68 -39.22
CA ASN A 360 28.46 -0.99 -39.29
C ASN A 360 27.57 -1.60 -40.37
N CYS A 361 27.56 -2.93 -40.43
CA CYS A 361 26.83 -3.67 -41.44
C CYS A 361 26.08 -4.83 -40.81
N VAL A 362 25.34 -5.54 -41.65
CA VAL A 362 24.75 -6.83 -41.31
C VAL A 362 25.36 -7.83 -42.29
N ALA A 363 26.46 -8.47 -41.88
CA ALA A 363 27.21 -9.37 -42.74
C ALA A 363 26.48 -10.71 -42.79
N ASP A 364 26.02 -11.08 -43.99
CA ASP A 364 25.35 -12.36 -44.21
C ASP A 364 26.40 -13.40 -44.52
N TYR A 365 26.74 -14.23 -43.53
CA TYR A 365 27.66 -15.33 -43.74
C TYR A 365 26.97 -16.54 -44.38
N SER A 366 25.65 -16.51 -44.49
CA SER A 366 24.93 -17.64 -45.06
C SER A 366 25.24 -17.82 -46.54
N VAL A 367 25.46 -16.72 -47.28
CA VAL A 367 25.80 -16.83 -48.69
C VAL A 367 27.14 -17.53 -48.87
N LEU A 368 28.11 -17.22 -48.01
CA LEU A 368 29.38 -17.94 -48.05
C LEU A 368 29.20 -19.39 -47.60
N TYR A 369 28.33 -19.62 -46.64
CA TYR A 369 28.14 -20.97 -46.10
C TYR A 369 27.51 -21.90 -47.15
N ASN A 370 26.53 -21.40 -47.90
CA ASN A 370 25.81 -22.28 -48.82
C ASN A 370 26.63 -22.57 -50.08
N SER A 371 27.64 -21.76 -50.37
CA SER A 371 28.42 -21.97 -51.58
C SER A 371 29.34 -23.17 -51.42
N ALA A 372 29.23 -24.12 -52.35
CA ALA A 372 30.05 -25.32 -52.35
C ALA A 372 31.27 -25.20 -53.25
N SER A 373 31.44 -24.07 -53.94
CA SER A 373 32.62 -23.89 -54.78
C SER A 373 33.89 -23.76 -53.95
N PHE A 374 33.76 -23.38 -52.68
CA PHE A 374 34.92 -23.27 -51.82
C PHE A 374 35.40 -24.67 -51.41
N SER A 375 36.68 -24.94 -51.63
CA SER A 375 37.26 -26.24 -51.31
C SER A 375 38.28 -26.18 -50.17
N THR A 376 38.68 -24.99 -49.74
CA THR A 376 39.68 -24.81 -48.69
C THR A 376 39.15 -23.91 -47.60
N PHE A 377 37.98 -24.26 -47.06
CA PHE A 377 37.39 -23.56 -45.93
C PHE A 377 38.15 -23.89 -44.65
N LYS A 378 39.36 -23.33 -44.54
CA LYS A 378 40.25 -23.64 -43.42
C LYS A 378 40.23 -22.47 -42.45
N CYS A 379 39.30 -22.57 -41.50
CA CYS A 379 38.85 -21.42 -40.73
C CYS A 379 38.78 -21.80 -39.26
N TYR A 380 38.99 -20.82 -38.40
CA TYR A 380 39.21 -21.07 -36.98
C TYR A 380 38.37 -20.13 -36.12
N GLY A 381 38.19 -20.53 -34.86
CA GLY A 381 37.52 -19.70 -33.88
C GLY A 381 36.01 -19.83 -33.90
N VAL A 382 35.42 -19.96 -35.08
CA VAL A 382 33.97 -19.96 -35.24
C VAL A 382 33.57 -21.03 -36.25
N SER A 383 32.50 -21.74 -35.93
CA SER A 383 31.91 -22.71 -36.86
C SER A 383 31.20 -21.97 -38.00
N PRO A 384 31.22 -22.53 -39.21
CA PRO A 384 30.54 -21.85 -40.34
C PRO A 384 29.04 -21.68 -40.12
N THR A 385 28.39 -22.64 -39.48
CA THR A 385 26.95 -22.55 -39.28
C THR A 385 26.59 -21.54 -38.19
N LYS A 386 27.43 -21.42 -37.16
CA LYS A 386 27.20 -20.46 -36.08
C LYS A 386 27.83 -19.11 -36.35
N LEU A 387 28.54 -18.95 -37.48
CA LEU A 387 29.17 -17.66 -37.79
C LEU A 387 28.14 -16.56 -37.96
N ASN A 388 26.96 -16.88 -38.50
CA ASN A 388 25.89 -15.89 -38.61
C ASN A 388 25.47 -15.42 -37.23
N ASP A 389 25.35 -16.34 -36.26
CA ASP A 389 24.96 -15.96 -34.91
C ASP A 389 26.05 -15.14 -34.23
N LEU A 390 27.32 -15.44 -34.51
CA LEU A 390 28.42 -14.72 -33.88
C LEU A 390 28.42 -13.25 -34.30
N CYS A 391 28.72 -12.39 -33.35
CA CYS A 391 28.70 -10.94 -33.56
C CYS A 391 30.05 -10.37 -33.18
N PHE A 392 30.71 -9.68 -34.12
CA PHE A 392 32.05 -9.17 -33.91
C PHE A 392 32.09 -7.68 -34.22
N THR A 393 33.07 -6.99 -33.63
CA THR A 393 33.15 -5.55 -33.77
C THR A 393 33.62 -5.14 -35.16
N ASN A 394 34.65 -5.81 -35.68
CA ASN A 394 35.26 -5.44 -36.94
C ASN A 394 35.49 -6.69 -37.78
N VAL A 395 35.55 -6.52 -39.10
CA VAL A 395 35.91 -7.59 -40.02
C VAL A 395 36.94 -7.05 -41.00
N TYR A 396 37.99 -7.83 -41.24
CA TYR A 396 39.03 -7.44 -42.19
C TYR A 396 39.07 -8.45 -43.33
N ALA A 397 39.01 -7.96 -44.56
CA ALA A 397 39.02 -8.80 -45.75
C ALA A 397 40.35 -8.63 -46.46
N ASP A 398 41.12 -9.71 -46.53
CA ASP A 398 42.40 -9.73 -47.23
C ASP A 398 42.26 -10.67 -48.42
N SER A 399 42.18 -10.08 -49.62
CA SER A 399 41.85 -10.82 -50.84
C SER A 399 43.02 -10.78 -51.80
N PHE A 400 43.42 -11.94 -52.32
CA PHE A 400 44.51 -12.01 -53.28
C PHE A 400 44.43 -13.34 -54.03
N VAL A 401 45.49 -13.65 -54.78
CA VAL A 401 45.55 -14.84 -55.61
C VAL A 401 46.78 -15.65 -55.22
N ILE A 402 46.59 -16.95 -54.98
CA ILE A 402 47.66 -17.83 -54.53
C ILE A 402 47.57 -19.15 -55.30
N ARG A 403 48.71 -19.64 -55.78
CA ARG A 403 48.69 -20.90 -56.48
C ARG A 403 48.50 -22.06 -55.50
N GLY A 404 48.01 -23.19 -56.01
CA GLY A 404 47.66 -24.32 -55.17
C GLY A 404 48.80 -24.90 -54.37
N ASP A 405 50.05 -24.60 -54.75
CA ASP A 405 51.20 -25.14 -54.02
C ASP A 405 51.29 -24.57 -52.61
N GLU A 406 51.06 -23.27 -52.45
CA GLU A 406 51.21 -22.60 -51.17
C GLU A 406 49.88 -22.18 -50.56
N VAL A 407 48.76 -22.76 -51.02
CA VAL A 407 47.50 -22.57 -50.32
C VAL A 407 47.60 -23.12 -48.91
N ARG A 408 48.45 -24.14 -48.72
CA ARG A 408 48.72 -24.65 -47.38
C ARG A 408 49.33 -23.57 -46.49
N GLN A 409 50.17 -22.70 -47.07
CA GLN A 409 50.90 -21.71 -46.28
C GLN A 409 49.99 -20.63 -45.72
N ILE A 410 48.75 -20.56 -46.16
CA ILE A 410 47.80 -19.56 -45.62
C ILE A 410 47.16 -20.22 -44.40
N ALA A 411 47.85 -20.14 -43.27
CA ALA A 411 47.42 -20.74 -42.02
C ALA A 411 48.28 -20.23 -40.88
N PRO A 412 47.72 -20.04 -39.69
CA PRO A 412 48.54 -19.58 -38.55
C PRO A 412 49.61 -20.59 -38.19
N GLY A 413 50.79 -20.07 -37.81
CA GLY A 413 51.88 -20.93 -37.41
C GLY A 413 52.55 -21.70 -38.52
N GLN A 414 52.28 -21.34 -39.77
CA GLN A 414 52.87 -22.03 -40.92
C GLN A 414 54.04 -21.22 -41.45
N THR A 415 55.11 -21.92 -41.82
CA THR A 415 56.32 -21.29 -42.33
C THR A 415 56.49 -21.63 -43.81
N GLY A 416 56.91 -20.65 -44.59
CA GLY A 416 57.12 -20.84 -46.01
C GLY A 416 57.51 -19.52 -46.65
N LYS A 417 58.05 -19.63 -47.86
CA LYS A 417 58.54 -18.44 -48.55
C LYS A 417 57.39 -17.48 -48.87
N ILE A 418 56.25 -18.00 -49.32
CA ILE A 418 55.13 -17.13 -49.67
C ILE A 418 54.55 -16.48 -48.42
N ALA A 419 54.36 -17.26 -47.36
CA ALA A 419 53.79 -16.71 -46.12
C ALA A 419 54.72 -15.68 -45.50
N ASP A 420 56.03 -15.92 -45.56
CA ASP A 420 57.00 -15.03 -44.95
C ASP A 420 57.43 -13.87 -45.84
N TYR A 421 57.05 -13.87 -47.13
CA TYR A 421 57.45 -12.80 -48.03
C TYR A 421 56.30 -11.95 -48.55
N ASN A 422 55.07 -12.47 -48.55
CA ASN A 422 53.93 -11.75 -49.11
C ASN A 422 52.84 -11.48 -48.09
N TYR A 423 52.41 -12.50 -47.34
CA TYR A 423 51.30 -12.34 -46.42
C TYR A 423 51.39 -13.41 -45.35
N LYS A 424 51.46 -13.00 -44.08
CA LYS A 424 51.56 -13.91 -42.95
C LYS A 424 50.35 -13.77 -42.04
N LEU A 425 49.93 -14.90 -41.46
CA LEU A 425 48.78 -14.93 -40.57
C LEU A 425 49.24 -14.87 -39.12
N PRO A 426 48.51 -14.17 -38.26
CA PRO A 426 48.89 -14.14 -36.84
C PRO A 426 48.69 -15.49 -36.17
N ASP A 427 49.47 -15.73 -35.13
CA ASP A 427 49.31 -16.97 -34.36
C ASP A 427 47.95 -17.02 -33.67
N ASP A 428 47.50 -15.91 -33.09
CA ASP A 428 46.16 -15.83 -32.50
C ASP A 428 45.14 -15.46 -33.58
N PHE A 429 44.97 -16.38 -34.51
CA PHE A 429 44.17 -16.15 -35.70
C PHE A 429 42.73 -16.59 -35.48
N THR A 430 41.81 -15.63 -35.50
CA THR A 430 40.38 -15.90 -35.40
C THR A 430 39.66 -15.69 -36.73
N GLY A 431 40.40 -15.47 -37.81
CA GLY A 431 39.82 -15.24 -39.11
C GLY A 431 39.29 -16.50 -39.75
N CYS A 432 38.96 -16.38 -41.03
CA CYS A 432 38.29 -17.44 -41.77
C CYS A 432 38.87 -17.46 -43.18
N VAL A 433 39.56 -18.54 -43.53
CA VAL A 433 40.32 -18.60 -44.78
C VAL A 433 39.54 -19.41 -45.81
N ILE A 434 39.28 -18.79 -46.97
CA ILE A 434 38.44 -19.37 -48.01
C ILE A 434 39.11 -19.15 -49.36
N ALA A 435 39.49 -20.23 -50.03
CA ALA A 435 40.08 -20.13 -51.36
C ALA A 435 39.38 -21.11 -52.30
N TRP A 436 39.26 -20.71 -53.56
CA TRP A 436 38.60 -21.52 -54.56
C TRP A 436 39.32 -21.43 -55.90
N ASN A 437 39.08 -22.45 -56.73
CA ASN A 437 39.77 -22.57 -58.01
C ASN A 437 39.45 -21.40 -58.93
N SER A 438 40.48 -20.88 -59.59
CA SER A 438 40.30 -19.82 -60.58
C SER A 438 41.20 -20.02 -61.80
N ASN A 439 41.48 -21.28 -62.16
CA ASN A 439 42.30 -21.53 -63.33
C ASN A 439 41.59 -21.12 -64.61
N ASN A 440 40.26 -21.23 -64.63
CA ASN A 440 39.51 -20.84 -65.83
C ASN A 440 39.37 -19.33 -65.95
N LEU A 441 39.66 -18.59 -64.87
CA LEU A 441 39.47 -17.14 -64.86
C LEU A 441 40.78 -16.36 -64.87
N ASP A 442 41.73 -16.70 -63.99
CA ASP A 442 42.95 -15.93 -63.88
C ASP A 442 43.97 -16.29 -64.95
N SER A 443 44.27 -17.59 -65.11
CA SER A 443 45.30 -18.00 -66.05
C SER A 443 44.87 -17.71 -67.48
N LYS A 444 45.82 -17.26 -68.29
CA LYS A 444 45.57 -16.94 -69.68
C LYS A 444 46.60 -17.66 -70.56
N VAL A 445 46.30 -17.71 -71.86
CA VAL A 445 47.18 -18.38 -72.80
C VAL A 445 48.54 -17.68 -72.85
N GLY A 446 49.60 -18.48 -72.85
CA GLY A 446 50.94 -17.94 -72.85
C GLY A 446 51.46 -17.51 -71.50
N GLY A 447 50.71 -17.75 -70.43
CA GLY A 447 51.13 -17.34 -69.10
C GLY A 447 50.67 -15.95 -68.75
N ASN A 448 50.17 -15.77 -67.53
CA ASN A 448 49.69 -14.48 -67.05
C ASN A 448 50.75 -13.84 -66.16
N TYR A 449 51.02 -12.56 -66.41
CA TYR A 449 52.06 -11.84 -65.69
C TYR A 449 51.55 -10.61 -64.95
N ASN A 450 50.23 -10.41 -64.87
CA ASN A 450 49.71 -9.26 -64.14
C ASN A 450 49.76 -9.45 -62.63
N TYR A 451 49.98 -10.68 -62.16
CA TYR A 451 50.05 -10.98 -60.73
C TYR A 451 51.51 -11.13 -60.33
N LEU A 452 51.93 -10.36 -59.33
CA LEU A 452 53.32 -10.30 -58.91
C LEU A 452 53.44 -10.80 -57.47
N TYR A 453 54.55 -11.48 -57.20
CA TYR A 453 54.81 -12.00 -55.85
C TYR A 453 56.28 -11.84 -55.54
N ARG A 454 56.59 -11.74 -54.24
CA ARG A 454 57.96 -11.57 -53.78
C ARG A 454 58.57 -12.92 -53.44
N LEU A 455 59.74 -13.20 -54.03
CA LEU A 455 60.44 -14.46 -53.80
C LEU A 455 61.74 -14.31 -53.02
N PHE A 456 62.29 -13.10 -52.94
CA PHE A 456 63.55 -12.85 -52.25
C PHE A 456 63.35 -11.77 -51.20
N ARG A 457 63.81 -12.03 -49.98
CA ARG A 457 63.80 -11.04 -48.92
C ARG A 457 64.76 -11.47 -47.83
N LYS A 458 65.46 -10.50 -47.24
CA LYS A 458 66.44 -10.81 -46.20
C LYS A 458 65.76 -11.35 -44.94
N SER A 459 64.65 -10.74 -44.53
CA SER A 459 63.96 -11.12 -43.31
C SER A 459 62.59 -11.71 -43.64
N ASN A 460 61.82 -11.99 -42.60
CA ASN A 460 60.48 -12.55 -42.73
C ASN A 460 59.44 -11.52 -42.30
N LEU A 461 58.28 -11.55 -42.95
CA LEU A 461 57.23 -10.61 -42.65
C LEU A 461 56.60 -10.90 -41.30
N LYS A 462 56.43 -9.86 -40.49
CA LYS A 462 55.68 -9.98 -39.25
C LYS A 462 54.21 -10.18 -39.57
N PRO A 463 53.43 -10.78 -38.65
CA PRO A 463 52.03 -11.07 -38.93
C PRO A 463 51.23 -9.88 -39.44
N PHE A 464 50.60 -10.05 -40.61
CA PHE A 464 49.80 -9.01 -41.26
C PHE A 464 50.63 -7.75 -41.52
N GLU A 465 51.64 -7.92 -42.36
CA GLU A 465 52.51 -6.82 -42.78
C GLU A 465 52.53 -6.73 -44.30
N ARG A 466 52.36 -5.51 -44.80
CA ARG A 466 52.43 -5.24 -46.23
C ARG A 466 53.54 -4.22 -46.51
N ASP A 467 54.34 -4.50 -47.53
CA ASP A 467 55.47 -3.63 -47.87
C ASP A 467 55.62 -3.63 -49.40
N ILE A 468 55.15 -2.55 -50.01
CA ILE A 468 55.23 -2.40 -51.46
C ILE A 468 56.49 -1.69 -51.91
N SER A 469 57.37 -1.32 -50.98
CA SER A 469 58.60 -0.60 -51.35
C SER A 469 59.48 -1.45 -52.24
N THR A 470 59.51 -2.77 -52.00
CA THR A 470 60.27 -3.74 -52.79
C THR A 470 61.72 -3.30 -52.99
N GLU A 471 62.43 -3.18 -51.87
CA GLU A 471 63.85 -2.84 -51.92
C GLU A 471 64.64 -3.95 -52.60
N ILE A 472 65.68 -3.56 -53.34
CA ILE A 472 66.44 -4.52 -54.14
C ILE A 472 67.14 -5.52 -53.22
N TYR A 473 67.09 -6.79 -53.60
CA TYR A 473 67.70 -7.85 -52.81
C TYR A 473 69.22 -7.78 -52.92
N GLN A 474 69.89 -7.89 -51.77
CA GLN A 474 71.34 -7.84 -51.70
C GLN A 474 71.86 -9.08 -50.99
N ALA A 475 72.98 -9.61 -51.48
CA ALA A 475 73.59 -10.80 -50.90
C ALA A 475 75.07 -10.82 -51.23
N GLY A 476 75.80 -11.66 -50.50
CA GLY A 476 77.24 -11.77 -50.72
C GLY A 476 77.94 -10.48 -50.32
N SER A 477 78.80 -9.97 -51.21
CA SER A 477 79.50 -8.72 -50.98
C SER A 477 78.62 -7.51 -51.23
N THR A 478 77.40 -7.72 -51.72
CA THR A 478 76.43 -6.66 -51.99
C THR A 478 76.99 -5.46 -52.75
N PRO A 479 77.50 -5.66 -53.97
CA PRO A 479 77.88 -4.52 -54.81
C PRO A 479 76.76 -4.03 -55.73
N CYS A 480 75.58 -4.63 -55.66
CA CYS A 480 74.48 -4.35 -56.59
C CYS A 480 73.80 -3.04 -56.18
N ASN A 481 74.31 -1.94 -56.73
CA ASN A 481 73.67 -0.65 -56.50
C ASN A 481 72.36 -0.54 -57.30
N GLY A 482 72.32 -1.14 -58.48
CA GLY A 482 71.16 -1.10 -59.34
C GLY A 482 70.21 -2.26 -59.10
N VAL A 483 69.67 -2.78 -60.21
CA VAL A 483 68.70 -3.87 -60.12
C VAL A 483 69.35 -5.24 -60.30
N GLU A 484 70.44 -5.32 -61.08
CA GLU A 484 71.11 -6.59 -61.36
C GLU A 484 72.56 -6.51 -60.95
N GLY A 485 73.05 -7.59 -60.36
CA GLY A 485 74.44 -7.65 -59.93
C GLY A 485 74.79 -9.02 -59.39
N PHE A 486 75.98 -9.12 -58.82
CA PHE A 486 76.42 -10.37 -58.23
C PHE A 486 75.60 -10.68 -56.98
N ASN A 487 74.98 -11.85 -56.95
CA ASN A 487 74.08 -12.27 -55.87
C ASN A 487 72.96 -11.25 -55.68
N CYS A 488 72.53 -10.62 -56.77
CA CYS A 488 71.51 -9.59 -56.74
C CYS A 488 70.42 -9.94 -57.73
N TYR A 489 69.17 -9.85 -57.30
CA TYR A 489 68.03 -10.13 -58.15
C TYR A 489 66.84 -9.31 -57.68
N PHE A 490 65.89 -9.11 -58.58
CA PHE A 490 64.68 -8.36 -58.25
C PHE A 490 63.84 -9.17 -57.26
N PRO A 491 63.52 -8.63 -56.09
CA PRO A 491 62.69 -9.39 -55.14
C PRO A 491 61.31 -9.71 -55.66
N LEU A 492 60.81 -8.96 -56.63
CA LEU A 492 59.49 -9.19 -57.21
C LEU A 492 59.62 -10.01 -58.48
N GLN A 493 58.64 -10.88 -58.72
CA GLN A 493 58.67 -11.78 -59.86
C GLN A 493 57.25 -12.14 -60.24
N SER A 494 57.10 -12.69 -61.44
CA SER A 494 55.80 -13.10 -61.97
C SER A 494 55.91 -14.50 -62.55
N TYR A 495 54.94 -15.34 -62.20
CA TYR A 495 54.87 -16.72 -62.68
C TYR A 495 53.78 -16.82 -63.73
N GLY A 496 54.12 -17.33 -64.90
CA GLY A 496 53.14 -17.53 -65.96
C GLY A 496 52.06 -18.52 -65.58
N PHE A 497 50.81 -18.08 -65.63
CA PHE A 497 49.67 -18.90 -65.25
C PHE A 497 48.99 -19.41 -66.52
N GLN A 498 48.89 -20.73 -66.66
CA GLN A 498 48.32 -21.33 -67.85
C GLN A 498 47.22 -22.32 -67.48
N PRO A 499 46.16 -22.42 -68.30
CA PRO A 499 45.13 -23.43 -68.03
C PRO A 499 45.65 -24.85 -68.07
N THR A 500 46.63 -25.14 -68.92
CA THR A 500 47.19 -26.48 -69.04
C THR A 500 48.28 -26.76 -68.00
N ASN A 501 48.61 -25.79 -67.15
CA ASN A 501 49.59 -25.99 -66.11
C ASN A 501 49.03 -26.91 -65.02
N GLY A 502 49.92 -27.42 -64.17
CA GLY A 502 49.50 -28.31 -63.11
C GLY A 502 48.57 -27.63 -62.13
N VAL A 503 47.75 -28.44 -61.46
CA VAL A 503 46.78 -27.91 -60.51
C VAL A 503 47.49 -27.17 -59.38
N GLY A 504 48.64 -27.67 -58.95
CA GLY A 504 49.40 -26.97 -57.93
C GLY A 504 49.85 -25.59 -58.36
N TYR A 505 50.21 -25.43 -59.64
CA TYR A 505 50.61 -24.12 -60.15
C TYR A 505 49.43 -23.27 -60.59
N GLN A 506 48.22 -23.84 -60.62
CA GLN A 506 47.06 -23.06 -61.03
C GLN A 506 46.68 -22.05 -59.96
N PRO A 507 46.36 -20.82 -60.37
CA PRO A 507 46.00 -19.80 -59.38
C PRO A 507 44.62 -20.03 -58.78
N TYR A 508 44.49 -19.73 -57.49
CA TYR A 508 43.24 -19.79 -56.76
C TYR A 508 42.95 -18.41 -56.19
N ARG A 509 41.67 -18.05 -56.12
CA ARG A 509 41.27 -16.81 -55.47
C ARG A 509 41.08 -17.09 -53.98
N VAL A 510 41.79 -16.35 -53.13
CA VAL A 510 41.81 -16.62 -51.70
C VAL A 510 41.46 -15.34 -50.94
N VAL A 511 40.58 -15.48 -49.96
CA VAL A 511 40.12 -14.38 -49.12
C VAL A 511 40.23 -14.81 -47.67
N VAL A 512 40.80 -13.94 -46.84
CA VAL A 512 40.94 -14.15 -45.41
C VAL A 512 40.03 -13.15 -44.70
N LEU A 513 39.11 -13.67 -43.89
CA LEU A 513 38.18 -12.84 -43.11
C LEU A 513 38.67 -12.81 -41.67
N SER A 514 39.61 -11.90 -41.41
CA SER A 514 40.14 -11.73 -40.07
C SER A 514 39.08 -11.14 -39.16
N PHE A 515 38.90 -11.75 -37.99
CA PHE A 515 37.93 -11.31 -37.01
C PHE A 515 38.64 -10.83 -35.75
N GLU A 516 37.86 -10.32 -34.80
CA GLU A 516 38.42 -9.86 -33.53
C GLU A 516 37.34 -9.96 -32.47
N LEU A 517 37.77 -10.06 -31.21
CA LEU A 517 36.87 -10.36 -30.11
C LEU A 517 36.01 -9.13 -29.78
N LEU A 518 35.07 -9.34 -28.86
CA LEU A 518 34.10 -8.31 -28.47
C LEU A 518 34.68 -7.49 -27.33
N HIS A 519 35.58 -6.57 -27.69
CA HIS A 519 36.15 -5.61 -26.76
C HIS A 519 35.42 -4.27 -26.79
N ALA A 520 34.34 -4.16 -27.55
CA ALA A 520 33.61 -2.92 -27.72
C ALA A 520 32.21 -3.25 -28.21
N PRO A 521 31.29 -2.28 -28.21
CA PRO A 521 29.99 -2.53 -28.84
C PRO A 521 30.15 -2.92 -30.30
N ALA A 522 29.38 -3.91 -30.72
CA ALA A 522 29.51 -4.47 -32.06
C ALA A 522 28.80 -3.61 -33.08
N THR A 523 29.37 -3.53 -34.28
CA THR A 523 28.79 -2.76 -35.38
C THR A 523 28.35 -3.64 -36.53
N VAL A 524 29.10 -4.68 -36.86
CA VAL A 524 28.73 -5.65 -37.88
C VAL A 524 28.23 -6.92 -37.21
N CYS A 525 27.07 -7.40 -37.64
CA CYS A 525 26.41 -8.50 -36.93
C CYS A 525 25.65 -9.34 -37.95
N GLY A 526 24.91 -10.32 -37.44
CA GLY A 526 24.19 -11.25 -38.27
C GLY A 526 22.73 -10.88 -38.44
N PRO A 527 22.02 -11.68 -39.22
CA PRO A 527 20.60 -11.42 -39.47
C PRO A 527 19.73 -11.83 -38.29
N LYS A 528 18.42 -11.67 -38.45
CA LYS A 528 17.47 -11.98 -37.39
C LYS A 528 16.49 -13.08 -37.83
N LYS A 529 15.50 -13.33 -36.96
CA LYS A 529 14.57 -14.43 -37.18
C LYS A 529 13.43 -14.01 -38.09
N SER A 530 12.90 -14.97 -38.86
CA SER A 530 11.85 -14.73 -39.84
C SER A 530 10.83 -15.87 -39.80
N THR A 531 10.38 -16.23 -38.60
CA THR A 531 9.41 -17.31 -38.43
C THR A 531 8.09 -16.96 -39.13
N ASN A 532 7.32 -18.01 -39.44
CA ASN A 532 6.08 -17.83 -40.20
C ASN A 532 4.99 -17.23 -39.32
N LEU A 533 3.91 -16.78 -39.98
CA LEU A 533 2.77 -16.23 -39.29
C LEU A 533 1.62 -17.23 -39.33
N VAL A 534 0.84 -17.28 -38.25
CA VAL A 534 -0.31 -18.18 -38.16
C VAL A 534 -1.55 -17.36 -37.84
N LYS A 535 -2.63 -17.59 -38.59
CA LYS A 535 -3.87 -16.86 -38.44
C LYS A 535 -4.96 -17.77 -37.89
N ASN A 536 -5.93 -17.16 -37.22
CA ASN A 536 -7.07 -17.86 -36.61
C ASN A 536 -6.62 -18.86 -35.56
N LYS A 537 -5.49 -18.58 -34.91
CA LYS A 537 -4.98 -19.41 -33.83
C LYS A 537 -4.39 -18.51 -32.75
N CYS A 538 -4.72 -18.81 -31.49
CA CYS A 538 -4.24 -18.01 -30.37
C CYS A 538 -2.75 -18.26 -30.21
N VAL A 539 -1.94 -17.28 -30.61
CA VAL A 539 -0.49 -17.43 -30.62
C VAL A 539 0.14 -16.13 -30.14
N ASN A 540 1.15 -16.25 -29.28
CA ASN A 540 1.98 -15.10 -28.94
C ASN A 540 2.73 -14.64 -30.17
N PHE A 541 2.67 -13.35 -30.46
CA PHE A 541 3.24 -12.79 -31.67
C PHE A 541 4.21 -11.67 -31.34
N ASN A 542 5.19 -11.47 -32.22
CA ASN A 542 6.23 -10.45 -32.06
C ASN A 542 6.45 -9.80 -33.43
N PHE A 543 5.74 -8.70 -33.67
CA PHE A 543 5.91 -7.92 -34.89
C PHE A 543 6.61 -6.61 -34.53
N ASN A 544 7.89 -6.50 -34.94
CA ASN A 544 8.67 -5.28 -34.71
C ASN A 544 8.74 -4.93 -33.23
N GLY A 545 8.82 -5.95 -32.38
CA GLY A 545 8.91 -5.75 -30.95
C GLY A 545 7.59 -5.54 -30.24
N LEU A 546 6.45 -5.81 -30.90
CA LEU A 546 5.16 -5.61 -30.27
C LEU A 546 4.98 -6.53 -29.06
N THR A 547 5.37 -7.80 -29.20
CA THR A 547 5.31 -8.79 -28.12
C THR A 547 3.93 -8.81 -27.45
N GLY A 548 2.90 -9.01 -28.27
CA GLY A 548 1.54 -9.12 -27.80
C GLY A 548 1.00 -10.52 -27.99
N THR A 549 0.06 -10.92 -27.15
CA THR A 549 -0.53 -12.25 -27.17
C THR A 549 -2.01 -12.15 -27.54
N GLY A 550 -2.43 -12.95 -28.51
CA GLY A 550 -3.82 -12.92 -28.94
C GLY A 550 -4.00 -13.81 -30.16
N VAL A 551 -5.15 -13.64 -30.80
CA VAL A 551 -5.45 -14.36 -32.04
C VAL A 551 -5.32 -13.36 -33.18
N LEU A 552 -4.85 -13.84 -34.34
CA LEU A 552 -4.61 -12.97 -35.47
C LEU A 552 -5.63 -13.24 -36.58
N THR A 553 -6.15 -12.17 -37.19
CA THR A 553 -7.10 -12.28 -38.28
C THR A 553 -6.79 -11.21 -39.31
N GLU A 554 -7.27 -11.42 -40.54
CA GLU A 554 -7.12 -10.39 -41.56
C GLU A 554 -8.12 -9.27 -41.30
N SER A 555 -7.61 -8.05 -41.22
CA SER A 555 -8.40 -6.89 -40.80
C SER A 555 -8.83 -6.06 -42.00
N ASN A 556 -10.08 -5.62 -41.99
CA ASN A 556 -10.58 -4.79 -43.08
C ASN A 556 -10.12 -3.33 -42.95
N LYS A 557 -9.68 -2.94 -41.76
CA LYS A 557 -9.29 -1.55 -41.54
C LYS A 557 -8.03 -1.21 -42.32
N LYS A 558 -7.90 0.06 -42.69
CA LYS A 558 -6.81 0.53 -43.52
C LYS A 558 -5.78 1.27 -42.68
N PHE A 559 -4.53 1.21 -43.13
CA PHE A 559 -3.42 1.84 -42.44
C PHE A 559 -2.69 2.79 -43.39
N LEU A 560 -2.16 3.88 -42.84
CA LEU A 560 -1.31 4.77 -43.59
C LEU A 560 0.08 4.15 -43.72
N PRO A 561 0.81 4.47 -44.80
CA PRO A 561 2.09 3.78 -45.05
C PRO A 561 3.09 3.90 -43.91
N PHE A 562 3.17 5.05 -43.24
CA PHE A 562 4.16 5.19 -42.17
C PHE A 562 3.70 4.49 -40.90
N GLN A 563 2.38 4.41 -40.67
CA GLN A 563 1.87 3.79 -39.45
C GLN A 563 2.20 2.31 -39.44
N GLN A 564 2.56 1.80 -38.25
CA GLN A 564 2.97 0.42 -38.10
C GLN A 564 2.05 -0.42 -37.21
N PHE A 565 1.27 0.21 -36.33
CA PHE A 565 0.33 -0.53 -35.50
C PHE A 565 -0.73 0.43 -34.98
N GLY A 566 -1.86 -0.13 -34.58
CA GLY A 566 -2.98 0.67 -34.13
C GLY A 566 -3.32 0.36 -32.69
N ARG A 567 -3.97 1.32 -32.04
CA ARG A 567 -4.35 1.21 -30.64
C ARG A 567 -5.82 1.54 -30.48
N ASP A 568 -6.40 1.02 -29.39
CA ASP A 568 -7.80 1.22 -29.09
C ASP A 568 -8.02 2.54 -28.34
N ILE A 569 -9.28 2.80 -28.01
CA ILE A 569 -9.61 3.99 -27.23
C ILE A 569 -9.14 3.85 -25.79
N ALA A 570 -8.80 2.63 -25.36
CA ALA A 570 -8.30 2.38 -24.02
C ALA A 570 -6.78 2.16 -24.00
N ASP A 571 -6.07 2.61 -25.04
CA ASP A 571 -4.61 2.48 -25.13
C ASP A 571 -4.16 1.03 -25.07
N THR A 572 -4.91 0.14 -25.72
CA THR A 572 -4.55 -1.26 -25.85
C THR A 572 -4.45 -1.60 -27.33
N THR A 573 -3.37 -2.30 -27.71
CA THR A 573 -3.13 -2.61 -29.11
C THR A 573 -4.23 -3.50 -29.66
N ASP A 574 -4.71 -3.17 -30.86
CA ASP A 574 -5.75 -3.97 -31.51
C ASP A 574 -5.48 -4.32 -32.97
N ALA A 575 -4.40 -3.82 -33.57
CA ALA A 575 -4.09 -4.15 -34.96
C ALA A 575 -2.60 -3.89 -35.17
N VAL A 576 -1.94 -4.76 -35.94
CA VAL A 576 -0.51 -4.64 -36.20
C VAL A 576 -0.25 -4.80 -37.69
N ARG A 577 0.55 -3.88 -38.24
CA ARG A 577 1.04 -4.03 -39.61
C ARG A 577 2.26 -4.94 -39.59
N ASP A 578 2.25 -5.95 -40.44
CA ASP A 578 3.35 -6.91 -40.47
C ASP A 578 4.57 -6.28 -41.12
N PRO A 579 5.71 -6.20 -40.43
CA PRO A 579 6.89 -5.56 -41.05
C PRO A 579 7.41 -6.30 -42.27
N GLN A 580 7.35 -7.63 -42.29
CA GLN A 580 7.90 -8.38 -43.42
C GLN A 580 7.08 -8.13 -44.69
N THR A 581 5.76 -8.29 -44.60
CA THR A 581 4.87 -8.06 -45.72
C THR A 581 3.80 -7.05 -45.29
N LEU A 582 3.64 -5.99 -46.09
CA LEU A 582 2.81 -4.85 -45.69
C LEU A 582 1.33 -5.21 -45.83
N GLU A 583 0.77 -5.69 -44.72
CA GLU A 583 -0.66 -5.88 -44.55
C GLU A 583 -0.99 -5.72 -43.08
N ILE A 584 -2.28 -5.68 -42.77
CA ILE A 584 -2.76 -5.40 -41.42
C ILE A 584 -3.35 -6.68 -40.84
N LEU A 585 -3.05 -6.94 -39.57
CA LEU A 585 -3.57 -8.10 -38.84
C LEU A 585 -4.29 -7.58 -37.60
N ASP A 586 -5.60 -7.83 -37.57
CA ASP A 586 -6.39 -7.55 -36.38
C ASP A 586 -6.04 -8.55 -35.28
N ILE A 587 -5.76 -8.04 -34.09
CA ILE A 587 -5.46 -8.87 -32.93
C ILE A 587 -6.58 -8.70 -31.91
N THR A 588 -7.04 -9.81 -31.35
CA THR A 588 -8.02 -9.82 -30.30
C THR A 588 -7.54 -10.71 -29.17
N PRO A 589 -7.86 -10.38 -27.93
CA PRO A 589 -7.26 -11.11 -26.80
C PRO A 589 -7.72 -12.56 -26.75
N CYS A 590 -6.88 -13.39 -26.15
CA CYS A 590 -7.19 -14.80 -26.01
C CYS A 590 -8.50 -14.99 -25.26
N SER A 591 -9.32 -15.91 -25.76
CA SER A 591 -10.65 -16.12 -25.19
C SER A 591 -10.55 -16.49 -23.71
N PHE A 592 -11.38 -15.84 -22.91
CA PHE A 592 -11.42 -16.09 -21.47
C PHE A 592 -12.81 -15.73 -20.97
N GLY A 593 -13.13 -16.21 -19.78
CA GLY A 593 -14.41 -15.93 -19.19
C GLY A 593 -14.66 -16.86 -18.02
N GLY A 594 -15.74 -16.57 -17.31
CA GLY A 594 -16.10 -17.37 -16.16
C GLY A 594 -16.52 -18.78 -16.55
N VAL A 595 -16.36 -19.69 -15.60
CA VAL A 595 -16.84 -21.06 -15.74
C VAL A 595 -17.89 -21.27 -14.65
N SER A 596 -19.14 -21.47 -15.07
CA SER A 596 -20.25 -21.65 -14.15
C SER A 596 -20.73 -23.09 -14.23
N VAL A 597 -21.21 -23.60 -13.11
CA VAL A 597 -21.80 -24.93 -13.03
C VAL A 597 -23.29 -24.75 -12.76
N ILE A 598 -24.11 -25.26 -13.67
CA ILE A 598 -25.55 -25.24 -13.52
C ILE A 598 -25.98 -26.62 -13.03
N THR A 599 -26.56 -26.67 -11.83
CA THR A 599 -26.92 -27.94 -11.23
C THR A 599 -28.21 -27.83 -10.45
N PRO A 600 -29.00 -28.88 -10.40
CA PRO A 600 -30.10 -28.95 -9.44
C PRO A 600 -29.54 -29.23 -8.06
N GLY A 601 -30.44 -29.42 -7.09
CA GLY A 601 -30.01 -29.80 -5.76
C GLY A 601 -29.22 -31.10 -5.80
N THR A 602 -28.14 -31.14 -5.02
CA THR A 602 -27.34 -32.36 -4.95
C THR A 602 -28.16 -33.53 -4.44
N ASN A 603 -29.19 -33.25 -3.63
CA ASN A 603 -30.12 -34.29 -3.22
C ASN A 603 -30.94 -34.81 -4.40
N THR A 604 -31.35 -33.92 -5.30
CA THR A 604 -32.13 -34.34 -6.46
C THR A 604 -31.29 -35.16 -7.43
N SER A 605 -30.11 -34.67 -7.78
CA SER A 605 -29.24 -35.38 -8.71
C SER A 605 -27.84 -34.80 -8.59
N ASN A 606 -26.86 -35.58 -9.06
CA ASN A 606 -25.47 -35.16 -9.10
C ASN A 606 -25.02 -34.74 -10.49
N GLN A 607 -25.94 -34.68 -11.45
CA GLN A 607 -25.61 -34.28 -12.81
C GLN A 607 -25.52 -32.76 -12.91
N VAL A 608 -24.51 -32.28 -13.64
CA VAL A 608 -24.25 -30.86 -13.76
C VAL A 608 -24.02 -30.50 -15.22
N ALA A 609 -24.13 -29.21 -15.53
CA ALA A 609 -23.77 -28.67 -16.82
C ALA A 609 -22.76 -27.54 -16.60
N VAL A 610 -21.95 -27.26 -17.61
CA VAL A 610 -20.89 -26.27 -17.50
C VAL A 610 -21.11 -25.18 -18.54
N LEU A 611 -21.17 -23.94 -18.09
CA LEU A 611 -21.31 -22.78 -18.96
C LEU A 611 -20.00 -22.01 -18.96
N TYR A 612 -19.32 -22.01 -20.11
CA TYR A 612 -18.15 -21.16 -20.31
C TYR A 612 -18.65 -19.83 -20.87
N GLN A 613 -18.55 -18.78 -20.08
CA GLN A 613 -19.18 -17.51 -20.44
C GLN A 613 -18.41 -16.81 -21.55
N ASP A 614 -19.15 -16.36 -22.57
CA ASP A 614 -18.63 -15.52 -23.64
C ASP A 614 -17.46 -16.19 -24.36
N VAL A 615 -17.75 -17.32 -25.00
CA VAL A 615 -16.76 -18.04 -25.79
C VAL A 615 -17.52 -18.98 -26.73
N ASN A 616 -16.96 -19.17 -27.92
CA ASN A 616 -17.53 -20.10 -28.88
C ASN A 616 -16.95 -21.48 -28.63
N CYS A 617 -17.82 -22.49 -28.70
CA CYS A 617 -17.51 -23.86 -28.30
C CYS A 617 -16.36 -24.49 -29.08
N THR A 618 -15.99 -23.95 -30.24
CA THR A 618 -14.91 -24.55 -31.03
C THR A 618 -13.60 -24.58 -30.24
N GLU A 619 -13.30 -23.51 -29.51
CA GLU A 619 -12.07 -23.42 -28.74
C GLU A 619 -12.27 -23.73 -27.26
N VAL A 620 -13.46 -24.17 -26.87
CA VAL A 620 -13.70 -24.51 -25.47
C VAL A 620 -12.84 -25.69 -25.00
N PRO A 621 -12.76 -26.82 -25.72
CA PRO A 621 -11.93 -27.93 -25.21
C PRO A 621 -10.47 -27.55 -25.03
N VAL A 622 -9.93 -26.70 -25.91
CA VAL A 622 -8.54 -26.24 -25.89
C VAL A 622 -7.55 -27.31 -25.45
N TYR A 636 -15.09 -30.16 -21.64
CA TYR A 636 -15.72 -31.01 -20.62
C TYR A 636 -15.92 -32.42 -21.17
N SER A 637 -15.99 -33.40 -20.27
CA SER A 637 -16.06 -34.80 -20.67
C SER A 637 -17.34 -35.10 -21.46
N THR A 638 -18.45 -34.49 -21.06
CA THR A 638 -19.74 -34.75 -21.70
C THR A 638 -19.86 -33.92 -22.98
N GLY A 639 -19.10 -34.34 -23.99
CA GLY A 639 -19.09 -33.69 -25.27
C GLY A 639 -20.14 -34.14 -26.26
N SER A 640 -21.05 -35.04 -25.84
CA SER A 640 -22.10 -35.51 -26.75
C SER A 640 -23.02 -34.37 -27.17
N ASN A 641 -23.42 -33.52 -26.22
CA ASN A 641 -24.27 -32.37 -26.50
C ASN A 641 -23.57 -31.12 -26.01
N VAL A 642 -23.31 -30.19 -26.93
CA VAL A 642 -22.62 -28.93 -26.64
C VAL A 642 -23.38 -27.85 -27.38
N PHE A 643 -24.16 -27.06 -26.65
CA PHE A 643 -25.01 -26.03 -27.26
C PHE A 643 -24.38 -24.65 -27.06
N GLN A 644 -24.73 -23.73 -27.95
CA GLN A 644 -24.14 -22.40 -27.98
C GLN A 644 -25.23 -21.35 -27.82
N THR A 645 -24.99 -20.38 -26.94
CA THR A 645 -25.93 -19.29 -26.69
C THR A 645 -25.14 -17.98 -26.55
N ARG A 646 -25.86 -16.86 -26.58
CA ARG A 646 -25.23 -15.56 -26.40
C ARG A 646 -24.53 -15.47 -25.05
N ALA A 647 -25.07 -16.15 -24.02
CA ALA A 647 -24.41 -16.14 -22.72
C ALA A 647 -23.05 -16.83 -22.78
N GLY A 648 -22.95 -17.92 -23.53
CA GLY A 648 -21.70 -18.64 -23.64
C GLY A 648 -21.92 -20.01 -24.24
N CYS A 649 -20.97 -20.91 -23.94
CA CYS A 649 -21.02 -22.29 -24.42
C CYS A 649 -21.50 -23.18 -23.27
N LEU A 650 -22.59 -23.91 -23.48
CA LEU A 650 -23.17 -24.75 -22.44
C LEU A 650 -22.95 -26.21 -22.81
N ILE A 651 -22.31 -26.96 -21.93
CA ILE A 651 -21.91 -28.34 -22.16
C ILE A 651 -22.59 -29.21 -21.12
N GLY A 652 -23.24 -30.29 -21.58
CA GLY A 652 -23.93 -31.21 -20.70
C GLY A 652 -25.43 -31.03 -20.64
N ALA A 653 -25.99 -30.09 -21.40
CA ALA A 653 -27.43 -29.87 -21.43
C ALA A 653 -27.89 -29.81 -22.89
N GLU A 654 -29.08 -30.33 -23.14
CA GLU A 654 -29.65 -30.36 -24.47
C GLU A 654 -30.70 -29.26 -24.63
N HIS A 655 -30.69 -28.62 -25.80
CA HIS A 655 -31.70 -27.62 -26.09
C HIS A 655 -33.06 -28.28 -26.29
N VAL A 656 -34.11 -27.59 -25.85
CA VAL A 656 -35.48 -28.05 -26.01
C VAL A 656 -36.28 -26.92 -26.65
N ASN A 657 -37.03 -27.22 -27.70
CA ASN A 657 -37.84 -26.21 -28.36
C ASN A 657 -38.88 -25.62 -27.41
N ASN A 658 -39.45 -26.46 -26.55
CA ASN A 658 -40.49 -25.99 -25.64
C ASN A 658 -39.92 -24.99 -24.64
N SER A 659 -40.77 -24.06 -24.20
CA SER A 659 -40.39 -23.01 -23.28
C SER A 659 -41.19 -23.15 -21.99
N TYR A 660 -40.48 -23.12 -20.86
CA TYR A 660 -41.09 -23.22 -19.55
C TYR A 660 -40.66 -22.04 -18.69
N GLU A 661 -41.19 -21.97 -17.47
CA GLU A 661 -40.79 -20.95 -16.53
C GLU A 661 -39.33 -21.16 -16.13
N CYS A 662 -38.61 -20.05 -15.99
CA CYS A 662 -37.19 -20.08 -15.67
C CYS A 662 -36.96 -20.71 -14.30
N ASP A 663 -36.01 -21.65 -14.23
CA ASP A 663 -35.56 -22.22 -12.97
C ASP A 663 -34.12 -21.83 -12.66
N ILE A 664 -33.20 -22.12 -13.58
CA ILE A 664 -31.80 -21.73 -13.42
C ILE A 664 -31.44 -20.79 -14.56
N PRO A 665 -31.47 -19.48 -14.33
CA PRO A 665 -31.14 -18.54 -15.41
C PRO A 665 -29.70 -18.70 -15.87
N ILE A 666 -29.47 -18.48 -17.16
CA ILE A 666 -28.15 -18.56 -17.76
C ILE A 666 -27.72 -17.20 -18.31
N GLY A 667 -28.60 -16.55 -19.05
CA GLY A 667 -28.32 -15.27 -19.66
C GLY A 667 -28.93 -15.22 -21.06
N ALA A 668 -29.19 -14.00 -21.53
CA ALA A 668 -29.75 -13.76 -22.86
C ALA A 668 -31.07 -14.51 -23.06
N GLY A 669 -31.90 -14.53 -22.02
CA GLY A 669 -33.22 -15.11 -22.13
C GLY A 669 -33.27 -16.63 -22.17
N ILE A 670 -32.26 -17.30 -21.64
CA ILE A 670 -32.19 -18.76 -21.65
C ILE A 670 -32.05 -19.24 -20.22
N CYS A 671 -32.76 -20.30 -19.87
CA CYS A 671 -32.67 -20.92 -18.56
C CYS A 671 -32.53 -22.42 -18.70
N ALA A 672 -31.76 -23.02 -17.79
CA ALA A 672 -31.63 -24.46 -17.69
C ALA A 672 -32.44 -24.98 -16.51
N SER A 673 -32.88 -26.23 -16.64
CA SER A 673 -33.73 -26.87 -15.65
C SER A 673 -33.50 -28.37 -15.70
N TYR A 674 -33.81 -29.03 -14.59
CA TYR A 674 -33.69 -30.47 -14.45
C TYR A 674 -35.06 -31.09 -14.64
N GLN A 675 -35.23 -31.85 -15.72
CA GLN A 675 -36.53 -32.42 -16.06
C GLN A 675 -36.33 -33.81 -16.66
N THR A 676 -37.45 -34.50 -16.85
CA THR A 676 -37.47 -35.85 -17.41
C THR A 676 -37.07 -35.84 -18.87
N SER A 686 -34.55 -41.41 -16.82
CA SER A 686 -34.59 -40.57 -18.01
C SER A 686 -34.69 -39.10 -17.63
N GLN A 687 -33.68 -38.60 -16.91
CA GLN A 687 -33.63 -37.22 -16.47
C GLN A 687 -32.39 -36.56 -17.05
N SER A 688 -32.51 -35.27 -17.40
CA SER A 688 -31.39 -34.56 -17.96
C SER A 688 -31.57 -33.06 -17.77
N ILE A 689 -30.46 -32.34 -17.87
CA ILE A 689 -30.47 -30.88 -17.85
C ILE A 689 -30.86 -30.38 -19.23
N ILE A 690 -31.82 -29.46 -19.28
CA ILE A 690 -32.30 -28.89 -20.54
C ILE A 690 -32.17 -27.38 -20.48
N ALA A 691 -31.71 -26.79 -21.58
CA ALA A 691 -31.60 -25.34 -21.73
C ALA A 691 -32.64 -24.89 -22.75
N TYR A 692 -33.34 -23.81 -22.44
CA TYR A 692 -34.44 -23.39 -23.30
C TYR A 692 -34.67 -21.89 -23.13
N THR A 693 -35.32 -21.31 -24.15
CA THR A 693 -35.74 -19.92 -24.07
C THR A 693 -36.84 -19.76 -23.04
N MET A 694 -36.84 -18.63 -22.34
CA MET A 694 -37.81 -18.40 -21.27
C MET A 694 -39.23 -18.31 -21.83
N SER A 695 -40.19 -18.77 -21.03
CA SER A 695 -41.61 -18.55 -21.30
C SER A 695 -42.10 -17.52 -20.29
N LEU A 696 -42.47 -16.35 -20.79
CA LEU A 696 -42.82 -15.24 -19.91
C LEU A 696 -44.14 -15.47 -19.16
N GLY A 697 -44.95 -16.40 -19.62
CA GLY A 697 -46.20 -16.69 -18.95
C GLY A 697 -47.21 -17.27 -19.92
N ALA A 698 -48.32 -17.73 -19.35
CA ALA A 698 -49.41 -18.28 -20.14
C ALA A 698 -50.10 -17.15 -20.90
N GLU A 699 -49.95 -17.15 -22.22
CA GLU A 699 -50.52 -16.08 -23.04
C GLU A 699 -52.04 -16.08 -22.97
N ASN A 700 -52.62 -15.04 -22.37
CA ASN A 700 -54.07 -14.92 -22.23
C ASN A 700 -54.54 -13.77 -23.09
N SER A 701 -55.54 -14.04 -23.93
CA SER A 701 -56.15 -13.03 -24.79
C SER A 701 -57.50 -12.64 -24.20
N VAL A 702 -57.56 -11.45 -23.59
CA VAL A 702 -58.81 -10.97 -23.01
C VAL A 702 -59.81 -10.71 -24.13
N ALA A 703 -61.05 -11.14 -23.91
CA ALA A 703 -62.10 -10.97 -24.92
C ALA A 703 -62.65 -9.56 -24.91
N TYR A 704 -61.83 -8.59 -25.31
CA TYR A 704 -62.26 -7.21 -25.36
C TYR A 704 -63.29 -7.01 -26.47
N SER A 705 -64.27 -6.15 -26.21
CA SER A 705 -65.32 -5.87 -27.17
C SER A 705 -65.87 -4.48 -26.87
N ASN A 706 -66.65 -3.96 -27.83
CA ASN A 706 -67.22 -2.62 -27.66
C ASN A 706 -68.17 -2.54 -26.48
N ASN A 707 -68.97 -3.58 -26.25
CA ASN A 707 -70.00 -3.56 -25.23
C ASN A 707 -70.01 -4.87 -24.43
N SER A 708 -68.84 -5.30 -23.98
CA SER A 708 -68.71 -6.50 -23.16
C SER A 708 -67.90 -6.17 -21.92
N ILE A 709 -68.47 -6.44 -20.74
CA ILE A 709 -67.80 -6.16 -19.46
C ILE A 709 -67.87 -7.41 -18.59
N ALA A 710 -66.78 -7.67 -17.87
CA ALA A 710 -66.68 -8.83 -16.98
C ALA A 710 -66.79 -8.34 -15.54
N ILE A 711 -67.66 -8.97 -14.77
CA ILE A 711 -67.91 -8.60 -13.38
C ILE A 711 -67.78 -9.87 -12.54
N PRO A 712 -67.08 -9.84 -11.41
CA PRO A 712 -66.99 -11.02 -10.56
C PRO A 712 -68.31 -11.30 -9.85
N THR A 713 -68.50 -12.57 -9.50
CA THR A 713 -69.68 -13.04 -8.78
C THR A 713 -69.39 -13.33 -7.32
N ASN A 714 -68.23 -13.91 -7.02
CA ASN A 714 -67.75 -14.07 -5.66
C ASN A 714 -66.28 -13.69 -5.63
N PHE A 715 -65.60 -13.99 -4.53
CA PHE A 715 -64.28 -13.44 -4.28
C PHE A 715 -63.44 -14.42 -3.49
N THR A 716 -62.20 -14.02 -3.20
CA THR A 716 -61.30 -14.77 -2.34
C THR A 716 -60.61 -13.78 -1.40
N ILE A 717 -60.56 -14.13 -0.11
CA ILE A 717 -59.81 -13.38 0.87
C ILE A 717 -58.49 -14.08 1.09
N SER A 718 -57.42 -13.57 0.49
CA SER A 718 -56.12 -14.24 0.48
C SER A 718 -55.11 -13.42 1.27
N VAL A 719 -54.32 -14.09 2.10
CA VAL A 719 -53.29 -13.42 2.87
C VAL A 719 -51.93 -13.80 2.30
N THR A 720 -51.11 -12.80 2.03
CA THR A 720 -49.79 -12.97 1.43
C THR A 720 -48.71 -12.49 2.39
N THR A 721 -47.61 -13.23 2.43
CA THR A 721 -46.51 -12.93 3.34
C THR A 721 -45.47 -12.07 2.64
N GLU A 722 -45.14 -10.92 3.25
CA GLU A 722 -44.08 -10.05 2.78
C GLU A 722 -43.07 -9.86 3.89
N ILE A 723 -41.80 -10.21 3.61
CA ILE A 723 -40.75 -10.21 4.63
C ILE A 723 -39.78 -9.08 4.33
N LEU A 724 -39.51 -8.25 5.34
CA LEU A 724 -38.64 -7.10 5.16
C LEU A 724 -37.59 -7.07 6.27
N PRO A 725 -36.31 -7.11 5.93
CA PRO A 725 -35.28 -6.89 6.96
C PRO A 725 -35.40 -5.49 7.55
N VAL A 726 -35.17 -5.40 8.86
CA VAL A 726 -35.33 -4.14 9.57
C VAL A 726 -34.02 -3.73 10.21
N SER A 727 -33.19 -4.71 10.57
CA SER A 727 -31.93 -4.41 11.24
C SER A 727 -30.99 -5.58 11.06
N MET A 728 -29.73 -5.35 11.38
CA MET A 728 -28.70 -6.38 11.35
C MET A 728 -27.90 -6.31 12.63
N THR A 729 -26.93 -7.21 12.77
CA THR A 729 -26.17 -7.30 14.01
C THR A 729 -25.39 -6.01 14.27
N LYS A 730 -25.42 -5.58 15.53
CA LYS A 730 -24.75 -4.33 15.93
C LYS A 730 -23.30 -4.61 16.32
N THR A 731 -22.50 -4.94 15.31
CA THR A 731 -21.08 -5.16 15.55
C THR A 731 -20.36 -3.82 15.67
N SER A 732 -19.47 -3.73 16.66
CA SER A 732 -18.64 -2.53 16.88
C SER A 732 -17.20 -3.02 17.05
N VAL A 733 -16.45 -3.00 15.94
CA VAL A 733 -15.08 -3.51 15.96
C VAL A 733 -14.20 -2.53 16.73
N ASP A 734 -13.45 -3.04 17.69
CA ASP A 734 -12.46 -2.23 18.37
C ASP A 734 -11.28 -2.02 17.42
N CYS A 735 -11.12 -0.78 16.97
CA CYS A 735 -10.20 -0.47 15.87
C CYS A 735 -8.77 -0.89 16.19
N THR A 736 -8.21 -0.32 17.26
CA THR A 736 -6.79 -0.55 17.55
C THR A 736 -6.50 -2.02 17.84
N MET A 737 -7.29 -2.64 18.71
CA MET A 737 -7.09 -4.04 19.03
C MET A 737 -7.22 -4.92 17.79
N TYR A 738 -8.07 -4.53 16.83
CA TYR A 738 -8.15 -5.32 15.61
C TYR A 738 -6.89 -5.15 14.77
N ILE A 739 -6.53 -3.91 14.43
CA ILE A 739 -5.40 -3.70 13.52
C ILE A 739 -4.12 -4.30 14.10
N CYS A 740 -3.94 -4.27 15.41
CA CYS A 740 -2.89 -5.06 16.04
C CYS A 740 -3.08 -5.12 17.54
N GLY A 741 -2.52 -6.17 18.14
CA GLY A 741 -2.83 -6.55 19.51
C GLY A 741 -2.19 -5.68 20.56
N ASP A 742 -1.78 -6.32 21.66
CA ASP A 742 -1.32 -5.63 22.85
C ASP A 742 0.06 -5.01 22.71
N SER A 743 0.71 -5.16 21.55
CA SER A 743 2.04 -4.57 21.37
C SER A 743 1.96 -3.05 21.47
N THR A 744 2.91 -2.46 22.21
CA THR A 744 2.88 -1.02 22.44
C THR A 744 3.57 -0.24 21.32
N GLU A 745 4.70 -0.75 20.80
CA GLU A 745 5.35 -0.09 19.68
C GLU A 745 4.47 -0.13 18.43
N CYS A 746 3.72 -1.21 18.25
CA CYS A 746 2.75 -1.26 17.16
C CYS A 746 1.68 -0.18 17.31
N SER A 747 1.16 0.01 18.52
CA SER A 747 0.19 1.07 18.74
C SER A 747 0.80 2.44 18.46
N ASN A 748 2.04 2.64 18.90
CA ASN A 748 2.73 3.91 18.65
C ASN A 748 2.89 4.16 17.16
N LEU A 749 3.23 3.13 16.40
CA LEU A 749 3.27 3.26 14.94
C LEU A 749 1.90 3.58 14.38
N LEU A 750 0.85 2.99 14.96
CA LEU A 750 -0.51 3.23 14.48
C LEU A 750 -0.94 4.68 14.74
N LEU A 751 -0.40 5.30 15.80
CA LEU A 751 -0.69 6.71 16.04
C LEU A 751 -0.20 7.61 14.90
N GLN A 752 0.73 7.14 14.08
CA GLN A 752 1.17 7.95 12.94
C GLN A 752 0.02 8.22 11.98
N TYR A 753 -0.80 7.21 11.69
CA TYR A 753 -2.06 7.42 11.00
C TYR A 753 -3.00 8.14 11.95
N GLY A 754 -3.28 9.42 11.66
CA GLY A 754 -3.90 10.30 12.63
C GLY A 754 -5.28 9.91 13.12
N SER A 755 -6.28 9.95 12.24
CA SER A 755 -7.67 9.78 12.66
C SER A 755 -8.42 8.70 11.88
N PHE A 756 -7.71 7.82 11.17
CA PHE A 756 -8.40 6.71 10.51
C PHE A 756 -9.10 5.83 11.53
N CYS A 757 -8.44 5.57 12.66
CA CYS A 757 -9.01 4.70 13.68
C CYS A 757 -10.29 5.29 14.25
N THR A 758 -10.27 6.58 14.59
CA THR A 758 -11.46 7.23 15.11
C THR A 758 -12.55 7.31 14.04
N GLN A 759 -12.17 7.51 12.78
CA GLN A 759 -13.15 7.49 11.70
C GLN A 759 -13.90 6.16 11.66
N LEU A 760 -13.15 5.05 11.69
CA LEU A 760 -13.78 3.74 11.61
C LEU A 760 -14.66 3.47 12.83
N ASN A 761 -14.16 3.81 14.02
CA ASN A 761 -14.95 3.60 15.23
C ASN A 761 -16.23 4.41 15.21
N ARG A 762 -16.15 5.67 14.80
CA ARG A 762 -17.33 6.52 14.73
C ARG A 762 -18.32 6.01 13.71
N ALA A 763 -17.82 5.52 12.57
CA ALA A 763 -18.73 4.97 11.55
C ALA A 763 -19.48 3.76 12.09
N LEU A 764 -18.77 2.84 12.76
CA LEU A 764 -19.44 1.66 13.29
C LEU A 764 -20.42 2.02 14.40
N THR A 765 -20.06 2.97 15.27
CA THR A 765 -20.96 3.39 16.32
C THR A 765 -22.21 4.04 15.74
N GLY A 766 -22.06 4.87 14.71
CA GLY A 766 -23.20 5.46 14.05
C GLY A 766 -24.09 4.40 13.40
N ILE A 767 -23.47 3.37 12.82
CA ILE A 767 -24.24 2.27 12.25
C ILE A 767 -25.09 1.61 13.33
N ALA A 768 -24.49 1.29 14.47
CA ALA A 768 -25.24 0.64 15.54
C ALA A 768 -26.37 1.52 16.04
N VAL A 769 -26.09 2.81 16.22
CA VAL A 769 -27.11 3.74 16.70
C VAL A 769 -28.26 3.84 15.71
N GLU A 770 -27.94 3.87 14.42
CA GLU A 770 -29.00 3.98 13.42
C GLU A 770 -29.80 2.68 13.34
N GLN A 771 -29.19 1.52 13.61
CA GLN A 771 -29.98 0.30 13.65
C GLN A 771 -30.92 0.28 14.85
N ASP A 772 -30.47 0.79 15.99
CA ASP A 772 -31.36 0.91 17.15
C ASP A 772 -32.55 1.81 16.81
N LYS A 773 -32.26 3.02 16.31
CA LYS A 773 -33.33 3.93 15.94
C LYS A 773 -34.19 3.36 14.82
N ASN A 774 -33.60 2.49 14.00
CA ASN A 774 -34.31 1.87 12.90
C ASN A 774 -35.37 0.90 13.42
N THR A 775 -34.97 0.00 14.32
CA THR A 775 -35.95 -0.90 14.91
C THR A 775 -37.01 -0.13 15.68
N GLN A 776 -36.60 0.92 16.39
CA GLN A 776 -37.56 1.75 17.11
C GLN A 776 -38.57 2.39 16.16
N GLU A 777 -38.09 2.93 15.03
CA GLU A 777 -38.98 3.55 14.06
C GLU A 777 -39.94 2.54 13.45
N VAL A 778 -39.45 1.34 13.13
CA VAL A 778 -40.29 0.35 12.48
C VAL A 778 -41.37 -0.14 13.43
N PHE A 779 -41.01 -0.50 14.66
CA PHE A 779 -41.94 -1.21 15.53
C PHE A 779 -42.70 -0.31 16.50
N ALA A 780 -42.10 0.78 16.97
CA ALA A 780 -42.77 1.66 17.92
C ALA A 780 -43.67 2.66 17.21
N GLN A 781 -44.58 2.15 16.38
CA GLN A 781 -45.56 3.01 15.71
C GLN A 781 -46.73 3.37 16.60
N VAL A 782 -46.80 2.83 17.81
CA VAL A 782 -47.95 3.03 18.69
C VAL A 782 -47.46 3.62 20.00
N LYS A 783 -48.36 4.34 20.67
CA LYS A 783 -48.04 4.98 21.95
C LYS A 783 -48.44 4.13 23.15
N GLN A 784 -49.64 3.57 23.14
CA GLN A 784 -50.14 2.74 24.21
C GLN A 784 -50.11 1.27 23.80
N ILE A 785 -49.78 0.40 24.75
CA ILE A 785 -49.70 -1.04 24.50
C ILE A 785 -51.12 -1.59 24.60
N TYR A 786 -51.79 -1.74 23.46
CA TYR A 786 -53.16 -2.25 23.48
C TYR A 786 -53.17 -3.76 23.69
N LYS A 787 -54.13 -4.21 24.48
CA LYS A 787 -54.30 -5.64 24.74
C LYS A 787 -55.64 -6.11 24.19
N THR A 788 -55.65 -7.30 23.61
CA THR A 788 -56.86 -7.88 23.07
C THR A 788 -57.81 -8.27 24.21
N PRO A 789 -59.12 -8.27 23.95
CA PRO A 789 -60.06 -8.69 24.99
C PRO A 789 -59.85 -10.15 25.36
N PRO A 790 -60.15 -10.52 26.60
CA PRO A 790 -59.89 -11.90 27.03
C PRO A 790 -60.66 -12.95 26.24
N ILE A 791 -61.87 -12.63 25.79
CA ILE A 791 -62.69 -13.54 25.01
C ILE A 791 -62.54 -13.22 23.53
N LYS A 792 -62.08 -14.19 22.76
CA LYS A 792 -61.82 -14.00 21.33
C LYS A 792 -63.10 -14.34 20.56
N ASP A 793 -64.01 -13.36 20.53
CA ASP A 793 -65.28 -13.48 19.81
C ASP A 793 -65.27 -12.33 18.82
N PHE A 794 -64.78 -12.61 17.61
CA PHE A 794 -64.64 -11.60 16.57
C PHE A 794 -65.54 -11.90 15.37
N GLY A 795 -66.76 -12.38 15.64
CA GLY A 795 -67.71 -12.62 14.57
C GLY A 795 -67.39 -13.78 13.67
N GLY A 796 -66.58 -14.74 14.12
CA GLY A 796 -66.20 -15.89 13.34
C GLY A 796 -64.77 -15.87 12.85
N PHE A 797 -64.14 -14.70 12.82
CA PHE A 797 -62.74 -14.63 12.42
C PHE A 797 -61.86 -15.19 13.53
N ASN A 798 -60.93 -16.07 13.16
CA ASN A 798 -60.08 -16.76 14.12
C ASN A 798 -58.68 -16.16 14.03
N PHE A 799 -58.27 -15.48 15.10
CA PHE A 799 -56.96 -14.86 15.20
C PHE A 799 -55.99 -15.64 16.08
N SER A 800 -56.34 -16.89 16.44
CA SER A 800 -55.48 -17.65 17.33
C SER A 800 -54.11 -17.91 16.71
N GLN A 801 -54.07 -18.19 15.41
CA GLN A 801 -52.81 -18.44 14.74
C GLN A 801 -51.97 -17.19 14.54
N ILE A 802 -52.47 -16.02 14.97
CA ILE A 802 -51.73 -14.77 14.79
C ILE A 802 -51.57 -13.99 16.08
N LEU A 803 -52.34 -14.26 17.13
CA LEU A 803 -52.24 -13.55 18.38
C LEU A 803 -51.30 -14.28 19.33
N PRO A 804 -50.72 -13.56 20.31
CA PRO A 804 -49.78 -14.21 21.23
C PRO A 804 -50.42 -15.34 22.01
N ASP A 805 -49.63 -16.37 22.26
CA ASP A 805 -50.07 -17.53 23.03
C ASP A 805 -49.51 -17.44 24.44
N PRO A 806 -50.34 -17.19 25.46
CA PRO A 806 -49.81 -17.12 26.83
C PRO A 806 -49.24 -18.43 27.34
N SER A 807 -49.60 -19.56 26.74
CA SER A 807 -49.13 -20.85 27.23
C SER A 807 -47.61 -20.97 27.12
N LYS A 808 -47.04 -20.53 26.00
CA LYS A 808 -45.61 -20.61 25.81
C LYS A 808 -44.89 -19.61 26.73
N PRO A 809 -43.63 -19.89 27.09
CA PRO A 809 -42.90 -18.93 27.94
C PRO A 809 -42.75 -17.57 27.28
N SER A 810 -42.22 -17.53 26.06
CA SER A 810 -42.15 -16.28 25.30
C SER A 810 -43.54 -15.91 24.81
N LYS A 811 -43.90 -14.64 24.94
CA LYS A 811 -45.19 -14.16 24.48
C LYS A 811 -45.19 -13.95 22.97
N ARG A 812 -45.08 -15.04 22.21
CA ARG A 812 -44.99 -14.98 20.76
C ARG A 812 -46.11 -15.81 20.14
N SER A 813 -46.62 -15.32 19.01
CA SER A 813 -47.63 -16.03 18.26
C SER A 813 -47.04 -17.30 17.64
N PRO A 814 -47.88 -18.26 17.27
CA PRO A 814 -47.34 -19.46 16.60
C PRO A 814 -46.58 -19.15 15.33
N ILE A 815 -47.05 -18.19 14.53
CA ILE A 815 -46.33 -17.81 13.32
C ILE A 815 -45.01 -17.14 13.68
N GLU A 816 -45.01 -16.33 14.73
CA GLU A 816 -43.76 -15.70 15.16
C GLU A 816 -42.75 -16.74 15.61
N ASP A 817 -43.21 -17.76 16.35
CA ASP A 817 -42.32 -18.83 16.77
C ASP A 817 -41.79 -19.61 15.57
N LEU A 818 -42.66 -19.86 14.60
CA LEU A 818 -42.24 -20.54 13.37
C LEU A 818 -41.14 -19.75 12.66
N LEU A 819 -41.32 -18.43 12.53
CA LEU A 819 -40.30 -17.61 11.88
C LEU A 819 -39.01 -17.59 12.68
N PHE A 820 -39.10 -17.47 14.01
CA PHE A 820 -37.92 -17.45 14.85
C PHE A 820 -37.15 -18.75 14.78
N ASN A 821 -37.86 -19.88 14.66
CA ASN A 821 -37.18 -21.16 14.49
C ASN A 821 -36.56 -21.27 13.10
N LYS A 822 -37.25 -20.78 12.08
CA LYS A 822 -36.72 -20.87 10.72
C LYS A 822 -35.45 -20.05 10.54
N VAL A 823 -35.43 -18.83 11.07
CA VAL A 823 -34.26 -17.97 10.91
C VAL A 823 -33.18 -18.41 11.88
N THR A 824 -31.99 -18.67 11.35
CA THR A 824 -30.87 -19.13 12.17
C THR A 824 -29.77 -18.08 12.25
N LYS A 851 -12.81 -16.22 20.00
CA LYS A 851 -14.02 -15.74 19.34
C LYS A 851 -13.90 -14.27 18.96
N PHE A 852 -13.34 -13.48 19.88
CA PHE A 852 -13.19 -12.04 19.68
C PHE A 852 -11.73 -11.70 19.39
N ASN A 853 -11.50 -11.07 18.24
CA ASN A 853 -10.21 -10.48 17.91
C ASN A 853 -10.19 -8.98 18.12
N GLY A 854 -11.06 -8.48 18.99
CA GLY A 854 -11.31 -7.06 19.10
C GLY A 854 -12.75 -6.77 18.76
N LEU A 855 -13.40 -7.76 18.16
CA LEU A 855 -14.81 -7.67 17.78
C LEU A 855 -15.70 -7.72 19.01
N THR A 856 -16.90 -7.16 18.87
CA THR A 856 -17.94 -7.31 19.87
C THR A 856 -19.28 -6.97 19.23
N VAL A 857 -20.35 -7.59 19.72
CA VAL A 857 -21.69 -7.38 19.20
C VAL A 857 -22.54 -6.79 20.32
N LEU A 858 -22.88 -5.51 20.20
CA LEU A 858 -23.73 -4.89 21.19
C LEU A 858 -25.15 -5.43 21.07
N PRO A 859 -25.78 -5.78 22.19
CA PRO A 859 -27.16 -6.28 22.13
C PRO A 859 -28.12 -5.20 21.66
N PRO A 860 -29.19 -5.57 20.97
CA PRO A 860 -30.15 -4.57 20.52
C PRO A 860 -30.87 -3.91 21.68
N LEU A 861 -31.25 -2.64 21.48
CA LEU A 861 -31.92 -1.90 22.54
C LEU A 861 -33.27 -2.53 22.86
N LEU A 862 -34.03 -2.91 21.85
CA LEU A 862 -35.32 -3.57 22.06
C LEU A 862 -35.11 -5.07 21.91
N THR A 863 -35.34 -5.81 23.01
CA THR A 863 -35.21 -7.25 22.97
C THR A 863 -36.28 -7.86 22.09
N ASP A 864 -36.11 -9.15 21.78
CA ASP A 864 -37.12 -9.85 21.00
C ASP A 864 -38.45 -9.88 21.73
N GLU A 865 -38.43 -10.00 23.07
CA GLU A 865 -39.66 -9.95 23.84
C GLU A 865 -40.36 -8.60 23.69
N MET A 866 -39.60 -7.51 23.75
CA MET A 866 -40.19 -6.18 23.58
C MET A 866 -40.73 -5.98 22.18
N ILE A 867 -40.02 -6.48 21.16
CA ILE A 867 -40.50 -6.34 19.79
C ILE A 867 -41.78 -7.15 19.60
N ALA A 868 -41.84 -8.34 20.20
CA ALA A 868 -43.07 -9.14 20.16
C ALA A 868 -44.20 -8.44 20.89
N GLN A 869 -43.91 -7.77 22.01
CA GLN A 869 -44.93 -6.99 22.69
C GLN A 869 -45.44 -5.84 21.82
N TYR A 870 -44.53 -5.17 21.11
CA TYR A 870 -44.92 -4.09 20.21
C TYR A 870 -45.83 -4.61 19.10
N THR A 871 -45.45 -5.73 18.49
CA THR A 871 -46.28 -6.30 17.43
C THR A 871 -47.62 -6.77 17.97
N SER A 872 -47.63 -7.33 19.18
CA SER A 872 -48.89 -7.73 19.80
C SER A 872 -49.79 -6.54 20.05
N ALA A 873 -49.23 -5.43 20.52
CA ALA A 873 -50.02 -4.22 20.74
C ALA A 873 -50.58 -3.71 19.43
N LEU A 874 -49.76 -3.67 18.38
CA LEU A 874 -50.24 -3.21 17.08
C LEU A 874 -51.35 -4.11 16.56
N LEU A 875 -51.19 -5.42 16.69
CA LEU A 875 -52.17 -6.37 16.18
C LEU A 875 -53.48 -6.27 16.95
N ALA A 876 -53.41 -6.22 18.28
CA ALA A 876 -54.62 -6.10 19.08
C ALA A 876 -55.33 -4.78 18.82
N GLY A 877 -54.58 -3.69 18.70
CA GLY A 877 -55.19 -2.42 18.36
C GLY A 877 -55.87 -2.45 17.02
N THR A 878 -55.23 -3.07 16.01
CA THR A 878 -55.86 -3.18 14.71
C THR A 878 -57.15 -3.99 14.80
N ILE A 879 -57.12 -5.12 15.50
CA ILE A 879 -58.30 -5.98 15.59
C ILE A 879 -59.44 -5.24 16.28
N THR A 880 -59.14 -4.52 17.36
CA THR A 880 -60.19 -3.92 18.17
C THR A 880 -60.67 -2.56 17.67
N SER A 881 -59.87 -1.84 16.89
CA SER A 881 -60.31 -0.51 16.50
C SER A 881 -60.19 -0.23 15.00
N GLY A 882 -59.23 -0.84 14.32
CA GLY A 882 -59.00 -0.55 12.92
C GLY A 882 -57.85 0.43 12.73
N TRP A 883 -58.12 1.54 12.05
CA TRP A 883 -57.12 2.58 11.84
C TRP A 883 -57.20 3.71 12.87
N THR A 884 -58.22 3.70 13.72
CA THR A 884 -58.40 4.81 14.65
C THR A 884 -57.29 4.87 15.69
N PHE A 885 -56.79 3.71 16.13
CA PHE A 885 -55.72 3.71 17.12
C PHE A 885 -54.42 4.29 16.59
N GLY A 886 -54.28 4.44 15.28
CA GLY A 886 -53.12 5.08 14.70
C GLY A 886 -53.41 6.49 14.22
N ALA A 887 -54.68 6.75 13.92
CA ALA A 887 -55.10 8.09 13.50
C ALA A 887 -55.45 8.98 14.68
N GLY A 888 -55.42 8.46 15.90
CA GLY A 888 -55.78 9.22 17.08
C GLY A 888 -55.92 8.32 18.29
N PRO A 889 -57.01 8.48 19.03
CA PRO A 889 -57.26 7.57 20.15
C PRO A 889 -57.99 6.31 19.67
N ALA A 890 -57.87 5.25 20.48
CA ALA A 890 -58.47 3.97 20.10
C ALA A 890 -59.98 4.06 20.19
N LEU A 891 -60.65 3.68 19.10
CA LEU A 891 -62.11 3.70 19.01
C LEU A 891 -62.58 2.28 18.74
N GLN A 892 -63.19 1.65 19.76
CA GLN A 892 -63.63 0.28 19.62
C GLN A 892 -64.70 0.17 18.54
N ILE A 893 -64.68 -0.97 17.84
CA ILE A 893 -65.64 -1.25 16.78
C ILE A 893 -65.68 -2.76 16.57
N PRO A 894 -66.85 -3.36 16.40
CA PRO A 894 -66.90 -4.80 16.13
C PRO A 894 -66.12 -5.15 14.87
N PHE A 895 -65.44 -6.29 14.90
CA PHE A 895 -64.63 -6.67 13.75
C PHE A 895 -65.42 -6.87 12.47
N PRO A 896 -66.62 -7.47 12.46
CA PRO A 896 -67.39 -7.47 11.21
C PRO A 896 -67.65 -6.08 10.68
N MET A 897 -67.91 -5.11 11.56
CA MET A 897 -68.13 -3.74 11.11
C MET A 897 -66.86 -3.10 10.59
N GLN A 898 -65.71 -3.41 11.21
CA GLN A 898 -64.44 -2.90 10.70
C GLN A 898 -64.14 -3.47 9.32
N MET A 899 -64.38 -4.77 9.14
CA MET A 899 -64.19 -5.37 7.82
C MET A 899 -65.19 -4.81 6.81
N ALA A 900 -66.39 -4.43 7.26
CA ALA A 900 -67.31 -3.75 6.36
C ALA A 900 -66.79 -2.37 5.98
N TYR A 901 -66.14 -1.69 6.91
CA TYR A 901 -65.45 -0.44 6.60
C TYR A 901 -64.43 -0.66 5.50
N ARG A 902 -63.64 -1.73 5.65
CA ARG A 902 -62.61 -2.04 4.64
C ARG A 902 -63.24 -2.35 3.29
N PHE A 903 -64.32 -3.14 3.28
CA PHE A 903 -64.99 -3.44 2.03
C PHE A 903 -65.52 -2.18 1.36
N ASN A 904 -66.16 -1.30 2.13
CA ASN A 904 -66.60 -0.03 1.56
C ASN A 904 -65.41 0.80 1.09
N GLY A 905 -64.24 0.59 1.69
CA GLY A 905 -63.04 1.26 1.22
C GLY A 905 -62.60 0.76 -0.14
N ILE A 906 -62.71 -0.55 -0.39
CA ILE A 906 -62.28 -1.10 -1.67
C ILE A 906 -63.39 -0.99 -2.71
N GLY A 907 -64.46 -0.30 -2.36
CA GLY A 907 -65.54 -0.05 -3.30
C GLY A 907 -66.64 -1.09 -3.33
N VAL A 908 -66.65 -2.04 -2.40
CA VAL A 908 -67.69 -3.05 -2.32
C VAL A 908 -68.60 -2.70 -1.14
N THR A 909 -69.91 -2.70 -1.38
CA THR A 909 -70.85 -2.27 -0.37
C THR A 909 -70.84 -3.22 0.83
N GLN A 910 -71.38 -2.73 1.94
CA GLN A 910 -71.33 -3.47 3.21
C GLN A 910 -72.22 -4.70 3.19
N ASN A 911 -73.25 -4.72 2.35
CA ASN A 911 -74.16 -5.85 2.31
C ASN A 911 -73.44 -7.13 1.89
N VAL A 912 -72.38 -7.02 1.11
CA VAL A 912 -71.63 -8.20 0.69
C VAL A 912 -71.03 -8.90 1.90
N LEU A 913 -70.36 -8.15 2.76
CA LEU A 913 -69.90 -8.72 4.03
C LEU A 913 -71.05 -9.22 4.88
N TYR A 914 -72.05 -8.36 5.10
CA TYR A 914 -73.08 -8.71 6.08
C TYR A 914 -73.97 -9.86 5.62
N GLU A 915 -73.87 -10.27 4.35
CA GLU A 915 -74.53 -11.46 3.86
C GLU A 915 -73.58 -12.62 3.57
N ASN A 916 -72.26 -12.37 3.55
CA ASN A 916 -71.27 -13.43 3.38
C ASN A 916 -70.28 -13.46 4.52
N GLN A 917 -70.75 -13.16 5.75
CA GLN A 917 -69.85 -13.02 6.88
C GLN A 917 -69.16 -14.33 7.21
N LYS A 918 -69.93 -15.42 7.31
CA LYS A 918 -69.34 -16.71 7.67
C LYS A 918 -68.42 -17.21 6.56
N LEU A 919 -68.79 -16.97 5.31
CA LEU A 919 -67.95 -17.39 4.18
C LEU A 919 -66.61 -16.66 4.23
N ILE A 920 -66.64 -15.34 4.45
CA ILE A 920 -65.39 -14.58 4.48
C ILE A 920 -64.56 -14.94 5.70
N ALA A 921 -65.21 -15.20 6.84
CA ALA A 921 -64.46 -15.63 8.02
C ALA A 921 -63.76 -16.97 7.77
N ASN A 922 -64.48 -17.92 7.16
CA ASN A 922 -63.86 -19.20 6.85
C ASN A 922 -62.71 -19.05 5.87
N GLN A 923 -62.89 -18.20 4.85
CA GLN A 923 -61.81 -17.97 3.90
C GLN A 923 -60.59 -17.36 4.57
N PHE A 924 -60.81 -16.40 5.47
CA PHE A 924 -59.69 -15.77 6.18
C PHE A 924 -58.97 -16.78 7.07
N ASN A 925 -59.72 -17.61 7.79
CA ASN A 925 -59.09 -18.62 8.63
C ASN A 925 -58.28 -19.62 7.81
N SER A 926 -58.86 -20.08 6.69
CA SER A 926 -58.14 -21.02 5.83
C SER A 926 -56.89 -20.37 5.24
N ALA A 927 -56.97 -19.11 4.86
CA ALA A 927 -55.80 -18.42 4.32
C ALA A 927 -54.71 -18.28 5.37
N ILE A 928 -55.08 -17.96 6.61
CA ILE A 928 -54.08 -17.87 7.67
C ILE A 928 -53.42 -19.22 7.90
N GLY A 929 -54.22 -20.29 7.94
CA GLY A 929 -53.66 -21.62 8.09
C GLY A 929 -52.73 -22.00 6.95
N LYS A 930 -53.10 -21.64 5.73
CA LYS A 930 -52.25 -21.93 4.58
C LYS A 930 -50.95 -21.16 4.63
N ILE A 931 -50.99 -19.91 5.09
CA ILE A 931 -49.76 -19.13 5.26
C ILE A 931 -48.86 -19.79 6.29
N GLN A 932 -49.45 -20.23 7.40
CA GLN A 932 -48.65 -20.93 8.41
C GLN A 932 -48.02 -22.19 7.84
N ASP A 933 -48.78 -22.98 7.08
CA ASP A 933 -48.25 -24.20 6.50
C ASP A 933 -47.14 -23.92 5.50
N SER A 934 -47.32 -22.89 4.66
CA SER A 934 -46.30 -22.56 3.67
C SER A 934 -45.02 -22.08 4.35
N LEU A 935 -45.14 -21.26 5.39
CA LEU A 935 -43.95 -20.82 6.11
C LEU A 935 -43.25 -21.99 6.78
N SER A 936 -44.03 -22.93 7.34
CA SER A 936 -43.42 -24.11 7.96
C SER A 936 -42.71 -24.98 6.94
N SER A 937 -43.30 -25.16 5.76
CA SER A 937 -42.76 -26.11 4.79
C SER A 937 -41.60 -25.51 4.00
N THR A 938 -41.82 -24.40 3.33
CA THR A 938 -40.80 -23.85 2.44
C THR A 938 -39.62 -23.31 3.24
N PRO A 939 -38.39 -23.82 3.02
CA PRO A 939 -37.26 -23.37 3.82
C PRO A 939 -36.66 -22.05 3.33
N SER A 940 -36.94 -21.70 2.07
CA SER A 940 -36.42 -20.49 1.46
C SER A 940 -37.36 -19.31 1.63
N ALA A 941 -38.38 -19.44 2.48
CA ALA A 941 -39.32 -18.33 2.69
C ALA A 941 -38.64 -17.13 3.33
N LEU A 942 -37.79 -17.38 4.33
CA LEU A 942 -37.11 -16.29 5.05
C LEU A 942 -35.81 -15.90 4.34
N GLY A 943 -35.93 -15.70 3.03
CA GLY A 943 -34.74 -15.49 2.21
C GLY A 943 -34.02 -14.19 2.53
N LYS A 944 -34.77 -13.11 2.70
CA LYS A 944 -34.15 -11.81 2.91
C LYS A 944 -33.42 -11.74 4.25
N LEU A 945 -34.08 -12.18 5.32
CA LEU A 945 -33.43 -12.16 6.63
C LEU A 945 -32.25 -13.12 6.67
N GLN A 946 -32.41 -14.32 6.11
CA GLN A 946 -31.30 -15.26 6.08
C GLN A 946 -30.13 -14.70 5.29
N ASP A 947 -30.41 -14.04 4.17
CA ASP A 947 -29.35 -13.45 3.35
C ASP A 947 -28.62 -12.35 4.10
N VAL A 948 -29.35 -11.49 4.82
CA VAL A 948 -28.68 -10.40 5.54
C VAL A 948 -27.82 -10.96 6.68
N VAL A 949 -28.33 -11.97 7.39
CA VAL A 949 -27.55 -12.57 8.47
C VAL A 949 -26.30 -13.24 7.90
N ASN A 950 -26.44 -13.97 6.80
CA ASN A 950 -25.29 -14.62 6.19
C ASN A 950 -24.28 -13.61 5.67
N GLN A 951 -24.75 -12.50 5.11
CA GLN A 951 -23.82 -11.48 4.63
C GLN A 951 -23.03 -10.85 5.78
N ASN A 952 -23.70 -10.55 6.89
CA ASN A 952 -22.97 -10.00 8.04
C ASN A 952 -21.97 -11.00 8.59
N ALA A 953 -22.37 -12.27 8.71
CA ALA A 953 -21.47 -13.30 9.21
C ALA A 953 -20.28 -13.48 8.28
N GLN A 954 -20.52 -13.45 6.96
CA GLN A 954 -19.43 -13.59 6.01
C GLN A 954 -18.47 -12.42 6.09
N ALA A 955 -19.00 -11.20 6.24
CA ALA A 955 -18.13 -10.04 6.38
C ALA A 955 -17.25 -10.15 7.62
N LEU A 956 -17.85 -10.55 8.75
CA LEU A 956 -17.05 -10.70 9.97
C LEU A 956 -16.00 -11.80 9.81
N ASN A 957 -16.38 -12.93 9.20
CA ASN A 957 -15.44 -14.02 9.01
C ASN A 957 -14.28 -13.61 8.13
N THR A 958 -14.55 -12.91 7.02
CA THR A 958 -13.49 -12.45 6.15
C THR A 958 -12.59 -11.45 6.87
N LEU A 959 -13.18 -10.54 7.64
CA LEU A 959 -12.39 -9.57 8.39
C LEU A 959 -11.44 -10.28 9.36
N VAL A 960 -11.92 -11.34 10.01
CA VAL A 960 -11.05 -12.08 10.91
C VAL A 960 -9.98 -12.83 10.13
N LYS A 961 -10.35 -13.43 8.99
CA LYS A 961 -9.38 -14.18 8.20
C LYS A 961 -8.28 -13.28 7.65
N GLN A 962 -8.55 -11.98 7.53
CA GLN A 962 -7.53 -11.06 7.03
C GLN A 962 -6.32 -10.98 7.96
N LEU A 963 -6.46 -11.41 9.22
CA LEU A 963 -5.31 -11.39 10.13
C LEU A 963 -4.22 -12.35 9.65
N SER A 964 -4.59 -13.54 9.19
CA SER A 964 -3.61 -14.51 8.76
C SER A 964 -2.87 -14.09 7.49
N SER A 965 -3.34 -13.06 6.80
CA SER A 965 -2.67 -12.59 5.61
C SER A 965 -1.34 -11.93 5.96
N ASN A 966 -0.30 -12.26 5.19
CA ASN A 966 0.99 -11.61 5.41
C ASN A 966 1.00 -10.15 4.94
N PHE A 967 0.23 -9.85 3.88
CA PHE A 967 0.23 -8.54 3.24
C PHE A 967 1.63 -8.15 2.76
N GLY A 968 2.41 -9.16 2.35
CA GLY A 968 3.77 -8.99 1.92
C GLY A 968 4.82 -9.07 3.02
N ALA A 969 4.42 -9.16 4.28
CA ALA A 969 5.37 -9.16 5.39
C ALA A 969 5.97 -10.54 5.57
N ILE A 970 7.01 -10.61 6.42
CA ILE A 970 7.70 -11.87 6.67
C ILE A 970 6.77 -12.86 7.36
N SER A 971 5.90 -12.36 8.25
CA SER A 971 4.94 -13.20 8.93
C SER A 971 3.68 -12.38 9.20
N SER A 972 2.62 -13.09 9.56
CA SER A 972 1.33 -12.47 9.83
C SER A 972 1.06 -12.30 11.32
N VAL A 973 2.08 -12.45 12.16
CA VAL A 973 1.92 -12.38 13.61
C VAL A 973 2.75 -11.21 14.12
N LEU A 974 2.11 -10.34 14.92
CA LEU A 974 2.80 -9.20 15.49
C LEU A 974 3.96 -9.65 16.37
N ASN A 975 3.72 -10.64 17.23
CA ASN A 975 4.78 -11.13 18.10
C ASN A 975 5.90 -11.78 17.31
N ASP A 976 5.55 -12.52 16.25
CA ASP A 976 6.57 -13.16 15.42
C ASP A 976 7.45 -12.14 14.71
N ILE A 977 6.85 -11.05 14.22
CA ILE A 977 7.66 -10.01 13.58
C ILE A 977 8.50 -9.28 14.62
N LEU A 978 7.92 -9.00 15.79
CA LEU A 978 8.66 -8.29 16.84
C LEU A 978 9.88 -9.09 17.28
N SER A 979 9.71 -10.38 17.51
CA SER A 979 10.85 -11.24 17.76
C SER A 979 11.57 -11.55 16.46
N ARG A 980 12.82 -12.01 16.60
CA ARG A 980 13.64 -12.47 15.47
C ARG A 980 14.09 -11.32 14.59
N LEU A 981 13.58 -10.12 14.83
CA LEU A 981 13.89 -8.97 13.99
C LEU A 981 14.21 -7.77 14.88
N ASP A 982 15.21 -7.00 14.46
CA ASP A 982 15.63 -5.81 15.19
C ASP A 982 14.77 -4.63 14.78
N PRO A 983 14.59 -3.65 15.66
CA PRO A 983 13.60 -2.57 15.42
C PRO A 983 13.82 -1.83 14.10
N PRO A 984 15.05 -1.58 13.64
CA PRO A 984 15.20 -0.84 12.37
C PRO A 984 14.42 -1.41 11.19
N GLU A 985 14.30 -2.73 11.09
CA GLU A 985 13.45 -3.33 10.05
C GLU A 985 12.10 -3.78 10.58
N ALA A 986 12.00 -4.06 11.89
CA ALA A 986 10.70 -4.37 12.47
C ALA A 986 9.73 -3.20 12.29
N GLU A 987 10.25 -1.98 12.28
CA GLU A 987 9.41 -0.81 12.06
C GLU A 987 8.71 -0.89 10.71
N VAL A 988 9.47 -1.10 9.63
CA VAL A 988 8.88 -1.13 8.30
C VAL A 988 7.97 -2.35 8.15
N GLN A 989 8.34 -3.48 8.76
CA GLN A 989 7.49 -4.66 8.66
C GLN A 989 6.15 -4.42 9.35
N ILE A 990 6.18 -3.79 10.53
CA ILE A 990 4.94 -3.45 11.22
C ILE A 990 4.16 -2.42 10.43
N ASP A 991 4.84 -1.46 9.80
CA ASP A 991 4.12 -0.49 8.98
C ASP A 991 3.39 -1.16 7.83
N ARG A 992 4.03 -2.13 7.16
CA ARG A 992 3.40 -2.82 6.04
C ARG A 992 2.23 -3.69 6.51
N LEU A 993 2.42 -4.44 7.61
CA LEU A 993 1.32 -5.24 8.12
C LEU A 993 0.17 -4.36 8.59
N ILE A 994 0.48 -3.18 9.13
CA ILE A 994 -0.55 -2.26 9.61
C ILE A 994 -1.32 -1.66 8.45
N THR A 995 -0.64 -1.28 7.36
CA THR A 995 -1.40 -0.74 6.23
C THR A 995 -2.26 -1.83 5.58
N GLY A 996 -1.77 -3.08 5.56
CA GLY A 996 -2.62 -4.16 5.07
C GLY A 996 -3.86 -4.36 5.93
N ARG A 997 -3.69 -4.40 7.25
CA ARG A 997 -4.83 -4.62 8.13
C ARG A 997 -5.76 -3.42 8.16
N LEU A 998 -5.20 -2.21 8.01
CA LEU A 998 -6.02 -1.01 7.94
C LEU A 998 -6.81 -0.96 6.65
N GLN A 999 -6.23 -1.41 5.53
CA GLN A 999 -6.98 -1.54 4.30
C GLN A 999 -8.10 -2.55 4.46
N SER A 1000 -7.82 -3.67 5.14
CA SER A 1000 -8.87 -4.66 5.40
C SER A 1000 -10.01 -4.06 6.22
N LEU A 1001 -9.68 -3.34 7.29
CA LEU A 1001 -10.70 -2.75 8.15
C LEU A 1001 -11.48 -1.65 7.41
N GLN A 1002 -10.78 -0.86 6.60
CA GLN A 1002 -11.45 0.17 5.82
C GLN A 1002 -12.43 -0.43 4.82
N THR A 1003 -12.02 -1.50 4.15
CA THR A 1003 -12.93 -2.19 3.24
C THR A 1003 -14.12 -2.77 4.00
N TYR A 1004 -13.86 -3.36 5.18
CA TYR A 1004 -14.95 -3.92 5.98
C TYR A 1004 -15.96 -2.84 6.36
N VAL A 1005 -15.48 -1.70 6.86
CA VAL A 1005 -16.41 -0.65 7.29
C VAL A 1005 -17.09 -0.01 6.10
N THR A 1006 -16.44 0.03 4.94
CA THR A 1006 -17.11 0.57 3.75
C THR A 1006 -18.24 -0.34 3.31
N GLN A 1007 -18.00 -1.64 3.23
CA GLN A 1007 -19.07 -2.58 2.87
C GLN A 1007 -20.16 -2.57 3.93
N GLN A 1008 -19.79 -2.42 5.21
CA GLN A 1008 -20.77 -2.33 6.26
C GLN A 1008 -21.63 -1.08 6.13
N LEU A 1009 -21.03 0.05 5.73
CA LEU A 1009 -21.81 1.25 5.49
C LEU A 1009 -22.76 1.07 4.31
N ILE A 1010 -22.30 0.41 3.25
CA ILE A 1010 -23.17 0.13 2.11
C ILE A 1010 -24.36 -0.71 2.55
N ARG A 1011 -24.09 -1.80 3.28
CA ARG A 1011 -25.16 -2.68 3.71
C ARG A 1011 -26.07 -2.00 4.73
N ALA A 1012 -25.52 -1.11 5.56
CA ALA A 1012 -26.34 -0.37 6.51
C ALA A 1012 -27.26 0.60 5.79
N ALA A 1013 -26.78 1.25 4.73
CA ALA A 1013 -27.66 2.11 3.94
C ALA A 1013 -28.75 1.30 3.26
N GLU A 1014 -28.40 0.12 2.73
CA GLU A 1014 -29.41 -0.73 2.11
C GLU A 1014 -30.46 -1.18 3.13
N ILE A 1015 -30.02 -1.56 4.33
CA ILE A 1015 -30.94 -1.95 5.39
C ILE A 1015 -31.79 -0.78 5.84
N ARG A 1016 -31.20 0.42 5.88
CA ARG A 1016 -31.97 1.61 6.23
C ARG A 1016 -33.07 1.86 5.22
N ALA A 1017 -32.77 1.71 3.93
CA ALA A 1017 -33.80 1.88 2.91
C ALA A 1017 -34.89 0.81 3.04
N SER A 1018 -34.48 -0.45 3.23
CA SER A 1018 -35.45 -1.54 3.34
C SER A 1018 -36.35 -1.35 4.56
N ALA A 1019 -35.77 -0.89 5.66
CA ALA A 1019 -36.53 -0.67 6.89
C ALA A 1019 -37.36 0.60 6.88
N ASN A 1020 -36.95 1.63 6.14
CA ASN A 1020 -37.85 2.75 5.88
C ASN A 1020 -39.05 2.28 5.09
N LEU A 1021 -38.83 1.41 4.11
CA LEU A 1021 -39.95 0.78 3.41
C LEU A 1021 -40.81 -0.02 4.37
N ALA A 1022 -40.18 -0.76 5.29
CA ALA A 1022 -40.95 -1.54 6.27
C ALA A 1022 -41.79 -0.64 7.17
N ALA A 1023 -41.22 0.47 7.64
CA ALA A 1023 -41.95 1.38 8.51
C ALA A 1023 -43.11 2.04 7.77
N THR A 1024 -42.88 2.51 6.55
CA THR A 1024 -43.98 3.12 5.82
C THR A 1024 -45.03 2.09 5.43
N LYS A 1025 -44.63 0.85 5.17
CA LYS A 1025 -45.58 -0.23 4.92
C LYS A 1025 -46.42 -0.49 6.17
N MET A 1026 -45.78 -0.53 7.33
CA MET A 1026 -46.53 -0.66 8.58
C MET A 1026 -47.56 0.45 8.70
N SER A 1027 -47.11 1.70 8.55
CA SER A 1027 -47.99 2.85 8.75
C SER A 1027 -49.16 2.83 7.78
N GLU A 1028 -48.92 2.48 6.51
CA GLU A 1028 -49.97 2.56 5.52
C GLU A 1028 -50.77 1.28 5.33
N CYS A 1029 -50.37 0.17 5.94
CA CYS A 1029 -51.07 -1.09 5.77
C CYS A 1029 -51.73 -1.59 7.04
N VAL A 1030 -51.03 -1.60 8.19
CA VAL A 1030 -51.67 -2.09 9.40
C VAL A 1030 -52.25 -0.95 10.22
N LEU A 1031 -51.59 0.21 10.25
CA LEU A 1031 -52.16 1.37 10.91
C LEU A 1031 -53.36 1.95 10.15
N GLY A 1032 -53.60 1.49 8.93
CA GLY A 1032 -54.74 1.95 8.17
C GLY A 1032 -54.79 1.24 6.84
N GLN A 1033 -55.94 1.35 6.18
CA GLN A 1033 -56.12 0.74 4.87
C GLN A 1033 -55.46 1.57 3.80
N SER A 1034 -54.88 0.90 2.81
CA SER A 1034 -54.13 1.55 1.74
C SER A 1034 -54.85 1.34 0.41
N LYS A 1035 -55.15 2.44 -0.27
CA LYS A 1035 -55.61 2.41 -1.65
C LYS A 1035 -54.46 2.43 -2.63
N ARG A 1036 -53.23 2.40 -2.14
CA ARG A 1036 -52.02 2.44 -2.96
C ARG A 1036 -51.84 1.07 -3.60
N VAL A 1037 -51.94 1.02 -4.93
CA VAL A 1037 -52.07 -0.24 -5.64
C VAL A 1037 -50.79 -1.07 -5.50
N ASP A 1038 -50.97 -2.36 -5.21
CA ASP A 1038 -49.89 -3.34 -5.18
C ASP A 1038 -48.81 -2.98 -4.16
N PHE A 1039 -49.19 -2.26 -3.10
CA PHE A 1039 -48.27 -1.94 -2.01
C PHE A 1039 -48.37 -2.92 -0.87
N CYS A 1040 -49.58 -3.11 -0.32
CA CYS A 1040 -49.81 -4.08 0.75
C CYS A 1040 -50.38 -5.35 0.12
N GLY A 1041 -49.52 -6.09 -0.56
CA GLY A 1041 -49.93 -7.35 -1.16
C GLY A 1041 -50.70 -7.21 -2.46
N LYS A 1042 -50.67 -8.23 -3.29
CA LYS A 1042 -51.37 -8.19 -4.57
C LYS A 1042 -52.87 -8.37 -4.35
N GLY A 1043 -53.67 -7.60 -5.07
CA GLY A 1043 -55.10 -7.57 -4.89
C GLY A 1043 -55.54 -6.31 -4.17
N TYR A 1044 -56.86 -6.17 -4.01
CA TYR A 1044 -57.36 -5.03 -3.26
C TYR A 1044 -56.99 -5.19 -1.79
N HIS A 1045 -56.55 -4.11 -1.17
CA HIS A 1045 -56.02 -4.21 0.20
C HIS A 1045 -57.14 -4.05 1.22
N LEU A 1046 -57.15 -4.96 2.20
CA LEU A 1046 -58.09 -4.93 3.31
C LEU A 1046 -57.43 -4.66 4.64
N MET A 1047 -56.50 -5.51 5.05
CA MET A 1047 -55.86 -5.40 6.36
C MET A 1047 -54.41 -5.84 6.23
N SER A 1048 -53.65 -5.67 7.31
CA SER A 1048 -52.29 -6.17 7.38
C SER A 1048 -51.97 -6.49 8.84
N PHE A 1049 -51.06 -7.43 9.02
CA PHE A 1049 -50.74 -7.87 10.38
C PHE A 1049 -49.22 -8.01 10.54
N PRO A 1050 -48.61 -7.21 11.41
CA PRO A 1050 -47.15 -7.32 11.60
C PRO A 1050 -46.81 -8.46 12.54
N GLN A 1051 -45.75 -9.20 12.17
CA GLN A 1051 -45.24 -10.29 13.00
C GLN A 1051 -43.73 -10.16 13.02
N SER A 1052 -43.15 -10.05 14.22
CA SER A 1052 -41.71 -9.90 14.33
C SER A 1052 -41.00 -11.18 13.91
N ALA A 1053 -39.83 -11.03 13.30
CA ALA A 1053 -38.96 -12.12 12.92
C ALA A 1053 -37.54 -11.70 13.26
N PRO A 1054 -36.62 -12.65 13.43
CA PRO A 1054 -35.25 -12.28 13.78
C PRO A 1054 -34.65 -11.27 12.82
N HIS A 1055 -34.42 -10.06 13.32
CA HIS A 1055 -33.87 -8.95 12.54
C HIS A 1055 -34.75 -8.64 11.32
N GLY A 1056 -36.06 -8.60 11.53
CA GLY A 1056 -36.95 -8.24 10.44
C GLY A 1056 -38.41 -8.31 10.85
N VAL A 1057 -39.26 -8.00 9.88
CA VAL A 1057 -40.70 -7.99 10.09
C VAL A 1057 -41.35 -8.79 8.96
N VAL A 1058 -42.53 -9.34 9.24
CA VAL A 1058 -43.30 -10.10 8.29
C VAL A 1058 -44.74 -9.59 8.31
N PHE A 1059 -45.21 -9.11 7.18
CA PHE A 1059 -46.56 -8.61 7.04
C PHE A 1059 -47.44 -9.67 6.38
N LEU A 1060 -48.60 -9.92 6.97
CA LEU A 1060 -49.60 -10.82 6.39
C LEU A 1060 -50.67 -9.94 5.76
N HIS A 1061 -50.40 -9.50 4.53
CA HIS A 1061 -51.31 -8.61 3.81
C HIS A 1061 -52.57 -9.39 3.45
N VAL A 1062 -53.70 -8.98 4.01
CA VAL A 1062 -55.00 -9.56 3.68
C VAL A 1062 -55.56 -8.80 2.49
N THR A 1063 -55.93 -9.51 1.43
CA THR A 1063 -56.38 -8.88 0.20
C THR A 1063 -57.65 -9.55 -0.31
N TYR A 1064 -58.46 -8.74 -0.98
CA TYR A 1064 -59.68 -9.17 -1.65
C TYR A 1064 -59.37 -9.31 -3.13
N VAL A 1065 -59.66 -10.49 -3.69
CA VAL A 1065 -59.36 -10.79 -5.08
C VAL A 1065 -60.64 -11.30 -5.75
N PRO A 1066 -61.10 -10.69 -6.85
CA PRO A 1066 -62.25 -11.24 -7.57
C PRO A 1066 -61.95 -12.65 -8.08
N ALA A 1067 -62.97 -13.50 -8.04
CA ALA A 1067 -62.77 -14.93 -8.28
C ALA A 1067 -63.46 -15.44 -9.53
N GLN A 1068 -64.78 -15.28 -9.64
CA GLN A 1068 -65.57 -15.94 -10.69
C GLN A 1068 -66.19 -14.89 -11.60
N GLU A 1069 -65.58 -14.69 -12.76
CA GLU A 1069 -66.05 -13.67 -13.69
C GLU A 1069 -67.28 -14.14 -14.45
N LYS A 1070 -68.18 -13.20 -14.72
CA LYS A 1070 -69.27 -13.39 -15.66
C LYS A 1070 -69.33 -12.17 -16.55
N ASN A 1071 -69.44 -12.37 -17.85
CA ASN A 1071 -69.37 -11.27 -18.82
C ASN A 1071 -70.75 -10.98 -19.39
N PHE A 1072 -71.12 -9.71 -19.39
CA PHE A 1072 -72.41 -9.21 -19.83
C PHE A 1072 -72.21 -8.12 -20.88
N THR A 1073 -73.32 -7.67 -21.46
CA THR A 1073 -73.32 -6.57 -22.41
C THR A 1073 -73.58 -5.28 -21.66
N THR A 1074 -72.69 -4.31 -21.83
CA THR A 1074 -72.73 -3.06 -21.09
C THR A 1074 -73.00 -1.89 -22.02
N ALA A 1075 -73.56 -0.82 -21.46
CA ALA A 1075 -73.85 0.40 -22.20
C ALA A 1075 -73.40 1.60 -21.39
N PRO A 1076 -72.91 2.65 -22.05
CA PRO A 1076 -72.51 3.86 -21.29
C PRO A 1076 -73.65 4.52 -20.54
N ALA A 1077 -74.87 4.52 -21.08
CA ALA A 1077 -75.98 5.20 -20.45
C ALA A 1077 -77.28 4.51 -20.85
N ILE A 1078 -78.40 5.04 -20.36
CA ILE A 1078 -79.72 4.50 -20.65
C ILE A 1078 -80.60 5.62 -21.17
N CYS A 1079 -81.29 5.38 -22.28
CA CYS A 1079 -82.18 6.39 -22.87
C CYS A 1079 -83.60 6.07 -22.45
N HIS A 1080 -84.08 6.76 -21.42
CA HIS A 1080 -85.42 6.50 -20.90
C HIS A 1080 -86.49 7.27 -21.66
N ASP A 1081 -86.44 8.60 -21.59
CA ASP A 1081 -87.45 9.47 -22.20
C ASP A 1081 -86.78 10.62 -22.93
N GLY A 1082 -85.72 10.30 -23.69
CA GLY A 1082 -84.95 11.32 -24.36
C GLY A 1082 -83.88 11.97 -23.51
N LYS A 1083 -83.70 11.52 -22.27
CA LYS A 1083 -82.68 12.04 -21.38
C LYS A 1083 -81.79 10.90 -20.92
N ALA A 1084 -80.49 11.06 -21.09
CA ALA A 1084 -79.55 10.00 -20.76
C ALA A 1084 -79.41 9.84 -19.25
N HIS A 1085 -79.37 8.59 -18.81
CA HIS A 1085 -79.18 8.24 -17.40
C HIS A 1085 -77.85 7.52 -17.26
N PHE A 1086 -77.02 7.98 -16.32
CA PHE A 1086 -75.73 7.41 -16.02
C PHE A 1086 -75.73 6.82 -14.62
N PRO A 1087 -74.97 5.76 -14.37
CA PRO A 1087 -75.00 5.12 -13.04
C PRO A 1087 -74.33 6.00 -12.00
N ARG A 1088 -74.99 6.16 -10.85
CA ARG A 1088 -74.38 6.86 -9.73
C ARG A 1088 -73.18 6.09 -9.19
N GLU A 1089 -73.37 4.80 -8.93
CA GLU A 1089 -72.28 3.90 -8.56
C GLU A 1089 -72.49 2.59 -9.31
N GLY A 1090 -71.44 2.10 -9.95
CA GLY A 1090 -71.52 0.88 -10.71
C GLY A 1090 -71.70 1.11 -12.19
N VAL A 1091 -72.09 0.05 -12.89
CA VAL A 1091 -72.23 0.05 -14.34
C VAL A 1091 -73.54 -0.63 -14.71
N PHE A 1092 -73.94 -0.41 -15.96
CA PHE A 1092 -75.10 -1.04 -16.56
C PHE A 1092 -74.67 -2.33 -17.23
N VAL A 1093 -75.35 -3.43 -16.92
CA VAL A 1093 -75.09 -4.72 -17.56
C VAL A 1093 -76.42 -5.32 -17.99
N SER A 1094 -76.34 -6.42 -18.73
CA SER A 1094 -77.53 -7.11 -19.19
C SER A 1094 -77.21 -8.58 -19.35
N ASN A 1095 -78.11 -9.43 -18.86
CA ASN A 1095 -77.98 -10.88 -19.02
C ASN A 1095 -78.54 -11.38 -20.33
N GLY A 1096 -79.00 -10.48 -21.20
CA GLY A 1096 -79.50 -10.86 -22.50
C GLY A 1096 -80.84 -10.22 -22.85
N THR A 1097 -81.69 -10.05 -21.85
CA THR A 1097 -83.02 -9.47 -22.06
C THR A 1097 -83.25 -8.22 -21.22
N HIS A 1098 -82.91 -8.25 -19.94
CA HIS A 1098 -83.17 -7.13 -19.04
C HIS A 1098 -81.86 -6.42 -18.71
N TRP A 1099 -81.96 -5.12 -18.43
CA TRP A 1099 -80.81 -4.31 -18.07
C TRP A 1099 -80.84 -4.04 -16.57
N PHE A 1100 -79.71 -4.24 -15.91
CA PHE A 1100 -79.57 -4.02 -14.48
C PHE A 1100 -78.38 -3.09 -14.23
N VAL A 1101 -78.36 -2.49 -13.04
CA VAL A 1101 -77.23 -1.70 -12.58
C VAL A 1101 -76.59 -2.44 -11.41
N THR A 1102 -75.27 -2.58 -11.46
CA THR A 1102 -74.54 -3.32 -10.44
C THR A 1102 -73.32 -2.52 -10.00
N GLN A 1103 -72.79 -2.88 -8.84
CA GLN A 1103 -71.51 -2.31 -8.44
C GLN A 1103 -70.39 -2.87 -9.32
N ARG A 1104 -69.30 -2.12 -9.42
CA ARG A 1104 -68.24 -2.48 -10.35
C ARG A 1104 -67.50 -3.75 -9.94
N ASN A 1105 -67.28 -3.95 -8.65
CA ASN A 1105 -66.43 -5.03 -8.17
C ASN A 1105 -67.21 -6.24 -7.67
N PHE A 1106 -68.53 -6.27 -7.88
CA PHE A 1106 -69.33 -7.40 -7.44
C PHE A 1106 -70.60 -7.44 -8.26
N TYR A 1107 -71.12 -8.64 -8.50
CA TYR A 1107 -72.34 -8.81 -9.28
C TYR A 1107 -73.54 -8.78 -8.34
N GLU A 1108 -74.11 -7.59 -8.16
CA GLU A 1108 -75.32 -7.40 -7.35
C GLU A 1108 -76.35 -6.65 -8.19
N PRO A 1109 -76.98 -7.32 -9.14
CA PRO A 1109 -77.89 -6.62 -10.05
C PRO A 1109 -79.06 -6.01 -9.32
N GLN A 1110 -79.43 -4.80 -9.72
CA GLN A 1110 -80.66 -4.19 -9.25
C GLN A 1110 -81.32 -3.46 -10.40
N ILE A 1111 -82.65 -3.41 -10.39
CA ILE A 1111 -83.38 -2.80 -11.49
C ILE A 1111 -83.06 -1.31 -11.57
N ILE A 1112 -82.95 -0.80 -12.80
CA ILE A 1112 -82.62 0.60 -13.00
C ILE A 1112 -83.68 1.47 -12.33
N THR A 1113 -83.24 2.46 -11.59
CA THR A 1113 -84.12 3.30 -10.80
C THR A 1113 -83.48 4.67 -10.65
N THR A 1114 -84.33 5.70 -10.60
CA THR A 1114 -83.85 7.08 -10.50
C THR A 1114 -82.98 7.28 -9.25
N ASP A 1115 -83.15 6.46 -8.22
CA ASP A 1115 -82.31 6.57 -7.04
C ASP A 1115 -80.85 6.22 -7.36
N ASN A 1116 -80.63 5.19 -8.18
CA ASN A 1116 -79.28 4.73 -8.48
C ASN A 1116 -78.78 5.20 -9.85
N THR A 1117 -79.49 6.11 -10.52
CA THR A 1117 -79.04 6.67 -11.78
C THR A 1117 -79.33 8.16 -11.78
N PHE A 1118 -78.48 8.94 -12.45
CA PHE A 1118 -78.64 10.38 -12.53
C PHE A 1118 -78.71 10.81 -13.99
N VAL A 1119 -79.59 11.78 -14.27
CA VAL A 1119 -79.86 12.21 -15.63
C VAL A 1119 -78.98 13.40 -15.98
N SER A 1120 -78.37 13.35 -17.17
CA SER A 1120 -77.52 14.44 -17.62
C SER A 1120 -77.42 14.40 -19.14
N GLY A 1121 -77.96 15.43 -19.79
CA GLY A 1121 -77.77 15.59 -21.22
C GLY A 1121 -78.89 15.06 -22.10
N ASN A 1122 -78.54 14.71 -23.34
CA ASN A 1122 -79.49 14.24 -24.32
C ASN A 1122 -79.04 12.89 -24.85
N CYS A 1123 -80.00 12.12 -25.38
CA CYS A 1123 -79.71 10.75 -25.80
C CYS A 1123 -78.82 10.70 -27.02
N ASP A 1124 -78.85 11.73 -27.87
CA ASP A 1124 -78.12 11.66 -29.14
C ASP A 1124 -76.63 11.88 -28.96
N VAL A 1125 -76.22 12.67 -27.97
CA VAL A 1125 -74.83 13.10 -27.88
C VAL A 1125 -73.93 11.92 -27.47
N VAL A 1126 -74.48 10.94 -26.76
CA VAL A 1126 -73.68 9.83 -26.28
C VAL A 1126 -73.73 8.69 -27.30
N ILE A 1127 -72.57 8.09 -27.56
CA ILE A 1127 -72.44 6.95 -28.46
C ILE A 1127 -72.43 5.68 -27.63
N GLY A 1128 -73.29 4.73 -28.00
CA GLY A 1128 -73.44 3.49 -27.26
C GLY A 1128 -74.62 3.44 -26.34
N ILE A 1129 -75.37 4.53 -26.20
CA ILE A 1129 -76.52 4.56 -25.31
C ILE A 1129 -77.61 3.65 -25.86
N VAL A 1130 -78.19 2.83 -24.99
CA VAL A 1130 -79.21 1.87 -25.38
C VAL A 1130 -80.55 2.31 -24.80
N ASN A 1131 -81.63 1.94 -25.49
CA ASN A 1131 -82.97 2.27 -25.04
C ASN A 1131 -83.40 1.32 -23.91
N ASN A 1132 -83.98 1.90 -22.87
CA ASN A 1132 -84.54 1.13 -21.77
C ASN A 1132 -85.45 2.05 -20.97
N THR A 1133 -86.27 1.44 -20.12
CA THR A 1133 -87.13 2.18 -19.20
C THR A 1133 -86.51 2.17 -17.80
N VAL A 1134 -86.63 3.31 -17.12
CA VAL A 1134 -86.09 3.49 -15.78
C VAL A 1134 -87.26 3.50 -14.82
N TYR A 1135 -87.33 2.49 -13.96
CA TYR A 1135 -88.42 2.38 -13.00
C TYR A 1135 -88.38 3.55 -12.02
N ASP A 1136 -89.53 4.17 -11.80
CA ASP A 1136 -89.64 5.31 -10.90
C ASP A 1136 -90.24 4.83 -9.59
N PRO A 1137 -89.50 4.85 -8.47
CA PRO A 1137 -90.08 4.39 -7.21
C PRO A 1137 -91.26 5.22 -6.73
N LEU A 1138 -91.33 6.48 -7.14
CA LEU A 1138 -92.43 7.35 -6.74
C LEU A 1138 -93.71 7.10 -7.52
N GLN A 1139 -93.60 6.44 -8.69
CA GLN A 1139 -94.79 6.17 -9.50
C GLN A 1139 -95.79 5.25 -8.82
N PRO A 1140 -95.42 4.09 -8.29
CA PRO A 1140 -96.41 3.28 -7.56
C PRO A 1140 -96.97 3.97 -6.33
N GLU A 1141 -96.17 4.78 -5.65
CA GLU A 1141 -96.66 5.53 -4.50
C GLU A 1141 -97.73 6.52 -4.92
N LEU A 1142 -97.52 7.21 -6.05
CA LEU A 1142 -98.56 8.08 -6.59
C LEU A 1142 -99.79 7.28 -7.00
N ASP A 1143 -99.58 6.13 -7.62
CA ASP A 1143 -100.71 5.33 -8.10
C ASP A 1143 -101.58 4.85 -6.94
N SER A 1144 -100.97 4.42 -5.84
CA SER A 1144 -101.71 3.95 -4.69
C SER A 1144 -102.37 5.11 -3.94
N ALA B 27 2.46 16.89 56.86
CA ALA B 27 1.13 17.40 56.53
C ALA B 27 0.95 17.49 55.01
N TYR B 28 -0.17 16.96 54.52
CA TYR B 28 -0.51 17.00 53.11
C TYR B 28 -1.69 17.95 52.90
N THR B 29 -1.88 18.36 51.66
CA THR B 29 -3.04 19.18 51.29
C THR B 29 -3.44 18.84 49.86
N ASN B 30 -4.57 19.38 49.42
CA ASN B 30 -5.16 19.03 48.14
C ASN B 30 -5.00 20.21 47.18
N SER B 31 -4.37 19.97 46.03
CA SER B 31 -4.31 20.96 44.95
C SER B 31 -5.55 20.76 44.08
N PHE B 32 -6.58 21.55 44.37
CA PHE B 32 -7.88 21.35 43.76
C PHE B 32 -7.82 21.53 42.24
N THR B 33 -7.46 22.73 41.80
CA THR B 33 -7.41 23.04 40.38
C THR B 33 -6.13 23.75 39.96
N ARG B 34 -5.31 24.21 40.90
CA ARG B 34 -4.12 24.96 40.56
C ARG B 34 -3.07 24.05 39.94
N GLY B 35 -2.15 24.66 39.19
CA GLY B 35 -1.08 23.94 38.55
C GLY B 35 -1.25 23.70 37.06
N VAL B 36 -1.88 24.63 36.34
CA VAL B 36 -2.05 24.53 34.90
C VAL B 36 -1.45 25.78 34.26
N TYR B 37 -0.69 25.59 33.19
CA TYR B 37 0.02 26.67 32.53
C TYR B 37 -0.22 26.57 31.02
N TYR B 38 0.08 27.66 30.32
CA TYR B 38 0.06 27.61 28.87
C TYR B 38 1.22 26.74 28.39
N PRO B 39 0.94 25.55 27.87
CA PRO B 39 2.04 24.63 27.50
C PRO B 39 2.91 25.15 26.38
N ASP B 40 2.43 26.13 25.61
CA ASP B 40 3.19 26.68 24.49
C ASP B 40 2.75 28.12 24.27
N LYS B 41 3.52 28.83 23.46
CA LYS B 41 3.26 30.23 23.15
C LYS B 41 2.14 30.41 22.13
N VAL B 42 1.33 29.37 21.90
CA VAL B 42 0.28 29.45 20.90
C VAL B 42 -0.94 30.19 21.47
N PHE B 43 -1.50 31.07 20.65
CA PHE B 43 -2.72 31.79 20.99
C PHE B 43 -3.92 31.09 20.39
N ARG B 44 -4.95 30.90 21.21
CA ARG B 44 -6.19 30.28 20.76
C ARG B 44 -7.37 31.07 21.33
N SER B 45 -8.39 31.27 20.50
CA SER B 45 -9.52 32.13 20.84
C SER B 45 -10.80 31.30 20.83
N SER B 46 -11.47 31.24 21.97
CA SER B 46 -12.79 30.64 22.10
C SER B 46 -12.82 29.21 21.57
N VAL B 47 -11.77 28.44 21.88
CA VAL B 47 -11.67 27.05 21.47
C VAL B 47 -11.23 26.22 22.66
N LEU B 48 -11.53 24.93 22.63
CA LEU B 48 -11.12 24.00 23.68
C LEU B 48 -10.07 23.07 23.10
N HIS B 49 -8.84 23.16 23.61
CA HIS B 49 -7.71 22.42 23.07
C HIS B 49 -7.27 21.33 24.04
N SER B 50 -7.10 20.12 23.52
CA SER B 50 -6.64 18.99 24.32
C SER B 50 -5.11 18.89 24.20
N THR B 51 -4.44 19.04 25.33
CA THR B 51 -2.97 19.03 25.38
C THR B 51 -2.49 17.79 26.11
N GLN B 52 -1.57 17.07 25.48
CA GLN B 52 -0.86 15.95 26.10
C GLN B 52 0.48 16.50 26.58
N ASP B 53 0.58 16.72 27.90
CA ASP B 53 1.77 17.31 28.48
C ASP B 53 1.91 16.84 29.93
N LEU B 54 3.04 17.23 30.53
CA LEU B 54 3.38 16.83 31.89
C LEU B 54 2.69 17.74 32.90
N PHE B 55 1.42 17.49 33.19
CA PHE B 55 0.61 18.37 34.00
C PHE B 55 0.53 17.87 35.44
N LEU B 56 -0.05 18.71 36.30
CA LEU B 56 -0.32 18.34 37.68
C LEU B 56 -1.74 17.80 37.78
N PRO B 57 -1.94 16.58 38.27
CA PRO B 57 -3.29 16.01 38.31
C PRO B 57 -4.23 16.85 39.17
N PHE B 58 -5.48 16.93 38.74
CA PHE B 58 -6.49 17.66 39.49
C PHE B 58 -6.81 16.91 40.78
N PHE B 59 -6.99 17.68 41.86
CA PHE B 59 -7.29 17.12 43.18
C PHE B 59 -6.23 16.12 43.62
N SER B 60 -4.97 16.42 43.31
CA SER B 60 -3.84 15.61 43.72
C SER B 60 -3.34 16.09 45.07
N ASN B 61 -2.73 15.19 45.84
CA ASN B 61 -2.22 15.55 47.14
C ASN B 61 -0.80 16.07 47.03
N VAL B 62 -0.57 17.29 47.49
CA VAL B 62 0.74 17.92 47.47
C VAL B 62 1.22 18.12 48.90
N THR B 63 2.54 18.11 49.07
CA THR B 63 3.13 18.15 50.39
C THR B 63 3.19 19.58 50.92
N TRP B 64 2.86 19.73 52.20
CA TRP B 64 2.94 21.00 52.90
C TRP B 64 4.26 21.06 53.67
N PHE B 65 4.96 22.19 53.54
CA PHE B 65 6.23 22.39 54.23
C PHE B 65 6.16 23.71 55.01
N HIS B 66 6.82 23.73 56.15
CA HIS B 66 6.81 24.87 57.05
C HIS B 66 8.18 25.51 57.10
N ALA B 67 8.20 26.81 57.36
CA ALA B 67 9.45 27.55 57.49
C ALA B 67 9.53 28.42 58.73
N ILE B 68 8.41 28.71 59.39
CA ILE B 68 8.41 29.53 60.60
C ILE B 68 8.92 28.71 61.77
N HIS B 69 9.27 29.37 62.87
CA HIS B 69 9.78 28.72 64.07
C HIS B 69 11.03 27.89 63.78
N ARG B 78 14.14 23.70 65.46
CA ARG B 78 13.46 24.65 64.58
C ARG B 78 12.96 23.95 63.32
N PHE B 79 12.51 24.75 62.35
CA PHE B 79 11.97 24.24 61.10
C PHE B 79 12.88 24.61 59.96
N ASP B 80 13.24 23.62 59.13
CA ASP B 80 14.11 23.85 57.99
C ASP B 80 13.47 23.30 56.72
N ASN B 81 14.22 23.29 55.62
CA ASN B 81 13.73 22.77 54.35
C ASN B 81 14.41 21.46 54.01
N PRO B 82 13.66 20.39 53.79
CA PRO B 82 14.28 19.15 53.31
C PRO B 82 14.66 19.25 51.84
N VAL B 83 15.40 18.25 51.34
CA VAL B 83 15.87 18.23 49.96
C VAL B 83 15.05 17.19 49.21
N LEU B 84 14.45 17.60 48.10
CA LEU B 84 13.43 16.81 47.43
C LEU B 84 13.92 16.35 46.06
N PRO B 85 13.33 15.30 45.51
CA PRO B 85 13.62 14.92 44.13
C PRO B 85 12.85 15.78 43.14
N PHE B 86 13.23 15.66 41.86
CA PHE B 86 12.61 16.45 40.80
C PHE B 86 11.45 15.68 40.13
N ASN B 87 11.77 14.52 39.55
CA ASN B 87 10.78 13.63 38.93
C ASN B 87 9.95 14.36 37.87
N ASP B 88 10.66 14.78 36.82
CA ASP B 88 10.06 15.33 35.60
C ASP B 88 9.24 16.59 35.88
N GLY B 89 9.70 17.46 36.77
CA GLY B 89 9.02 18.72 37.01
C GLY B 89 8.55 18.84 38.45
N VAL B 90 8.52 20.08 38.94
CA VAL B 90 8.11 20.37 40.31
C VAL B 90 7.14 21.54 40.28
N TYR B 91 5.98 21.38 40.92
CA TYR B 91 5.06 22.48 41.17
C TYR B 91 5.36 23.00 42.57
N PHE B 92 5.32 24.32 42.75
CA PHE B 92 5.75 24.93 44.00
C PHE B 92 4.95 26.21 44.21
N ALA B 93 4.09 26.21 45.22
CA ALA B 93 3.26 27.38 45.52
C ALA B 93 3.63 27.89 46.91
N SER B 94 4.23 29.07 46.97
CA SER B 94 4.62 29.66 48.25
C SER B 94 3.84 30.94 48.48
N THR B 95 3.14 31.00 49.61
CA THR B 95 2.42 32.20 50.01
C THR B 95 3.26 32.92 51.05
N GLU B 96 3.49 34.22 50.84
CA GLU B 96 4.43 34.96 51.66
C GLU B 96 3.91 36.36 51.95
N LYS B 97 4.37 36.93 53.06
CA LYS B 97 4.14 38.31 53.42
C LYS B 97 5.39 39.17 53.22
N SER B 98 6.53 38.73 53.75
CA SER B 98 7.78 39.46 53.67
C SER B 98 8.78 38.80 52.72
N ASN B 99 8.32 37.88 51.88
CA ASN B 99 9.15 37.20 50.89
C ASN B 99 10.31 36.45 51.57
N ILE B 100 9.94 35.47 52.40
CA ILE B 100 10.95 34.63 53.06
C ILE B 100 11.68 33.79 52.03
N ILE B 101 10.96 33.27 51.04
CA ILE B 101 11.59 32.49 49.97
C ILE B 101 12.56 33.38 49.22
N ARG B 102 13.78 32.88 49.00
CA ARG B 102 14.84 33.69 48.42
C ARG B 102 15.61 33.03 47.29
N GLY B 103 15.46 31.73 47.07
CA GLY B 103 16.20 31.09 45.99
C GLY B 103 15.92 29.61 45.92
N TRP B 104 16.51 28.99 44.90
CA TRP B 104 16.35 27.57 44.63
C TRP B 104 17.69 26.99 44.20
N ILE B 105 17.85 25.69 44.45
CA ILE B 105 18.97 24.93 43.92
C ILE B 105 18.43 23.66 43.29
N PHE B 106 18.80 23.43 42.02
CA PHE B 106 18.45 22.20 41.31
C PHE B 106 19.78 21.60 40.88
N GLY B 107 20.06 20.38 41.30
CA GLY B 107 21.29 19.72 40.88
C GLY B 107 21.27 18.25 41.21
N THR B 108 21.85 17.45 40.32
CA THR B 108 21.98 16.02 40.59
C THR B 108 22.81 15.77 41.83
N THR B 109 23.84 16.58 42.05
CA THR B 109 24.67 16.50 43.25
C THR B 109 24.55 17.73 44.14
N LEU B 110 24.47 18.93 43.54
CA LEU B 110 24.29 20.21 44.23
C LEU B 110 25.23 20.37 45.43
N ASP B 111 26.42 19.76 45.36
CA ASP B 111 27.42 19.89 46.41
C ASP B 111 28.80 20.10 45.79
N SER B 112 28.86 20.91 44.74
CA SER B 112 30.11 21.29 44.07
C SER B 112 30.78 20.10 43.38
N LYS B 113 30.14 18.93 43.42
CA LYS B 113 30.69 17.76 42.74
C LYS B 113 30.59 17.91 41.23
N THR B 114 29.43 18.32 40.73
CA THR B 114 29.22 18.58 39.31
C THR B 114 28.49 19.91 39.17
N GLN B 115 28.37 20.38 37.94
CA GLN B 115 27.68 21.64 37.67
C GLN B 115 26.22 21.53 38.06
N SER B 116 25.72 22.53 38.79
CA SER B 116 24.36 22.51 39.30
C SER B 116 23.71 23.87 39.10
N LEU B 117 22.44 23.85 38.73
CA LEU B 117 21.67 25.08 38.53
C LEU B 117 21.33 25.73 39.86
N LEU B 118 21.56 27.04 39.95
CA LEU B 118 21.29 27.81 41.15
C LEU B 118 20.57 29.10 40.78
N ILE B 119 19.46 29.39 41.46
CA ILE B 119 18.69 30.61 41.28
C ILE B 119 18.69 31.35 42.61
N VAL B 120 19.01 32.64 42.57
CA VAL B 120 18.94 33.50 43.75
C VAL B 120 18.13 34.73 43.39
N ASN B 121 17.08 35.00 44.17
CA ASN B 121 16.23 36.16 43.97
C ASN B 121 16.66 37.24 44.94
N ASN B 122 17.02 38.40 44.39
CA ASN B 122 17.42 39.56 45.18
C ASN B 122 16.64 40.78 44.73
N ALA B 123 16.51 41.75 45.64
CA ALA B 123 15.80 42.97 45.30
C ALA B 123 16.47 43.71 44.15
N THR B 124 17.81 43.69 44.10
CA THR B 124 18.51 44.33 43.00
C THR B 124 18.25 43.60 41.68
N ASN B 125 18.44 42.29 41.65
CA ASN B 125 18.27 41.49 40.44
C ASN B 125 18.11 40.04 40.84
N VAL B 126 17.68 39.23 39.87
CA VAL B 126 17.61 37.78 40.01
C VAL B 126 18.77 37.18 39.23
N VAL B 127 19.54 36.30 39.88
CA VAL B 127 20.77 35.78 39.31
C VAL B 127 20.67 34.27 39.21
N ILE B 128 20.96 33.74 38.02
CA ILE B 128 20.95 32.29 37.77
C ILE B 128 22.34 31.89 37.30
N LYS B 129 22.95 30.92 38.00
CA LYS B 129 24.27 30.43 37.67
C LYS B 129 24.24 28.90 37.59
N VAL B 130 25.37 28.33 37.16
CA VAL B 130 25.55 26.88 37.09
C VAL B 130 26.85 26.56 37.81
N CYS B 131 27.47 27.57 38.43
CA CYS B 131 28.73 27.40 39.14
C CYS B 131 28.60 26.36 40.26
N GLU B 132 29.65 25.56 40.44
CA GLU B 132 29.67 24.52 41.46
C GLU B 132 29.96 25.14 42.81
N PHE B 133 29.00 25.01 43.73
CA PHE B 133 29.11 25.59 45.06
C PHE B 133 28.90 24.50 46.11
N GLN B 134 29.64 24.61 47.21
CA GLN B 134 29.53 23.69 48.33
C GLN B 134 28.65 24.33 49.40
N PHE B 135 27.54 23.68 49.73
CA PHE B 135 26.58 24.18 50.70
C PHE B 135 26.37 23.15 51.79
N CYS B 136 26.12 23.62 53.01
CA CYS B 136 25.87 22.72 54.13
C CYS B 136 24.46 22.13 54.03
N ASN B 137 24.11 21.31 55.02
CA ASN B 137 22.79 20.70 55.03
C ASN B 137 21.69 21.75 55.21
N ASP B 138 21.97 22.80 55.98
CA ASP B 138 21.02 23.88 56.22
C ASP B 138 21.69 25.21 55.90
N PRO B 139 21.71 25.61 54.62
CA PRO B 139 22.30 26.89 54.25
C PRO B 139 21.32 28.02 54.49
N PHE B 140 21.68 28.94 55.38
CA PHE B 140 20.83 30.06 55.76
C PHE B 140 21.35 31.36 55.15
N LEU B 141 20.45 32.32 54.98
CA LEU B 141 20.77 33.62 54.42
C LEU B 141 20.52 34.69 55.47
N GLY B 142 21.49 35.60 55.64
CA GLY B 142 21.34 36.66 56.60
C GLY B 142 20.40 37.75 56.14
N VAL B 143 19.86 38.49 57.12
CA VAL B 143 18.94 39.58 56.84
C VAL B 143 19.65 40.92 57.04
N ASN B 165 33.42 26.25 37.57
CA ASN B 165 33.25 27.16 36.45
C ASN B 165 31.77 27.42 36.17
N CYS B 166 31.44 28.64 35.77
CA CYS B 166 30.09 29.00 35.38
C CYS B 166 29.92 28.80 33.88
N THR B 167 29.02 27.90 33.51
CA THR B 167 28.69 27.68 32.10
C THR B 167 27.55 28.56 31.62
N PHE B 168 26.60 28.88 32.49
CA PHE B 168 25.48 29.74 32.14
C PHE B 168 25.25 30.78 33.23
N GLU B 169 24.59 31.86 32.84
CA GLU B 169 24.26 32.94 33.77
C GLU B 169 23.10 33.72 33.19
N TYR B 170 22.24 34.22 34.08
CA TYR B 170 21.09 34.99 33.64
C TYR B 170 20.74 36.01 34.71
N VAL B 171 20.39 37.21 34.27
CA VAL B 171 19.95 38.29 35.14
C VAL B 171 18.66 38.88 34.57
N SER B 172 17.64 39.00 35.41
CA SER B 172 16.37 39.58 34.99
C SER B 172 16.21 41.01 35.50
N PHE B 186 -1.13 36.85 54.46
CA PHE B 186 -0.44 36.31 53.29
C PHE B 186 -1.16 36.72 52.01
N LYS B 187 -1.05 38.00 51.66
CA LYS B 187 -1.74 38.52 50.49
C LYS B 187 -1.17 37.93 49.20
N ASN B 188 0.15 37.77 49.13
CA ASN B 188 0.83 37.35 47.91
C ASN B 188 1.06 35.84 47.94
N LEU B 189 0.68 35.17 46.85
CA LEU B 189 0.98 33.76 46.64
C LEU B 189 1.64 33.62 45.28
N ARG B 190 2.87 33.11 45.28
CA ARG B 190 3.65 32.92 44.06
C ARG B 190 3.57 31.45 43.69
N GLU B 191 3.04 31.17 42.51
CA GLU B 191 2.88 29.80 42.03
C GLU B 191 3.81 29.56 40.85
N PHE B 192 4.73 28.61 41.01
CA PHE B 192 5.75 28.31 40.02
C PHE B 192 5.65 26.85 39.61
N VAL B 193 6.05 26.60 38.37
CA VAL B 193 6.20 25.25 37.83
C VAL B 193 7.56 25.20 37.11
N PHE B 194 8.39 24.24 37.49
CA PHE B 194 9.70 24.03 36.89
C PHE B 194 9.69 22.71 36.13
N LYS B 195 10.29 22.70 34.95
CA LYS B 195 10.38 21.45 34.19
C LYS B 195 11.60 21.48 33.28
N ASN B 196 12.00 20.29 32.84
CA ASN B 196 13.13 20.11 31.94
C ASN B 196 12.68 19.28 30.74
N ILE B 197 12.94 19.76 29.54
CA ILE B 197 12.59 19.06 28.32
C ILE B 197 13.46 19.55 27.17
N ASP B 198 14.02 18.60 26.40
CA ASP B 198 14.86 18.90 25.25
C ASP B 198 16.05 19.79 25.62
N GLY B 199 16.66 19.49 26.77
CA GLY B 199 17.75 20.32 27.24
C GLY B 199 17.36 21.72 27.62
N TYR B 200 16.07 21.96 27.84
CA TYR B 200 15.52 23.28 28.10
C TYR B 200 14.91 23.32 29.48
N PHE B 201 15.23 24.37 30.25
CA PHE B 201 14.69 24.56 31.58
C PHE B 201 13.56 25.59 31.49
N LYS B 202 12.35 25.18 31.85
CA LYS B 202 11.16 26.00 31.70
C LYS B 202 10.58 26.35 33.06
N ILE B 203 10.25 27.63 33.25
CA ILE B 203 9.64 28.14 34.47
C ILE B 203 8.35 28.86 34.10
N TYR B 204 7.26 28.50 34.77
CA TYR B 204 5.99 29.17 34.66
C TYR B 204 5.62 29.76 36.01
N SER B 205 5.04 30.96 36.00
CA SER B 205 4.83 31.68 37.25
C SER B 205 3.48 32.40 37.21
N LYS B 206 2.95 32.64 38.41
CA LYS B 206 1.75 33.44 38.62
C LYS B 206 1.79 34.13 39.98
N HIS B 207 1.25 35.35 40.05
CA HIS B 207 1.30 36.15 41.26
C HIS B 207 -0.09 36.62 41.67
N THR B 208 -1.07 35.72 41.66
CA THR B 208 -2.44 36.10 41.97
C THR B 208 -2.58 36.50 43.43
N PRO B 209 -3.42 37.48 43.75
CA PRO B 209 -3.64 37.87 45.15
C PRO B 209 -4.59 36.89 45.84
N ILE B 210 -4.17 36.36 46.98
CA ILE B 210 -4.94 35.37 47.72
C ILE B 210 -5.25 35.94 49.09
N ASN B 211 -6.54 35.91 49.46
CA ASN B 211 -7.01 36.41 50.74
C ASN B 211 -7.23 35.29 51.76
N LEU B 212 -6.92 34.05 51.40
CA LEU B 212 -7.06 32.91 52.29
C LEU B 212 -5.67 32.47 52.71
N VAL B 213 -5.38 32.56 54.02
CA VAL B 213 -4.05 32.21 54.53
C VAL B 213 -3.95 30.75 54.97
N ARG B 214 -5.07 30.03 55.04
CA ARG B 214 -5.03 28.65 55.49
C ARG B 214 -4.53 27.71 54.41
N ASP B 215 -5.12 27.77 53.22
CA ASP B 215 -4.77 26.88 52.13
C ASP B 215 -4.94 27.62 50.81
N LEU B 216 -4.48 26.98 49.74
CA LEU B 216 -4.70 27.53 48.41
C LEU B 216 -6.20 27.55 48.09
N PRO B 217 -6.71 28.64 47.55
CA PRO B 217 -8.16 28.77 47.38
C PRO B 217 -8.67 27.96 46.20
N GLN B 218 -9.97 27.65 46.26
CA GLN B 218 -10.64 27.03 45.13
C GLN B 218 -10.78 28.04 44.01
N GLY B 219 -10.39 27.64 42.81
CA GLY B 219 -10.43 28.54 41.67
C GLY B 219 -9.37 28.14 40.67
N PHE B 220 -9.21 29.02 39.67
CA PHE B 220 -8.28 28.77 38.56
C PHE B 220 -7.50 30.04 38.27
N SER B 221 -6.20 29.88 38.02
CA SER B 221 -5.36 30.96 37.55
C SER B 221 -4.23 30.34 36.75
N ALA B 222 -4.22 30.56 35.44
CA ALA B 222 -3.18 29.99 34.59
C ALA B 222 -1.83 30.62 34.89
N LEU B 223 -0.77 29.92 34.52
CA LEU B 223 0.59 30.33 34.81
C LEU B 223 1.27 30.76 33.51
N GLU B 224 1.86 31.96 33.53
CA GLU B 224 2.52 32.35 32.28
C GLU B 224 3.99 31.98 32.33
N PRO B 225 4.56 31.52 31.21
CA PRO B 225 6.00 31.24 31.19
C PRO B 225 6.82 32.51 31.37
N LEU B 226 8.01 32.35 31.96
CA LEU B 226 8.88 33.49 32.19
C LEU B 226 10.20 33.38 31.44
N VAL B 227 10.97 32.33 31.66
CA VAL B 227 12.30 32.21 31.07
C VAL B 227 12.51 30.76 30.62
N ASP B 228 13.21 30.60 29.50
CA ASP B 228 13.47 29.31 28.87
C ASP B 228 14.96 29.11 28.64
N LEU B 229 15.75 29.26 29.70
CA LEU B 229 17.20 29.29 29.54
C LEU B 229 17.72 27.90 29.17
N PRO B 230 18.53 27.76 28.10
CA PRO B 230 19.04 26.46 27.60
C PRO B 230 20.15 25.83 28.44
N ILE B 231 19.81 25.47 29.67
CA ILE B 231 20.82 24.95 30.59
C ILE B 231 21.43 23.65 30.07
N GLY B 232 20.58 22.69 29.71
CA GLY B 232 21.06 21.42 29.22
C GLY B 232 21.68 20.51 30.26
N ILE B 233 21.56 20.85 31.54
CA ILE B 233 22.07 20.02 32.63
C ILE B 233 20.91 19.20 33.16
N ASN B 234 21.05 17.87 33.13
CA ASN B 234 19.97 17.01 33.60
C ASN B 234 19.75 17.21 35.09
N ILE B 235 18.49 17.28 35.50
CA ILE B 235 18.11 17.75 36.82
C ILE B 235 17.26 16.68 37.49
N THR B 236 17.66 16.27 38.70
CA THR B 236 16.96 15.22 39.43
C THR B 236 16.74 15.55 40.90
N ARG B 237 16.93 16.81 41.31
CA ARG B 237 16.84 17.16 42.72
C ARG B 237 16.54 18.64 42.83
N PHE B 238 16.03 19.06 43.99
CA PHE B 238 15.51 20.41 44.15
C PHE B 238 15.44 20.76 45.63
N GLN B 239 15.82 21.99 45.95
CA GLN B 239 15.75 22.48 47.33
C GLN B 239 15.54 23.98 47.31
N THR B 240 14.98 24.50 48.40
CA THR B 240 14.52 25.88 48.49
C THR B 240 15.27 26.62 49.59
N LEU B 241 15.56 27.90 49.33
CA LEU B 241 16.31 28.75 50.25
C LEU B 241 15.36 29.68 50.99
N LEU B 242 15.80 30.18 52.13
CA LEU B 242 15.00 31.10 52.94
C LEU B 242 15.88 32.25 53.44
N ALA B 243 15.26 33.13 54.22
CA ALA B 243 15.95 34.23 54.88
C ALA B 243 15.74 34.12 56.39
N LEU B 244 16.84 34.29 57.13
CA LEU B 244 16.81 34.20 58.58
C LEU B 244 17.31 35.50 59.19
N HIS B 245 16.57 36.00 60.17
CA HIS B 245 16.93 37.25 60.86
C HIS B 245 18.02 37.01 61.88
N ALA B 263 4.89 31.22 56.42
CA ALA B 263 5.98 30.99 55.48
C ALA B 263 5.93 29.57 54.92
N ALA B 264 4.75 28.96 55.00
CA ALA B 264 4.56 27.62 54.47
C ALA B 264 4.55 27.63 52.95
N TYR B 265 4.89 26.48 52.36
CA TYR B 265 4.90 26.35 50.92
C TYR B 265 4.54 24.92 50.53
N TYR B 266 3.87 24.80 49.39
CA TYR B 266 3.31 23.54 48.93
C TYR B 266 4.11 23.04 47.73
N VAL B 267 4.41 21.75 47.72
CA VAL B 267 5.20 21.14 46.66
C VAL B 267 4.37 20.03 46.02
N GLY B 268 4.20 20.10 44.70
CA GLY B 268 3.56 19.07 43.93
C GLY B 268 4.52 18.46 42.92
N TYR B 269 4.04 17.41 42.26
CA TYR B 269 4.85 16.68 41.29
C TYR B 269 4.07 16.52 40.00
N LEU B 270 4.77 16.70 38.88
CA LEU B 270 4.16 16.67 37.56
C LEU B 270 4.22 15.26 36.98
N GLN B 271 3.25 14.94 36.14
CA GLN B 271 3.24 13.66 35.42
C GLN B 271 2.47 13.83 34.12
N PRO B 272 2.74 13.00 33.11
CA PRO B 272 2.04 13.14 31.84
C PRO B 272 0.55 12.88 31.97
N ARG B 273 -0.26 13.93 31.80
CA ARG B 273 -1.70 13.83 31.99
C ARG B 273 -2.39 14.68 30.94
N THR B 274 -3.24 14.07 30.13
CA THR B 274 -3.98 14.80 29.11
C THR B 274 -4.94 15.77 29.77
N PHE B 275 -4.96 17.02 29.28
CA PHE B 275 -5.82 18.06 29.81
C PHE B 275 -6.64 18.65 28.66
N LEU B 276 -7.77 19.25 29.02
CA LEU B 276 -8.61 19.97 28.05
C LEU B 276 -8.71 21.41 28.56
N LEU B 277 -8.06 22.33 27.84
CA LEU B 277 -7.99 23.72 28.26
C LEU B 277 -8.97 24.56 27.44
N LYS B 278 -9.76 25.38 28.14
CA LYS B 278 -10.71 26.29 27.52
C LYS B 278 -10.05 27.65 27.37
N TYR B 279 -9.90 28.10 26.14
CA TYR B 279 -9.24 29.37 25.84
C TYR B 279 -10.29 30.46 25.66
N ASN B 280 -10.07 31.59 26.32
CA ASN B 280 -11.01 32.71 26.25
C ASN B 280 -10.90 33.39 24.90
N GLU B 281 -11.74 34.42 24.70
CA GLU B 281 -11.68 35.18 23.45
C GLU B 281 -10.38 35.97 23.35
N ASN B 282 -9.73 36.25 24.47
CA ASN B 282 -8.45 36.95 24.48
C ASN B 282 -7.26 36.00 24.54
N GLY B 283 -7.49 34.69 24.57
CA GLY B 283 -6.42 33.72 24.59
C GLY B 283 -5.99 33.25 25.96
N THR B 284 -6.59 33.76 27.03
CA THR B 284 -6.24 33.33 28.37
C THR B 284 -7.04 32.11 28.78
N ILE B 285 -6.37 31.17 29.43
CA ILE B 285 -7.00 29.92 29.86
C ILE B 285 -7.87 30.23 31.06
N THR B 286 -9.18 30.12 30.88
CA THR B 286 -10.13 30.40 31.96
C THR B 286 -10.65 29.15 32.64
N ASP B 287 -10.47 27.98 32.04
CA ASP B 287 -10.93 26.73 32.62
C ASP B 287 -10.15 25.57 32.02
N ALA B 288 -10.20 24.44 32.71
CA ALA B 288 -9.54 23.23 32.23
C ALA B 288 -10.11 22.03 32.97
N VAL B 289 -10.17 20.90 32.27
CA VAL B 289 -10.64 19.65 32.86
C VAL B 289 -9.61 18.56 32.61
N ASP B 290 -9.44 17.69 33.61
CA ASP B 290 -8.59 16.53 33.46
C ASP B 290 -9.23 15.52 32.51
N CYS B 291 -8.41 14.61 32.00
CA CYS B 291 -8.89 13.54 31.12
C CYS B 291 -8.82 12.17 31.78
N ALA B 292 -8.41 12.10 33.04
CA ALA B 292 -8.35 10.82 33.75
C ALA B 292 -8.80 10.92 35.20
N LEU B 293 -9.34 12.07 35.63
CA LEU B 293 -9.74 12.23 37.02
C LEU B 293 -10.97 11.38 37.35
N ASP B 294 -11.98 11.43 36.51
CA ASP B 294 -13.24 10.75 36.78
C ASP B 294 -13.97 10.55 35.45
N PRO B 295 -14.95 9.64 35.41
CA PRO B 295 -15.64 9.37 34.13
C PRO B 295 -16.31 10.60 33.52
N LEU B 296 -16.82 11.53 34.33
CA LEU B 296 -17.37 12.75 33.76
C LEU B 296 -16.30 13.55 33.01
N SER B 297 -15.11 13.64 33.60
CA SER B 297 -14.01 14.33 32.92
C SER B 297 -13.58 13.58 31.67
N GLU B 298 -13.58 12.24 31.72
CA GLU B 298 -13.27 11.47 30.51
C GLU B 298 -14.28 11.73 29.41
N THR B 299 -15.56 11.80 29.77
CA THR B 299 -16.60 12.12 28.79
C THR B 299 -16.39 13.51 28.20
N LYS B 300 -16.05 14.49 29.06
CA LYS B 300 -15.79 15.83 28.57
C LYS B 300 -14.61 15.86 27.61
N CYS B 301 -13.54 15.12 27.94
CA CYS B 301 -12.37 15.09 27.07
C CYS B 301 -12.67 14.42 25.74
N THR B 302 -13.47 13.34 25.76
CA THR B 302 -13.80 12.67 24.51
C THR B 302 -14.74 13.51 23.67
N LEU B 303 -15.63 14.28 24.30
CA LEU B 303 -16.56 15.13 23.56
C LEU B 303 -15.95 16.47 23.16
N LYS B 304 -14.78 16.82 23.69
CA LYS B 304 -14.15 18.11 23.41
C LYS B 304 -15.07 19.27 23.80
N SER B 305 -15.84 19.08 24.87
CA SER B 305 -16.78 20.08 25.34
C SER B 305 -16.84 20.04 26.85
N PHE B 306 -16.95 21.22 27.46
CA PHE B 306 -17.03 21.33 28.91
C PHE B 306 -18.42 21.03 29.45
N THR B 307 -19.44 20.98 28.58
CA THR B 307 -20.79 20.63 28.97
C THR B 307 -21.20 19.38 28.22
N VAL B 308 -21.67 18.37 28.96
CA VAL B 308 -22.03 17.07 28.41
C VAL B 308 -23.54 16.94 28.45
N GLU B 309 -24.15 16.72 27.29
CA GLU B 309 -25.59 16.55 27.21
C GLU B 309 -26.00 15.20 27.80
N LYS B 310 -27.27 15.09 28.14
CA LYS B 310 -27.79 13.86 28.73
C LYS B 310 -27.70 12.70 27.73
N GLY B 311 -27.19 11.57 28.20
CA GLY B 311 -27.08 10.39 27.38
C GLY B 311 -26.00 9.46 27.89
N ILE B 312 -25.69 8.47 27.05
CA ILE B 312 -24.63 7.50 27.31
C ILE B 312 -23.54 7.70 26.26
N TYR B 313 -22.32 7.94 26.73
CA TYR B 313 -21.21 8.27 25.85
C TYR B 313 -20.07 7.29 26.08
N GLN B 314 -19.62 6.62 25.02
CA GLN B 314 -18.47 5.74 25.13
C GLN B 314 -17.19 6.57 25.18
N THR B 315 -16.42 6.40 26.25
CA THR B 315 -15.25 7.24 26.49
C THR B 315 -13.93 6.52 26.28
N SER B 316 -13.74 5.35 26.89
CA SER B 316 -12.48 4.63 26.78
C SER B 316 -12.79 3.17 26.46
N ASN B 317 -11.75 2.34 26.45
CA ASN B 317 -11.88 0.93 26.14
C ASN B 317 -11.29 0.11 27.29
N PHE B 318 -12.12 -0.76 27.86
CA PHE B 318 -11.66 -1.66 28.91
C PHE B 318 -10.73 -2.71 28.33
N ARG B 319 -9.79 -3.17 29.16
CA ARG B 319 -8.81 -4.17 28.75
C ARG B 319 -8.30 -4.87 29.99
N VAL B 320 -8.44 -6.19 30.03
CA VAL B 320 -7.92 -6.99 31.14
C VAL B 320 -6.51 -7.43 30.79
N GLN B 321 -5.54 -7.00 31.58
CA GLN B 321 -4.15 -7.34 31.33
C GLN B 321 -3.83 -8.73 31.86
N PRO B 322 -2.91 -9.45 31.21
CA PRO B 322 -2.53 -10.77 31.70
C PRO B 322 -1.89 -10.68 33.08
N THR B 323 -2.32 -11.59 33.97
CA THR B 323 -1.82 -11.57 35.34
C THR B 323 -0.38 -12.07 35.43
N GLU B 324 -0.08 -13.18 34.74
CA GLU B 324 1.26 -13.76 34.79
C GLU B 324 1.50 -14.52 33.48
N SER B 325 2.65 -15.18 33.39
CA SER B 325 3.04 -15.93 32.21
C SER B 325 3.46 -17.33 32.62
N ILE B 326 2.98 -18.33 31.89
CA ILE B 326 3.32 -19.73 32.14
C ILE B 326 3.79 -20.34 30.83
N VAL B 327 4.82 -21.19 30.92
CA VAL B 327 5.35 -21.91 29.77
C VAL B 327 5.38 -23.39 30.13
N ARG B 328 4.63 -24.21 29.38
CA ARG B 328 4.48 -25.62 29.69
C ARG B 328 4.94 -26.46 28.50
N PHE B 329 5.90 -27.33 28.73
CA PHE B 329 6.50 -28.20 27.74
C PHE B 329 6.35 -29.65 28.20
N PRO B 330 6.37 -30.61 27.28
CA PRO B 330 6.36 -32.02 27.69
C PRO B 330 7.61 -32.35 28.50
N ASN B 331 7.46 -33.24 29.48
CA ASN B 331 8.55 -33.56 30.37
C ASN B 331 9.35 -34.76 29.86
N ILE B 332 10.65 -34.75 30.19
CA ILE B 332 11.62 -35.72 29.70
C ILE B 332 11.51 -35.78 28.18
N THR B 333 11.23 -36.98 27.65
CA THR B 333 10.95 -37.20 26.23
C THR B 333 12.20 -37.09 25.37
N ASN B 334 12.46 -38.10 24.54
CA ASN B 334 13.53 -38.07 23.52
C ASN B 334 14.90 -37.78 24.14
N LEU B 335 15.24 -38.53 25.19
CA LEU B 335 16.56 -38.39 25.81
C LEU B 335 17.37 -39.64 25.48
N CYS B 336 18.56 -39.44 24.91
CA CYS B 336 19.47 -40.56 24.71
C CYS B 336 20.39 -40.67 25.92
N PRO B 337 20.40 -41.81 26.61
CA PRO B 337 21.12 -41.89 27.89
C PRO B 337 22.62 -41.71 27.72
N PHE B 338 23.23 -41.03 28.69
CA PHE B 338 24.67 -41.03 28.86
C PHE B 338 25.10 -42.04 29.92
N GLY B 339 24.14 -42.74 30.54
CA GLY B 339 24.44 -43.73 31.54
C GLY B 339 25.22 -44.92 31.02
N GLU B 340 24.85 -45.41 29.83
CA GLU B 340 25.61 -46.51 29.25
C GLU B 340 26.97 -46.03 28.73
N VAL B 341 27.09 -44.75 28.40
CA VAL B 341 28.38 -44.21 27.99
C VAL B 341 29.32 -44.11 29.19
N PHE B 342 28.80 -43.66 30.33
CA PHE B 342 29.64 -43.44 31.50
C PHE B 342 29.85 -44.71 32.32
N ASN B 343 28.77 -45.30 32.82
CA ASN B 343 28.86 -46.57 33.55
C ASN B 343 28.79 -47.75 32.59
N ALA B 344 29.69 -47.78 31.60
CA ALA B 344 29.72 -48.86 30.64
C ALA B 344 30.29 -50.13 31.28
N THR B 345 30.12 -51.25 30.59
CA THR B 345 30.70 -52.50 31.06
C THR B 345 32.22 -52.41 31.05
N ARG B 346 32.81 -52.03 29.92
CA ARG B 346 34.24 -51.81 29.79
C ARG B 346 34.47 -50.71 28.75
N PHE B 347 35.38 -49.79 29.05
CA PHE B 347 35.76 -48.79 28.07
C PHE B 347 36.74 -49.39 27.06
N ALA B 348 37.01 -48.63 26.00
CA ALA B 348 37.93 -49.06 24.97
C ALA B 348 39.35 -48.62 25.33
N SER B 349 40.32 -49.17 24.58
CA SER B 349 41.71 -48.82 24.79
C SER B 349 41.95 -47.35 24.44
N VAL B 350 42.97 -46.77 25.06
CA VAL B 350 43.21 -45.33 24.90
C VAL B 350 43.66 -45.01 23.47
N TYR B 351 44.47 -45.89 22.85
CA TYR B 351 44.94 -45.60 21.50
C TYR B 351 43.80 -45.66 20.48
N ALA B 352 42.86 -46.57 20.67
CA ALA B 352 41.65 -46.67 19.85
C ALA B 352 40.46 -46.53 20.80
N TRP B 353 40.08 -45.30 21.10
CA TRP B 353 39.09 -45.01 22.12
C TRP B 353 37.68 -45.32 21.62
N ASN B 354 36.76 -45.42 22.58
CA ASN B 354 35.36 -45.62 22.24
C ASN B 354 34.77 -44.31 21.72
N ARG B 355 34.21 -44.35 20.52
CA ARG B 355 33.70 -43.17 19.83
C ARG B 355 32.18 -43.26 19.73
N LYS B 356 31.51 -42.21 20.18
CA LYS B 356 30.05 -42.15 20.14
C LYS B 356 29.60 -40.80 19.61
N ARG B 357 28.50 -40.79 18.87
CA ARG B 357 27.92 -39.56 18.33
C ARG B 357 26.58 -39.32 18.98
N ILE B 358 26.39 -38.11 19.53
CA ILE B 358 25.15 -37.72 20.18
C ILE B 358 24.55 -36.56 19.40
N SER B 359 23.36 -36.78 18.85
CA SER B 359 22.64 -35.78 18.09
C SER B 359 21.16 -36.15 18.11
N ASN B 360 20.33 -35.17 17.77
CA ASN B 360 18.87 -35.34 17.74
C ASN B 360 18.36 -35.85 19.10
N CYS B 361 18.92 -35.27 20.16
CA CYS B 361 18.71 -35.75 21.51
C CYS B 361 18.22 -34.62 22.41
N VAL B 362 17.75 -34.99 23.59
CA VAL B 362 17.58 -34.07 24.70
C VAL B 362 18.62 -34.48 25.74
N ALA B 363 19.80 -33.88 25.66
CA ALA B 363 20.93 -34.26 26.50
C ALA B 363 20.74 -33.65 27.88
N ASP B 364 20.50 -34.50 28.88
CA ASP B 364 20.33 -34.05 30.25
C ASP B 364 21.70 -34.00 30.91
N TYR B 365 22.35 -32.83 30.84
CA TYR B 365 23.61 -32.63 31.53
C TYR B 365 23.46 -32.51 33.04
N SER B 366 22.23 -32.44 33.53
CA SER B 366 21.99 -32.35 34.97
C SER B 366 22.45 -33.61 35.70
N VAL B 367 22.29 -34.78 35.09
CA VAL B 367 22.74 -36.01 35.74
C VAL B 367 24.25 -36.03 35.87
N LEU B 368 24.97 -35.51 34.87
CA LEU B 368 26.41 -35.36 35.00
C LEU B 368 26.76 -34.31 36.05
N TYR B 369 25.98 -33.23 36.11
CA TYR B 369 26.27 -32.14 37.04
C TYR B 369 26.12 -32.59 38.49
N ASN B 370 25.07 -33.35 38.80
CA ASN B 370 24.79 -33.68 40.19
C ASN B 370 25.75 -34.74 40.73
N SER B 371 26.36 -35.53 39.85
CA SER B 371 27.24 -36.61 40.31
C SER B 371 28.53 -36.05 40.87
N ALA B 372 28.81 -36.39 42.13
CA ALA B 372 29.99 -35.91 42.83
C ALA B 372 31.17 -36.89 42.76
N SER B 373 30.99 -38.04 42.11
CA SER B 373 32.09 -38.99 41.98
C SER B 373 33.19 -38.44 41.08
N PHE B 374 32.84 -37.56 40.15
CA PHE B 374 33.82 -36.96 39.26
C PHE B 374 34.75 -36.05 40.04
N SER B 375 36.06 -36.17 39.78
CA SER B 375 37.06 -35.34 40.45
C SER B 375 37.87 -34.49 39.50
N THR B 376 37.78 -34.72 38.20
CA THR B 376 38.53 -33.98 37.19
C THR B 376 37.59 -33.40 36.13
N PHE B 377 36.57 -32.67 36.60
CA PHE B 377 35.63 -31.99 35.72
C PHE B 377 36.28 -30.74 35.10
N LYS B 378 37.06 -30.96 34.06
CA LYS B 378 37.85 -29.89 33.46
C LYS B 378 37.39 -29.64 32.02
N CYS B 379 36.66 -28.54 31.85
CA CYS B 379 36.20 -28.10 30.54
C CYS B 379 36.12 -26.59 30.43
N TYR B 380 35.80 -26.15 29.22
CA TYR B 380 35.92 -24.76 28.82
C TYR B 380 34.76 -24.38 27.92
N GLY B 381 34.55 -23.07 27.78
CA GLY B 381 33.51 -22.55 26.90
C GLY B 381 32.14 -22.54 27.54
N VAL B 382 31.85 -23.56 28.35
CA VAL B 382 30.54 -23.74 28.96
C VAL B 382 30.70 -24.05 30.44
N SER B 383 29.88 -23.40 31.25
CA SER B 383 29.79 -23.70 32.67
C SER B 383 28.97 -24.97 32.89
N PRO B 384 29.31 -25.76 33.91
CA PRO B 384 28.51 -26.99 34.16
C PRO B 384 27.05 -26.71 34.46
N THR B 385 26.76 -25.61 35.17
CA THR B 385 25.37 -25.33 35.52
C THR B 385 24.59 -24.79 34.33
N LYS B 386 25.25 -24.00 33.47
CA LYS B 386 24.60 -23.47 32.27
C LYS B 386 24.67 -24.43 31.09
N LEU B 387 25.32 -25.59 31.26
CA LEU B 387 25.44 -26.54 30.15
C LEU B 387 24.07 -27.07 29.72
N ASN B 388 23.13 -27.18 30.66
CA ASN B 388 21.77 -27.54 30.29
C ASN B 388 21.13 -26.46 29.42
N ASP B 389 21.39 -25.19 29.75
CA ASP B 389 20.83 -24.09 28.96
C ASP B 389 21.46 -24.03 27.58
N LEU B 390 22.73 -24.41 27.46
CA LEU B 390 23.42 -24.35 26.18
C LEU B 390 22.83 -25.36 25.20
N CYS B 391 22.88 -24.99 23.92
CA CYS B 391 22.35 -25.83 22.85
C CYS B 391 23.38 -25.91 21.74
N PHE B 392 23.80 -27.13 21.40
CA PHE B 392 24.85 -27.35 20.41
C PHE B 392 24.37 -28.36 19.37
N THR B 393 24.96 -28.26 18.18
CA THR B 393 24.50 -29.07 17.05
C THR B 393 24.87 -30.54 17.22
N ASN B 394 26.11 -30.82 17.63
CA ASN B 394 26.61 -32.18 17.70
C ASN B 394 27.35 -32.38 19.00
N VAL B 395 27.46 -33.64 19.45
CA VAL B 395 28.25 -34.01 20.61
C VAL B 395 29.06 -35.25 20.25
N TYR B 396 30.35 -35.24 20.59
CA TYR B 396 31.21 -36.39 20.36
C TYR B 396 31.71 -36.93 21.71
N ALA B 397 31.52 -38.22 21.93
CA ALA B 397 31.92 -38.87 23.18
C ALA B 397 33.14 -39.74 22.90
N ASP B 398 34.24 -39.41 23.56
CA ASP B 398 35.48 -40.16 23.46
C ASP B 398 35.76 -40.77 24.83
N SER B 399 35.56 -42.08 24.96
CA SER B 399 35.60 -42.77 26.24
C SER B 399 36.77 -43.74 26.27
N PHE B 400 37.58 -43.67 27.32
CA PHE B 400 38.71 -44.58 27.46
C PHE B 400 39.16 -44.59 28.92
N VAL B 401 40.31 -45.21 29.17
CA VAL B 401 40.85 -45.39 30.51
C VAL B 401 42.27 -44.82 30.54
N ILE B 402 42.53 -43.98 31.54
CA ILE B 402 43.81 -43.29 31.66
C ILE B 402 44.26 -43.32 33.12
N ARG B 403 45.51 -43.68 33.35
CA ARG B 403 46.01 -43.70 34.72
C ARG B 403 46.17 -42.28 35.25
N GLY B 404 46.17 -42.15 36.58
CA GLY B 404 46.19 -40.84 37.21
C GLY B 404 47.42 -40.01 36.90
N ASP B 405 48.48 -40.62 36.37
CA ASP B 405 49.69 -39.87 36.06
C ASP B 405 49.47 -38.90 34.90
N GLU B 406 48.78 -39.36 33.85
CA GLU B 406 48.59 -38.56 32.65
C GLU B 406 47.16 -38.05 32.48
N VAL B 407 46.37 -38.06 33.56
CA VAL B 407 45.07 -37.39 33.51
C VAL B 407 45.28 -35.90 33.23
N ARG B 408 46.39 -35.34 33.72
CA ARG B 408 46.73 -33.96 33.42
C ARG B 408 46.90 -33.75 31.91
N GLN B 409 47.40 -34.77 31.21
CA GLN B 409 47.70 -34.63 29.79
C GLN B 409 46.45 -34.52 28.94
N ILE B 410 45.28 -34.82 29.49
CA ILE B 410 44.02 -34.71 28.73
C ILE B 410 43.55 -33.26 28.90
N ALA B 411 44.11 -32.39 28.06
CA ALA B 411 43.84 -30.96 28.10
C ALA B 411 44.41 -30.30 26.85
N PRO B 412 43.74 -29.29 26.30
CA PRO B 412 44.26 -28.60 25.11
C PRO B 412 45.60 -27.94 25.40
N GLY B 413 46.49 -27.98 24.41
CA GLY B 413 47.79 -27.34 24.55
C GLY B 413 48.76 -28.05 25.47
N GLN B 414 48.48 -29.29 25.85
CA GLN B 414 49.35 -30.05 26.73
C GLN B 414 50.17 -31.04 25.92
N THR B 415 51.43 -31.18 26.28
CA THR B 415 52.35 -32.09 25.59
C THR B 415 52.76 -33.22 26.51
N GLY B 416 52.85 -34.42 25.94
CA GLY B 416 53.22 -35.59 26.71
C GLY B 416 53.14 -36.81 25.83
N LYS B 417 53.74 -37.90 26.32
CA LYS B 417 53.79 -39.12 25.52
C LYS B 417 52.39 -39.69 25.30
N ILE B 418 51.54 -39.69 26.33
CA ILE B 418 50.20 -40.24 26.18
C ILE B 418 49.36 -39.36 25.27
N ALA B 419 49.41 -38.04 25.48
CA ALA B 419 48.61 -37.13 24.67
C ALA B 419 49.03 -37.18 23.20
N ASP B 420 50.33 -37.29 22.94
CA ASP B 420 50.85 -37.28 21.58
C ASP B 420 50.89 -38.66 20.93
N TYR B 421 50.62 -39.73 21.68
CA TYR B 421 50.67 -41.07 21.11
C TYR B 421 49.32 -41.79 21.09
N ASN B 422 48.37 -41.42 21.94
CA ASN B 422 47.10 -42.13 22.04
C ASN B 422 45.92 -41.23 21.71
N TYR B 423 45.83 -40.05 22.33
CA TYR B 423 44.68 -39.18 22.12
C TYR B 423 45.09 -37.75 22.44
N LYS B 424 44.93 -36.84 21.49
CA LYS B 424 45.28 -35.44 21.64
C LYS B 424 44.04 -34.56 21.55
N LEU B 425 43.99 -33.52 22.37
CA LEU B 425 42.90 -32.58 22.37
C LEU B 425 43.21 -31.39 21.48
N PRO B 426 42.24 -30.93 20.69
CA PRO B 426 42.48 -29.75 19.84
C PRO B 426 42.67 -28.49 20.68
N ASP B 427 43.41 -27.54 20.11
CA ASP B 427 43.63 -26.27 20.81
C ASP B 427 42.32 -25.52 21.01
N ASP B 428 41.44 -25.52 20.01
CA ASP B 428 40.11 -24.91 20.14
C ASP B 428 39.12 -25.94 20.66
N PHE B 429 39.32 -26.32 21.93
CA PHE B 429 38.53 -27.37 22.55
C PHE B 429 37.36 -26.77 23.32
N THR B 430 36.17 -27.34 23.09
CA THR B 430 34.95 -26.85 23.73
C THR B 430 34.21 -27.93 24.51
N GLY B 431 34.66 -29.18 24.44
CA GLY B 431 34.02 -30.26 25.16
C GLY B 431 34.41 -30.29 26.61
N CYS B 432 33.98 -31.35 27.30
CA CYS B 432 34.23 -31.47 28.73
C CYS B 432 34.94 -32.78 29.05
N VAL B 433 36.03 -32.68 29.79
CA VAL B 433 36.80 -33.84 30.22
C VAL B 433 36.33 -34.22 31.61
N ILE B 434 35.89 -35.48 31.77
CA ILE B 434 35.36 -35.98 33.03
C ILE B 434 35.98 -37.34 33.29
N ALA B 435 36.85 -37.42 34.30
CA ALA B 435 37.48 -38.69 34.67
C ALA B 435 37.24 -38.96 36.15
N TRP B 436 36.93 -40.22 36.45
CA TRP B 436 36.66 -40.63 37.83
C TRP B 436 37.39 -41.93 38.14
N ASN B 437 37.66 -42.12 39.43
CA ASN B 437 38.47 -43.26 39.88
C ASN B 437 37.81 -44.57 39.50
N SER B 438 38.63 -45.51 39.01
CA SER B 438 38.15 -46.84 38.68
C SER B 438 39.15 -47.91 39.10
N ASN B 439 39.88 -47.68 40.19
CA ASN B 439 40.79 -48.70 40.70
C ASN B 439 40.04 -49.92 41.21
N ASN B 440 38.84 -49.71 41.76
CA ASN B 440 38.06 -50.82 42.29
C ASN B 440 37.40 -51.64 41.19
N LEU B 441 37.38 -51.12 39.96
CA LEU B 441 36.69 -51.78 38.85
C LEU B 441 37.65 -52.31 37.79
N ASP B 442 38.52 -51.45 37.27
CA ASP B 442 39.40 -51.85 36.17
C ASP B 442 40.53 -52.75 36.64
N SER B 443 41.31 -52.30 37.62
CA SER B 443 42.48 -53.05 38.05
C SER B 443 42.07 -54.39 38.68
N LYS B 444 42.83 -55.42 38.37
CA LYS B 444 42.59 -56.76 38.89
C LYS B 444 43.85 -57.30 39.54
N VAL B 445 43.68 -58.37 40.32
CA VAL B 445 44.80 -58.96 41.04
C VAL B 445 45.83 -59.49 40.05
N GLY B 446 47.10 -59.23 40.32
CA GLY B 446 48.17 -59.64 39.44
C GLY B 446 48.38 -58.74 38.24
N GLY B 447 47.71 -57.60 38.17
CA GLY B 447 47.85 -56.69 37.04
C GLY B 447 46.88 -56.98 35.93
N ASN B 448 46.29 -55.93 35.36
CA ASN B 448 45.34 -56.05 34.26
C ASN B 448 46.04 -55.74 32.95
N TYR B 449 45.79 -56.56 31.94
CA TYR B 449 46.45 -56.41 30.65
C TYR B 449 45.48 -56.27 29.49
N ASN B 450 44.18 -56.10 29.75
CA ASN B 450 43.22 -55.94 28.66
C ASN B 450 43.20 -54.51 28.11
N TYR B 451 43.86 -53.57 28.77
CA TYR B 451 43.95 -52.19 28.31
C TYR B 451 45.34 -51.94 27.73
N LEU B 452 45.38 -51.48 26.49
CA LEU B 452 46.63 -51.29 25.76
C LEU B 452 46.84 -49.81 25.47
N TYR B 453 48.11 -49.39 25.46
CA TYR B 453 48.47 -48.01 25.16
C TYR B 453 49.74 -47.98 24.34
N ARG B 454 49.89 -46.92 23.55
CA ARG B 454 51.06 -46.76 22.69
C ARG B 454 52.10 -45.91 23.38
N LEU B 455 53.32 -46.44 23.51
CA LEU B 455 54.42 -45.74 24.15
C LEU B 455 55.51 -45.28 23.20
N PHE B 456 55.58 -45.86 22.00
CA PHE B 456 56.60 -45.50 21.01
C PHE B 456 55.92 -45.07 19.73
N ARG B 457 56.34 -43.92 19.19
CA ARG B 457 55.89 -43.46 17.90
C ARG B 457 56.85 -42.39 17.39
N LYS B 458 57.14 -42.40 16.09
CA LYS B 458 58.09 -41.45 15.52
C LYS B 458 57.51 -40.04 15.51
N SER B 459 56.25 -39.89 15.14
CA SER B 459 55.60 -38.60 15.04
C SER B 459 54.61 -38.42 16.19
N ASN B 460 53.99 -37.24 16.23
CA ASN B 460 52.97 -36.93 17.23
C ASN B 460 51.60 -36.90 16.58
N LEU B 461 50.60 -37.35 17.34
CA LEU B 461 49.23 -37.39 16.84
C LEU B 461 48.69 -35.99 16.64
N LYS B 462 48.06 -35.76 15.47
CA LYS B 462 47.33 -34.54 15.26
C LYS B 462 46.08 -34.54 16.15
N PRO B 463 45.53 -33.35 16.45
CA PRO B 463 44.35 -33.30 17.34
C PRO B 463 43.22 -34.21 16.89
N PHE B 464 42.80 -35.10 17.79
CA PHE B 464 41.74 -36.08 17.55
C PHE B 464 42.08 -36.99 16.36
N GLU B 465 43.14 -37.77 16.55
CA GLU B 465 43.58 -38.75 15.57
C GLU B 465 43.63 -40.13 16.20
N ARG B 466 43.06 -41.11 15.50
CA ARG B 466 43.10 -42.51 15.93
C ARG B 466 43.80 -43.33 14.85
N ASP B 467 44.71 -44.22 15.29
CA ASP B 467 45.49 -45.02 14.35
C ASP B 467 45.73 -46.39 15.00
N ILE B 468 44.92 -47.37 14.59
CA ILE B 468 45.02 -48.72 15.12
C ILE B 468 45.97 -49.60 14.31
N SER B 469 46.58 -49.05 13.26
CA SER B 469 47.49 -49.84 12.42
C SER B 469 48.68 -50.36 13.23
N THR B 470 49.18 -49.55 14.15
CA THR B 470 50.29 -49.89 15.04
C THR B 470 51.49 -50.44 14.26
N GLU B 471 52.01 -49.59 13.38
CA GLU B 471 53.21 -49.95 12.64
C GLU B 471 54.39 -50.11 13.58
N ILE B 472 55.26 -51.08 13.29
CA ILE B 472 56.36 -51.41 14.19
C ILE B 472 57.32 -50.24 14.32
N TYR B 473 57.75 -49.97 15.54
CA TYR B 473 58.66 -48.87 15.80
C TYR B 473 60.05 -49.17 15.26
N GLN B 474 60.63 -48.20 14.56
CA GLN B 474 61.95 -48.33 13.95
C GLN B 474 62.84 -47.19 14.44
N ALA B 475 64.11 -47.52 14.73
CA ALA B 475 65.07 -46.53 15.19
C ALA B 475 66.48 -47.01 14.85
N GLY B 476 67.42 -46.08 14.90
CA GLY B 476 68.80 -46.42 14.59
C GLY B 476 68.97 -46.71 13.11
N SER B 477 69.65 -47.81 12.81
CA SER B 477 69.85 -48.24 11.43
C SER B 477 68.61 -48.92 10.85
N THR B 478 67.58 -49.14 11.67
CA THR B 478 66.33 -49.77 11.27
C THR B 478 66.51 -51.06 10.46
N PRO B 479 67.12 -52.09 11.04
CA PRO B 479 67.11 -53.42 10.41
C PRO B 479 65.95 -54.29 10.85
N CYS B 480 65.07 -53.79 11.71
CA CYS B 480 63.99 -54.58 12.31
C CYS B 480 62.86 -54.74 11.30
N ASN B 481 62.96 -55.79 10.49
CA ASN B 481 61.88 -56.10 9.56
C ASN B 481 60.69 -56.73 10.29
N GLY B 482 60.95 -57.42 11.39
CA GLY B 482 59.92 -58.06 12.18
C GLY B 482 59.44 -57.19 13.32
N VAL B 483 59.11 -57.83 14.44
CA VAL B 483 58.61 -57.11 15.60
C VAL B 483 59.73 -56.72 16.56
N GLU B 484 60.81 -57.51 16.64
CA GLU B 484 61.89 -57.27 17.55
C GLU B 484 63.20 -57.11 16.78
N GLY B 485 64.01 -56.14 17.20
CA GLY B 485 65.28 -55.90 16.55
C GLY B 485 66.06 -54.83 17.27
N PHE B 486 67.18 -54.44 16.67
CA PHE B 486 68.02 -53.40 17.24
C PHE B 486 67.28 -52.06 17.22
N ASN B 487 67.17 -51.44 18.40
CA ASN B 487 66.42 -50.19 18.56
C ASN B 487 64.98 -50.33 18.06
N CYS B 488 64.43 -51.53 18.16
CA CYS B 488 63.10 -51.85 17.67
C CYS B 488 62.28 -52.46 18.78
N TYR B 489 61.07 -51.95 18.97
CA TYR B 489 60.18 -52.44 20.01
C TYR B 489 58.74 -52.29 19.54
N PHE B 490 57.86 -53.05 20.15
CA PHE B 490 56.44 -52.97 19.80
C PHE B 490 55.87 -51.65 20.29
N PRO B 491 55.29 -50.83 19.42
CA PRO B 491 54.74 -49.54 19.87
C PRO B 491 53.61 -49.68 20.88
N LEU B 492 52.94 -50.82 20.91
CA LEU B 492 51.84 -51.04 21.84
C LEU B 492 52.33 -51.84 23.05
N GLN B 493 51.77 -51.52 24.22
CA GLN B 493 52.19 -52.15 25.45
C GLN B 493 51.04 -52.11 26.45
N SER B 494 51.16 -52.92 27.50
CA SER B 494 50.15 -53.00 28.53
C SER B 494 50.79 -52.83 29.90
N TYR B 495 50.16 -52.03 30.75
CA TYR B 495 50.62 -51.78 32.10
C TYR B 495 49.74 -52.55 33.08
N GLY B 496 50.36 -53.36 33.93
CA GLY B 496 49.63 -54.10 34.93
C GLY B 496 48.93 -53.20 35.92
N PHE B 497 47.61 -53.32 36.02
CA PHE B 497 46.81 -52.49 36.91
C PHE B 497 46.46 -53.31 38.14
N GLN B 498 46.86 -52.80 39.32
CA GLN B 498 46.62 -53.51 40.57
C GLN B 498 45.93 -52.59 41.57
N PRO B 499 45.04 -53.13 42.41
CA PRO B 499 44.42 -52.29 43.44
C PRO B 499 45.42 -51.71 44.43
N THR B 500 46.50 -52.43 44.74
CA THR B 500 47.51 -51.95 45.66
C THR B 500 48.52 -51.02 45.01
N ASN B 501 48.42 -50.79 43.71
CA ASN B 501 49.33 -49.88 43.03
C ASN B 501 49.06 -48.44 43.45
N GLY B 502 50.02 -47.57 43.16
CA GLY B 502 49.88 -46.18 43.55
C GLY B 502 48.71 -45.52 42.86
N VAL B 503 48.20 -44.45 43.50
CA VAL B 503 47.04 -43.74 42.97
C VAL B 503 47.35 -43.17 41.59
N GLY B 504 48.58 -42.70 41.39
CA GLY B 504 48.98 -42.21 40.08
C GLY B 504 48.91 -43.27 39.00
N TYR B 505 49.26 -44.52 39.34
CA TYR B 505 49.18 -45.62 38.38
C TYR B 505 47.80 -46.25 38.32
N GLN B 506 46.89 -45.89 39.22
CA GLN B 506 45.56 -46.47 39.20
C GLN B 506 44.75 -45.94 38.02
N PRO B 507 44.05 -46.81 37.29
CA PRO B 507 43.29 -46.36 36.12
C PRO B 507 42.05 -45.56 36.53
N TYR B 508 41.73 -44.56 35.72
CA TYR B 508 40.53 -43.74 35.86
C TYR B 508 39.74 -43.84 34.56
N ARG B 509 38.42 -43.90 34.68
CA ARG B 509 37.55 -43.86 33.52
C ARG B 509 37.37 -42.42 33.09
N VAL B 510 37.73 -42.10 31.84
CA VAL B 510 37.74 -40.73 31.35
C VAL B 510 36.89 -40.64 30.09
N VAL B 511 36.01 -39.64 30.05
CA VAL B 511 35.14 -39.38 28.92
C VAL B 511 35.30 -37.92 28.51
N VAL B 512 35.47 -37.68 27.22
CA VAL B 512 35.58 -36.35 26.65
C VAL B 512 34.33 -36.09 25.82
N LEU B 513 33.60 -35.03 26.19
CA LEU B 513 32.38 -34.63 25.48
C LEU B 513 32.71 -33.42 24.61
N SER B 514 33.28 -33.69 23.44
CA SER B 514 33.61 -32.63 22.50
C SER B 514 32.34 -31.99 21.96
N PHE B 515 32.30 -30.66 22.03
CA PHE B 515 31.17 -29.88 21.55
C PHE B 515 31.57 -29.13 20.29
N GLU B 516 30.60 -28.43 19.70
CA GLU B 516 30.85 -27.60 18.53
C GLU B 516 29.82 -26.49 18.48
N LEU B 517 30.19 -25.40 17.81
CA LEU B 517 29.38 -24.18 17.83
C LEU B 517 28.12 -24.36 17.00
N LEU B 518 27.24 -23.35 17.07
CA LEU B 518 25.94 -23.39 16.39
C LEU B 518 26.10 -22.83 14.98
N HIS B 519 26.62 -23.67 14.09
CA HIS B 519 26.74 -23.35 12.67
C HIS B 519 25.59 -23.93 11.86
N ALA B 520 24.60 -24.53 12.51
CA ALA B 520 23.51 -25.20 11.83
C ALA B 520 22.34 -25.28 12.80
N PRO B 521 21.15 -25.65 12.32
CA PRO B 521 20.05 -25.90 13.26
C PRO B 521 20.42 -26.98 14.28
N ALA B 522 20.05 -26.75 15.53
CA ALA B 522 20.45 -27.62 16.62
C ALA B 522 19.59 -28.87 16.67
N THR B 523 20.22 -30.00 16.95
CA THR B 523 19.54 -31.28 17.06
C THR B 523 19.54 -31.83 18.48
N VAL B 524 20.68 -31.77 19.17
CA VAL B 524 20.78 -32.19 20.56
C VAL B 524 20.76 -30.94 21.44
N CYS B 525 19.87 -30.93 22.43
CA CYS B 525 19.67 -29.72 23.21
C CYS B 525 19.34 -30.10 24.65
N GLY B 526 19.54 -29.14 25.56
CA GLY B 526 19.25 -29.35 26.96
C GLY B 526 17.76 -29.30 27.25
N PRO B 527 17.35 -29.88 28.37
CA PRO B 527 15.93 -29.88 28.73
C PRO B 527 15.43 -28.46 28.99
N LYS B 528 14.15 -28.25 28.73
CA LYS B 528 13.51 -26.97 28.99
C LYS B 528 12.78 -26.99 30.33
N LYS B 529 12.21 -25.83 30.68
CA LYS B 529 11.55 -25.66 31.97
C LYS B 529 10.04 -25.67 31.81
N SER B 530 9.36 -26.32 32.74
CA SER B 530 7.91 -26.41 32.75
C SER B 530 7.36 -25.70 33.99
N THR B 531 6.36 -24.84 33.77
CA THR B 531 5.73 -24.08 34.84
C THR B 531 4.53 -24.86 35.37
N ASN B 532 3.67 -24.20 36.13
CA ASN B 532 2.44 -24.79 36.65
C ASN B 532 1.25 -24.18 35.93
N LEU B 533 0.29 -25.02 35.54
CA LEU B 533 -0.89 -24.53 34.84
C LEU B 533 -1.75 -23.69 35.76
N VAL B 534 -2.39 -22.67 35.21
CA VAL B 534 -3.31 -21.80 35.94
C VAL B 534 -4.64 -21.82 35.21
N LYS B 535 -5.70 -22.15 35.93
CA LYS B 535 -7.04 -22.25 35.37
C LYS B 535 -7.93 -21.13 35.91
N ASN B 536 -8.87 -20.68 35.10
CA ASN B 536 -9.82 -19.63 35.44
C ASN B 536 -9.16 -18.30 35.79
N LYS B 537 -7.96 -18.06 35.26
CA LYS B 537 -7.28 -16.78 35.42
C LYS B 537 -6.67 -16.39 34.09
N CYS B 538 -6.76 -15.10 33.77
CA CYS B 538 -6.25 -14.58 32.50
C CYS B 538 -4.73 -14.56 32.57
N VAL B 539 -4.12 -15.61 32.03
CA VAL B 539 -2.68 -15.82 32.11
C VAL B 539 -2.13 -16.04 30.71
N ASN B 540 -1.09 -15.30 30.35
CA ASN B 540 -0.36 -15.57 29.12
C ASN B 540 0.24 -16.96 29.19
N PHE B 541 0.06 -17.75 28.13
CA PHE B 541 0.47 -19.14 28.14
C PHE B 541 1.33 -19.46 26.92
N ASN B 542 2.23 -20.42 27.11
CA ASN B 542 3.06 -20.95 26.04
C ASN B 542 2.97 -22.48 26.10
N PHE B 543 2.00 -23.03 25.38
CA PHE B 543 1.72 -24.45 25.38
C PHE B 543 2.39 -25.08 24.16
N ASN B 544 3.63 -25.53 24.33
CA ASN B 544 4.38 -26.19 23.27
C ASN B 544 4.54 -25.29 22.04
N GLY B 545 4.57 -23.98 22.28
CA GLY B 545 4.79 -23.02 21.21
C GLY B 545 3.56 -22.33 20.69
N LEU B 546 2.38 -22.57 21.28
CA LEU B 546 1.17 -21.86 20.85
C LEU B 546 1.28 -20.37 21.12
N THR B 547 1.82 -20.00 22.28
CA THR B 547 2.06 -18.61 22.69
C THR B 547 0.83 -17.74 22.48
N GLY B 548 -0.23 -18.09 23.19
CA GLY B 548 -1.47 -17.34 23.16
C GLY B 548 -1.77 -16.72 24.51
N THR B 549 -2.63 -15.70 24.50
CA THR B 549 -3.00 -14.98 25.70
C THR B 549 -4.50 -15.11 25.93
N GLY B 550 -4.88 -15.49 27.14
CA GLY B 550 -6.29 -15.64 27.45
C GLY B 550 -6.48 -16.30 28.79
N VAL B 551 -7.71 -16.73 29.03
CA VAL B 551 -8.05 -17.48 30.23
C VAL B 551 -8.39 -18.91 29.83
N LEU B 552 -7.81 -19.87 30.54
CA LEU B 552 -7.97 -21.29 30.23
C LEU B 552 -8.87 -21.94 31.26
N THR B 553 -9.93 -22.59 30.80
CA THR B 553 -10.84 -23.31 31.67
C THR B 553 -10.93 -24.76 31.22
N GLU B 554 -11.33 -25.63 32.15
CA GLU B 554 -11.51 -27.03 31.81
C GLU B 554 -12.59 -27.19 30.74
N SER B 555 -12.27 -27.94 29.70
CA SER B 555 -13.12 -28.03 28.52
C SER B 555 -13.83 -29.38 28.47
N ASN B 556 -14.92 -29.41 27.70
CA ASN B 556 -15.73 -30.61 27.51
C ASN B 556 -15.41 -31.36 26.23
N LYS B 557 -14.91 -30.67 25.21
CA LYS B 557 -14.60 -31.33 23.94
C LYS B 557 -13.47 -32.33 24.12
N LYS B 558 -13.55 -33.44 23.40
CA LYS B 558 -12.56 -34.51 23.47
C LYS B 558 -11.74 -34.54 22.18
N PHE B 559 -10.43 -34.51 22.33
CA PHE B 559 -9.53 -34.56 21.18
C PHE B 559 -9.21 -35.99 20.80
N LEU B 560 -8.81 -36.17 19.55
CA LEU B 560 -8.23 -37.44 19.14
C LEU B 560 -6.86 -37.59 19.80
N PRO B 561 -6.40 -38.83 20.02
CA PRO B 561 -5.13 -39.02 20.74
C PRO B 561 -3.94 -38.33 20.10
N PHE B 562 -3.93 -38.16 18.78
CA PHE B 562 -2.80 -37.57 18.08
C PHE B 562 -2.93 -36.07 17.90
N GLN B 563 -4.07 -35.47 18.23
CA GLN B 563 -4.36 -34.09 17.88
C GLN B 563 -3.91 -33.17 19.01
N GLN B 564 -3.19 -32.10 18.66
CA GLN B 564 -2.47 -31.30 19.64
C GLN B 564 -3.27 -30.11 20.16
N PHE B 565 -3.93 -29.35 19.30
CA PHE B 565 -4.68 -28.21 19.77
C PHE B 565 -5.84 -27.93 18.82
N GLY B 566 -6.89 -27.31 19.36
CA GLY B 566 -8.10 -27.08 18.62
C GLY B 566 -8.06 -25.81 17.77
N ARG B 567 -9.18 -25.56 17.10
CA ARG B 567 -9.32 -24.40 16.23
C ARG B 567 -10.81 -24.11 16.06
N ASP B 568 -11.10 -22.90 15.60
CA ASP B 568 -12.46 -22.44 15.40
C ASP B 568 -12.75 -22.31 13.91
N ILE B 569 -13.96 -21.82 13.59
CA ILE B 569 -14.33 -21.59 12.20
C ILE B 569 -13.47 -20.48 11.61
N ALA B 570 -13.12 -19.48 12.41
CA ALA B 570 -12.33 -18.35 11.96
C ALA B 570 -10.83 -18.59 12.03
N ASP B 571 -10.40 -19.85 12.10
CA ASP B 571 -8.98 -20.22 12.15
C ASP B 571 -8.27 -19.54 13.32
N THR B 572 -8.95 -19.48 14.46
CA THR B 572 -8.38 -18.95 15.70
C THR B 572 -8.42 -20.03 16.77
N THR B 573 -7.38 -20.06 17.60
CA THR B 573 -7.27 -21.10 18.62
C THR B 573 -8.33 -20.89 19.71
N ASP B 574 -9.00 -21.98 20.08
CA ASP B 574 -9.98 -21.94 21.16
C ASP B 574 -9.87 -23.13 22.10
N ALA B 575 -8.88 -23.99 21.91
CA ALA B 575 -8.65 -25.15 22.76
C ALA B 575 -7.22 -25.62 22.61
N VAL B 576 -6.65 -26.21 23.65
CA VAL B 576 -5.27 -26.69 23.62
C VAL B 576 -5.13 -27.87 24.55
N ARG B 577 -4.34 -28.86 24.13
CA ARG B 577 -4.03 -30.02 24.96
C ARG B 577 -2.75 -29.73 25.74
N ASP B 578 -2.82 -29.89 27.05
CA ASP B 578 -1.66 -29.64 27.90
C ASP B 578 -0.62 -30.75 27.70
N PRO B 579 0.60 -30.43 27.28
CA PRO B 579 1.58 -31.49 27.05
C PRO B 579 1.94 -32.28 28.31
N GLN B 580 2.01 -31.63 29.46
CA GLN B 580 2.42 -32.32 30.68
C GLN B 580 1.38 -33.37 31.09
N THR B 581 0.12 -32.97 31.19
CA THR B 581 -0.97 -33.87 31.51
C THR B 581 -2.04 -33.76 30.44
N LEU B 582 -2.48 -34.91 29.92
CA LEU B 582 -3.33 -34.95 28.72
C LEU B 582 -4.77 -34.59 29.11
N GLU B 583 -5.07 -33.30 29.00
CA GLU B 583 -6.44 -32.80 29.11
C GLU B 583 -6.63 -31.72 28.06
N ILE B 584 -7.87 -31.28 27.89
CA ILE B 584 -8.22 -30.25 26.93
C ILE B 584 -8.64 -29.01 27.70
N LEU B 585 -7.97 -27.89 27.44
CA LEU B 585 -8.24 -26.61 28.08
C LEU B 585 -8.82 -25.69 27.02
N ASP B 586 -10.04 -25.24 27.25
CA ASP B 586 -10.67 -24.25 26.39
C ASP B 586 -10.17 -22.87 26.77
N ILE B 587 -9.56 -22.18 25.82
CA ILE B 587 -9.08 -20.83 26.03
C ILE B 587 -10.13 -19.87 25.49
N THR B 588 -10.35 -18.78 26.21
CA THR B 588 -11.17 -17.69 25.74
C THR B 588 -10.43 -16.38 25.94
N PRO B 589 -10.62 -15.41 25.04
CA PRO B 589 -9.77 -14.22 25.07
C PRO B 589 -10.02 -13.38 26.30
N CYS B 590 -9.03 -12.56 26.65
CA CYS B 590 -9.14 -11.64 27.77
C CYS B 590 -10.35 -10.74 27.57
N SER B 591 -11.11 -10.55 28.64
CA SER B 591 -12.34 -9.77 28.55
C SER B 591 -12.04 -8.32 28.20
N PHE B 592 -12.85 -7.76 27.31
CA PHE B 592 -12.71 -6.35 26.94
C PHE B 592 -14.07 -5.86 26.45
N GLY B 593 -14.19 -4.53 26.38
CA GLY B 593 -15.42 -3.92 25.92
C GLY B 593 -15.38 -2.44 26.17
N GLY B 594 -16.34 -1.75 25.57
CA GLY B 594 -16.41 -0.31 25.72
C GLY B 594 -16.73 0.10 27.14
N VAL B 595 -16.12 1.21 27.56
CA VAL B 595 -16.44 1.85 28.83
C VAL B 595 -17.31 3.05 28.50
N SER B 596 -18.58 2.99 28.89
CA SER B 596 -19.53 4.04 28.60
C SER B 596 -19.90 4.77 29.90
N VAL B 597 -20.17 6.06 29.77
CA VAL B 597 -20.60 6.88 30.90
C VAL B 597 -22.04 7.26 30.64
N ILE B 598 -22.94 6.81 31.52
CA ILE B 598 -24.34 7.20 31.50
C ILE B 598 -24.47 8.41 32.41
N THR B 599 -24.90 9.53 31.86
CA THR B 599 -24.96 10.75 32.64
C THR B 599 -26.04 11.68 32.13
N PRO B 600 -26.77 12.34 33.01
CA PRO B 600 -27.64 13.43 32.59
C PRO B 600 -26.79 14.65 32.21
N GLY B 601 -27.47 15.74 31.88
CA GLY B 601 -26.76 16.95 31.52
C GLY B 601 -25.86 17.43 32.66
N THR B 602 -24.72 18.01 32.29
CA THR B 602 -23.82 18.53 33.31
C THR B 602 -24.47 19.63 34.13
N ASN B 603 -25.38 20.40 33.51
CA ASN B 603 -26.13 21.40 34.27
C ASN B 603 -27.13 20.74 35.21
N THR B 604 -27.65 19.58 34.84
CA THR B 604 -28.57 18.86 35.72
C THR B 604 -27.83 18.31 36.94
N SER B 605 -26.71 17.65 36.72
CA SER B 605 -25.92 17.07 37.81
C SER B 605 -24.55 16.67 37.26
N ASN B 606 -23.59 16.52 38.18
CA ASN B 606 -22.27 16.03 37.85
C ASN B 606 -22.09 14.55 38.20
N GLN B 607 -23.17 13.85 38.51
CA GLN B 607 -23.11 12.44 38.86
C GLN B 607 -23.21 11.58 37.61
N VAL B 608 -22.39 10.53 37.55
CA VAL B 608 -22.32 9.65 36.39
C VAL B 608 -22.35 8.20 36.84
N ALA B 609 -22.62 7.31 35.89
CA ALA B 609 -22.54 5.88 36.09
C ALA B 609 -21.69 5.29 34.97
N VAL B 610 -21.04 4.15 35.25
CA VAL B 610 -20.08 3.56 34.32
C VAL B 610 -20.58 2.18 33.91
N LEU B 611 -20.74 1.98 32.60
CA LEU B 611 -21.14 0.70 32.04
C LEU B 611 -19.92 0.07 31.37
N TYR B 612 -19.48 -1.07 31.88
CA TYR B 612 -18.44 -1.86 31.22
C TYR B 612 -19.15 -2.88 30.34
N GLN B 613 -18.97 -2.76 29.02
CA GLN B 613 -19.73 -3.58 28.09
C GLN B 613 -19.09 -4.95 27.91
N ASP B 614 -19.94 -5.98 27.87
CA ASP B 614 -19.53 -7.35 27.57
C ASP B 614 -18.43 -7.78 28.55
N VAL B 615 -18.81 -7.84 29.82
CA VAL B 615 -17.91 -8.28 30.88
C VAL B 615 -18.74 -8.50 32.14
N ASN B 616 -18.29 -9.42 32.98
CA ASN B 616 -18.89 -9.63 34.29
C ASN B 616 -18.04 -8.96 35.36
N CYS B 617 -18.69 -8.12 36.16
CA CYS B 617 -17.97 -7.23 37.06
C CYS B 617 -17.48 -7.91 38.31
N THR B 618 -17.37 -9.24 38.29
CA THR B 618 -16.46 -9.92 39.21
C THR B 618 -15.01 -9.62 38.85
N GLU B 619 -14.76 -9.12 37.64
CA GLU B 619 -13.39 -8.92 37.18
C GLU B 619 -13.10 -7.50 36.67
N VAL B 620 -14.09 -6.61 36.61
CA VAL B 620 -13.81 -5.24 36.17
C VAL B 620 -12.96 -4.42 37.14
N PRO B 621 -12.94 -4.68 38.46
CA PRO B 621 -11.96 -3.95 39.28
C PRO B 621 -10.52 -4.17 38.83
N VAL B 622 -10.20 -5.39 38.41
CA VAL B 622 -8.90 -5.79 37.87
C VAL B 622 -7.72 -5.12 38.57
N TYR B 636 -14.59 1.00 39.52
CA TYR B 636 -15.01 2.38 39.71
C TYR B 636 -15.07 2.72 41.19
N SER B 637 -14.92 4.02 41.50
CA SER B 637 -14.89 4.46 42.89
C SER B 637 -16.20 4.16 43.61
N THR B 638 -17.33 4.38 42.93
CA THR B 638 -18.64 4.17 43.53
C THR B 638 -19.03 2.69 43.42
N GLY B 639 -18.32 1.88 44.21
CA GLY B 639 -18.55 0.45 44.27
C GLY B 639 -19.64 0.03 45.22
N SER B 640 -20.40 0.98 45.78
CA SER B 640 -21.46 0.64 46.73
C SER B 640 -22.54 -0.21 46.06
N ASN B 641 -22.94 0.16 44.86
CA ASN B 641 -23.97 -0.57 44.12
C ASN B 641 -23.43 -0.93 42.74
N VAL B 642 -23.40 -2.22 42.43
CA VAL B 642 -22.81 -2.74 41.19
C VAL B 642 -23.80 -3.75 40.63
N PHE B 643 -24.58 -3.34 39.64
CA PHE B 643 -25.67 -4.16 39.13
C PHE B 643 -25.28 -4.70 37.75
N GLN B 644 -25.91 -5.81 37.35
CA GLN B 644 -25.46 -6.62 36.22
C GLN B 644 -26.49 -6.54 35.10
N THR B 645 -26.01 -6.42 33.86
CA THR B 645 -26.88 -6.33 32.69
C THR B 645 -26.44 -7.38 31.67
N ARG B 646 -27.24 -7.54 30.61
CA ARG B 646 -26.76 -8.28 29.45
C ARG B 646 -25.78 -7.44 28.64
N ALA B 647 -25.93 -6.12 28.66
CA ALA B 647 -25.02 -5.25 27.93
C ALA B 647 -23.64 -5.23 28.57
N GLY B 648 -23.57 -5.51 29.86
CA GLY B 648 -22.30 -5.46 30.59
C GLY B 648 -22.58 -5.46 32.08
N CYS B 649 -21.82 -4.65 32.80
CA CYS B 649 -22.10 -4.38 34.22
C CYS B 649 -22.11 -2.88 34.44
N LEU B 650 -23.11 -2.40 35.19
CA LEU B 650 -23.32 -0.98 35.46
C LEU B 650 -22.95 -0.68 36.90
N ILE B 651 -22.09 0.33 37.10
CA ILE B 651 -21.58 0.69 38.40
C ILE B 651 -21.97 2.14 38.69
N GLY B 652 -22.53 2.37 39.87
CA GLY B 652 -22.93 3.70 40.29
C GLY B 652 -24.41 4.00 40.16
N ALA B 653 -25.21 3.06 39.67
CA ALA B 653 -26.63 3.25 39.50
C ALA B 653 -27.41 2.13 40.17
N GLU B 654 -28.51 2.48 40.82
CA GLU B 654 -29.32 1.53 41.55
C GLU B 654 -30.49 1.02 40.72
N HIS B 655 -30.73 -0.27 40.77
CA HIS B 655 -31.84 -0.88 40.05
C HIS B 655 -33.16 -0.58 40.77
N VAL B 656 -34.21 -0.39 39.98
CA VAL B 656 -35.55 -0.21 40.50
C VAL B 656 -36.49 -1.16 39.76
N ASN B 657 -37.45 -1.75 40.48
CA ASN B 657 -38.40 -2.64 39.84
C ASN B 657 -39.35 -1.86 38.93
N ASN B 658 -39.58 -0.58 39.23
CA ASN B 658 -40.51 0.22 38.45
C ASN B 658 -40.00 0.43 37.03
N SER B 659 -40.94 0.55 36.09
CA SER B 659 -40.63 0.72 34.68
C SER B 659 -41.24 2.02 34.18
N TYR B 660 -40.43 2.85 33.54
CA TYR B 660 -40.86 4.11 32.96
C TYR B 660 -40.42 4.18 31.49
N GLU B 661 -40.68 5.32 30.86
CA GLU B 661 -40.21 5.57 29.52
C GLU B 661 -38.69 5.65 29.49
N CYS B 662 -38.12 5.24 28.37
CA CYS B 662 -36.67 5.22 28.21
C CYS B 662 -36.13 6.64 28.05
N ASP B 663 -35.10 6.97 28.84
CA ASP B 663 -34.36 8.20 28.66
C ASP B 663 -32.94 7.96 28.17
N ILE B 664 -32.17 7.12 28.85
CA ILE B 664 -30.81 6.81 28.46
C ILE B 664 -30.74 5.31 28.16
N PRO B 665 -30.86 4.91 26.90
CA PRO B 665 -30.79 3.48 26.56
C PRO B 665 -29.42 2.90 26.90
N ILE B 666 -29.40 1.64 27.31
CA ILE B 666 -28.18 0.94 27.67
C ILE B 666 -27.98 -0.30 26.80
N GLY B 667 -29.03 -1.08 26.62
CA GLY B 667 -28.98 -2.30 25.82
C GLY B 667 -29.78 -3.39 26.50
N ALA B 668 -30.26 -4.34 25.70
CA ALA B 668 -31.06 -5.47 26.19
C ALA B 668 -32.28 -5.00 26.97
N GLY B 669 -32.95 -3.97 26.46
CA GLY B 669 -34.18 -3.48 27.06
C GLY B 669 -34.02 -2.86 28.42
N ILE B 670 -32.96 -2.10 28.66
CA ILE B 670 -32.72 -1.43 29.93
C ILE B 670 -32.37 0.02 29.65
N CYS B 671 -32.96 0.94 30.41
CA CYS B 671 -32.74 2.36 30.23
C CYS B 671 -32.52 3.03 31.58
N ALA B 672 -31.40 3.73 31.70
CA ALA B 672 -31.09 4.49 32.89
C ALA B 672 -31.67 5.90 32.79
N SER B 673 -31.91 6.49 33.96
CA SER B 673 -32.48 7.83 34.06
C SER B 673 -32.02 8.45 35.38
N TYR B 674 -32.14 9.77 35.44
CA TYR B 674 -31.76 10.54 36.64
C TYR B 674 -33.05 11.02 37.30
N GLN B 675 -33.27 10.60 38.54
CA GLN B 675 -34.52 10.89 39.23
C GLN B 675 -34.27 11.01 40.73
N THR B 676 -35.31 11.39 41.46
CA THR B 676 -35.25 11.55 42.90
C THR B 676 -35.39 10.20 43.61
N SER B 686 -31.43 14.21 47.41
CA SER B 686 -31.96 12.85 47.29
C SER B 686 -32.21 12.49 45.83
N GLN B 687 -31.17 12.56 45.02
CA GLN B 687 -31.23 12.23 43.61
C GLN B 687 -30.20 11.15 43.30
N SER B 688 -30.50 10.30 42.33
CA SER B 688 -29.57 9.24 41.95
C SER B 688 -29.89 8.78 40.53
N ILE B 689 -28.93 8.07 39.94
CA ILE B 689 -29.11 7.46 38.63
C ILE B 689 -29.64 6.05 38.83
N ILE B 690 -30.72 5.72 38.13
CA ILE B 690 -31.40 4.43 38.28
C ILE B 690 -31.43 3.71 36.93
N ALA B 691 -31.35 2.39 36.98
CA ALA B 691 -31.44 1.55 35.79
C ALA B 691 -32.62 0.61 35.93
N TYR B 692 -33.42 0.50 34.87
CA TYR B 692 -34.66 -0.26 34.93
C TYR B 692 -35.01 -0.79 33.56
N THR B 693 -35.85 -1.82 33.54
CA THR B 693 -36.46 -2.28 32.29
C THR B 693 -37.42 -1.22 31.76
N MET B 694 -37.35 -0.95 30.46
CA MET B 694 -38.18 0.09 29.86
C MET B 694 -39.64 -0.37 29.77
N SER B 695 -40.55 0.56 30.00
CA SER B 695 -41.98 0.33 29.83
C SER B 695 -42.37 0.82 28.44
N LEU B 696 -43.02 -0.06 27.66
CA LEU B 696 -43.32 0.26 26.27
C LEU B 696 -44.48 1.24 26.14
N GLY B 697 -45.18 1.54 27.22
CA GLY B 697 -46.25 2.52 27.18
C GLY B 697 -47.34 2.17 28.17
N ALA B 698 -48.29 3.10 28.30
CA ALA B 698 -49.44 2.89 29.17
C ALA B 698 -50.30 1.77 28.61
N GLU B 699 -50.29 0.62 29.28
CA GLU B 699 -51.03 -0.54 28.80
C GLU B 699 -52.53 -0.24 28.81
N ASN B 700 -53.16 -0.31 27.65
CA ASN B 700 -54.56 0.04 27.50
C ASN B 700 -55.35 -1.17 27.01
N SER B 701 -56.53 -1.38 27.59
CA SER B 701 -57.44 -2.44 27.19
C SER B 701 -58.65 -1.79 26.54
N VAL B 702 -58.71 -1.83 25.22
CA VAL B 702 -59.87 -1.28 24.51
C VAL B 702 -61.10 -2.09 24.87
N ALA B 703 -62.20 -1.39 25.14
CA ALA B 703 -63.44 -2.04 25.56
C ALA B 703 -64.17 -2.63 24.36
N TYR B 704 -63.55 -3.59 23.69
CA TYR B 704 -64.16 -4.23 22.53
C TYR B 704 -65.37 -5.04 22.94
N SER B 705 -66.37 -5.07 22.06
CA SER B 705 -67.60 -5.81 22.31
C SER B 705 -68.26 -6.12 20.97
N ASN B 706 -69.25 -7.02 21.02
CA ASN B 706 -69.94 -7.42 19.80
C ASN B 706 -70.71 -6.26 19.18
N ASN B 707 -71.26 -5.36 19.99
CA ASN B 707 -72.12 -4.28 19.49
C ASN B 707 -71.81 -2.97 20.21
N SER B 708 -70.52 -2.64 20.33
CA SER B 708 -70.10 -1.39 20.97
C SER B 708 -69.25 -0.61 19.98
N ILE B 709 -69.65 0.63 19.70
CA ILE B 709 -68.95 1.50 18.77
C ILE B 709 -68.57 2.79 19.48
N ALA B 710 -67.32 3.20 19.34
CA ALA B 710 -66.83 4.45 19.91
C ALA B 710 -66.73 5.48 18.79
N ILE B 711 -67.39 6.63 18.97
CA ILE B 711 -67.45 7.68 17.98
C ILE B 711 -67.05 8.98 18.67
N PRO B 712 -66.19 9.80 18.07
CA PRO B 712 -65.83 11.08 18.70
C PRO B 712 -66.98 12.07 18.65
N THR B 713 -66.96 13.00 19.61
CA THR B 713 -67.93 14.08 19.69
C THR B 713 -67.40 15.40 19.19
N ASN B 714 -66.13 15.71 19.46
CA ASN B 714 -65.45 16.86 18.88
C ASN B 714 -64.05 16.42 18.48
N PHE B 715 -63.19 17.38 18.17
CA PHE B 715 -61.91 17.08 17.53
C PHE B 715 -60.86 18.07 17.99
N THR B 716 -59.64 17.85 17.52
CA THR B 716 -58.52 18.77 17.72
C THR B 716 -57.80 18.94 16.40
N ILE B 717 -57.50 20.18 16.04
CA ILE B 717 -56.68 20.48 14.87
C ILE B 717 -55.26 20.76 15.34
N SER B 718 -54.38 19.76 15.18
CA SER B 718 -53.03 19.83 15.71
C SER B 718 -52.03 19.93 14.58
N VAL B 719 -51.07 20.84 14.70
CA VAL B 719 -50.01 20.99 13.72
C VAL B 719 -48.73 20.41 14.31
N THR B 720 -48.11 19.49 13.57
CA THR B 720 -46.92 18.79 14.01
C THR B 720 -45.75 19.14 13.10
N THR B 721 -44.58 19.31 13.69
CA THR B 721 -43.39 19.69 12.96
C THR B 721 -42.56 18.46 12.61
N GLU B 722 -42.25 18.31 11.33
CA GLU B 722 -41.29 17.28 10.88
C GLU B 722 -40.19 17.95 10.08
N ILE B 723 -38.95 17.56 10.35
CA ILE B 723 -37.77 18.23 9.81
C ILE B 723 -36.99 17.26 8.95
N LEU B 724 -36.71 17.65 7.70
CA LEU B 724 -36.01 16.78 6.77
C LEU B 724 -34.82 17.50 6.16
N PRO B 725 -33.61 16.96 6.29
CA PRO B 725 -32.48 17.50 5.55
C PRO B 725 -32.70 17.35 4.04
N VAL B 726 -32.26 18.35 3.29
CA VAL B 726 -32.47 18.34 1.85
C VAL B 726 -31.14 18.38 1.13
N SER B 727 -30.14 19.01 1.74
CA SER B 727 -28.83 19.14 1.10
C SER B 727 -27.80 19.44 2.17
N MET B 728 -26.53 19.46 1.75
CA MET B 728 -25.43 19.81 2.62
C MET B 728 -24.50 20.75 1.88
N THR B 729 -23.36 21.05 2.50
CA THR B 729 -22.41 21.99 1.90
C THR B 729 -21.83 21.42 0.62
N LYS B 730 -21.75 22.26 -0.41
CA LYS B 730 -21.18 21.87 -1.70
C LYS B 730 -19.65 21.97 -1.64
N THR B 731 -19.05 21.00 -0.98
CA THR B 731 -17.60 20.96 -0.87
C THR B 731 -16.98 20.36 -2.12
N SER B 732 -15.90 20.98 -2.60
CA SER B 732 -15.17 20.53 -3.78
C SER B 732 -13.68 20.66 -3.46
N VAL B 733 -13.09 19.58 -2.94
CA VAL B 733 -11.70 19.61 -2.53
C VAL B 733 -10.81 19.64 -3.77
N ASP B 734 -9.98 20.68 -3.88
CA ASP B 734 -8.97 20.74 -4.92
C ASP B 734 -7.91 19.69 -4.61
N CYS B 735 -7.94 18.59 -5.37
CA CYS B 735 -7.18 17.40 -5.03
C CYS B 735 -5.68 17.66 -4.93
N THR B 736 -5.10 18.27 -5.98
CA THR B 736 -3.65 18.46 -6.01
C THR B 736 -3.20 19.46 -4.96
N MET B 737 -3.89 20.60 -4.87
CA MET B 737 -3.53 21.61 -3.87
C MET B 737 -3.65 21.07 -2.47
N TYR B 738 -4.61 20.17 -2.23
CA TYR B 738 -4.75 19.52 -0.94
C TYR B 738 -3.57 18.60 -0.65
N ILE B 739 -3.39 17.58 -1.50
CA ILE B 739 -2.45 16.52 -1.14
C ILE B 739 -1.01 17.01 -1.21
N CYS B 740 -0.70 17.90 -2.14
CA CYS B 740 0.65 18.45 -2.27
C CYS B 740 0.61 19.96 -2.12
N GLY B 741 1.69 20.52 -1.61
CA GLY B 741 1.80 21.96 -1.45
C GLY B 741 2.02 22.66 -2.77
N ASP B 742 2.74 23.78 -2.71
CA ASP B 742 3.07 24.50 -3.93
C ASP B 742 4.29 23.93 -4.64
N SER B 743 4.93 22.92 -4.06
CA SER B 743 6.09 22.30 -4.70
C SER B 743 5.67 21.54 -5.96
N THR B 744 6.45 21.71 -7.02
CA THR B 744 6.17 21.02 -8.29
C THR B 744 6.57 19.55 -8.25
N GLU B 745 7.56 19.20 -7.44
CA GLU B 745 8.03 17.82 -7.39
C GLU B 745 6.96 16.87 -6.87
N CYS B 746 6.19 17.31 -5.87
CA CYS B 746 5.11 16.48 -5.35
C CYS B 746 4.07 16.20 -6.42
N SER B 747 3.70 17.22 -7.19
CA SER B 747 2.77 17.02 -8.29
C SER B 747 3.36 16.08 -9.34
N ASN B 748 4.65 16.24 -9.64
CA ASN B 748 5.29 15.38 -10.62
C ASN B 748 5.25 13.91 -10.17
N LEU B 749 5.51 13.66 -8.88
CA LEU B 749 5.37 12.30 -8.36
C LEU B 749 3.93 11.82 -8.45
N LEU B 750 2.97 12.71 -8.14
CA LEU B 750 1.57 12.30 -8.15
C LEU B 750 1.07 11.99 -9.56
N LEU B 751 1.72 12.53 -10.59
CA LEU B 751 1.32 12.19 -11.95
C LEU B 751 1.44 10.70 -12.24
N GLN B 752 2.23 9.97 -11.46
CA GLN B 752 2.30 8.51 -11.61
C GLN B 752 0.96 7.88 -11.29
N TYR B 753 0.30 8.32 -10.22
CA TYR B 753 -1.07 7.91 -9.93
C TYR B 753 -1.99 8.63 -10.90
N GLY B 754 -2.29 7.98 -12.01
CA GLY B 754 -2.90 8.62 -13.16
C GLY B 754 -4.24 9.28 -12.93
N SER B 755 -5.28 8.49 -12.64
CA SER B 755 -6.65 8.98 -12.66
C SER B 755 -7.27 9.11 -11.28
N PHE B 756 -6.53 8.85 -10.19
CA PHE B 756 -7.11 8.95 -8.86
C PHE B 756 -7.57 10.38 -8.57
N CYS B 757 -6.72 11.36 -8.87
CA CYS B 757 -7.04 12.75 -8.61
C CYS B 757 -8.27 13.18 -9.41
N THR B 758 -8.32 12.79 -10.69
CA THR B 758 -9.48 13.11 -11.53
C THR B 758 -10.74 12.44 -11.00
N GLN B 759 -10.64 11.19 -10.53
CA GLN B 759 -11.80 10.50 -9.99
C GLN B 759 -12.34 11.22 -8.77
N LEU B 760 -11.44 11.62 -7.86
CA LEU B 760 -11.89 12.32 -6.66
C LEU B 760 -12.55 13.65 -6.99
N ASN B 761 -11.93 14.42 -7.90
CA ASN B 761 -12.51 15.69 -8.30
C ASN B 761 -13.87 15.50 -8.95
N ARG B 762 -13.99 14.49 -9.83
CA ARG B 762 -15.27 14.24 -10.50
C ARG B 762 -16.34 13.81 -9.50
N ALA B 763 -15.98 12.97 -8.53
CA ALA B 763 -16.94 12.55 -7.53
C ALA B 763 -17.45 13.74 -6.72
N LEU B 764 -16.54 14.62 -6.29
CA LEU B 764 -16.97 15.77 -5.50
C LEU B 764 -17.81 16.75 -6.32
N THR B 765 -17.43 16.97 -7.58
CA THR B 765 -18.22 17.84 -8.43
C THR B 765 -19.61 17.26 -8.69
N GLY B 766 -19.69 15.94 -8.89
CA GLY B 766 -20.98 15.31 -9.03
C GLY B 766 -21.83 15.42 -7.78
N ILE B 767 -21.19 15.32 -6.61
CA ILE B 767 -21.92 15.50 -5.36
C ILE B 767 -22.50 16.91 -5.28
N ALA B 768 -21.69 17.92 -5.61
CA ALA B 768 -22.17 19.30 -5.56
C ALA B 768 -23.31 19.52 -6.55
N VAL B 769 -23.15 18.99 -7.77
CA VAL B 769 -24.20 19.15 -8.79
C VAL B 769 -25.50 18.49 -8.33
N GLU B 770 -25.40 17.31 -7.72
CA GLU B 770 -26.61 16.65 -7.27
C GLU B 770 -27.22 17.35 -6.08
N GLN B 771 -26.43 18.03 -5.23
CA GLN B 771 -27.05 18.84 -4.17
C GLN B 771 -27.79 20.04 -4.75
N ASP B 772 -27.23 20.68 -5.77
CA ASP B 772 -27.94 21.77 -6.43
C ASP B 772 -29.26 21.28 -7.03
N LYS B 773 -29.20 20.20 -7.83
CA LYS B 773 -30.41 19.63 -8.40
C LYS B 773 -31.36 19.15 -7.32
N ASN B 774 -30.81 18.74 -6.17
CA ASN B 774 -31.62 18.25 -5.06
C ASN B 774 -32.46 19.37 -4.47
N THR B 775 -31.82 20.49 -4.13
CA THR B 775 -32.57 21.64 -3.63
C THR B 775 -33.58 22.12 -4.67
N GLN B 776 -33.18 22.14 -5.94
CA GLN B 776 -34.10 22.56 -7.00
C GLN B 776 -35.32 21.65 -7.06
N GLU B 777 -35.12 20.33 -6.97
CA GLU B 777 -36.25 19.41 -7.05
C GLU B 777 -37.13 19.50 -5.83
N VAL B 778 -36.54 19.72 -4.65
CA VAL B 778 -37.34 19.78 -3.43
C VAL B 778 -38.21 21.03 -3.41
N PHE B 779 -37.63 22.18 -3.74
CA PHE B 779 -38.35 23.44 -3.53
C PHE B 779 -39.03 23.98 -4.79
N ALA B 780 -38.52 23.69 -5.98
CA ALA B 780 -39.11 24.21 -7.21
C ALA B 780 -40.25 23.34 -7.71
N GLN B 781 -41.24 23.10 -6.85
CA GLN B 781 -42.43 22.36 -7.27
C GLN B 781 -43.44 23.24 -7.97
N VAL B 782 -43.23 24.55 -8.01
CA VAL B 782 -44.20 25.49 -8.56
C VAL B 782 -43.57 26.26 -9.70
N LYS B 783 -44.40 26.55 -10.71
CA LYS B 783 -43.93 27.25 -11.90
C LYS B 783 -44.03 28.76 -11.75
N GLN B 784 -45.09 29.26 -11.12
CA GLN B 784 -45.30 30.69 -10.94
C GLN B 784 -45.20 31.04 -9.46
N ILE B 785 -44.62 32.20 -9.17
CA ILE B 785 -44.46 32.67 -7.80
C ILE B 785 -45.76 33.33 -7.37
N TYR B 786 -46.54 32.64 -6.54
CA TYR B 786 -47.81 33.17 -6.09
C TYR B 786 -47.61 34.11 -4.91
N LYS B 787 -48.56 35.03 -4.74
CA LYS B 787 -48.51 36.01 -3.67
C LYS B 787 -49.85 36.06 -2.96
N THR B 788 -49.80 36.12 -1.62
CA THR B 788 -51.01 36.21 -0.83
C THR B 788 -51.69 37.57 -1.06
N PRO B 789 -53.02 37.63 -0.94
CA PRO B 789 -53.70 38.90 -1.11
C PRO B 789 -53.23 39.91 -0.08
N PRO B 790 -53.26 41.21 -0.41
CA PRO B 790 -52.76 42.21 0.54
C PRO B 790 -53.50 42.21 1.87
N ILE B 791 -54.79 41.92 1.87
CA ILE B 791 -55.57 41.83 3.10
C ILE B 791 -55.64 40.36 3.50
N LYS B 792 -55.53 40.10 4.81
CA LYS B 792 -55.55 38.75 5.33
C LYS B 792 -56.89 38.49 6.02
N ASP B 793 -57.88 38.09 5.22
CA ASP B 793 -59.20 37.74 5.72
C ASP B 793 -59.50 36.32 5.24
N PHE B 794 -59.07 35.34 6.04
CA PHE B 794 -59.23 33.93 5.71
C PHE B 794 -60.29 33.26 6.59
N GLY B 795 -61.32 34.03 6.95
CA GLY B 795 -62.39 33.48 7.76
C GLY B 795 -62.03 33.20 9.20
N GLY B 796 -60.93 33.76 9.69
CA GLY B 796 -60.50 33.58 11.06
C GLY B 796 -59.16 32.88 11.21
N PHE B 797 -58.68 32.22 10.16
CA PHE B 797 -57.38 31.56 10.24
C PHE B 797 -56.27 32.61 10.16
N ASN B 798 -55.34 32.55 11.11
CA ASN B 798 -54.27 33.53 11.25
C ASN B 798 -52.98 32.93 10.72
N PHE B 799 -52.56 33.37 9.53
CA PHE B 799 -51.33 32.92 8.91
C PHE B 799 -50.18 33.90 9.09
N SER B 800 -50.36 34.93 9.91
CA SER B 800 -49.29 35.92 10.10
C SER B 800 -48.05 35.28 10.70
N GLN B 801 -48.22 34.20 11.46
CA GLN B 801 -47.09 33.50 12.04
C GLN B 801 -46.40 32.57 11.06
N ILE B 802 -46.95 32.40 9.86
CA ILE B 802 -46.38 31.50 8.86
C ILE B 802 -46.15 32.16 7.51
N LEU B 803 -46.65 33.37 7.28
CA LEU B 803 -46.42 34.07 6.03
C LEU B 803 -45.28 35.08 6.18
N PRO B 804 -44.56 35.39 5.11
CA PRO B 804 -43.47 36.36 5.20
C PRO B 804 -43.96 37.73 5.64
N ASP B 805 -43.13 38.41 6.44
CA ASP B 805 -43.45 39.74 6.92
C ASP B 805 -42.71 40.78 6.10
N PRO B 806 -43.41 41.71 5.44
CA PRO B 806 -42.70 42.76 4.68
C PRO B 806 -41.87 43.68 5.54
N SER B 807 -42.14 43.74 6.85
CA SER B 807 -41.37 44.64 7.72
C SER B 807 -39.91 44.22 7.80
N LYS B 808 -39.63 42.92 7.88
CA LYS B 808 -38.27 42.45 7.98
C LYS B 808 -37.52 42.71 6.67
N PRO B 809 -36.23 43.07 6.75
CA PRO B 809 -35.46 43.25 5.50
C PRO B 809 -35.45 42.01 4.61
N SER B 810 -35.35 40.83 5.20
CA SER B 810 -35.45 39.59 4.45
C SER B 810 -36.88 39.09 4.49
N LYS B 811 -37.40 38.64 3.35
CA LYS B 811 -38.78 38.18 3.23
C LYS B 811 -38.86 36.75 3.77
N ARG B 812 -38.78 36.63 5.09
CA ARG B 812 -38.84 35.35 5.78
C ARG B 812 -39.88 35.39 6.87
N SER B 813 -40.47 34.24 7.16
CA SER B 813 -41.49 34.13 8.18
C SER B 813 -40.87 34.21 9.56
N PRO B 814 -41.68 34.50 10.59
CA PRO B 814 -41.14 34.37 11.96
C PRO B 814 -40.67 32.96 12.27
N ILE B 815 -41.38 31.94 11.79
CA ILE B 815 -40.95 30.56 12.00
C ILE B 815 -39.63 30.31 11.28
N GLU B 816 -39.50 30.80 10.05
CA GLU B 816 -38.25 30.63 9.31
C GLU B 816 -37.10 31.37 9.99
N ASP B 817 -37.38 32.55 10.55
CA ASP B 817 -36.36 33.28 11.29
C ASP B 817 -35.91 32.51 12.52
N LEU B 818 -36.87 31.92 13.25
CA LEU B 818 -36.53 31.09 14.41
C LEU B 818 -35.68 29.91 13.98
N LEU B 819 -36.04 29.25 12.88
CA LEU B 819 -35.28 28.10 12.40
C LEU B 819 -33.86 28.50 12.01
N PHE B 820 -33.73 29.62 11.29
CA PHE B 820 -32.42 30.11 10.87
C PHE B 820 -31.55 30.46 12.06
N ASN B 821 -32.11 31.13 13.07
CA ASN B 821 -31.34 31.44 14.27
C ASN B 821 -30.94 30.19 15.02
N LYS B 822 -31.84 29.21 15.11
CA LYS B 822 -31.56 28.00 15.87
C LYS B 822 -30.46 27.17 15.21
N VAL B 823 -30.49 27.04 13.88
CA VAL B 823 -29.48 26.26 13.18
C VAL B 823 -28.22 27.09 13.05
N THR B 824 -27.10 26.56 13.54
CA THR B 824 -25.83 27.26 13.48
C THR B 824 -24.79 26.44 12.70
N LYS B 851 -7.59 29.13 6.52
CA LYS B 851 -8.94 28.58 6.39
C LYS B 851 -9.02 27.53 5.30
N PHE B 852 -8.39 27.82 4.16
CA PHE B 852 -8.44 26.94 3.00
C PHE B 852 -7.09 26.25 2.83
N ASN B 853 -7.09 24.93 2.91
CA ASN B 853 -5.91 24.11 2.67
C ASN B 853 -5.95 23.48 1.28
N GLY B 854 -7.01 23.73 0.53
CA GLY B 854 -7.29 23.06 -0.72
C GLY B 854 -8.78 22.84 -0.82
N LEU B 855 -9.47 23.12 0.27
CA LEU B 855 -10.91 22.95 0.35
C LEU B 855 -11.62 24.08 -0.39
N THR B 856 -12.87 23.82 -0.78
CA THR B 856 -13.70 24.84 -1.38
C THR B 856 -15.15 24.56 -1.01
N VAL B 857 -15.88 25.61 -0.66
CA VAL B 857 -17.31 25.50 -0.38
C VAL B 857 -18.06 26.35 -1.41
N LEU B 858 -18.49 25.71 -2.49
CA LEU B 858 -19.23 26.42 -3.53
C LEU B 858 -20.60 26.83 -3.00
N PRO B 859 -20.98 28.09 -3.17
CA PRO B 859 -22.28 28.54 -2.71
C PRO B 859 -23.39 27.81 -3.44
N PRO B 860 -24.50 27.51 -2.75
CA PRO B 860 -25.62 26.83 -3.42
C PRO B 860 -26.21 27.70 -4.51
N LEU B 861 -26.76 27.04 -5.53
CA LEU B 861 -27.31 27.76 -6.67
C LEU B 861 -28.47 28.65 -6.26
N LEU B 862 -29.32 28.17 -5.35
CA LEU B 862 -30.44 28.95 -4.85
C LEU B 862 -30.08 29.51 -3.49
N THR B 863 -29.97 30.83 -3.40
CA THR B 863 -29.69 31.47 -2.12
C THR B 863 -30.88 31.31 -1.18
N ASP B 864 -30.65 31.64 0.09
CA ASP B 864 -31.72 31.54 1.08
C ASP B 864 -32.87 32.46 0.77
N GLU B 865 -32.60 33.63 0.18
CA GLU B 865 -33.68 34.52 -0.22
C GLU B 865 -34.57 33.88 -1.27
N MET B 866 -33.97 33.24 -2.27
CA MET B 866 -34.77 32.61 -3.32
C MET B 866 -35.48 31.36 -2.81
N ILE B 867 -34.86 30.64 -1.89
CA ILE B 867 -35.53 29.48 -1.28
C ILE B 867 -36.72 29.93 -0.46
N ALA B 868 -36.57 31.01 0.29
CA ALA B 868 -37.71 31.58 1.03
C ALA B 868 -38.77 32.09 0.08
N GLN B 869 -38.38 32.66 -1.06
CA GLN B 869 -39.36 33.07 -2.06
C GLN B 869 -40.14 31.86 -2.60
N TYR B 870 -39.43 30.75 -2.84
CA TYR B 870 -40.10 29.54 -3.31
C TYR B 870 -41.09 29.01 -2.28
N THR B 871 -40.67 28.97 -1.01
CA THR B 871 -41.57 28.50 0.03
C THR B 871 -42.75 29.45 0.22
N SER B 872 -42.51 30.76 0.10
CA SER B 872 -43.60 31.72 0.18
C SER B 872 -44.58 31.55 -0.96
N ALA B 873 -44.08 31.30 -2.17
CA ALA B 873 -44.96 31.05 -3.31
C ALA B 873 -45.78 29.80 -3.08
N LEU B 874 -45.15 28.73 -2.58
CA LEU B 874 -45.89 27.50 -2.30
C LEU B 874 -46.96 27.75 -1.26
N LEU B 875 -46.64 28.48 -0.20
CA LEU B 875 -47.59 28.72 0.88
C LEU B 875 -48.74 29.61 0.42
N ALA B 876 -48.45 30.67 -0.32
CA ALA B 876 -49.51 31.54 -0.83
C ALA B 876 -50.41 30.79 -1.80
N GLY B 877 -49.82 29.99 -2.69
CA GLY B 877 -50.62 29.17 -3.58
C GLY B 877 -51.51 28.20 -2.82
N THR B 878 -50.97 27.55 -1.79
CA THR B 878 -51.76 26.63 -1.00
C THR B 878 -52.92 27.35 -0.33
N ILE B 879 -52.65 28.50 0.29
CA ILE B 879 -53.68 29.23 1.01
C ILE B 879 -54.79 29.67 0.05
N THR B 880 -54.41 30.19 -1.11
CA THR B 880 -55.38 30.76 -2.03
C THR B 880 -56.12 29.73 -2.88
N SER B 881 -55.52 28.58 -3.15
CA SER B 881 -56.16 27.65 -4.07
C SER B 881 -56.31 26.23 -3.53
N GLY B 882 -55.36 25.76 -2.73
CA GLY B 882 -55.40 24.39 -2.26
C GLY B 882 -54.47 23.50 -3.06
N TRP B 883 -55.03 22.46 -3.68
CA TRP B 883 -54.25 21.55 -4.53
C TRP B 883 -54.34 21.89 -6.01
N THR B 884 -55.22 22.82 -6.39
CA THR B 884 -55.42 23.11 -7.80
C THR B 884 -54.18 23.70 -8.43
N PHE B 885 -53.47 24.57 -7.70
CA PHE B 885 -52.25 25.14 -8.24
C PHE B 885 -51.15 24.13 -8.45
N GLY B 886 -51.15 23.01 -7.71
CA GLY B 886 -50.17 21.97 -7.92
C GLY B 886 -50.63 20.96 -8.95
N ALA B 887 -51.93 20.87 -9.16
CA ALA B 887 -52.48 19.98 -10.17
C ALA B 887 -52.64 20.66 -11.53
N GLY B 888 -52.40 21.95 -11.62
CA GLY B 888 -52.55 22.68 -12.85
C GLY B 888 -52.47 24.17 -12.62
N PRO B 889 -53.42 24.92 -13.17
CA PRO B 889 -53.48 26.36 -12.90
C PRO B 889 -54.15 26.66 -11.57
N ALA B 890 -53.77 27.78 -10.98
CA ALA B 890 -54.27 28.15 -9.66
C ALA B 890 -55.72 28.60 -9.76
N LEU B 891 -56.57 28.02 -8.91
CA LEU B 891 -57.99 28.33 -8.87
C LEU B 891 -58.32 28.92 -7.51
N GLN B 892 -58.73 30.18 -7.49
CA GLN B 892 -59.03 30.85 -6.23
C GLN B 892 -60.22 30.17 -5.56
N ILE B 893 -60.14 30.09 -4.23
CA ILE B 893 -61.18 29.46 -3.41
C ILE B 893 -61.10 30.02 -2.00
N PRO B 894 -62.22 30.37 -1.38
CA PRO B 894 -62.17 30.83 0.02
C PRO B 894 -61.56 29.77 0.92
N PHE B 895 -60.77 30.21 1.90
CA PHE B 895 -60.14 29.25 2.80
C PHE B 895 -61.13 28.43 3.61
N PRO B 896 -62.23 28.96 4.14
CA PRO B 896 -63.24 28.07 4.73
C PRO B 896 -63.73 27.02 3.75
N MET B 897 -63.91 27.37 2.48
CA MET B 897 -64.33 26.38 1.51
C MET B 897 -63.26 25.32 1.28
N GLN B 898 -61.99 25.73 1.30
CA GLN B 898 -60.91 24.77 1.16
C GLN B 898 -60.85 23.83 2.36
N MET B 899 -61.06 24.36 3.57
CA MET B 899 -61.14 23.49 4.74
C MET B 899 -62.34 22.55 4.66
N ALA B 900 -63.46 23.00 4.11
CA ALA B 900 -64.59 22.11 3.89
C ALA B 900 -64.20 20.99 2.93
N TYR B 901 -63.46 21.34 1.88
CA TYR B 901 -62.92 20.33 0.96
C TYR B 901 -62.08 19.31 1.71
N ARG B 902 -61.16 19.77 2.55
CA ARG B 902 -60.28 18.85 3.26
C ARG B 902 -61.05 17.97 4.23
N PHE B 903 -62.02 18.54 4.94
CA PHE B 903 -62.84 17.73 5.85
C PHE B 903 -63.61 16.68 5.07
N ASN B 904 -64.21 17.05 3.95
CA ASN B 904 -64.87 16.05 3.11
C ASN B 904 -63.88 15.01 2.61
N GLY B 905 -62.62 15.39 2.46
CA GLY B 905 -61.59 14.42 2.10
C GLY B 905 -61.33 13.42 3.20
N ILE B 906 -61.32 13.86 4.46
CA ILE B 906 -61.03 12.95 5.57
C ILE B 906 -62.29 12.23 6.00
N GLY B 907 -63.38 12.42 5.27
CA GLY B 907 -64.63 11.73 5.57
C GLY B 907 -65.56 12.42 6.54
N VAL B 908 -65.31 13.69 6.86
CA VAL B 908 -66.17 14.47 7.74
C VAL B 908 -66.90 15.50 6.89
N THR B 909 -68.23 15.56 7.01
CA THR B 909 -69.03 16.41 6.16
C THR B 909 -68.68 17.88 6.36
N GLN B 910 -69.08 18.70 5.39
CA GLN B 910 -68.71 20.12 5.40
C GLN B 910 -69.43 20.89 6.50
N ASN B 911 -70.58 20.38 6.95
CA ASN B 911 -71.35 21.10 7.97
C ASN B 911 -70.59 21.20 9.28
N VAL B 912 -69.72 20.22 9.57
CA VAL B 912 -68.93 20.27 10.80
C VAL B 912 -68.05 21.52 10.80
N LEU B 913 -67.31 21.74 9.71
CA LEU B 913 -66.48 22.93 9.62
C LEU B 913 -67.33 24.19 9.58
N TYR B 914 -68.35 24.21 8.72
CA TYR B 914 -69.13 25.43 8.55
C TYR B 914 -69.92 25.83 9.79
N GLU B 915 -70.12 24.90 10.73
CA GLU B 915 -70.76 25.22 12.00
C GLU B 915 -69.78 25.39 13.15
N ASN B 916 -68.53 24.91 13.00
CA ASN B 916 -67.50 25.10 14.02
C ASN B 916 -66.34 25.91 13.47
N GLN B 917 -66.61 26.85 12.55
CA GLN B 917 -65.54 27.55 11.87
C GLN B 917 -64.70 28.38 12.84
N LYS B 918 -65.35 29.10 13.75
CA LYS B 918 -64.62 29.92 14.71
C LYS B 918 -63.75 29.08 15.62
N LEU B 919 -64.30 27.97 16.13
CA LEU B 919 -63.54 27.10 17.01
C LEU B 919 -62.37 26.47 16.29
N ILE B 920 -62.56 26.04 15.05
CA ILE B 920 -61.48 25.42 14.29
C ILE B 920 -60.39 26.44 13.99
N ALA B 921 -60.78 27.67 13.64
CA ALA B 921 -59.79 28.71 13.39
C ALA B 921 -58.99 29.01 14.66
N ASN B 922 -59.68 29.09 15.81
CA ASN B 922 -58.97 29.34 17.07
C ASN B 922 -58.01 28.21 17.38
N GLN B 923 -58.44 26.96 17.16
CA GLN B 923 -57.57 25.82 17.41
C GLN B 923 -56.35 25.84 16.51
N PHE B 924 -56.53 26.17 15.23
CA PHE B 924 -55.42 26.23 14.30
C PHE B 924 -54.43 27.33 14.69
N ASN B 925 -54.95 28.51 15.05
CA ASN B 925 -54.07 29.60 15.46
C ASN B 925 -53.30 29.24 16.72
N SER B 926 -53.97 28.65 17.70
CA SER B 926 -53.30 28.26 18.93
C SER B 926 -52.24 27.19 18.67
N ALA B 927 -52.54 26.24 17.78
CA ALA B 927 -51.56 25.20 17.47
C ALA B 927 -50.34 25.77 16.76
N ILE B 928 -50.55 26.70 15.83
CA ILE B 928 -49.42 27.33 15.16
C ILE B 928 -48.57 28.11 16.16
N GLY B 929 -49.22 28.85 17.06
CA GLY B 929 -48.48 29.55 18.10
C GLY B 929 -47.72 28.60 19.00
N LYS B 930 -48.31 27.45 19.31
CA LYS B 930 -47.63 26.47 20.15
C LYS B 930 -46.42 25.88 19.46
N ILE B 931 -46.51 25.64 18.15
CA ILE B 931 -45.34 25.17 17.41
C ILE B 931 -44.24 26.21 17.42
N GLN B 932 -44.61 27.49 17.22
CA GLN B 932 -43.59 28.54 17.30
C GLN B 932 -42.95 28.58 18.67
N ASP B 933 -43.75 28.47 19.73
CA ASP B 933 -43.23 28.50 21.09
C ASP B 933 -42.30 27.32 21.35
N SER B 934 -42.68 26.13 20.90
CA SER B 934 -41.85 24.95 21.11
C SER B 934 -40.54 25.06 20.35
N LEU B 935 -40.59 25.57 19.12
CA LEU B 935 -39.36 25.76 18.35
C LEU B 935 -38.45 26.78 19.03
N SER B 936 -39.03 27.86 19.56
CA SER B 936 -38.22 28.87 20.25
C SER B 936 -37.61 28.31 21.53
N SER B 937 -38.37 27.50 22.28
CA SER B 937 -37.91 27.07 23.59
C SER B 937 -36.96 25.87 23.49
N THR B 938 -37.41 24.77 22.91
CA THR B 938 -36.61 23.56 22.86
C THR B 938 -35.45 23.76 21.90
N PRO B 939 -34.19 23.58 22.33
CA PRO B 939 -33.05 23.86 21.45
C PRO B 939 -32.73 22.70 20.52
N SER B 940 -33.09 21.48 20.90
CA SER B 940 -32.76 20.29 20.15
C SER B 940 -33.81 19.95 19.09
N ALA B 941 -34.67 20.91 18.74
CA ALA B 941 -35.69 20.64 17.73
C ALA B 941 -35.08 20.38 16.37
N LEU B 942 -34.07 21.15 15.98
CA LEU B 942 -33.46 21.05 14.65
C LEU B 942 -32.37 19.99 14.62
N GLY B 943 -32.71 18.80 15.11
CA GLY B 943 -31.72 17.76 15.29
C GLY B 943 -31.13 17.26 13.99
N LYS B 944 -31.96 17.00 12.99
CA LYS B 944 -31.48 16.42 11.74
C LYS B 944 -30.54 17.38 11.01
N LEU B 945 -30.96 18.63 10.85
CA LEU B 945 -30.14 19.62 10.15
C LEU B 945 -28.87 19.92 10.92
N GLN B 946 -28.97 20.07 12.24
CA GLN B 946 -27.79 20.33 13.04
C GLN B 946 -26.81 19.17 12.95
N ASP B 947 -27.32 17.93 12.96
CA ASP B 947 -26.47 16.75 12.84
C ASP B 947 -25.78 16.70 11.49
N VAL B 948 -26.49 17.01 10.41
CA VAL B 948 -25.87 16.95 9.09
C VAL B 948 -24.78 18.02 8.95
N VAL B 949 -25.04 19.22 9.47
CA VAL B 949 -24.03 20.27 9.43
C VAL B 949 -22.82 19.88 10.27
N ASN B 950 -23.07 19.33 11.46
CA ASN B 950 -21.98 18.92 12.33
C ASN B 950 -21.15 17.80 11.70
N GLN B 951 -21.80 16.83 11.04
CA GLN B 951 -21.08 15.75 10.40
C GLN B 951 -20.21 16.27 9.25
N ASN B 952 -20.76 17.18 8.44
CA ASN B 952 -19.96 17.76 7.35
C ASN B 952 -18.76 18.51 7.90
N ALA B 953 -18.97 19.35 8.91
CA ALA B 953 -17.87 20.11 9.50
C ALA B 953 -16.83 19.19 10.12
N GLN B 954 -17.28 18.13 10.79
CA GLN B 954 -16.35 17.19 11.42
C GLN B 954 -15.52 16.46 10.37
N ALA B 955 -16.15 16.03 9.27
CA ALA B 955 -15.41 15.37 8.21
C ALA B 955 -14.37 16.32 7.61
N LEU B 956 -14.76 17.57 7.37
CA LEU B 956 -13.82 18.53 6.81
C LEU B 956 -12.64 18.78 7.77
N ASN B 957 -12.94 18.93 9.05
CA ASN B 957 -11.89 19.18 10.04
C ASN B 957 -10.96 17.99 10.16
N THR B 958 -11.50 16.77 10.14
CA THR B 958 -10.65 15.58 10.20
C THR B 958 -9.77 15.47 8.96
N LEU B 959 -10.32 15.77 7.78
CA LEU B 959 -9.52 15.74 6.56
C LEU B 959 -8.39 16.74 6.63
N VAL B 960 -8.66 17.95 7.15
CA VAL B 960 -7.60 18.93 7.32
C VAL B 960 -6.57 18.44 8.32
N LYS B 961 -7.03 17.86 9.44
CA LYS B 961 -6.12 17.40 10.49
C LYS B 961 -5.22 16.29 10.00
N GLN B 962 -5.67 15.50 9.02
CA GLN B 962 -4.85 14.41 8.50
C GLN B 962 -3.55 14.90 7.88
N LEU B 963 -3.46 16.18 7.52
CA LEU B 963 -2.22 16.73 6.98
C LEU B 963 -1.10 16.65 8.02
N SER B 964 -1.42 16.93 9.29
CA SER B 964 -0.42 16.91 10.34
C SER B 964 0.08 15.50 10.66
N SER B 965 -0.64 14.46 10.23
CA SER B 965 -0.21 13.10 10.48
C SER B 965 1.06 12.78 9.71
N ASN B 966 1.98 12.06 10.37
CA ASN B 966 3.27 11.76 9.75
C ASN B 966 3.16 10.65 8.71
N PHE B 967 2.23 9.71 8.91
CA PHE B 967 2.03 8.58 7.99
C PHE B 967 3.29 7.73 7.84
N GLY B 968 4.13 7.73 8.88
CA GLY B 968 5.34 6.94 8.87
C GLY B 968 6.56 7.62 8.28
N ALA B 969 6.41 8.80 7.72
CA ALA B 969 7.54 9.52 7.14
C ALA B 969 8.31 10.26 8.23
N ILE B 970 9.36 10.96 7.82
CA ILE B 970 10.16 11.74 8.77
C ILE B 970 9.33 12.87 9.36
N SER B 971 8.59 13.58 8.52
CA SER B 971 7.76 14.69 8.98
C SER B 971 6.54 14.80 8.07
N SER B 972 5.58 15.61 8.49
CA SER B 972 4.32 15.78 7.78
C SER B 972 4.28 17.04 6.93
N VAL B 973 5.43 17.66 6.66
CA VAL B 973 5.49 18.93 5.96
C VAL B 973 6.36 18.78 4.72
N LEU B 974 5.80 19.19 3.57
CA LEU B 974 6.51 19.04 2.30
C LEU B 974 7.77 19.89 2.26
N ASN B 975 7.69 21.11 2.77
CA ASN B 975 8.84 22.02 2.73
C ASN B 975 10.01 21.45 3.53
N ASP B 976 9.74 20.96 4.74
CA ASP B 976 10.81 20.44 5.58
C ASP B 976 11.33 19.12 5.03
N ILE B 977 10.49 18.32 4.38
CA ILE B 977 11.03 17.10 3.78
C ILE B 977 11.91 17.43 2.58
N LEU B 978 11.47 18.37 1.73
CA LEU B 978 12.28 18.76 0.58
C LEU B 978 13.63 19.33 1.02
N SER B 979 13.62 20.25 1.96
CA SER B 979 14.87 20.68 2.56
C SER B 979 15.42 19.58 3.46
N ARG B 980 16.72 19.67 3.75
CA ARG B 980 17.36 18.80 4.74
C ARG B 980 17.50 17.36 4.24
N LEU B 981 16.87 17.05 3.12
CA LEU B 981 16.91 15.72 2.53
C LEU B 981 17.17 15.85 1.03
N ASP B 982 18.03 15.00 0.51
CA ASP B 982 18.33 15.00 -0.92
C ASP B 982 17.28 14.18 -1.68
N PRO B 983 17.15 14.43 -2.98
CA PRO B 983 16.06 13.83 -3.77
C PRO B 983 15.99 12.31 -3.68
N PRO B 984 17.13 11.57 -3.69
CA PRO B 984 17.01 10.11 -3.79
C PRO B 984 16.13 9.45 -2.74
N GLU B 985 16.12 9.93 -1.50
CA GLU B 985 15.17 9.41 -0.52
C GLU B 985 14.06 10.40 -0.18
N ALA B 986 14.22 11.68 -0.54
CA ALA B 986 13.07 12.57 -0.50
C ALA B 986 11.93 12.03 -1.36
N GLU B 987 12.28 11.39 -2.48
CA GLU B 987 11.26 10.81 -3.35
C GLU B 987 10.47 9.73 -2.63
N VAL B 988 11.15 8.83 -1.90
CA VAL B 988 10.45 7.73 -1.26
C VAL B 988 9.64 8.22 -0.07
N GLN B 989 10.18 9.18 0.69
CA GLN B 989 9.41 9.76 1.80
C GLN B 989 8.15 10.46 1.28
N ILE B 990 8.30 11.24 0.20
CA ILE B 990 7.16 11.95 -0.37
C ILE B 990 6.16 10.97 -0.97
N ASP B 991 6.65 9.85 -1.51
CA ASP B 991 5.73 8.82 -2.00
C ASP B 991 4.93 8.21 -0.86
N ARG B 992 5.57 7.97 0.29
CA ARG B 992 4.82 7.50 1.44
C ARG B 992 3.76 8.52 1.85
N LEU B 993 4.12 9.80 1.85
CA LEU B 993 3.13 10.83 2.17
C LEU B 993 1.99 10.86 1.16
N ILE B 994 2.31 10.70 -0.13
CA ILE B 994 1.26 10.66 -1.14
C ILE B 994 0.33 9.49 -0.90
N THR B 995 0.88 8.31 -0.58
CA THR B 995 0.03 7.15 -0.32
C THR B 995 -0.90 7.42 0.86
N GLY B 996 -0.34 7.94 1.96
CA GLY B 996 -1.17 8.20 3.14
C GLY B 996 -2.25 9.24 2.87
N ARG B 997 -1.87 10.35 2.24
CA ARG B 997 -2.82 11.44 2.02
C ARG B 997 -3.85 11.07 0.98
N LEU B 998 -3.46 10.29 -0.04
CA LEU B 998 -4.42 9.81 -1.02
C LEU B 998 -5.40 8.84 -0.40
N GLN B 999 -4.94 7.98 0.51
CA GLN B 999 -5.87 7.12 1.24
C GLN B 999 -6.83 7.94 2.07
N SER B 1000 -6.33 8.99 2.72
CA SER B 1000 -7.20 9.86 3.51
C SER B 1000 -8.24 10.54 2.63
N LEU B 1001 -7.84 11.05 1.47
CA LEU B 1001 -8.78 11.73 0.58
C LEU B 1001 -9.80 10.74 0.01
N GLN B 1002 -9.37 9.51 -0.29
CA GLN B 1002 -10.30 8.50 -0.75
C GLN B 1002 -11.30 8.14 0.33
N THR B 1003 -10.84 8.01 1.58
CA THR B 1003 -11.77 7.77 2.67
C THR B 1003 -12.77 8.91 2.81
N TYR B 1004 -12.29 10.15 2.70
CA TYR B 1004 -13.18 11.31 2.79
C TYR B 1004 -14.23 11.30 1.70
N VAL B 1005 -13.81 11.04 0.45
CA VAL B 1005 -14.77 11.08 -0.64
C VAL B 1005 -15.73 9.90 -0.57
N THR B 1006 -15.28 8.74 -0.06
CA THR B 1006 -16.18 7.62 0.10
C THR B 1006 -17.23 7.90 1.18
N GLN B 1007 -16.81 8.44 2.32
CA GLN B 1007 -17.77 8.80 3.35
C GLN B 1007 -18.72 9.88 2.87
N GLN B 1008 -18.20 10.83 2.09
CA GLN B 1008 -19.05 11.88 1.54
C GLN B 1008 -20.03 11.33 0.52
N LEU B 1009 -19.64 10.31 -0.25
CA LEU B 1009 -20.57 9.67 -1.16
C LEU B 1009 -21.66 8.92 -0.40
N ILE B 1010 -21.28 8.26 0.69
CA ILE B 1010 -22.29 7.58 1.53
C ILE B 1010 -23.29 8.59 2.08
N ARG B 1011 -22.78 9.69 2.63
CA ARG B 1011 -23.66 10.70 3.20
C ARG B 1011 -24.46 11.41 2.11
N ALA B 1012 -23.90 11.54 0.91
CA ALA B 1012 -24.65 12.12 -0.21
C ALA B 1012 -25.79 11.21 -0.63
N ALA B 1013 -25.57 9.90 -0.63
CA ALA B 1013 -26.66 8.98 -0.91
C ALA B 1013 -27.73 9.04 0.16
N GLU B 1014 -27.32 9.13 1.43
CA GLU B 1014 -28.30 9.26 2.51
C GLU B 1014 -29.10 10.56 2.38
N ILE B 1015 -28.44 11.66 2.06
CA ILE B 1015 -29.13 12.94 1.89
C ILE B 1015 -30.01 12.88 0.66
N ARG B 1016 -29.59 12.20 -0.39
CA ARG B 1016 -30.41 12.04 -1.57
C ARG B 1016 -31.69 11.30 -1.26
N ALA B 1017 -31.59 10.23 -0.47
CA ALA B 1017 -32.79 9.51 -0.06
C ALA B 1017 -33.69 10.40 0.81
N SER B 1018 -33.10 11.10 1.78
CA SER B 1018 -33.90 11.94 2.67
C SER B 1018 -34.59 13.06 1.90
N ALA B 1019 -33.92 13.62 0.90
CA ALA B 1019 -34.47 14.72 0.15
C ALA B 1019 -35.43 14.29 -0.96
N ASN B 1020 -35.26 13.09 -1.51
CA ASN B 1020 -36.32 12.53 -2.34
C ASN B 1020 -37.58 12.31 -1.51
N LEU B 1021 -37.40 11.84 -0.27
CA LEU B 1021 -38.54 11.76 0.64
C LEU B 1021 -39.14 13.14 0.89
N ALA B 1022 -38.30 14.16 1.09
CA ALA B 1022 -38.79 15.51 1.33
C ALA B 1022 -39.55 16.05 0.12
N ALA B 1023 -39.05 15.79 -1.09
CA ALA B 1023 -39.71 16.30 -2.29
C ALA B 1023 -41.05 15.59 -2.53
N THR B 1024 -41.06 14.26 -2.41
CA THR B 1024 -42.33 13.56 -2.58
C THR B 1024 -43.31 13.92 -1.47
N LYS B 1025 -42.82 14.24 -0.28
CA LYS B 1025 -43.68 14.67 0.81
C LYS B 1025 -44.24 16.07 0.54
N MET B 1026 -43.42 16.97 0.01
CA MET B 1026 -43.94 18.25 -0.45
C MET B 1026 -45.08 18.04 -1.45
N SER B 1027 -44.82 17.21 -2.46
CA SER B 1027 -45.82 16.99 -3.51
C SER B 1027 -47.11 16.40 -2.95
N GLU B 1028 -47.00 15.46 -2.00
CA GLU B 1028 -48.20 14.79 -1.52
C GLU B 1028 -48.85 15.44 -0.31
N CYS B 1029 -48.21 16.42 0.33
CA CYS B 1029 -48.77 17.03 1.53
C CYS B 1029 -49.14 18.49 1.34
N VAL B 1030 -48.28 19.31 0.73
CA VAL B 1030 -48.64 20.71 0.56
C VAL B 1030 -49.27 20.96 -0.81
N LEU B 1031 -48.79 20.28 -1.84
CA LEU B 1031 -49.42 20.40 -3.16
C LEU B 1031 -50.75 19.68 -3.24
N GLY B 1032 -51.10 18.89 -2.23
CA GLY B 1032 -52.39 18.22 -2.21
C GLY B 1032 -52.57 17.50 -0.89
N GLN B 1033 -53.82 17.12 -0.63
CA GLN B 1033 -54.14 16.37 0.57
C GLN B 1033 -53.81 14.90 0.37
N SER B 1034 -53.27 14.28 1.41
CA SER B 1034 -52.79 12.91 1.35
C SER B 1034 -53.67 12.00 2.20
N LYS B 1035 -54.20 10.95 1.59
CA LYS B 1035 -54.86 9.88 2.32
C LYS B 1035 -53.89 8.82 2.80
N ARG B 1036 -52.61 8.99 2.50
CA ARG B 1036 -51.56 8.06 2.92
C ARG B 1036 -51.42 8.14 4.43
N VAL B 1037 -51.71 7.03 5.12
CA VAL B 1037 -51.82 7.07 6.57
C VAL B 1037 -50.45 7.29 7.19
N ASP B 1038 -50.38 8.24 8.13
CA ASP B 1038 -49.17 8.53 8.90
C ASP B 1038 -48.00 8.93 8.01
N PHE B 1039 -48.29 9.61 6.89
CA PHE B 1039 -47.24 10.16 6.04
C PHE B 1039 -47.05 11.66 6.30
N CYS B 1040 -48.13 12.44 6.19
CA CYS B 1040 -48.09 13.87 6.48
C CYS B 1040 -48.61 14.07 7.91
N GLY B 1041 -47.82 13.62 8.87
CA GLY B 1041 -48.15 13.84 10.27
C GLY B 1041 -49.09 12.81 10.86
N LYS B 1042 -49.15 12.77 12.19
CA LYS B 1042 -50.03 11.83 12.88
C LYS B 1042 -51.45 12.36 12.95
N GLY B 1043 -52.40 11.54 12.53
CA GLY B 1043 -53.80 11.93 12.46
C GLY B 1043 -54.29 11.98 11.02
N TYR B 1044 -55.52 12.44 10.86
CA TYR B 1044 -56.08 12.58 9.52
C TYR B 1044 -55.56 13.85 8.88
N HIS B 1045 -54.77 13.70 7.82
CA HIS B 1045 -54.08 14.83 7.21
C HIS B 1045 -55.07 15.83 6.61
N LEU B 1046 -54.83 17.11 6.88
CA LEU B 1046 -55.63 18.20 6.34
C LEU B 1046 -54.83 19.09 5.41
N MET B 1047 -53.74 19.68 5.90
CA MET B 1047 -52.91 20.59 5.13
C MET B 1047 -51.45 20.38 5.54
N SER B 1048 -50.55 21.06 4.84
CA SER B 1048 -49.14 21.06 5.20
C SER B 1048 -48.53 22.35 4.72
N PHE B 1049 -47.49 22.80 5.43
CA PHE B 1049 -46.90 24.09 5.12
C PHE B 1049 -45.37 23.97 5.08
N PRO B 1050 -44.74 24.23 3.94
CA PRO B 1050 -43.28 24.13 3.87
C PRO B 1050 -42.62 25.39 4.41
N GLN B 1051 -41.57 25.19 5.22
CA GLN B 1051 -40.78 26.29 5.76
C GLN B 1051 -39.32 25.96 5.53
N SER B 1052 -38.60 26.89 4.91
CA SER B 1052 -37.17 26.69 4.68
C SER B 1052 -36.40 26.69 5.99
N ALA B 1053 -35.31 25.96 6.02
CA ALA B 1053 -34.38 25.95 7.14
C ALA B 1053 -32.99 25.71 6.58
N PRO B 1054 -31.94 26.15 7.29
CA PRO B 1054 -30.58 25.97 6.76
C PRO B 1054 -30.27 24.53 6.39
N HIS B 1055 -30.13 24.29 5.09
CA HIS B 1055 -29.91 22.95 4.54
C HIS B 1055 -31.02 21.99 4.98
N GLY B 1056 -32.27 22.39 4.77
CA GLY B 1056 -33.35 21.49 5.07
C GLY B 1056 -34.71 22.16 4.96
N VAL B 1057 -35.75 21.35 5.18
CA VAL B 1057 -37.12 21.81 5.09
C VAL B 1057 -37.85 21.36 6.35
N VAL B 1058 -38.91 22.09 6.69
CA VAL B 1058 -39.74 21.79 7.86
C VAL B 1058 -41.19 21.83 7.43
N PHE B 1059 -41.92 20.75 7.69
CA PHE B 1059 -43.32 20.64 7.36
C PHE B 1059 -44.16 20.75 8.63
N LEU B 1060 -45.13 21.65 8.59
CA LEU B 1060 -46.11 21.85 9.67
C LEU B 1060 -47.38 21.11 9.24
N HIS B 1061 -47.40 19.81 9.49
CA HIS B 1061 -48.52 18.96 9.10
C HIS B 1061 -49.73 19.30 9.97
N VAL B 1062 -50.79 19.80 9.34
CA VAL B 1062 -52.04 20.10 10.04
C VAL B 1062 -52.92 18.85 9.97
N THR B 1063 -53.28 18.30 11.12
CA THR B 1063 -54.01 17.04 11.18
C THR B 1063 -55.22 17.16 12.10
N TYR B 1064 -56.27 16.44 11.73
CA TYR B 1064 -57.51 16.32 12.48
C TYR B 1064 -57.42 15.07 13.34
N VAL B 1065 -57.68 15.21 14.65
CA VAL B 1065 -57.57 14.12 15.59
C VAL B 1065 -58.85 14.04 16.42
N PRO B 1066 -59.54 12.92 16.47
CA PRO B 1066 -60.71 12.79 17.35
C PRO B 1066 -60.32 13.01 18.80
N ALA B 1067 -61.23 13.65 19.55
CA ALA B 1067 -60.90 14.12 20.90
C ALA B 1067 -61.70 13.43 21.99
N GLN B 1068 -63.04 13.48 21.94
CA GLN B 1068 -63.88 13.06 23.06
C GLN B 1068 -64.78 11.92 22.61
N GLU B 1069 -64.39 10.69 22.95
CA GLU B 1069 -65.11 9.50 22.52
C GLU B 1069 -66.40 9.33 23.31
N LYS B 1070 -67.43 8.82 22.65
CA LYS B 1070 -68.62 8.33 23.30
C LYS B 1070 -68.97 6.99 22.67
N ASN B 1071 -69.30 6.01 23.50
CA ASN B 1071 -69.56 4.65 23.02
C ASN B 1071 -71.05 4.33 23.08
N PHE B 1072 -71.58 3.86 21.96
CA PHE B 1072 -72.98 3.51 21.80
C PHE B 1072 -73.09 2.05 21.36
N THR B 1073 -74.32 1.58 21.24
CA THR B 1073 -74.62 0.24 20.76
C THR B 1073 -74.90 0.30 19.27
N THR B 1074 -74.23 -0.55 18.49
CA THR B 1074 -74.30 -0.51 17.04
C THR B 1074 -74.95 -1.79 16.51
N ALA B 1075 -75.48 -1.69 15.29
CA ALA B 1075 -76.07 -2.81 14.59
C ALA B 1075 -75.59 -2.79 13.14
N PRO B 1076 -75.29 -3.96 12.57
CA PRO B 1076 -74.91 -3.99 11.15
C PRO B 1076 -75.99 -3.48 10.22
N ALA B 1077 -77.25 -3.72 10.53
CA ALA B 1077 -78.35 -3.31 9.67
C ALA B 1077 -79.59 -3.08 10.54
N ILE B 1078 -80.68 -2.68 9.90
CA ILE B 1078 -81.95 -2.45 10.58
C ILE B 1078 -83.02 -3.28 9.89
N CYS B 1079 -83.78 -4.05 10.67
CA CYS B 1079 -84.84 -4.89 10.12
C CYS B 1079 -86.15 -4.11 10.20
N HIS B 1080 -86.48 -3.39 9.11
CA HIS B 1080 -87.65 -2.52 9.12
C HIS B 1080 -88.94 -3.28 8.85
N ASP B 1081 -89.06 -3.83 7.63
CA ASP B 1081 -90.27 -4.52 7.19
C ASP B 1081 -89.89 -5.85 6.56
N GLY B 1082 -89.01 -6.59 7.22
CA GLY B 1082 -88.49 -7.82 6.66
C GLY B 1082 -87.37 -7.63 5.67
N LYS B 1083 -86.93 -6.39 5.43
CA LYS B 1083 -85.84 -6.10 4.52
C LYS B 1083 -84.76 -5.33 5.28
N ALA B 1084 -83.52 -5.78 5.16
CA ALA B 1084 -82.42 -5.15 5.88
C ALA B 1084 -82.07 -3.81 5.27
N HIS B 1085 -81.85 -2.82 6.14
CA HIS B 1085 -81.43 -1.48 5.74
C HIS B 1085 -80.00 -1.28 6.21
N PHE B 1086 -79.13 -0.82 5.30
CA PHE B 1086 -77.74 -0.59 5.62
C PHE B 1086 -77.40 0.89 5.43
N PRO B 1087 -76.48 1.43 6.22
CA PRO B 1087 -76.18 2.87 6.12
C PRO B 1087 -75.41 3.18 4.86
N ARG B 1088 -75.82 4.25 4.18
CA ARG B 1088 -75.10 4.71 3.00
C ARG B 1088 -73.73 5.25 3.38
N GLU B 1089 -73.70 6.29 4.19
CA GLU B 1089 -72.47 6.81 4.76
C GLU B 1089 -72.64 6.88 6.27
N GLY B 1090 -71.76 6.20 7.00
CA GLY B 1090 -71.80 6.19 8.45
C GLY B 1090 -72.24 4.85 8.99
N VAL B 1091 -72.59 4.87 10.28
CA VAL B 1091 -72.89 3.68 11.05
C VAL B 1091 -74.15 3.95 11.88
N PHE B 1092 -74.86 2.87 12.22
CA PHE B 1092 -76.00 2.93 13.12
C PHE B 1092 -75.50 2.91 14.57
N VAL B 1093 -76.03 3.81 15.39
CA VAL B 1093 -75.72 3.87 16.81
C VAL B 1093 -77.03 4.00 17.58
N SER B 1094 -76.94 3.83 18.89
CA SER B 1094 -78.10 3.99 19.75
C SER B 1094 -77.64 4.42 21.14
N ASN B 1095 -78.30 5.43 21.68
CA ASN B 1095 -78.01 5.91 23.02
C ASN B 1095 -78.75 5.10 24.09
N GLY B 1096 -79.55 4.12 23.69
CA GLY B 1096 -80.23 3.25 24.63
C GLY B 1096 -81.67 2.96 24.29
N THR B 1097 -82.36 3.95 23.71
CA THR B 1097 -83.78 3.80 23.37
C THR B 1097 -84.05 3.96 21.89
N HIS B 1098 -83.46 4.96 21.24
CA HIS B 1098 -83.68 5.21 19.83
C HIS B 1098 -82.40 4.98 19.03
N TRP B 1099 -82.58 4.58 17.77
CA TRP B 1099 -81.46 4.30 16.88
C TRP B 1099 -81.29 5.45 15.89
N PHE B 1100 -80.05 5.92 15.75
CA PHE B 1100 -79.71 6.99 14.83
C PHE B 1100 -78.65 6.49 13.87
N VAL B 1101 -78.49 7.21 12.77
CA VAL B 1101 -77.40 6.98 11.83
C VAL B 1101 -76.48 8.20 11.92
N THR B 1102 -75.17 7.97 11.91
CA THR B 1102 -74.22 9.06 12.07
C THR B 1102 -72.95 8.76 11.29
N GLN B 1103 -72.27 9.82 10.85
CA GLN B 1103 -71.01 9.65 10.15
C GLN B 1103 -69.97 9.05 11.09
N ARG B 1104 -69.00 8.35 10.49
CA ARG B 1104 -68.07 7.55 11.28
C ARG B 1104 -67.15 8.39 12.15
N ASN B 1105 -66.69 9.53 11.65
CA ASN B 1105 -65.65 10.32 12.31
C ASN B 1105 -66.21 11.48 13.14
N PHE B 1106 -67.52 11.56 13.32
CA PHE B 1106 -68.13 12.63 14.10
C PHE B 1106 -69.51 12.20 14.53
N TYR B 1107 -69.87 12.50 15.78
CA TYR B 1107 -71.18 12.15 16.29
C TYR B 1107 -72.18 13.21 15.86
N GLU B 1108 -72.86 12.97 14.74
CA GLU B 1108 -73.95 13.81 14.28
C GLU B 1108 -75.16 12.92 14.04
N PRO B 1109 -75.79 12.45 15.11
CA PRO B 1109 -76.89 11.49 14.95
C PRO B 1109 -78.06 12.12 14.21
N GLN B 1110 -78.69 11.31 13.36
CA GLN B 1110 -79.88 11.75 12.65
C GLN B 1110 -80.80 10.56 12.48
N ILE B 1111 -82.11 10.83 12.39
CA ILE B 1111 -83.10 9.77 12.39
C ILE B 1111 -82.91 8.87 11.17
N ILE B 1112 -83.22 7.59 11.34
CA ILE B 1112 -83.10 6.64 10.24
C ILE B 1112 -84.10 7.00 9.16
N THR B 1113 -83.62 7.08 7.93
CA THR B 1113 -84.44 7.52 6.81
C THR B 1113 -84.03 6.74 5.57
N THR B 1114 -84.99 6.52 4.67
CA THR B 1114 -84.69 5.86 3.41
C THR B 1114 -83.65 6.61 2.59
N ASP B 1115 -83.49 7.91 2.83
CA ASP B 1115 -82.47 8.68 2.12
C ASP B 1115 -81.06 8.23 2.50
N ASN B 1116 -80.81 8.01 3.79
CA ASN B 1116 -79.48 7.67 4.27
C ASN B 1116 -79.27 6.17 4.46
N THR B 1117 -80.26 5.35 4.15
CA THR B 1117 -80.14 3.90 4.24
C THR B 1117 -80.60 3.26 2.94
N PHE B 1118 -79.91 2.22 2.50
CA PHE B 1118 -80.28 1.48 1.30
C PHE B 1118 -80.67 0.06 1.68
N VAL B 1119 -81.69 -0.47 1.00
CA VAL B 1119 -82.21 -1.79 1.31
C VAL B 1119 -81.52 -2.83 0.45
N SER B 1120 -81.11 -3.93 1.08
CA SER B 1120 -80.43 -5.01 0.36
C SER B 1120 -80.61 -6.31 1.13
N GLY B 1121 -81.41 -7.23 0.60
CA GLY B 1121 -81.48 -8.57 1.13
C GLY B 1121 -82.62 -8.84 2.10
N ASN B 1122 -82.38 -9.75 3.02
CA ASN B 1122 -83.39 -10.21 3.97
C ASN B 1122 -82.88 -10.02 5.39
N CYS B 1123 -83.80 -10.05 6.35
CA CYS B 1123 -83.43 -9.83 7.74
C CYS B 1123 -82.68 -11.02 8.32
N ASP B 1124 -83.01 -12.23 7.85
CA ASP B 1124 -82.43 -13.43 8.46
C ASP B 1124 -80.99 -13.66 8.04
N VAL B 1125 -80.59 -13.12 6.89
CA VAL B 1125 -79.23 -13.38 6.38
C VAL B 1125 -78.18 -12.72 7.28
N VAL B 1126 -78.42 -11.48 7.67
CA VAL B 1126 -77.45 -10.74 8.47
C VAL B 1126 -77.59 -11.15 9.93
N ILE B 1127 -76.46 -11.32 10.60
CA ILE B 1127 -76.42 -11.61 12.03
C ILE B 1127 -76.16 -10.30 12.77
N GLY B 1128 -76.80 -10.14 13.93
CA GLY B 1128 -76.70 -8.92 14.69
C GLY B 1128 -77.66 -7.82 14.28
N ILE B 1129 -78.46 -8.05 13.24
CA ILE B 1129 -79.44 -7.05 12.81
C ILE B 1129 -80.50 -6.86 13.88
N VAL B 1130 -80.82 -5.61 14.18
CA VAL B 1130 -81.78 -5.29 15.23
C VAL B 1130 -83.06 -4.76 14.60
N ASN B 1131 -84.17 -4.95 15.32
CA ASN B 1131 -85.47 -4.49 14.85
C ASN B 1131 -85.62 -3.00 15.14
N ASN B 1132 -86.10 -2.26 14.14
CA ASN B 1132 -86.41 -0.85 14.31
C ASN B 1132 -87.27 -0.41 13.12
N THR B 1133 -87.82 0.78 13.24
CA THR B 1133 -88.58 1.40 12.16
C THR B 1133 -87.73 2.47 11.47
N VAL B 1134 -87.92 2.58 10.17
CA VAL B 1134 -87.17 3.52 9.34
C VAL B 1134 -88.16 4.57 8.83
N TYR B 1135 -87.87 5.84 9.11
CA TYR B 1135 -88.76 6.92 8.71
C TYR B 1135 -88.76 7.06 7.20
N ASP B 1136 -89.95 7.04 6.62
CA ASP B 1136 -90.11 7.28 5.19
C ASP B 1136 -90.49 8.73 4.99
N PRO B 1137 -89.64 9.57 4.40
CA PRO B 1137 -89.99 10.98 4.25
C PRO B 1137 -91.18 11.22 3.33
N LEU B 1138 -91.47 10.29 2.42
CA LEU B 1138 -92.57 10.44 1.48
C LEU B 1138 -93.92 10.08 2.10
N GLN B 1139 -93.92 9.34 3.21
CA GLN B 1139 -95.18 8.97 3.84
C GLN B 1139 -95.96 10.17 4.37
N PRO B 1140 -95.36 11.11 5.12
CA PRO B 1140 -96.13 12.31 5.51
C PRO B 1140 -96.59 13.12 4.32
N GLU B 1141 -95.82 13.18 3.24
CA GLU B 1141 -96.26 13.89 2.05
C GLU B 1141 -97.49 13.22 1.43
N LEU B 1142 -97.49 11.88 1.39
CA LEU B 1142 -98.68 11.17 0.91
C LEU B 1142 -99.88 11.41 1.83
N ASP B 1143 -99.65 11.41 3.14
CA ASP B 1143 -100.74 11.65 4.08
C ASP B 1143 -101.32 13.04 3.92
N SER B 1144 -100.47 14.04 3.71
CA SER B 1144 -100.92 15.41 3.52
C SER B 1144 -101.46 15.62 2.11
N ALA C 27 9.54 41.71 -40.59
CA ALA C 27 8.16 41.39 -40.92
C ALA C 27 7.75 40.03 -40.34
N TYR C 28 6.59 40.01 -39.71
CA TYR C 28 6.04 38.80 -39.11
C TYR C 28 4.77 38.37 -39.85
N THR C 29 4.27 37.21 -39.46
CA THR C 29 2.95 36.77 -39.87
C THR C 29 2.41 35.87 -38.77
N ASN C 30 1.17 35.43 -38.90
CA ASN C 30 0.53 34.57 -37.91
C ASN C 30 0.18 33.23 -38.56
N SER C 31 0.60 32.13 -37.94
CA SER C 31 0.33 30.79 -38.44
C SER C 31 -1.01 30.35 -37.89
N PHE C 32 -2.02 30.33 -38.76
CA PHE C 32 -3.39 30.11 -38.32
C PHE C 32 -3.54 28.75 -37.65
N THR C 33 -3.33 27.67 -38.40
CA THR C 33 -3.52 26.32 -37.90
C THR C 33 -2.39 25.37 -38.26
N ARG C 34 -1.45 25.80 -39.11
CA ARG C 34 -0.41 24.91 -39.62
C ARG C 34 0.58 24.57 -38.51
N GLY C 35 1.33 23.49 -38.72
CA GLY C 35 2.37 23.10 -37.80
C GLY C 35 2.05 21.95 -36.87
N VAL C 36 1.25 20.98 -37.32
CA VAL C 36 0.89 19.82 -36.52
C VAL C 36 1.30 18.58 -37.29
N TYR C 37 1.96 17.65 -36.61
CA TYR C 37 2.46 16.42 -37.21
C TYR C 37 1.97 15.22 -36.41
N TYR C 38 2.02 14.05 -37.03
CA TYR C 38 1.66 12.84 -36.31
C TYR C 38 2.67 12.61 -35.19
N PRO C 39 2.23 12.64 -33.93
CA PRO C 39 3.19 12.51 -32.82
C PRO C 39 3.91 11.18 -32.79
N ASP C 40 3.31 10.11 -33.32
CA ASP C 40 3.92 8.79 -33.31
C ASP C 40 3.29 7.96 -34.42
N LYS C 41 3.91 6.81 -34.69
CA LYS C 41 3.43 5.94 -35.75
C LYS C 41 2.19 5.14 -35.37
N VAL C 42 1.55 5.46 -34.25
CA VAL C 42 0.36 4.74 -33.82
C VAL C 42 -0.82 5.15 -34.69
N PHE C 43 -1.68 4.18 -35.01
CA PHE C 43 -2.87 4.40 -35.82
C PHE C 43 -4.09 4.42 -34.92
N ARG C 44 -5.02 5.33 -35.21
CA ARG C 44 -6.27 5.42 -34.46
C ARG C 44 -7.38 5.82 -35.42
N SER C 45 -8.61 5.39 -35.11
CA SER C 45 -9.76 5.63 -35.97
C SER C 45 -10.86 6.27 -35.14
N SER C 46 -11.32 7.45 -35.59
CA SER C 46 -12.44 8.15 -34.97
C SER C 46 -12.24 8.34 -33.48
N VAL C 47 -11.04 8.77 -33.09
CA VAL C 47 -10.67 8.95 -31.69
C VAL C 47 -10.06 10.33 -31.52
N LEU C 48 -10.54 11.07 -30.53
CA LEU C 48 -9.93 12.35 -30.14
C LEU C 48 -8.83 12.02 -29.14
N HIS C 49 -7.58 12.11 -29.57
CA HIS C 49 -6.45 11.68 -28.77
C HIS C 49 -5.65 12.89 -28.32
N SER C 50 -5.33 12.95 -27.03
CA SER C 50 -4.62 14.09 -26.45
C SER C 50 -3.17 13.69 -26.22
N THR C 51 -2.25 14.47 -26.76
CA THR C 51 -0.82 14.23 -26.64
C THR C 51 -0.12 15.47 -26.13
N GLN C 52 0.80 15.29 -25.19
CA GLN C 52 1.66 16.37 -24.73
C GLN C 52 2.98 16.21 -25.46
N ASP C 53 3.31 17.17 -26.32
CA ASP C 53 4.46 17.09 -27.19
C ASP C 53 4.88 18.49 -27.60
N LEU C 54 6.02 18.59 -28.27
CA LEU C 54 6.50 19.88 -28.74
C LEU C 54 5.80 20.27 -30.03
N PHE C 55 4.98 21.30 -29.98
CA PHE C 55 4.20 21.74 -31.13
C PHE C 55 4.40 23.22 -31.41
N LEU C 56 3.81 23.66 -32.52
CA LEU C 56 3.72 25.07 -32.87
C LEU C 56 2.38 25.61 -32.40
N PRO C 57 2.35 26.64 -31.56
CA PRO C 57 1.07 27.15 -31.05
C PRO C 57 0.18 27.66 -32.17
N PHE C 58 -1.13 27.49 -32.00
CA PHE C 58 -2.09 28.01 -32.96
C PHE C 58 -2.11 29.53 -32.91
N PHE C 59 -2.27 30.15 -34.08
CA PHE C 59 -2.33 31.61 -34.21
C PHE C 59 -1.11 32.27 -33.57
N SER C 60 0.04 31.62 -33.70
CA SER C 60 1.29 32.12 -33.16
C SER C 60 2.01 32.93 -34.22
N ASN C 61 2.68 34.00 -33.80
CA ASN C 61 3.39 34.85 -34.75
C ASN C 61 4.74 34.23 -35.10
N VAL C 62 4.91 33.93 -36.37
CA VAL C 62 6.13 33.33 -36.91
C VAL C 62 6.80 34.36 -37.82
N THR C 63 8.06 34.08 -38.15
CA THR C 63 8.90 35.09 -38.80
C THR C 63 8.99 34.86 -40.30
N TRP C 64 8.95 35.96 -41.04
CA TRP C 64 8.96 36.01 -42.50
C TRP C 64 10.37 36.36 -42.99
N PHE C 65 10.77 35.75 -44.10
CA PHE C 65 12.03 36.11 -44.74
C PHE C 65 11.82 36.27 -46.24
N HIS C 66 12.51 37.26 -46.80
CA HIS C 66 12.52 37.51 -48.23
C HIS C 66 13.85 37.09 -48.81
N ALA C 67 13.83 36.71 -50.09
CA ALA C 67 15.05 36.31 -50.78
C ALA C 67 15.21 36.93 -52.17
N ILE C 68 14.20 37.60 -52.71
CA ILE C 68 14.31 38.22 -54.01
C ILE C 68 15.03 39.56 -53.88
N HIS C 69 15.44 40.13 -55.01
CA HIS C 69 16.14 41.41 -55.05
C HIS C 69 17.44 41.36 -54.25
N ARG C 78 21.03 44.06 -51.33
CA ARG C 78 20.13 42.99 -51.69
C ARG C 78 19.52 42.32 -50.47
N PHE C 79 18.89 41.17 -50.67
CA PHE C 79 18.23 40.43 -49.60
C PHE C 79 18.95 39.10 -49.40
N ASP C 80 19.24 38.78 -48.14
CA ASP C 80 19.91 37.52 -47.81
C ASP C 80 19.18 36.81 -46.66
N ASN C 81 19.68 35.63 -46.28
CA ASN C 81 19.07 34.86 -45.21
C ASN C 81 19.86 35.00 -43.94
N PRO C 82 19.22 35.30 -42.80
CA PRO C 82 19.97 35.49 -41.56
C PRO C 82 20.08 34.21 -40.72
N VAL C 83 20.85 34.28 -39.64
CA VAL C 83 21.12 33.16 -38.75
C VAL C 83 19.91 32.96 -37.85
N LEU C 84 19.53 31.70 -37.62
CA LEU C 84 18.44 31.48 -36.68
C LEU C 84 18.86 30.53 -35.58
N PRO C 85 18.24 30.63 -34.40
CA PRO C 85 18.47 29.62 -33.36
C PRO C 85 17.62 28.38 -33.60
N PHE C 86 17.89 27.34 -32.81
CA PHE C 86 17.06 26.13 -32.83
C PHE C 86 15.98 26.17 -31.76
N ASN C 87 16.38 26.20 -30.49
CA ASN C 87 15.49 26.29 -29.34
C ASN C 87 14.35 25.26 -29.44
N ASP C 88 14.75 23.99 -29.34
CA ASP C 88 13.84 22.86 -29.18
C ASP C 88 12.94 22.63 -30.40
N GLY C 89 13.49 22.71 -31.60
CA GLY C 89 12.75 22.34 -32.80
C GLY C 89 12.42 23.52 -33.70
N VAL C 90 12.28 23.24 -35.00
CA VAL C 90 12.01 24.29 -35.98
C VAL C 90 10.91 23.84 -36.95
N TYR C 91 9.92 24.70 -37.14
CA TYR C 91 8.92 24.51 -38.19
C TYR C 91 9.25 25.46 -39.34
N PHE C 92 9.51 24.90 -40.52
CA PHE C 92 9.94 25.68 -41.68
C PHE C 92 8.97 25.44 -42.82
N ALA C 93 8.42 26.52 -43.37
CA ALA C 93 7.43 26.41 -44.45
C ALA C 93 7.84 27.37 -45.56
N SER C 94 8.21 26.83 -46.72
CA SER C 94 8.65 27.66 -47.83
C SER C 94 7.75 27.46 -49.03
N THR C 95 7.18 28.56 -49.52
CA THR C 95 6.40 28.55 -50.75
C THR C 95 7.30 29.02 -51.88
N GLU C 96 7.35 28.25 -52.96
CA GLU C 96 8.32 28.50 -54.02
C GLU C 96 7.69 28.19 -55.38
N LYS C 97 8.24 28.85 -56.40
CA LYS C 97 7.88 28.59 -57.80
C LYS C 97 8.96 27.80 -58.52
N SER C 98 10.23 28.19 -58.35
CA SER C 98 11.34 27.51 -59.00
C SER C 98 12.26 26.80 -57.99
N ASN C 99 11.79 26.61 -56.77
CA ASN C 99 12.52 25.88 -55.72
C ASN C 99 13.87 26.54 -55.43
N ILE C 100 13.80 27.77 -54.90
CA ILE C 100 15.01 28.49 -54.51
C ILE C 100 15.68 27.80 -53.32
N ILE C 101 14.88 27.29 -52.39
CA ILE C 101 15.42 26.63 -51.21
C ILE C 101 16.15 25.35 -51.62
N ARG C 102 17.33 25.13 -51.04
CA ARG C 102 18.18 24.01 -51.47
C ARG C 102 18.81 23.23 -50.34
N GLY C 103 18.63 23.60 -49.08
CA GLY C 103 19.18 22.79 -48.02
C GLY C 103 19.15 23.49 -46.68
N TRP C 104 19.55 22.73 -45.65
CA TRP C 104 19.51 23.18 -44.27
C TRP C 104 20.84 22.85 -43.60
N ILE C 105 21.21 23.67 -42.62
CA ILE C 105 22.39 23.45 -41.80
C ILE C 105 21.96 23.51 -40.34
N PHE C 106 22.32 22.49 -39.57
CA PHE C 106 21.95 22.38 -38.16
C PHE C 106 23.20 22.11 -37.34
N GLY C 107 23.61 23.08 -36.53
CA GLY C 107 24.77 22.89 -35.67
C GLY C 107 24.88 24.01 -34.66
N THR C 108 25.58 23.73 -33.57
CA THR C 108 25.85 24.77 -32.58
C THR C 108 26.74 25.86 -33.15
N THR C 109 27.76 25.48 -33.92
CA THR C 109 28.66 26.41 -34.57
C THR C 109 28.66 26.30 -36.09
N LEU C 110 28.74 25.08 -36.62
CA LEU C 110 28.71 24.77 -38.06
C LEU C 110 29.62 25.68 -38.88
N ASP C 111 30.70 26.16 -38.27
CA ASP C 111 31.74 26.90 -38.99
C ASP C 111 33.05 26.15 -38.90
N SER C 112 32.99 24.83 -39.09
CA SER C 112 34.14 23.93 -39.03
C SER C 112 34.75 23.90 -37.64
N LYS C 113 34.01 24.41 -36.64
CA LYS C 113 34.48 24.35 -35.26
C LYS C 113 34.13 23.01 -34.62
N THR C 114 32.87 22.59 -34.75
CA THR C 114 32.42 21.31 -34.24
C THR C 114 31.61 20.62 -35.33
N GLN C 115 31.36 19.31 -35.13
CA GLN C 115 30.59 18.54 -36.10
C GLN C 115 29.19 19.11 -36.24
N SER C 116 28.73 19.22 -37.49
CA SER C 116 27.46 19.87 -37.78
C SER C 116 26.69 19.09 -38.83
N LEU C 117 25.39 18.94 -38.60
CA LEU C 117 24.50 18.29 -39.56
C LEU C 117 24.29 19.19 -40.77
N LEU C 118 24.36 18.60 -41.96
CA LEU C 118 24.16 19.30 -43.22
C LEU C 118 23.25 18.48 -44.11
N ILE C 119 22.19 19.10 -44.61
CA ILE C 119 21.26 18.47 -45.55
C ILE C 119 21.25 19.30 -46.81
N VAL C 120 21.50 18.65 -47.95
CA VAL C 120 21.50 19.32 -49.25
C VAL C 120 20.50 18.59 -50.14
N ASN C 121 19.53 19.32 -50.69
CA ASN C 121 18.51 18.77 -51.56
C ASN C 121 18.84 19.13 -52.99
N ASN C 122 19.26 18.14 -53.77
CA ASN C 122 19.52 18.29 -55.19
C ASN C 122 18.49 17.50 -55.97
N ALA C 123 18.41 17.79 -57.27
CA ALA C 123 17.49 17.03 -58.13
C ALA C 123 17.86 15.56 -58.18
N THR C 124 19.16 15.25 -58.15
CA THR C 124 19.60 13.86 -58.20
C THR C 124 19.20 13.11 -56.93
N ASN C 125 19.52 13.65 -55.76
CA ASN C 125 19.29 12.96 -54.50
C ASN C 125 19.46 13.93 -53.34
N VAL C 126 19.03 13.49 -52.16
CA VAL C 126 19.14 14.26 -50.92
C VAL C 126 20.32 13.72 -50.12
N VAL C 127 21.21 14.61 -49.71
CA VAL C 127 22.47 14.23 -49.07
C VAL C 127 22.45 14.73 -47.63
N ILE C 128 22.80 13.84 -46.70
CA ILE C 128 22.89 14.17 -45.28
C ILE C 128 24.28 13.80 -44.79
N LYS C 129 25.03 14.80 -44.32
CA LYS C 129 26.38 14.62 -43.80
C LYS C 129 26.48 15.26 -42.41
N VAL C 130 27.59 14.98 -41.73
CA VAL C 130 27.88 15.56 -40.42
C VAL C 130 29.27 16.20 -40.48
N CYS C 131 29.84 16.27 -41.68
CA CYS C 131 31.18 16.81 -41.85
C CYS C 131 31.21 18.30 -41.51
N GLU C 132 32.37 18.75 -41.04
CA GLU C 132 32.58 20.15 -40.68
C GLU C 132 32.96 20.95 -41.93
N PHE C 133 32.30 22.08 -42.13
CA PHE C 133 32.58 22.96 -43.26
C PHE C 133 32.61 24.41 -42.80
N GLN C 134 33.46 25.19 -43.46
CA GLN C 134 33.59 26.62 -43.18
C GLN C 134 32.81 27.39 -44.25
N PHE C 135 31.82 28.15 -43.82
CA PHE C 135 30.96 28.92 -44.72
C PHE C 135 31.01 30.38 -44.34
N CYS C 136 30.97 31.25 -45.36
CA CYS C 136 31.00 32.68 -45.13
C CYS C 136 29.65 33.16 -44.58
N ASN C 137 29.55 34.48 -44.37
CA ASN C 137 28.33 35.05 -43.84
C ASN C 137 27.15 34.84 -44.78
N ASP C 138 27.37 35.01 -46.08
CA ASP C 138 26.32 34.87 -47.09
C ASP C 138 26.81 33.92 -48.17
N PRO C 139 26.77 32.61 -47.91
CA PRO C 139 27.20 31.63 -48.93
C PRO C 139 26.11 31.45 -49.98
N PHE C 140 26.48 31.60 -51.24
CA PHE C 140 25.54 31.51 -52.35
C PHE C 140 25.83 30.27 -53.20
N LEU C 141 24.78 29.76 -53.83
CA LEU C 141 24.87 28.60 -54.70
C LEU C 141 24.57 29.02 -56.13
N GLY C 142 25.46 28.63 -57.06
CA GLY C 142 25.28 29.00 -58.44
C GLY C 142 24.18 28.21 -59.12
N VAL C 143 23.67 28.77 -60.21
CA VAL C 143 22.61 28.13 -60.98
C VAL C 143 23.16 27.59 -62.30
N ASN C 165 35.59 15.27 -40.21
CA ASN C 165 35.15 13.89 -40.40
C ASN C 165 33.62 13.78 -40.39
N CYS C 166 33.10 12.86 -41.18
CA CYS C 166 31.67 12.60 -41.24
C CYS C 166 31.32 11.44 -40.32
N THR C 167 30.32 11.64 -39.47
CA THR C 167 29.87 10.61 -38.55
C THR C 167 28.65 9.85 -39.07
N PHE C 168 27.71 10.54 -39.70
CA PHE C 168 26.51 9.93 -40.26
C PHE C 168 26.30 10.44 -41.68
N GLU C 169 25.65 9.62 -42.49
CA GLU C 169 25.36 9.97 -43.87
C GLU C 169 24.05 9.33 -44.27
N TYR C 170 23.29 10.03 -45.11
CA TYR C 170 22.02 9.50 -45.56
C TYR C 170 21.73 9.97 -46.98
N VAL C 171 21.13 9.08 -47.77
CA VAL C 171 20.75 9.36 -49.15
C VAL C 171 19.34 8.86 -49.38
N SER C 172 18.49 9.71 -49.93
CA SER C 172 17.11 9.33 -50.23
C SER C 172 16.66 9.92 -51.56
N PHE C 186 2.86 31.13 -56.65
CA PHE C 186 3.50 30.22 -55.72
C PHE C 186 2.60 29.03 -55.43
N LYS C 187 2.49 28.12 -56.42
CA LYS C 187 1.59 26.99 -56.30
C LYS C 187 2.05 26.01 -55.22
N ASN C 188 3.36 25.82 -55.10
CA ASN C 188 3.92 24.79 -54.23
C ASN C 188 4.37 25.42 -52.91
N LEU C 189 3.94 24.81 -51.80
CA LEU C 189 4.41 25.16 -50.47
C LEU C 189 4.88 23.89 -49.79
N ARG C 190 6.14 23.87 -49.37
CA ARG C 190 6.74 22.72 -48.68
C ARG C 190 6.73 23.03 -47.19
N GLU C 191 6.10 22.16 -46.41
CA GLU C 191 6.00 22.30 -44.97
C GLU C 191 6.86 21.23 -44.30
N PHE C 192 7.59 21.63 -43.26
CA PHE C 192 8.51 20.74 -42.58
C PHE C 192 8.57 21.06 -41.10
N VAL C 193 8.79 20.01 -40.31
CA VAL C 193 9.20 20.13 -38.90
C VAL C 193 10.47 19.32 -38.72
N PHE C 194 11.50 19.95 -38.17
CA PHE C 194 12.73 19.27 -37.79
C PHE C 194 12.89 19.37 -36.28
N LYS C 195 13.04 18.23 -35.62
CA LYS C 195 13.11 18.23 -34.16
C LYS C 195 14.23 17.31 -33.70
N ASN C 196 14.71 17.55 -32.48
CA ASN C 196 15.73 16.73 -31.83
C ASN C 196 15.23 16.35 -30.44
N ILE C 197 14.88 15.08 -30.27
CA ILE C 197 14.41 14.59 -28.98
C ILE C 197 15.03 13.22 -28.70
N ASP C 198 15.55 13.05 -27.48
CA ASP C 198 16.16 11.79 -27.04
C ASP C 198 17.30 11.35 -27.96
N GLY C 199 18.07 12.31 -28.47
CA GLY C 199 19.14 12.01 -29.39
C GLY C 199 18.70 11.59 -30.78
N TYR C 200 17.43 11.78 -31.10
CA TYR C 200 16.86 11.40 -32.39
C TYR C 200 16.43 12.65 -33.14
N PHE C 201 16.79 12.72 -34.42
CA PHE C 201 16.46 13.87 -35.26
C PHE C 201 15.34 13.45 -36.21
N LYS C 202 14.20 14.13 -36.11
CA LYS C 202 12.99 13.74 -36.80
C LYS C 202 12.59 14.80 -37.82
N ILE C 203 12.11 14.34 -38.98
CA ILE C 203 11.66 15.18 -40.07
C ILE C 203 10.21 14.85 -40.38
N TYR C 204 9.37 15.88 -40.51
CA TYR C 204 8.00 15.73 -40.99
C TYR C 204 7.76 16.70 -42.13
N SER C 205 6.98 16.27 -43.12
CA SER C 205 6.88 16.98 -44.38
C SER C 205 5.46 16.93 -44.93
N LYS C 206 5.17 17.92 -45.78
CA LYS C 206 3.98 17.94 -46.64
C LYS C 206 4.19 18.88 -47.82
N HIS C 207 3.44 18.68 -48.90
CA HIS C 207 3.58 19.51 -50.10
C HIS C 207 2.21 19.90 -50.66
N THR C 208 1.31 20.37 -49.82
CA THR C 208 -0.02 20.73 -50.27
C THR C 208 0.04 21.95 -51.20
N PRO C 209 -0.80 21.99 -52.23
CA PRO C 209 -0.79 23.14 -53.15
C PRO C 209 -1.55 24.33 -52.57
N ILE C 210 -0.96 25.51 -52.73
CA ILE C 210 -1.52 26.77 -52.22
C ILE C 210 -1.77 27.69 -53.40
N ASN C 211 -3.00 28.21 -53.49
CA ASN C 211 -3.36 29.17 -54.54
C ASN C 211 -3.27 30.61 -54.05
N LEU C 212 -2.88 30.84 -52.81
CA LEU C 212 -2.74 32.18 -52.25
C LEU C 212 -1.26 32.53 -52.19
N VAL C 213 -0.86 33.58 -52.92
CA VAL C 213 0.55 33.97 -52.98
C VAL C 213 0.94 34.98 -51.91
N ARG C 214 -0.03 35.61 -51.25
CA ARG C 214 0.28 36.63 -50.26
C ARG C 214 0.78 36.03 -48.96
N ASP C 215 0.06 35.02 -48.44
CA ASP C 215 0.37 34.45 -47.14
C ASP C 215 -0.14 33.01 -47.11
N LEU C 216 0.29 32.27 -46.09
CA LEU C 216 -0.21 30.92 -45.91
C LEU C 216 -1.71 30.93 -45.66
N PRO C 217 -2.47 30.03 -46.29
CA PRO C 217 -3.92 30.13 -46.26
C PRO C 217 -4.53 29.55 -44.99
N GLN C 218 -5.78 29.95 -44.75
CA GLN C 218 -6.58 29.35 -43.70
C GLN C 218 -6.83 27.88 -44.05
N GLY C 219 -6.65 27.01 -43.08
CA GLY C 219 -6.90 25.59 -43.29
C GLY C 219 -5.98 24.75 -42.42
N PHE C 220 -6.11 23.44 -42.60
CA PHE C 220 -5.35 22.47 -41.83
C PHE C 220 -4.75 21.42 -42.76
N SER C 221 -3.59 20.89 -42.37
CA SER C 221 -2.93 19.83 -43.13
C SER C 221 -1.95 19.13 -42.20
N ALA C 222 -2.14 17.83 -41.99
CA ALA C 222 -1.24 17.08 -41.14
C ALA C 222 0.12 16.91 -41.81
N LEU C 223 1.11 16.55 -40.99
CA LEU C 223 2.51 16.49 -41.42
C LEU C 223 3.04 15.08 -41.22
N GLU C 224 3.65 14.53 -42.28
CA GLU C 224 3.95 13.10 -42.14
C GLU C 224 5.45 12.87 -41.95
N PRO C 225 5.83 11.94 -41.09
CA PRO C 225 7.26 11.70 -40.85
C PRO C 225 7.94 11.09 -42.07
N LEU C 226 9.20 11.49 -42.28
CA LEU C 226 9.96 11.08 -43.44
C LEU C 226 11.30 10.45 -43.07
N VAL C 227 12.01 11.00 -42.09
CA VAL C 227 13.31 10.47 -41.64
C VAL C 227 13.38 10.53 -40.12
N ASP C 228 13.95 9.48 -39.52
CA ASP C 228 14.18 9.41 -38.08
C ASP C 228 15.65 9.05 -37.79
N LEU C 229 16.57 9.73 -38.45
CA LEU C 229 17.99 9.40 -38.32
C LEU C 229 18.51 9.80 -36.93
N PRO C 230 19.26 8.93 -36.24
CA PRO C 230 19.89 9.26 -34.95
C PRO C 230 21.25 9.96 -35.09
N ILE C 231 21.20 11.26 -35.35
CA ILE C 231 22.44 12.03 -35.54
C ILE C 231 23.20 12.15 -34.22
N GLY C 232 22.51 12.50 -33.15
CA GLY C 232 23.11 12.58 -31.84
C GLY C 232 23.91 13.83 -31.56
N ILE C 233 23.92 14.81 -32.47
CA ILE C 233 24.65 16.06 -32.30
C ILE C 233 23.67 17.13 -31.87
N ASN C 234 23.93 17.77 -30.73
CA ASN C 234 23.05 18.81 -30.25
C ASN C 234 23.06 20.02 -31.18
N ILE C 235 21.88 20.54 -31.47
CA ILE C 235 21.71 21.65 -32.41
C ILE C 235 21.09 22.82 -31.66
N THR C 236 21.74 23.97 -31.71
CA THR C 236 21.21 25.20 -31.12
C THR C 236 21.16 26.35 -32.13
N ARG C 237 21.35 26.06 -33.42
CA ARG C 237 21.45 27.10 -34.43
C ARG C 237 21.26 26.46 -35.80
N PHE C 238 20.67 27.23 -36.72
CA PHE C 238 20.15 26.68 -37.97
C PHE C 238 20.19 27.76 -39.05
N GLN C 239 20.46 27.31 -40.28
CA GLN C 239 20.53 28.18 -41.45
C GLN C 239 19.93 27.46 -42.65
N THR C 240 19.45 28.24 -43.61
CA THR C 240 18.85 27.74 -44.83
C THR C 240 19.66 28.20 -46.04
N LEU C 241 19.61 27.42 -47.12
CA LEU C 241 20.30 27.74 -48.36
C LEU C 241 19.33 28.33 -49.39
N LEU C 242 19.86 29.20 -50.24
CA LEU C 242 19.14 29.77 -51.37
C LEU C 242 19.97 29.61 -52.63
N ALA C 243 19.34 29.85 -53.78
CA ALA C 243 19.99 29.75 -55.07
C ALA C 243 20.03 31.11 -55.75
N LEU C 244 21.19 31.43 -56.33
CA LEU C 244 21.41 32.70 -57.01
C LEU C 244 21.82 32.44 -58.45
N HIS C 245 21.20 33.15 -59.38
CA HIS C 245 21.54 33.03 -60.80
C HIS C 245 22.83 33.78 -61.12
N ALA C 263 10.20 34.44 -53.22
CA ALA C 263 11.09 33.48 -52.60
C ALA C 263 11.06 33.60 -51.08
N ALA C 264 9.97 34.14 -50.56
CA ALA C 264 9.79 34.28 -49.13
C ALA C 264 9.55 32.93 -48.47
N TYR C 265 9.91 32.85 -47.19
CA TYR C 265 9.66 31.62 -46.43
C TYR C 265 9.43 31.96 -44.97
N TYR C 266 8.77 31.05 -44.26
CA TYR C 266 8.29 31.29 -42.91
C TYR C 266 8.96 30.32 -41.96
N VAL C 267 9.33 30.81 -40.78
CA VAL C 267 9.93 29.99 -39.74
C VAL C 267 9.13 30.16 -38.45
N GLY C 268 8.68 29.05 -37.88
CA GLY C 268 8.01 29.02 -36.60
C GLY C 268 8.90 28.37 -35.54
N TYR C 269 8.29 28.15 -34.37
CA TYR C 269 9.03 27.64 -33.24
C TYR C 269 8.16 26.67 -32.45
N LEU C 270 8.78 25.62 -31.91
CA LEU C 270 8.06 24.61 -31.15
C LEU C 270 8.35 24.74 -29.66
N GLN C 271 7.38 24.31 -28.86
CA GLN C 271 7.58 24.18 -27.42
C GLN C 271 6.55 23.18 -26.91
N PRO C 272 6.75 22.61 -25.71
CA PRO C 272 5.76 21.66 -25.18
C PRO C 272 4.39 22.30 -25.00
N ARG C 273 3.41 21.81 -25.75
CA ARG C 273 2.04 22.33 -25.71
C ARG C 273 1.09 21.20 -26.03
N THR C 274 0.27 20.82 -25.06
CA THR C 274 -0.65 19.69 -25.24
C THR C 274 -1.64 19.97 -26.35
N PHE C 275 -1.88 18.99 -27.20
CA PHE C 275 -2.78 19.07 -28.33
C PHE C 275 -3.83 17.97 -28.24
N LEU C 276 -4.98 18.21 -28.85
CA LEU C 276 -6.02 17.21 -29.00
C LEU C 276 -6.26 17.03 -30.49
N LEU C 277 -5.86 15.86 -31.00
CA LEU C 277 -5.93 15.58 -32.43
C LEU C 277 -7.11 14.69 -32.74
N LYS C 278 -7.86 15.04 -33.79
CA LYS C 278 -9.03 14.28 -34.21
C LYS C 278 -8.63 13.34 -35.33
N TYR C 279 -8.59 12.04 -35.02
CA TYR C 279 -8.21 11.02 -35.98
C TYR C 279 -9.42 10.64 -36.81
N ASN C 280 -9.24 10.57 -38.13
CA ASN C 280 -10.32 10.20 -39.02
C ASN C 280 -10.53 8.68 -38.99
N GLU C 281 -11.56 8.23 -39.70
CA GLU C 281 -11.81 6.80 -39.82
C GLU C 281 -10.67 6.09 -40.53
N ASN C 282 -9.95 6.79 -41.41
CA ASN C 282 -8.82 6.24 -42.12
C ASN C 282 -7.50 6.45 -41.39
N GLY C 283 -7.49 7.23 -40.30
CA GLY C 283 -6.28 7.51 -39.56
C GLY C 283 -5.64 8.84 -39.85
N THR C 284 -6.23 9.66 -40.70
CA THR C 284 -5.68 10.96 -41.05
C THR C 284 -6.16 12.02 -40.06
N ILE C 285 -5.23 12.85 -39.62
CA ILE C 285 -5.55 13.91 -38.66
C ILE C 285 -6.21 15.06 -39.42
N THR C 286 -7.52 15.21 -39.23
CA THR C 286 -8.30 16.21 -39.95
C THR C 286 -8.45 17.52 -39.20
N ASP C 287 -8.38 17.49 -37.87
CA ASP C 287 -8.52 18.70 -37.07
C ASP C 287 -7.74 18.53 -35.78
N ALA C 288 -7.44 19.65 -35.13
CA ALA C 288 -6.74 19.61 -33.85
C ALA C 288 -7.07 20.88 -33.08
N VAL C 289 -7.11 20.75 -31.76
CA VAL C 289 -7.34 21.89 -30.88
C VAL C 289 -6.18 22.00 -29.90
N ASP C 290 -5.75 23.24 -29.66
CA ASP C 290 -4.76 23.51 -28.63
C ASP C 290 -5.41 23.43 -27.26
N CYS C 291 -4.60 23.13 -26.25
CA CYS C 291 -5.08 23.05 -24.88
C CYS C 291 -4.74 24.30 -24.07
N ALA C 292 -4.15 25.32 -24.69
CA ALA C 292 -3.83 26.55 -23.98
C ALA C 292 -4.10 27.79 -24.82
N LEU C 293 -4.67 27.65 -26.02
CA LEU C 293 -4.93 28.81 -26.87
C LEU C 293 -5.91 29.78 -26.21
N ASP C 294 -7.06 29.27 -25.79
CA ASP C 294 -8.13 30.11 -25.24
C ASP C 294 -9.02 29.22 -24.39
N PRO C 295 -9.85 29.82 -23.52
CA PRO C 295 -10.70 29.00 -22.65
C PRO C 295 -11.61 28.03 -23.39
N LEU C 296 -12.10 28.39 -24.58
CA LEU C 296 -12.92 27.45 -25.34
C LEU C 296 -12.11 26.22 -25.73
N SER C 297 -10.87 26.43 -26.20
CA SER C 297 -10.02 25.30 -26.56
C SER C 297 -9.64 24.47 -25.34
N GLU C 298 -9.43 25.13 -24.20
CA GLU C 298 -9.14 24.40 -22.97
C GLU C 298 -10.34 23.55 -22.55
N THR C 299 -11.55 24.09 -22.70
CA THR C 299 -12.76 23.31 -22.43
C THR C 299 -12.86 22.11 -23.36
N LYS C 300 -12.54 22.32 -24.65
CA LYS C 300 -12.54 21.21 -25.58
C LYS C 300 -11.55 20.14 -25.16
N CYS C 301 -10.35 20.54 -24.73
CA CYS C 301 -9.35 19.58 -24.30
C CYS C 301 -9.82 18.80 -23.07
N THR C 302 -10.41 19.50 -22.10
CA THR C 302 -10.85 18.83 -20.88
C THR C 302 -12.02 17.88 -21.15
N LEU C 303 -12.96 18.29 -22.01
CA LEU C 303 -14.11 17.47 -22.34
C LEU C 303 -13.79 16.37 -23.34
N LYS C 304 -12.62 16.42 -23.98
CA LYS C 304 -12.22 15.43 -24.98
C LYS C 304 -13.22 15.38 -26.13
N SER C 305 -13.74 16.55 -26.52
CA SER C 305 -14.68 16.66 -27.61
C SER C 305 -14.45 17.97 -28.35
N PHE C 306 -14.79 17.97 -29.63
CA PHE C 306 -14.65 19.17 -30.46
C PHE C 306 -15.88 20.06 -30.41
N THR C 307 -17.01 19.55 -29.95
CA THR C 307 -18.22 20.34 -29.73
C THR C 307 -18.56 20.33 -28.25
N VAL C 308 -18.81 21.51 -27.69
CA VAL C 308 -19.09 21.66 -26.26
C VAL C 308 -20.53 22.12 -26.12
N GLU C 309 -21.32 21.37 -25.36
CA GLU C 309 -22.71 21.71 -25.16
C GLU C 309 -22.84 22.92 -24.25
N LYS C 310 -23.99 23.59 -24.34
CA LYS C 310 -24.26 24.77 -23.54
C LYS C 310 -24.17 24.44 -22.05
N GLY C 311 -23.42 25.26 -21.32
CA GLY C 311 -23.26 25.06 -19.90
C GLY C 311 -21.95 25.66 -19.41
N ILE C 312 -21.63 25.32 -18.16
CA ILE C 312 -20.43 25.78 -17.49
C ILE C 312 -19.57 24.56 -17.17
N TYR C 313 -18.31 24.59 -17.59
CA TYR C 313 -17.40 23.46 -17.43
C TYR C 313 -16.13 23.93 -16.72
N GLN C 314 -15.76 23.24 -15.64
CA GLN C 314 -14.53 23.56 -14.93
C GLN C 314 -13.35 22.98 -15.69
N THR C 315 -12.33 23.81 -15.92
CA THR C 315 -11.20 23.39 -16.75
C THR C 315 -9.90 23.27 -15.97
N SER C 316 -9.48 24.32 -15.26
CA SER C 316 -8.26 24.27 -14.48
C SER C 316 -8.46 24.98 -13.15
N ASN C 317 -7.38 25.25 -12.44
CA ASN C 317 -7.45 25.87 -11.12
C ASN C 317 -6.57 27.11 -11.08
N PHE C 318 -7.15 28.23 -10.65
CA PHE C 318 -6.41 29.47 -10.48
C PHE C 318 -5.45 29.35 -9.29
N ARG C 319 -4.39 30.15 -9.33
CA ARG C 319 -3.38 30.13 -8.28
C ARG C 319 -2.55 31.39 -8.40
N VAL C 320 -2.43 32.13 -7.30
CA VAL C 320 -1.62 33.35 -7.27
C VAL C 320 -0.26 33.00 -6.66
N GLN C 321 0.79 33.20 -7.45
CA GLN C 321 2.13 32.92 -6.96
C GLN C 321 2.62 34.05 -6.06
N PRO C 322 3.48 33.74 -5.08
CA PRO C 322 4.01 34.79 -4.21
C PRO C 322 4.82 35.82 -5.00
N THR C 323 4.67 37.08 -4.62
CA THR C 323 5.39 38.15 -5.30
C THR C 323 6.84 38.23 -4.83
N GLU C 324 7.09 37.99 -3.54
CA GLU C 324 8.42 38.10 -2.98
C GLU C 324 8.52 37.19 -1.77
N SER C 325 9.72 37.11 -1.20
CA SER C 325 9.98 36.33 0.00
C SER C 325 10.59 37.23 1.06
N ILE C 326 10.05 37.17 2.28
CA ILE C 326 10.50 38.02 3.37
C ILE C 326 10.83 37.15 4.58
N VAL C 327 11.74 37.63 5.41
CA VAL C 327 12.17 36.95 6.63
C VAL C 327 12.22 37.99 7.74
N ARG C 328 11.64 37.67 8.89
CA ARG C 328 11.69 38.58 10.03
C ARG C 328 12.07 37.81 11.30
N PHE C 329 13.07 38.33 12.00
CA PHE C 329 13.60 37.80 13.24
C PHE C 329 13.61 38.91 14.28
N PRO C 330 13.61 38.56 15.57
CA PRO C 330 13.71 39.60 16.60
C PRO C 330 15.03 40.35 16.50
N ASN C 331 15.01 41.59 16.96
CA ASN C 331 16.19 42.45 16.82
C ASN C 331 17.36 41.90 17.63
N ILE C 332 18.53 42.51 17.44
CA ILE C 332 19.75 42.01 18.06
C ILE C 332 19.63 42.03 19.58
N THR C 333 19.13 43.14 20.13
CA THR C 333 18.80 43.27 21.55
C THR C 333 20.08 43.08 22.37
N ASN C 334 20.22 42.01 23.16
CA ASN C 334 21.34 41.87 24.08
C ASN C 334 22.53 41.24 23.37
N LEU C 335 23.38 42.11 22.82
CA LEU C 335 24.65 41.68 22.27
C LEU C 335 25.73 41.94 23.32
N CYS C 336 26.41 40.88 23.74
CA CYS C 336 27.45 41.03 24.75
C CYS C 336 28.62 41.82 24.18
N PRO C 337 29.08 42.85 24.87
CA PRO C 337 30.14 43.70 24.31
C PRO C 337 31.47 42.97 24.22
N PHE C 338 32.17 43.18 23.12
CA PHE C 338 33.56 42.80 22.98
C PHE C 338 34.49 44.00 23.00
N GLY C 339 33.95 45.21 22.99
CA GLY C 339 34.79 46.39 23.06
C GLY C 339 35.54 46.50 24.37
N GLU C 340 34.90 46.11 25.47
CA GLU C 340 35.60 46.14 26.76
C GLU C 340 36.60 45.00 26.87
N VAL C 341 36.36 43.90 26.15
CA VAL C 341 37.35 42.81 26.13
C VAL C 341 38.59 43.23 25.34
N PHE C 342 38.39 43.86 24.19
CA PHE C 342 39.52 44.20 23.32
C PHE C 342 40.20 45.51 23.72
N ASN C 343 39.45 46.60 23.75
CA ASN C 343 39.97 47.90 24.16
C ASN C 343 39.85 48.10 25.68
N ALA C 344 40.36 47.14 26.44
CA ALA C 344 40.28 47.23 27.89
C ALA C 344 41.22 48.30 28.42
N THR C 345 41.04 48.65 29.69
CA THR C 345 41.93 49.61 30.32
C THR C 345 43.35 49.06 30.36
N ARG C 346 43.53 47.85 30.89
CA ARG C 346 44.80 47.16 30.88
C ARG C 346 44.53 45.66 30.81
N PHE C 347 45.30 44.97 29.98
CA PHE C 347 45.19 43.51 29.92
C PHE C 347 45.90 42.88 31.11
N ALA C 348 45.69 41.59 31.28
CA ALA C 348 46.35 40.84 32.35
C ALA C 348 47.72 40.37 31.89
N SER C 349 48.51 39.89 32.85
CA SER C 349 49.82 39.35 32.55
C SER C 349 49.69 38.10 31.70
N VAL C 350 50.74 37.80 30.93
CA VAL C 350 50.66 36.66 30.01
C VAL C 350 50.62 35.33 30.77
N TYR C 351 51.36 35.22 31.88
CA TYR C 351 51.38 33.95 32.61
C TYR C 351 50.03 33.68 33.28
N ALA C 352 49.35 34.72 33.76
CA ALA C 352 47.99 34.62 34.29
C ALA C 352 47.13 35.54 33.44
N TRP C 353 46.66 35.02 32.31
CA TRP C 353 45.99 35.85 31.31
C TRP C 353 44.55 36.15 31.73
N ASN C 354 43.98 37.16 31.09
CA ASN C 354 42.60 37.52 31.34
C ASN C 354 41.67 36.51 30.69
N ARG C 355 40.81 35.91 31.50
CA ARG C 355 39.92 34.83 31.06
C ARG C 355 38.48 35.29 31.10
N LYS C 356 37.77 35.13 29.99
CA LYS C 356 36.38 35.52 29.90
C LYS C 356 35.58 34.42 29.21
N ARG C 357 34.32 34.25 29.62
CA ARG C 357 33.42 33.27 29.04
C ARG C 357 32.28 34.00 28.36
N ILE C 358 31.98 33.61 27.11
CA ILE C 358 30.92 34.22 26.33
C ILE C 358 29.92 33.14 25.96
N SER C 359 28.68 33.34 26.41
CA SER C 359 27.57 32.45 26.13
C SER C 359 26.27 33.22 26.33
N ASN C 360 25.18 32.68 25.81
CA ASN C 360 23.86 33.30 25.90
C ASN C 360 23.90 34.73 25.38
N CYS C 361 24.58 34.92 24.25
CA CYS C 361 24.87 36.23 23.71
C CYS C 361 24.71 36.22 22.20
N VAL C 362 24.31 37.36 21.65
CA VAL C 362 24.32 37.58 20.21
C VAL C 362 25.64 38.27 19.90
N ALA C 363 26.69 37.47 19.68
CA ALA C 363 28.04 37.98 19.51
C ALA C 363 28.21 38.50 18.10
N ASP C 364 28.54 39.78 17.97
CA ASP C 364 28.75 40.42 16.67
C ASP C 364 30.24 40.32 16.33
N TYR C 365 30.58 39.42 15.42
CA TYR C 365 31.95 39.32 14.91
C TYR C 365 32.21 40.29 13.77
N SER C 366 31.19 41.00 13.29
CA SER C 366 31.38 41.94 12.20
C SER C 366 32.24 43.13 12.63
N VAL C 367 32.14 43.55 13.90
CA VAL C 367 32.97 44.65 14.38
C VAL C 367 34.44 44.25 14.37
N LEU C 368 34.75 43.01 14.75
CA LEU C 368 36.10 42.51 14.64
C LEU C 368 36.53 42.41 13.17
N TYR C 369 35.61 41.96 12.31
CA TYR C 369 35.95 41.76 10.90
C TYR C 369 36.28 43.08 10.20
N ASN C 370 35.51 44.13 10.48
CA ASN C 370 35.70 45.37 9.72
C ASN C 370 36.94 46.13 10.17
N SER C 371 37.42 45.88 11.38
CA SER C 371 38.55 46.64 11.90
C SER C 371 39.84 46.23 11.21
N ALA C 372 40.53 47.21 10.63
CA ALA C 372 41.78 46.97 9.92
C ALA C 372 43.01 47.19 10.82
N SER C 373 42.81 47.57 12.08
CA SER C 373 43.94 47.75 12.97
C SER C 373 44.61 46.41 13.30
N PHE C 374 43.88 45.32 13.19
CA PHE C 374 44.44 44.01 13.46
C PHE C 374 45.40 43.60 12.34
N SER C 375 46.60 43.16 12.70
CA SER C 375 47.61 42.79 11.74
C SER C 375 47.99 41.31 11.79
N THR C 376 47.54 40.58 12.80
CA THR C 376 47.84 39.16 12.95
C THR C 376 46.55 38.36 13.15
N PHE C 377 45.59 38.56 12.25
CA PHE C 377 44.32 37.84 12.27
C PHE C 377 44.52 36.40 11.79
N LYS C 378 44.97 35.54 12.69
CA LYS C 378 45.34 34.17 12.33
C LYS C 378 44.46 33.18 13.10
N CYS C 379 43.53 32.58 12.37
CA CYS C 379 42.67 31.54 12.93
C CYS C 379 42.36 30.45 11.91
N TYR C 380 41.69 29.41 12.40
CA TYR C 380 41.47 28.17 11.69
C TYR C 380 40.04 27.71 11.94
N GLY C 381 39.57 26.82 11.08
CA GLY C 381 38.24 26.25 11.24
C GLY C 381 37.12 27.10 10.69
N VAL C 382 37.23 28.42 10.82
CA VAL C 382 36.18 29.34 10.39
C VAL C 382 36.81 30.52 9.65
N SER C 383 36.16 30.93 8.57
CA SER C 383 36.54 32.12 7.85
C SER C 383 36.05 33.38 8.58
N PRO C 384 36.79 34.48 8.52
CA PRO C 384 36.31 35.70 9.17
C PRO C 384 34.99 36.22 8.62
N THR C 385 34.76 36.06 7.31
CA THR C 385 33.52 36.56 6.72
C THR C 385 32.34 35.65 7.06
N LYS C 386 32.58 34.35 7.18
CA LYS C 386 31.53 33.40 7.54
C LYS C 386 31.40 33.18 9.03
N LEU C 387 32.22 33.85 9.84
CA LEU C 387 32.15 33.67 11.29
C LEU C 387 30.80 34.13 11.84
N ASN C 388 30.23 35.19 11.26
CA ASN C 388 28.92 35.65 11.69
C ASN C 388 27.85 34.58 11.43
N ASP C 389 27.97 33.86 10.32
CA ASP C 389 27.02 32.79 10.03
C ASP C 389 27.19 31.62 10.97
N LEU C 390 28.42 31.36 11.41
CA LEU C 390 28.69 30.21 12.27
C LEU C 390 28.05 30.41 13.64
N CYS C 391 27.64 29.29 14.25
CA CYS C 391 27.00 29.30 15.56
C CYS C 391 27.69 28.27 16.43
N PHE C 392 28.16 28.69 17.60
CA PHE C 392 28.92 27.84 18.50
C PHE C 392 28.34 27.91 19.90
N THR C 393 28.58 26.85 20.67
CA THR C 393 27.96 26.76 22.00
C THR C 393 28.62 27.69 23.00
N ASN C 394 29.95 27.76 22.99
CA ASN C 394 30.70 28.53 23.98
C ASN C 394 31.80 29.33 23.30
N VAL C 395 32.23 30.40 23.94
CA VAL C 395 33.37 31.19 23.48
C VAL C 395 34.28 31.46 24.67
N TYR C 396 35.58 31.27 24.50
CA TYR C 396 36.56 31.57 25.53
C TYR C 396 37.47 32.70 25.06
N ALA C 397 37.60 33.75 25.87
CA ALA C 397 38.42 34.89 25.56
C ALA C 397 39.66 34.87 26.44
N ASP C 398 40.84 34.80 25.82
CA ASP C 398 42.12 34.81 26.52
C ASP C 398 42.87 36.05 26.08
N SER C 399 42.96 37.04 26.95
CA SER C 399 43.48 38.36 26.61
C SER C 399 44.76 38.64 27.39
N PHE C 400 45.81 39.06 26.70
CA PHE C 400 47.06 39.41 27.36
C PHE C 400 47.91 40.25 26.41
N VAL C 401 49.16 40.47 26.81
CA VAL C 401 50.10 41.31 26.07
C VAL C 401 51.34 40.50 25.75
N ILE C 402 51.75 40.51 24.48
CA ILE C 402 52.88 39.72 24.00
C ILE C 402 53.71 40.58 23.06
N ARG C 403 55.02 40.55 23.23
CA ARG C 403 55.88 41.33 22.34
C ARG C 403 55.94 40.68 20.97
N GLY C 404 56.25 41.49 19.96
CA GLY C 404 56.23 41.04 18.57
C GLY C 404 57.18 39.91 18.27
N ASP C 405 58.18 39.67 19.12
CA ASP C 405 59.11 38.57 18.89
C ASP C 405 58.42 37.21 18.96
N GLU C 406 57.53 37.03 19.93
CA GLU C 406 56.87 35.75 20.14
C GLU C 406 55.38 35.78 19.82
N VAL C 407 54.92 36.80 19.07
CA VAL C 407 53.57 36.74 18.50
C VAL C 407 53.46 35.56 17.57
N ARG C 408 54.57 35.19 16.91
CA ARG C 408 54.61 33.98 16.10
C ARG C 408 54.29 32.75 16.94
N GLN C 409 54.74 32.74 18.20
CA GLN C 409 54.57 31.56 19.05
C GLN C 409 53.13 31.32 19.44
N ILE C 410 52.23 32.26 19.19
CA ILE C 410 50.80 32.08 19.51
C ILE C 410 50.19 31.38 18.30
N ALA C 411 50.32 30.05 18.28
CA ALA C 411 49.86 29.22 17.19
C ALA C 411 49.89 27.75 17.62
N PRO C 412 48.94 26.93 17.17
CA PRO C 412 48.95 25.51 17.52
C PRO C 412 50.19 24.82 16.99
N GLY C 413 50.73 23.89 17.78
CA GLY C 413 51.88 23.12 17.36
C GLY C 413 53.18 23.88 17.34
N GLN C 414 53.22 25.08 17.92
CA GLN C 414 54.42 25.90 17.94
C GLN C 414 55.14 25.74 19.27
N THR C 415 56.45 25.59 19.22
CA THR C 415 57.27 25.42 20.41
C THR C 415 58.09 26.68 20.66
N GLY C 416 58.19 27.05 21.93
CA GLY C 416 58.94 28.24 22.31
C GLY C 416 58.84 28.46 23.80
N LYS C 417 59.75 29.28 24.31
CA LYS C 417 59.79 29.52 25.74
C LYS C 417 58.52 30.23 26.23
N ILE C 418 58.04 31.21 25.47
CA ILE C 418 56.84 31.93 25.90
C ILE C 418 55.62 31.03 25.82
N ALA C 419 55.47 30.29 24.72
CA ALA C 419 54.31 29.42 24.55
C ALA C 419 54.30 28.31 25.60
N ASP C 420 55.47 27.77 25.94
CA ASP C 420 55.57 26.67 26.88
C ASP C 420 55.67 27.11 28.33
N TYR C 421 55.82 28.41 28.60
CA TYR C 421 55.92 28.89 29.97
C TYR C 421 54.76 29.77 30.42
N ASN C 422 54.06 30.42 29.50
CA ASN C 422 52.98 31.34 29.87
C ASN C 422 51.62 30.90 29.35
N TYR C 423 51.50 30.63 28.06
CA TYR C 423 50.20 30.27 27.48
C TYR C 423 50.46 29.43 26.24
N LYS C 424 49.86 28.24 26.19
CA LYS C 424 50.01 27.33 25.07
C LYS C 424 48.66 27.07 24.40
N LEU C 425 48.69 26.94 23.07
CA LEU C 425 47.49 26.68 22.30
C LEU C 425 47.34 25.19 22.03
N PRO C 426 46.12 24.66 22.11
CA PRO C 426 45.92 23.23 21.83
C PRO C 426 46.15 22.92 20.36
N ASP C 427 46.52 21.65 20.11
CA ASP C 427 46.69 21.20 18.72
C ASP C 427 45.38 21.26 17.95
N ASP C 428 44.27 20.88 18.57
CA ASP C 428 42.95 20.99 17.96
C ASP C 428 42.35 22.36 18.27
N PHE C 429 42.97 23.39 17.69
CA PHE C 429 42.61 24.77 17.95
C PHE C 429 41.61 25.27 16.93
N THR C 430 40.52 25.87 17.41
CA THR C 430 39.47 26.40 16.55
C THR C 430 39.19 27.88 16.79
N GLY C 431 39.85 28.50 17.76
CA GLY C 431 39.65 29.90 18.04
C GLY C 431 40.42 30.79 17.07
N CYS C 432 40.39 32.09 17.36
CA CYS C 432 41.04 33.07 16.49
C CYS C 432 42.01 33.92 17.29
N VAL C 433 43.23 34.04 16.76
CA VAL C 433 44.27 34.85 17.38
C VAL C 433 44.29 36.22 16.71
N ILE C 434 44.16 37.28 17.51
CA ILE C 434 44.10 38.64 17.02
C ILE C 434 45.01 39.50 17.88
N ALA C 435 46.12 39.96 17.32
CA ALA C 435 47.05 40.82 18.04
C ALA C 435 47.31 42.09 17.24
N TRP C 436 47.34 43.22 17.94
CA TRP C 436 47.56 44.50 17.31
C TRP C 436 48.55 45.32 18.11
N ASN C 437 49.21 46.26 17.42
CA ASN C 437 50.28 47.04 18.02
C ASN C 437 49.76 47.86 19.20
N SER C 438 50.53 47.86 20.30
CA SER C 438 50.20 48.66 21.46
C SER C 438 51.45 49.31 22.05
N ASN C 439 52.42 49.66 21.20
CA ASN C 439 53.60 50.38 21.68
C ASN C 439 53.22 51.76 22.19
N ASN C 440 52.26 52.42 21.53
CA ASN C 440 51.87 53.76 21.93
C ASN C 440 51.03 53.75 23.22
N LEU C 441 50.51 52.60 23.61
CA LEU C 441 49.63 52.50 24.77
C LEU C 441 50.27 51.80 25.96
N ASP C 442 50.90 50.65 25.73
CA ASP C 442 51.45 49.87 26.85
C ASP C 442 52.82 50.38 27.28
N SER C 443 53.75 50.54 26.34
CA SER C 443 55.10 50.92 26.69
C SER C 443 55.13 52.35 27.24
N LYS C 444 55.94 52.56 28.27
CA LYS C 444 56.08 53.86 28.91
C LYS C 444 57.55 54.25 28.97
N VAL C 445 57.78 55.53 29.26
CA VAL C 445 59.15 56.04 29.33
C VAL C 445 59.90 55.35 30.47
N GLY C 446 61.14 54.96 30.19
CA GLY C 446 61.95 54.26 31.18
C GLY C 446 61.67 52.78 31.31
N GLY C 447 60.85 52.21 30.42
CA GLY C 447 60.52 50.80 30.50
C GLY C 447 59.35 50.52 31.42
N ASN C 448 58.40 49.72 30.94
CA ASN C 448 57.22 49.36 31.71
C ASN C 448 57.46 48.03 32.41
N TYR C 449 57.09 47.96 33.69
CA TYR C 449 57.31 46.77 34.50
C TYR C 449 56.03 46.20 35.10
N ASN C 450 54.86 46.72 34.73
CA ASN C 450 53.62 46.18 35.28
C ASN C 450 53.22 44.86 34.63
N TYR C 451 53.83 44.50 33.51
CA TYR C 451 53.55 43.25 32.82
C TYR C 451 54.64 42.23 33.12
N LEU C 452 54.24 41.06 33.60
CA LEU C 452 55.17 40.04 34.05
C LEU C 452 55.01 38.79 33.20
N TYR C 453 56.14 38.11 32.93
CA TYR C 453 56.14 36.90 32.14
C TYR C 453 57.12 35.90 32.77
N ARG C 454 56.83 34.62 32.58
CA ARG C 454 57.67 33.56 33.13
C ARG C 454 58.69 33.13 32.08
N LEU C 455 59.97 33.18 32.46
CA LEU C 455 61.06 32.80 31.57
C LEU C 455 61.75 31.50 31.96
N PHE C 456 61.58 31.04 33.20
CA PHE C 456 62.20 29.82 33.69
C PHE C 456 61.13 28.86 34.19
N ARG C 457 61.21 27.61 33.75
CA ARG C 457 60.32 26.57 34.24
C ARG C 457 60.92 25.21 33.88
N LYS C 458 60.87 24.28 34.84
CA LYS C 458 61.44 22.95 34.60
C LYS C 458 60.69 22.21 33.51
N SER C 459 59.36 22.28 33.52
CA SER C 459 58.51 21.58 32.57
C SER C 459 57.89 22.58 31.59
N ASN C 460 57.07 22.04 30.68
CA ASN C 460 56.36 22.85 29.70
C ASN C 460 54.86 22.81 29.97
N LEU C 461 54.19 23.92 29.72
CA LEU C 461 52.77 24.02 29.99
C LEU C 461 51.97 23.12 29.05
N LYS C 462 51.02 22.40 29.62
CA LYS C 462 50.06 21.68 28.81
C LYS C 462 49.11 22.66 28.14
N PRO C 463 48.47 22.26 27.03
CA PRO C 463 47.58 23.19 26.31
C PRO C 463 46.54 23.84 27.20
N PHE C 464 46.52 25.18 27.21
CA PHE C 464 45.60 25.98 28.02
C PHE C 464 45.76 25.66 29.52
N GLU C 465 46.95 26.00 30.02
CA GLU C 465 47.27 25.84 31.43
C GLU C 465 47.75 27.15 32.01
N ARG C 466 47.21 27.51 33.17
CA ARG C 466 47.61 28.70 33.90
C ARG C 466 48.11 28.32 35.28
N ASP C 467 49.22 28.93 35.69
CA ASP C 467 49.85 28.58 36.97
C ASP C 467 50.48 29.85 37.56
N ILE C 468 49.79 30.41 38.57
CA ILE C 468 50.26 31.62 39.23
C ILE C 468 51.07 31.32 40.49
N SER C 469 51.26 30.05 40.84
CA SER C 469 52.01 29.71 42.03
C SER C 469 53.45 30.20 41.94
N THR C 470 54.03 30.18 40.74
CA THR C 470 55.38 30.68 40.45
C THR C 470 56.40 30.11 41.45
N GLU C 471 56.50 28.78 41.46
CA GLU C 471 57.49 28.12 42.31
C GLU C 471 58.89 28.49 41.88
N ILE C 472 59.78 28.66 42.85
CA ILE C 472 61.13 29.14 42.58
C ILE C 472 61.88 28.13 41.70
N TYR C 473 62.56 28.65 40.69
CA TYR C 473 63.30 27.79 39.77
C TYR C 473 64.51 27.18 40.46
N GLN C 474 64.71 25.89 40.26
CA GLN C 474 65.81 25.15 40.86
C GLN C 474 66.59 24.42 39.78
N ALA C 475 67.91 24.44 39.90
CA ALA C 475 68.78 23.77 38.94
C ALA C 475 70.08 23.38 39.62
N GLY C 476 70.79 22.44 39.00
CA GLY C 476 72.04 21.97 39.57
C GLY C 476 71.80 21.15 40.81
N SER C 477 72.56 21.45 41.86
CA SER C 477 72.40 20.77 43.15
C SER C 477 71.19 21.28 43.93
N THR C 478 70.52 22.30 43.42
CA THR C 478 69.32 22.88 44.04
C THR C 478 69.46 23.14 45.54
N PRO C 479 70.39 24.00 45.96
CA PRO C 479 70.43 24.43 47.36
C PRO C 479 69.63 25.67 47.65
N CYS C 480 68.92 26.22 46.65
CA CYS C 480 68.23 27.51 46.76
C CYS C 480 66.90 27.29 47.47
N ASN C 481 66.93 27.37 48.80
CA ASN C 481 65.70 27.31 49.58
C ASN C 481 64.90 28.60 49.45
N GLY C 482 65.58 29.72 49.22
CA GLY C 482 64.93 31.01 49.08
C GLY C 482 64.69 31.38 47.64
N VAL C 483 64.87 32.67 47.34
CA VAL C 483 64.62 33.18 45.99
C VAL C 483 65.91 33.21 45.16
N GLU C 484 67.06 33.42 45.78
CA GLU C 484 68.33 33.54 45.08
C GLU C 484 69.29 32.46 45.56
N GLY C 485 70.03 31.88 44.63
CA GLY C 485 70.99 30.85 44.97
C GLY C 485 71.74 30.38 43.75
N PHE C 486 72.58 29.36 43.96
CA PHE C 486 73.34 28.79 42.86
C PHE C 486 72.41 28.10 41.87
N ASN C 487 72.51 28.50 40.60
CA ASN C 487 71.61 28.00 39.54
C ASN C 487 70.15 28.22 39.92
N CYS C 488 69.88 29.30 40.65
CA CYS C 488 68.54 29.61 41.12
C CYS C 488 68.20 31.04 40.71
N TYR C 489 67.01 31.22 40.14
CA TYR C 489 66.55 32.53 39.72
C TYR C 489 65.03 32.56 39.80
N PHE C 490 64.48 33.77 39.88
CA PHE C 490 63.04 33.93 39.95
C PHE C 490 62.42 33.54 38.60
N PRO C 491 61.47 32.61 38.58
CA PRO C 491 60.85 32.24 37.30
C PRO C 491 60.12 33.37 36.61
N LEU C 492 59.68 34.38 37.36
CA LEU C 492 58.96 35.52 36.82
C LEU C 492 59.93 36.67 36.58
N GLN C 493 59.65 37.46 35.53
CA GLN C 493 60.50 38.58 35.18
C GLN C 493 59.67 39.62 34.44
N SER C 494 60.23 40.82 34.32
CA SER C 494 59.58 41.92 33.64
C SER C 494 60.54 42.53 32.63
N TYR C 495 60.05 42.76 31.42
CA TYR C 495 60.83 43.36 30.35
C TYR C 495 60.43 44.82 30.20
N GLY C 496 61.42 45.71 30.23
CA GLY C 496 61.16 47.13 30.05
C GLY C 496 60.59 47.44 28.68
N PHE C 497 59.40 48.03 28.66
CA PHE C 497 58.70 48.36 27.42
C PHE C 497 58.86 49.85 27.14
N GLN C 498 59.48 50.17 26.00
CA GLN C 498 59.72 51.56 25.64
C GLN C 498 59.20 51.86 24.24
N PRO C 499 58.69 53.07 24.01
CA PRO C 499 58.24 53.42 22.65
C PRO C 499 59.35 53.38 21.62
N THR C 500 60.58 53.72 22.01
CA THR C 500 61.72 53.72 21.10
C THR C 500 62.37 52.35 20.96
N ASN C 501 61.87 51.34 21.67
CA ASN C 501 62.40 50.00 21.55
C ASN C 501 62.06 49.41 20.17
N GLY C 502 62.74 48.31 19.84
CA GLY C 502 62.51 47.67 18.56
C GLY C 502 61.09 47.17 18.41
N VAL C 503 60.63 47.08 17.17
CA VAL C 503 59.25 46.66 16.90
C VAL C 503 59.01 45.25 17.43
N GLY C 504 60.01 44.38 17.31
CA GLY C 504 59.88 43.05 17.87
C GLY C 504 59.73 43.05 19.38
N TYR C 505 60.42 43.96 20.06
CA TYR C 505 60.29 44.06 21.52
C TYR C 505 59.05 44.84 21.94
N GLN C 506 58.39 45.54 21.01
CA GLN C 506 57.23 46.33 21.36
C GLN C 506 56.05 45.43 21.74
N PRO C 507 55.36 45.74 22.84
CA PRO C 507 54.22 44.91 23.24
C PRO C 507 53.04 45.09 22.30
N TYR C 508 52.31 43.99 22.06
CA TYR C 508 51.09 43.96 21.28
C TYR C 508 49.98 43.41 22.15
N ARG C 509 48.78 43.94 21.98
CA ARG C 509 47.60 43.40 22.66
C ARG C 509 47.09 42.21 21.86
N VAL C 510 46.99 41.05 22.50
CA VAL C 510 46.63 39.81 21.83
C VAL C 510 45.45 39.16 22.53
N VAL C 511 44.46 38.75 21.74
CA VAL C 511 43.24 38.12 22.23
C VAL C 511 43.03 36.83 21.45
N VAL C 512 42.75 35.75 22.17
CA VAL C 512 42.47 34.44 21.59
C VAL C 512 41.01 34.12 21.85
N LEU C 513 40.25 33.88 20.78
CA LEU C 513 38.83 33.52 20.87
C LEU C 513 38.72 32.03 20.59
N SER C 514 38.91 31.23 21.64
CA SER C 514 38.77 29.79 21.54
C SER C 514 37.32 29.40 21.35
N PHE C 515 37.06 28.54 20.36
CA PHE C 515 35.73 28.07 20.04
C PHE C 515 35.62 26.58 20.37
N GLU C 516 34.44 26.02 20.12
CA GLU C 516 34.21 24.60 20.31
C GLU C 516 33.04 24.16 19.44
N LEU C 517 33.03 22.87 19.11
CA LEU C 517 32.06 22.34 18.16
C LEU C 517 30.67 22.28 18.77
N LEU C 518 29.68 22.00 17.92
CA LEU C 518 28.27 21.99 18.32
C LEU C 518 27.91 20.62 18.87
N HIS C 519 28.31 20.40 20.13
CA HIS C 519 27.95 19.19 20.86
C HIS C 519 26.73 19.37 21.74
N ALA C 520 26.09 20.53 21.68
CA ALA C 520 24.97 20.87 22.56
C ALA C 520 24.17 21.97 21.88
N PRO C 521 22.99 22.31 22.41
CA PRO C 521 22.28 23.48 21.89
C PRO C 521 23.14 24.73 22.00
N ALA C 522 23.13 25.54 20.94
CA ALA C 522 23.98 26.72 20.87
C ALA C 522 23.34 27.87 21.64
N THR C 523 24.19 28.66 22.30
CA THR C 523 23.72 29.80 23.09
C THR C 523 24.28 31.12 22.57
N VAL C 524 25.57 31.20 22.29
CA VAL C 524 26.18 32.39 21.73
C VAL C 524 26.19 32.22 20.20
N CYS C 525 25.54 33.14 19.49
CA CYS C 525 25.35 32.98 18.07
C CYS C 525 25.49 34.33 17.37
N GLY C 526 25.88 34.28 16.09
CA GLY C 526 25.99 35.45 15.28
C GLY C 526 24.62 36.04 14.99
N PRO C 527 24.56 37.35 14.75
CA PRO C 527 23.27 37.98 14.44
C PRO C 527 22.69 37.45 13.15
N LYS C 528 21.37 37.33 13.11
CA LYS C 528 20.65 36.86 11.93
C LYS C 528 19.83 38.01 11.38
N LYS C 529 20.11 38.38 10.13
CA LYS C 529 19.47 39.55 9.54
C LYS C 529 18.02 39.26 9.16
N SER C 530 17.22 40.31 9.10
CA SER C 530 15.81 40.22 8.76
C SER C 530 15.49 41.24 7.67
N THR C 531 14.73 40.81 6.67
CA THR C 531 14.28 41.69 5.61
C THR C 531 13.05 42.48 6.04
N ASN C 532 12.71 43.50 5.25
CA ASN C 532 11.56 44.33 5.56
C ASN C 532 10.26 43.55 5.33
N LEU C 533 9.21 43.94 6.05
CA LEU C 533 7.92 43.27 5.96
C LEU C 533 6.99 44.00 5.00
N VAL C 534 6.27 43.24 4.20
CA VAL C 534 5.28 43.77 3.28
C VAL C 534 3.92 43.14 3.61
N LYS C 535 2.87 43.95 3.54
CA LYS C 535 1.53 43.50 3.88
C LYS C 535 0.55 43.76 2.74
N ASN C 536 -0.68 43.28 2.89
CA ASN C 536 -1.74 43.45 1.89
C ASN C 536 -1.28 42.94 0.53
N LYS C 537 -0.57 41.83 0.52
CA LYS C 537 -0.01 41.26 -0.71
C LYS C 537 0.39 39.83 -0.44
N CYS C 538 0.17 38.95 -1.43
CA CYS C 538 0.50 37.54 -1.29
C CYS C 538 2.02 37.39 -1.31
N VAL C 539 2.61 37.24 -0.13
CA VAL C 539 4.06 37.20 0.03
C VAL C 539 4.44 35.98 0.86
N ASN C 540 5.43 35.24 0.37
CA ASN C 540 6.03 34.17 1.17
C ASN C 540 6.79 34.78 2.35
N PHE C 541 6.60 34.23 3.53
CA PHE C 541 7.15 34.81 4.74
C PHE C 541 7.82 33.74 5.60
N ASN C 542 8.80 34.19 6.39
CA ASN C 542 9.45 33.32 7.38
C ASN C 542 9.52 34.10 8.69
N PHE C 543 8.67 33.72 9.63
CA PHE C 543 8.56 34.37 10.94
C PHE C 543 9.12 33.43 11.99
N ASN C 544 10.44 33.48 12.21
CA ASN C 544 11.12 32.66 13.20
C ASN C 544 10.87 31.17 12.97
N GLY C 545 10.84 30.75 11.70
CA GLY C 545 10.64 29.36 11.36
C GLY C 545 9.23 28.99 10.97
N LEU C 546 8.30 29.95 10.96
CA LEU C 546 6.92 29.64 10.55
C LEU C 546 6.88 29.20 9.09
N THR C 547 7.61 29.90 8.23
CA THR C 547 7.77 29.54 6.81
C THR C 547 6.42 29.32 6.13
N GLY C 548 5.44 30.16 6.48
CA GLY C 548 4.12 30.08 5.87
C GLY C 548 4.01 30.89 4.61
N THR C 549 2.92 30.66 3.88
CA THR C 549 2.64 31.40 2.65
C THR C 549 1.23 31.97 2.75
N GLY C 550 1.10 33.27 2.53
CA GLY C 550 -0.20 33.91 2.57
C GLY C 550 -0.04 35.42 2.67
N VAL C 551 -1.17 36.09 2.52
CA VAL C 551 -1.22 37.54 2.60
C VAL C 551 -1.44 37.95 4.06
N LEU C 552 -0.60 38.86 4.55
CA LEU C 552 -0.64 39.31 5.93
C LEU C 552 -1.30 40.68 5.99
N THR C 553 -2.26 40.84 6.89
CA THR C 553 -2.98 42.09 7.08
C THR C 553 -2.85 42.54 8.53
N GLU C 554 -2.99 43.85 8.75
CA GLU C 554 -3.06 44.36 10.11
C GLU C 554 -4.25 43.77 10.83
N SER C 555 -3.98 43.12 11.96
CA SER C 555 -4.99 42.35 12.67
C SER C 555 -5.57 43.14 13.83
N ASN C 556 -6.76 42.72 14.25
CA ASN C 556 -7.47 43.34 15.36
C ASN C 556 -7.32 42.57 16.67
N LYS C 557 -7.14 41.26 16.61
CA LYS C 557 -7.02 40.45 17.82
C LYS C 557 -5.75 40.83 18.59
N LYS C 558 -5.83 40.73 19.91
CA LYS C 558 -4.73 41.07 20.80
C LYS C 558 -4.20 39.82 21.47
N PHE C 559 -2.88 39.63 21.40
CA PHE C 559 -2.25 38.47 21.99
C PHE C 559 -1.85 38.76 23.44
N LEU C 560 -1.51 37.69 24.16
CA LEU C 560 -0.87 37.84 25.46
C LEU C 560 0.56 38.34 25.26
N PRO C 561 1.13 39.02 26.26
CA PRO C 561 2.49 39.56 26.08
C PRO C 561 3.54 38.51 25.76
N PHE C 562 3.39 37.30 26.29
CA PHE C 562 4.35 36.23 26.03
C PHE C 562 4.02 35.42 24.79
N GLN C 563 2.87 35.66 24.16
CA GLN C 563 2.36 34.80 23.11
C GLN C 563 3.02 35.17 21.78
N GLN C 564 3.50 34.15 21.06
CA GLN C 564 4.32 34.38 19.87
C GLN C 564 3.52 34.29 18.57
N PHE C 565 2.57 33.36 18.48
CA PHE C 565 1.78 33.25 17.27
C PHE C 565 0.46 32.56 17.60
N GLY C 566 -0.55 32.83 16.77
CA GLY C 566 -1.88 32.30 16.98
C GLY C 566 -2.11 30.98 16.28
N ARG C 567 -3.36 30.52 16.37
CA ARG C 567 -3.75 29.25 15.76
C ARG C 567 -5.26 29.27 15.55
N ASP C 568 -5.72 28.36 14.69
CA ASP C 568 -7.13 28.21 14.38
C ASP C 568 -7.66 26.95 15.02
N ILE C 569 -8.94 26.67 14.77
CA ILE C 569 -9.58 25.47 15.32
C ILE C 569 -8.92 24.21 14.75
N ALA C 570 -8.65 24.22 13.44
CA ALA C 570 -8.08 23.07 12.75
C ALA C 570 -6.55 23.06 12.77
N ASP C 571 -5.93 23.71 13.75
CA ASP C 571 -4.48 23.74 13.89
C ASP C 571 -3.79 24.30 12.66
N THR C 572 -4.37 25.34 12.08
CA THR C 572 -3.77 26.08 10.97
C THR C 572 -3.45 27.48 11.44
N THR C 573 -2.19 27.89 11.27
CA THR C 573 -1.77 29.21 11.74
C THR C 573 -2.56 30.30 11.03
N ASP C 574 -3.09 31.24 11.82
CA ASP C 574 -3.87 32.33 11.25
C ASP C 574 -3.51 33.69 11.84
N ALA C 575 -2.42 33.77 12.60
CA ALA C 575 -1.97 35.04 13.18
C ALA C 575 -0.52 34.91 13.62
N VAL C 576 0.28 35.94 13.41
CA VAL C 576 1.68 35.93 13.80
C VAL C 576 2.03 37.25 14.47
N ARG C 577 2.85 37.19 15.51
CA ARG C 577 3.38 38.39 16.15
C ARG C 577 4.69 38.77 15.47
N ASP C 578 4.76 40.00 14.97
CA ASP C 578 5.94 40.46 14.25
C ASP C 578 7.04 40.72 15.27
N PRO C 579 8.19 40.05 15.19
CA PRO C 579 9.20 40.19 16.25
C PRO C 579 9.87 41.56 16.27
N GLN C 580 10.14 42.15 15.11
CA GLN C 580 10.85 43.43 15.07
C GLN C 580 10.06 44.52 15.77
N THR C 581 8.80 44.70 15.38
CA THR C 581 7.90 45.62 16.05
C THR C 581 6.62 44.86 16.41
N LEU C 582 6.16 45.03 17.66
CA LEU C 582 5.17 44.13 18.24
C LEU C 582 3.77 44.58 17.82
N GLU C 583 3.28 43.96 16.75
CA GLU C 583 1.87 43.99 16.37
C GLU C 583 1.46 42.59 15.92
N ILE C 584 0.18 42.44 15.62
CA ILE C 584 -0.38 41.16 15.21
C ILE C 584 -0.73 41.24 13.74
N LEU C 585 -0.25 40.28 12.95
CA LEU C 585 -0.54 40.19 11.53
C LEU C 585 -1.42 38.97 11.32
N ASP C 586 -2.65 39.22 10.87
CA ASP C 586 -3.54 38.14 10.49
C ASP C 586 -3.18 37.64 9.10
N ILE C 587 -2.84 36.36 9.01
CA ILE C 587 -2.43 35.75 7.74
C ILE C 587 -3.63 35.03 7.16
N THR C 588 -3.83 35.20 5.86
CA THR C 588 -4.87 34.51 5.13
C THR C 588 -4.28 33.82 3.93
N PRO C 589 -4.72 32.60 3.61
CA PRO C 589 -4.08 31.84 2.54
C PRO C 589 -4.27 32.50 1.19
N CYS C 590 -3.30 32.25 0.31
CA CYS C 590 -3.34 32.81 -1.03
C CYS C 590 -4.61 32.38 -1.76
N SER C 591 -5.26 33.36 -2.39
CA SER C 591 -6.54 33.10 -3.03
C SER C 591 -6.40 32.09 -4.16
N PHE C 592 -7.23 31.07 -4.14
CA PHE C 592 -7.19 30.03 -5.15
C PHE C 592 -8.58 29.44 -5.29
N GLY C 593 -8.81 28.77 -6.42
CA GLY C 593 -10.10 28.19 -6.70
C GLY C 593 -10.21 27.83 -8.16
N GLY C 594 -11.25 27.06 -8.46
CA GLY C 594 -11.42 26.56 -9.81
C GLY C 594 -11.73 27.66 -10.80
N VAL C 595 -11.32 27.42 -12.05
CA VAL C 595 -11.68 28.26 -13.18
C VAL C 595 -12.67 27.48 -14.03
N SER C 596 -13.74 28.13 -14.42
CA SER C 596 -14.79 27.51 -15.22
C SER C 596 -15.06 28.38 -16.44
N VAL C 597 -15.47 27.74 -17.53
CA VAL C 597 -15.83 28.42 -18.76
C VAL C 597 -17.32 28.25 -18.95
N ILE C 598 -18.03 29.36 -19.04
CA ILE C 598 -19.43 29.39 -19.37
C ILE C 598 -19.52 29.62 -20.87
N THR C 599 -20.19 28.70 -21.57
CA THR C 599 -20.28 28.79 -23.00
C THR C 599 -21.63 28.25 -23.47
N PRO C 600 -22.25 28.90 -24.45
CA PRO C 600 -23.41 28.28 -25.10
C PRO C 600 -22.94 27.15 -26.00
N GLY C 601 -23.84 26.57 -26.78
CA GLY C 601 -23.42 25.56 -27.73
C GLY C 601 -22.37 26.10 -28.67
N THR C 602 -21.32 25.30 -28.91
CA THR C 602 -20.27 25.71 -29.83
C THR C 602 -20.82 25.97 -31.22
N ASN C 603 -21.90 25.27 -31.59
CA ASN C 603 -22.59 25.59 -32.84
C ASN C 603 -23.25 26.97 -32.78
N THR C 604 -23.81 27.33 -31.62
CA THR C 604 -24.44 28.64 -31.49
C THR C 604 -23.43 29.77 -31.58
N SER C 605 -22.35 29.69 -30.80
CA SER C 605 -21.34 30.73 -30.80
C SER C 605 -20.07 30.18 -30.14
N ASN C 606 -18.94 30.78 -30.50
CA ASN C 606 -17.65 30.46 -29.90
C ASN C 606 -17.28 31.39 -28.77
N GLN C 607 -18.05 32.45 -28.56
CA GLN C 607 -17.78 33.38 -27.47
C GLN C 607 -18.02 32.71 -26.12
N VAL C 608 -17.09 32.91 -25.19
CA VAL C 608 -17.15 32.27 -23.88
C VAL C 608 -16.89 33.30 -22.81
N ALA C 609 -17.25 32.95 -21.58
CA ALA C 609 -16.95 33.75 -20.40
C ALA C 609 -16.19 32.88 -19.41
N VAL C 610 -15.35 33.50 -18.60
CA VAL C 610 -14.50 32.78 -17.65
C VAL C 610 -14.84 33.23 -16.24
N LEU C 611 -15.14 32.27 -15.37
CA LEU C 611 -15.45 32.55 -13.98
C LEU C 611 -14.34 31.98 -13.12
N TYR C 612 -13.74 32.83 -12.29
CA TYR C 612 -12.76 32.37 -11.30
C TYR C 612 -13.48 32.30 -9.96
N GLN C 613 -13.39 31.16 -9.28
CA GLN C 613 -14.17 30.94 -8.06
C GLN C 613 -13.50 31.60 -6.86
N ASP C 614 -14.33 32.02 -5.90
CA ASP C 614 -13.98 32.70 -4.64
C ASP C 614 -12.68 33.50 -4.76
N VAL C 615 -12.72 34.54 -5.59
CA VAL C 615 -11.62 35.51 -5.67
C VAL C 615 -12.18 36.79 -6.25
N ASN C 616 -11.70 37.92 -5.75
CA ASN C 616 -12.05 39.20 -6.33
C ASN C 616 -11.10 39.52 -7.48
N CYS C 617 -11.68 39.89 -8.62
CA CYS C 617 -10.90 40.13 -9.82
C CYS C 617 -10.09 41.42 -9.78
N THR C 618 -9.99 42.07 -8.62
CA THR C 618 -9.00 43.13 -8.47
C THR C 618 -7.59 42.56 -8.55
N GLU C 619 -7.44 41.26 -8.32
CA GLU C 619 -6.16 40.58 -8.34
C GLU C 619 -6.11 39.43 -9.35
N VAL C 620 -7.20 39.16 -10.06
CA VAL C 620 -7.21 38.06 -11.03
C VAL C 620 -6.18 38.23 -12.14
N PRO C 621 -5.94 39.44 -12.70
CA PRO C 621 -4.97 39.51 -13.80
C PRO C 621 -3.58 39.08 -13.39
N VAL C 622 -3.21 39.33 -12.12
CA VAL C 622 -1.95 38.90 -11.52
C VAL C 622 -0.74 39.06 -12.45
N TYR C 636 -7.73 38.14 -18.62
CA TYR C 636 -8.37 37.71 -19.86
C TYR C 636 -8.50 38.90 -20.81
N SER C 637 -8.63 38.60 -22.11
CA SER C 637 -8.62 39.66 -23.11
C SER C 637 -9.85 40.55 -22.99
N THR C 638 -11.01 39.98 -22.67
CA THR C 638 -12.26 40.74 -22.61
C THR C 638 -12.37 41.45 -21.25
N GLY C 639 -11.54 42.47 -21.09
CA GLY C 639 -11.53 43.27 -19.89
C GLY C 639 -12.44 44.48 -19.90
N SER C 640 -13.20 44.68 -20.99
CA SER C 640 -14.13 45.80 -21.04
C SER C 640 -15.25 45.64 -20.01
N ASN C 641 -15.75 44.42 -19.85
CA ASN C 641 -16.80 44.12 -18.87
C ASN C 641 -16.27 43.05 -17.92
N VAL C 642 -16.28 43.35 -16.63
CA VAL C 642 -15.80 42.44 -15.59
C VAL C 642 -16.81 42.52 -14.44
N PHE C 643 -17.66 41.50 -14.35
CA PHE C 643 -18.67 41.45 -13.29
C PHE C 643 -18.11 40.75 -12.06
N GLN C 644 -18.57 41.21 -10.89
CA GLN C 644 -18.13 40.67 -9.62
C GLN C 644 -19.36 40.17 -8.86
N THR C 645 -19.24 39.00 -8.23
CA THR C 645 -20.39 38.35 -7.60
C THR C 645 -19.91 37.51 -6.43
N ARG C 646 -20.86 36.86 -5.75
CA ARG C 646 -20.56 36.05 -4.58
C ARG C 646 -19.84 34.76 -4.95
N ALA C 647 -20.23 34.12 -6.06
CA ALA C 647 -19.67 32.81 -6.41
C ALA C 647 -18.25 32.93 -6.93
N GLY C 648 -17.79 34.15 -7.18
CA GLY C 648 -16.48 34.36 -7.77
C GLY C 648 -16.51 35.69 -8.51
N CYS C 649 -15.67 35.78 -9.54
CA CYS C 649 -15.78 36.92 -10.43
C CYS C 649 -15.75 36.44 -11.88
N LEU C 650 -16.56 37.08 -12.73
CA LEU C 650 -16.83 36.63 -14.08
C LEU C 650 -16.32 37.67 -15.07
N ILE C 651 -15.54 37.23 -16.04
CA ILE C 651 -15.00 38.10 -17.08
C ILE C 651 -15.51 37.61 -18.43
N GLY C 652 -16.03 38.53 -19.23
CA GLY C 652 -16.63 38.21 -20.51
C GLY C 652 -18.14 38.32 -20.54
N ALA C 653 -18.78 38.52 -19.39
CA ALA C 653 -20.23 38.63 -19.31
C ALA C 653 -20.60 39.96 -18.64
N GLU C 654 -21.64 40.60 -19.17
CA GLU C 654 -22.09 41.89 -18.67
C GLU C 654 -23.35 41.70 -17.82
N HIS C 655 -23.41 42.43 -16.71
CA HIS C 655 -24.58 42.38 -15.84
C HIS C 655 -25.75 43.11 -16.48
N VAL C 656 -26.95 42.60 -16.22
CA VAL C 656 -28.18 43.21 -16.70
C VAL C 656 -29.18 43.27 -15.55
N ASN C 657 -29.88 44.39 -15.42
CA ASN C 657 -30.89 44.50 -14.38
C ASN C 657 -32.01 43.48 -14.57
N ASN C 658 -32.45 43.29 -15.82
CA ASN C 658 -33.55 42.37 -16.10
C ASN C 658 -33.16 40.94 -15.75
N SER C 659 -34.10 40.21 -15.18
CA SER C 659 -33.90 38.85 -14.72
C SER C 659 -34.81 37.91 -15.52
N TYR C 660 -34.23 36.82 -16.02
CA TYR C 660 -34.94 35.84 -16.82
C TYR C 660 -34.78 34.45 -16.20
N GLU C 661 -35.41 33.46 -16.83
CA GLU C 661 -35.26 32.09 -16.39
C GLU C 661 -33.83 31.61 -16.61
N CYS C 662 -33.34 30.81 -15.67
CA CYS C 662 -31.95 30.38 -15.67
C CYS C 662 -31.65 29.51 -16.89
N ASP C 663 -30.49 29.73 -17.50
CA ASP C 663 -29.98 28.87 -18.55
C ASP C 663 -28.72 28.14 -18.13
N ILE C 664 -27.68 28.87 -17.70
CA ILE C 664 -26.45 28.26 -17.21
C ILE C 664 -26.25 28.70 -15.77
N PRO C 665 -26.48 27.80 -14.80
CA PRO C 665 -26.32 28.18 -13.39
C PRO C 665 -24.87 28.56 -13.08
N ILE C 666 -24.70 29.46 -12.11
CA ILE C 666 -23.37 29.92 -11.70
C ILE C 666 -23.11 29.63 -10.23
N GLY C 667 -24.00 30.04 -9.36
CA GLY C 667 -23.82 29.90 -7.93
C GLY C 667 -24.20 31.18 -7.23
N ALA C 668 -24.70 31.04 -6.01
CA ALA C 668 -25.17 32.16 -5.20
C ALA C 668 -26.27 32.95 -5.91
N GLY C 669 -27.07 32.25 -6.71
CA GLY C 669 -28.29 32.82 -7.24
C GLY C 669 -28.15 33.60 -8.53
N ILE C 670 -27.23 33.24 -9.42
CA ILE C 670 -27.12 33.89 -10.71
C ILE C 670 -26.96 32.83 -11.79
N CYS C 671 -27.30 33.21 -13.02
CA CYS C 671 -27.13 32.35 -14.18
C CYS C 671 -26.65 33.21 -15.34
N ALA C 672 -25.88 32.59 -16.22
CA ALA C 672 -25.44 33.22 -17.46
C ALA C 672 -26.19 32.64 -18.65
N SER C 673 -26.28 33.44 -19.69
CA SER C 673 -27.02 33.08 -20.90
C SER C 673 -26.43 33.83 -22.08
N TYR C 674 -26.76 33.35 -23.28
CA TYR C 674 -26.33 33.95 -24.54
C TYR C 674 -27.55 34.59 -25.19
N GLN C 675 -27.58 35.92 -25.22
CA GLN C 675 -28.75 36.65 -25.70
C GLN C 675 -28.30 37.84 -26.52
N THR C 676 -29.26 38.39 -27.27
CA THR C 676 -29.01 39.53 -28.15
C THR C 676 -28.88 40.83 -27.35
N SER C 686 -24.96 41.89 -32.68
CA SER C 686 -25.50 42.30 -31.40
C SER C 686 -25.88 41.09 -30.54
N GLN C 687 -24.89 40.25 -30.24
CA GLN C 687 -25.08 39.05 -29.44
C GLN C 687 -23.96 38.97 -28.41
N SER C 688 -24.32 38.72 -27.15
CA SER C 688 -23.32 38.73 -26.08
C SER C 688 -23.78 37.85 -24.93
N ILE C 689 -22.83 37.53 -24.05
CA ILE C 689 -23.12 36.72 -22.88
C ILE C 689 -23.46 37.63 -21.71
N ILE C 690 -24.54 37.32 -21.01
CA ILE C 690 -25.01 38.10 -19.88
C ILE C 690 -25.07 37.21 -18.65
N ALA C 691 -24.94 37.83 -17.47
CA ALA C 691 -25.06 37.15 -16.20
C ALA C 691 -26.03 37.93 -15.33
N TYR C 692 -26.94 37.23 -14.65
CA TYR C 692 -28.04 37.91 -13.98
C TYR C 692 -28.61 37.03 -12.88
N THR C 693 -29.21 37.67 -11.88
CA THR C 693 -29.93 36.95 -10.84
C THR C 693 -31.14 36.25 -11.45
N MET C 694 -31.41 35.04 -11.00
CA MET C 694 -32.46 34.23 -11.61
C MET C 694 -33.84 34.78 -11.30
N SER C 695 -34.75 34.63 -12.26
CA SER C 695 -36.16 34.92 -12.07
C SER C 695 -36.87 33.61 -11.78
N LEU C 696 -37.53 33.53 -10.62
CA LEU C 696 -38.12 32.27 -10.18
C LEU C 696 -39.39 31.92 -10.93
N GLY C 697 -39.98 32.86 -11.66
CA GLY C 697 -41.18 32.58 -12.41
C GLY C 697 -42.04 33.81 -12.53
N ALA C 698 -43.11 33.67 -13.33
CA ALA C 698 -44.04 34.77 -13.56
C ALA C 698 -44.85 35.01 -12.28
N GLU C 699 -44.70 36.21 -11.71
CA GLU C 699 -45.44 36.58 -10.52
C GLU C 699 -46.94 36.59 -10.81
N ASN C 700 -47.68 35.64 -10.25
CA ASN C 700 -49.11 35.55 -10.45
C ASN C 700 -49.81 35.78 -9.12
N SER C 701 -50.63 36.82 -9.05
CA SER C 701 -51.41 37.15 -7.86
C SER C 701 -52.80 36.56 -8.04
N VAL C 702 -53.09 35.48 -7.33
CA VAL C 702 -54.41 34.87 -7.39
C VAL C 702 -55.44 35.86 -6.85
N ALA C 703 -56.56 35.98 -7.55
CA ALA C 703 -57.61 36.91 -7.15
C ALA C 703 -58.43 36.32 -6.00
N TYR C 704 -57.81 36.16 -4.84
CA TYR C 704 -58.50 35.59 -3.69
C TYR C 704 -59.50 36.60 -3.13
N SER C 705 -60.61 36.07 -2.63
CA SER C 705 -61.65 36.91 -2.05
C SER C 705 -62.47 36.05 -1.10
N ASN C 706 -63.35 36.72 -0.35
CA ASN C 706 -64.21 36.01 0.61
C ASN C 706 -65.16 35.04 -0.07
N ASN C 707 -65.74 35.42 -1.20
CA ASN C 707 -66.76 34.63 -1.87
C ASN C 707 -66.50 34.55 -3.36
N SER C 708 -65.27 34.24 -3.74
CA SER C 708 -64.90 34.10 -5.15
C SER C 708 -64.40 32.68 -5.37
N ILE C 709 -64.95 32.00 -6.38
CA ILE C 709 -64.55 30.64 -6.73
C ILE C 709 -64.15 30.63 -8.20
N ALA C 710 -63.12 29.85 -8.51
CA ALA C 710 -62.67 29.66 -9.88
C ALA C 710 -62.88 28.20 -10.27
N ILE C 711 -63.65 27.96 -11.32
CA ILE C 711 -64.02 26.61 -11.75
C ILE C 711 -63.69 26.49 -13.23
N PRO C 712 -63.02 25.43 -13.67
CA PRO C 712 -62.74 25.27 -15.09
C PRO C 712 -63.99 24.95 -15.88
N THR C 713 -63.93 25.29 -17.17
CA THR C 713 -65.01 25.03 -18.12
C THR C 713 -64.74 23.84 -19.02
N ASN C 714 -63.50 23.67 -19.46
CA ASN C 714 -63.06 22.48 -20.17
C ASN C 714 -61.71 22.07 -19.60
N PHE C 715 -61.02 21.16 -20.29
CA PHE C 715 -59.85 20.50 -19.74
C PHE C 715 -58.85 20.22 -20.84
N THR C 716 -57.72 19.63 -20.46
CA THR C 716 -56.72 19.15 -21.39
C THR C 716 -56.25 17.78 -20.90
N ILE C 717 -56.15 16.83 -21.84
CA ILE C 717 -55.57 15.52 -21.57
C ILE C 717 -54.13 15.52 -22.04
N SER C 718 -53.19 15.60 -21.11
CA SER C 718 -51.79 15.79 -21.44
C SER C 718 -50.99 14.54 -21.08
N VAL C 719 -50.11 14.12 -21.98
CA VAL C 719 -49.25 12.96 -21.78
C VAL C 719 -47.83 13.46 -21.54
N THR C 720 -47.27 13.11 -20.40
CA THR C 720 -45.94 13.55 -20.01
C THR C 720 -45.01 12.35 -19.83
N THR C 721 -43.75 12.51 -20.25
CA THR C 721 -42.80 11.43 -20.23
C THR C 721 -41.92 11.49 -18.98
N GLU C 722 -41.85 10.38 -18.26
CA GLU C 722 -40.95 10.24 -17.12
C GLU C 722 -40.03 9.05 -17.34
N ILE C 723 -38.73 9.29 -17.30
CA ILE C 723 -37.73 8.29 -17.64
C ILE C 723 -37.00 7.88 -16.37
N LEU C 724 -36.88 6.57 -16.15
CA LEU C 724 -36.27 6.06 -14.94
C LEU C 724 -35.28 4.94 -15.26
N PRO C 725 -34.03 5.04 -14.83
CA PRO C 725 -33.11 3.91 -14.96
C PRO C 725 -33.57 2.73 -14.12
N VAL C 726 -33.30 1.53 -14.62
CA VAL C 726 -33.76 0.33 -13.93
C VAL C 726 -32.56 -0.56 -13.63
N SER C 727 -31.53 -0.49 -14.48
CA SER C 727 -30.35 -1.32 -14.30
C SER C 727 -29.19 -0.71 -15.08
N MET C 728 -27.99 -1.19 -14.77
CA MET C 728 -26.80 -0.86 -15.54
C MET C 728 -26.16 -2.17 -16.00
N THR C 729 -25.16 -2.06 -16.85
CA THR C 729 -24.55 -3.25 -17.43
C THR C 729 -23.89 -4.09 -16.34
N LYS C 730 -23.95 -5.41 -16.51
CA LYS C 730 -23.46 -6.34 -15.51
C LYS C 730 -21.99 -6.69 -15.78
N THR C 731 -21.12 -5.77 -15.37
CA THR C 731 -19.70 -6.06 -15.44
C THR C 731 -19.31 -7.05 -14.35
N SER C 732 -18.33 -7.89 -14.64
CA SER C 732 -17.77 -8.82 -13.66
C SER C 732 -16.26 -8.82 -13.89
N VAL C 733 -15.56 -7.91 -13.20
CA VAL C 733 -14.13 -7.77 -13.42
C VAL C 733 -13.43 -9.01 -12.87
N ASP C 734 -12.72 -9.72 -13.73
CA ASP C 734 -11.91 -10.85 -13.29
C ASP C 734 -10.72 -10.30 -12.52
N CYS C 735 -10.74 -10.48 -11.21
CA CYS C 735 -9.81 -9.79 -10.33
C CYS C 735 -8.36 -10.14 -10.64
N THR C 736 -8.04 -11.44 -10.71
CA THR C 736 -6.66 -11.83 -10.92
C THR C 736 -6.17 -11.44 -12.30
N MET C 737 -6.98 -11.65 -13.34
CA MET C 737 -6.55 -11.31 -14.69
C MET C 737 -6.38 -9.81 -14.87
N TYR C 738 -7.20 -9.01 -14.20
CA TYR C 738 -7.02 -7.56 -14.25
C TYR C 738 -5.76 -7.13 -13.51
N ILE C 739 -5.63 -7.54 -12.25
CA ILE C 739 -4.54 -7.05 -11.41
C ILE C 739 -3.19 -7.58 -11.88
N CYS C 740 -3.16 -8.72 -12.56
CA CYS C 740 -1.92 -9.35 -12.97
C CYS C 740 -2.09 -9.99 -14.34
N GLY C 741 -1.03 -9.98 -15.12
CA GLY C 741 -1.04 -10.58 -16.44
C GLY C 741 -0.94 -12.09 -16.38
N ASP C 742 -0.34 -12.67 -17.42
CA ASP C 742 -0.13 -14.11 -17.50
C ASP C 742 0.88 -14.59 -16.46
N SER C 743 1.83 -13.74 -16.07
CA SER C 743 2.88 -14.13 -15.14
C SER C 743 2.31 -14.65 -13.83
N THR C 744 2.90 -15.75 -13.34
CA THR C 744 2.44 -16.35 -12.10
C THR C 744 3.05 -15.70 -10.86
N GLU C 745 4.17 -14.98 -11.03
CA GLU C 745 4.79 -14.30 -9.89
C GLU C 745 3.85 -13.25 -9.31
N CYS C 746 3.17 -12.50 -10.17
CA CYS C 746 2.24 -11.49 -9.69
C CYS C 746 1.09 -12.10 -8.89
N SER C 747 0.53 -13.21 -9.39
CA SER C 747 -0.55 -13.87 -8.67
C SER C 747 -0.07 -14.45 -7.33
N ASN C 748 1.13 -15.03 -7.33
CA ASN C 748 1.70 -15.55 -6.08
C ASN C 748 1.92 -14.43 -5.08
N LEU C 749 2.40 -13.27 -5.53
CA LEU C 749 2.57 -12.14 -4.65
C LEU C 749 1.23 -11.65 -4.10
N LEU C 750 0.19 -11.63 -4.94
CA LEU C 750 -1.12 -11.25 -4.46
C LEU C 750 -1.68 -12.26 -3.47
N LEU C 751 -1.28 -13.53 -3.57
CA LEU C 751 -1.80 -14.55 -2.67
C LEU C 751 -1.52 -14.22 -1.21
N GLN C 752 -0.53 -13.37 -0.95
CA GLN C 752 -0.32 -12.85 0.40
C GLN C 752 -1.51 -12.04 0.88
N TYR C 753 -2.04 -11.17 0.02
CA TYR C 753 -3.32 -10.49 0.28
C TYR C 753 -4.42 -11.55 0.22
N GLY C 754 -4.99 -11.88 1.38
CA GLY C 754 -5.82 -13.05 1.50
C GLY C 754 -7.12 -13.07 0.74
N SER C 755 -8.08 -12.22 1.13
CA SER C 755 -9.45 -12.32 0.62
C SER C 755 -9.95 -11.04 -0.02
N PHE C 756 -9.07 -10.08 -0.33
CA PHE C 756 -9.50 -8.88 -1.03
C PHE C 756 -10.09 -9.24 -2.38
N CYS C 757 -9.42 -10.14 -3.11
CA CYS C 757 -9.88 -10.54 -4.43
C CYS C 757 -11.24 -11.20 -4.37
N THR C 758 -11.45 -12.08 -3.38
CA THR C 758 -12.74 -12.72 -3.20
C THR C 758 -13.82 -11.69 -2.86
N GLN C 759 -13.50 -10.72 -1.99
CA GLN C 759 -14.45 -9.66 -1.68
C GLN C 759 -14.88 -8.93 -2.94
N LEU C 760 -13.92 -8.54 -3.78
CA LEU C 760 -14.25 -7.77 -4.97
C LEU C 760 -15.11 -8.59 -5.93
N ASN C 761 -14.74 -9.85 -6.15
CA ASN C 761 -15.49 -10.69 -7.08
C ASN C 761 -16.91 -10.93 -6.57
N ARG C 762 -17.07 -11.19 -5.26
CA ARG C 762 -18.40 -11.42 -4.72
C ARG C 762 -19.25 -10.16 -4.80
N ALA C 763 -18.64 -8.99 -4.54
CA ALA C 763 -19.40 -7.74 -4.65
C ALA C 763 -19.88 -7.53 -6.07
N LEU C 764 -19.02 -7.77 -7.06
CA LEU C 764 -19.44 -7.57 -8.46
C LEU C 764 -20.51 -8.56 -8.87
N THR C 765 -20.39 -9.82 -8.46
CA THR C 765 -21.42 -10.81 -8.80
C THR C 765 -22.74 -10.46 -8.14
N GLY C 766 -22.72 -9.99 -6.88
CA GLY C 766 -23.94 -9.56 -6.24
C GLY C 766 -24.56 -8.37 -6.94
N ILE C 767 -23.73 -7.45 -7.42
CA ILE C 767 -24.24 -6.30 -8.18
C ILE C 767 -24.97 -6.78 -9.43
N ALA C 768 -24.36 -7.71 -10.18
CA ALA C 768 -25.00 -8.22 -11.39
C ALA C 768 -26.31 -8.93 -11.07
N VAL C 769 -26.31 -9.75 -10.01
CA VAL C 769 -27.53 -10.46 -9.64
C VAL C 769 -28.64 -9.49 -9.27
N GLU C 770 -28.30 -8.44 -8.52
CA GLU C 770 -29.33 -7.47 -8.15
C GLU C 770 -29.78 -6.63 -9.32
N GLN C 771 -28.94 -6.44 -10.35
CA GLN C 771 -29.44 -5.78 -11.57
C GLN C 771 -30.45 -6.66 -12.29
N ASP C 772 -30.18 -7.97 -12.38
CA ASP C 772 -31.17 -8.87 -12.95
C ASP C 772 -32.47 -8.82 -12.14
N LYS C 773 -32.34 -8.80 -10.81
CA LYS C 773 -33.52 -8.72 -9.95
C LYS C 773 -34.26 -7.40 -10.15
N ASN C 774 -33.54 -6.29 -10.34
CA ASN C 774 -34.18 -5.01 -10.58
C ASN C 774 -35.01 -5.05 -11.86
N THR C 775 -34.42 -5.57 -12.94
CA THR C 775 -35.16 -5.65 -14.20
C THR C 775 -36.40 -6.54 -14.05
N GLN C 776 -36.25 -7.70 -13.40
CA GLN C 776 -37.38 -8.60 -13.23
C GLN C 776 -38.47 -7.96 -12.38
N GLU C 777 -38.09 -7.31 -11.27
CA GLU C 777 -39.08 -6.69 -10.40
C GLU C 777 -39.81 -5.56 -11.10
N VAL C 778 -39.10 -4.75 -11.88
CA VAL C 778 -39.74 -3.63 -12.55
C VAL C 778 -40.70 -4.12 -13.62
N PHE C 779 -40.26 -5.05 -14.48
CA PHE C 779 -41.06 -5.33 -15.67
C PHE C 779 -42.02 -6.51 -15.49
N ALA C 780 -41.64 -7.54 -14.73
CA ALA C 780 -42.51 -8.69 -14.54
C ALA C 780 -43.54 -8.44 -13.45
N GLN C 781 -44.29 -7.34 -13.56
CA GLN C 781 -45.40 -7.08 -12.65
C GLN C 781 -46.65 -7.87 -12.99
N VAL C 782 -46.67 -8.53 -14.15
CA VAL C 782 -47.86 -9.23 -14.62
C VAL C 782 -47.55 -10.72 -14.75
N LYS C 783 -48.59 -11.53 -14.59
CA LYS C 783 -48.44 -12.99 -14.63
C LYS C 783 -48.67 -13.55 -16.03
N GLN C 784 -49.85 -13.31 -16.59
CA GLN C 784 -50.17 -13.73 -17.96
C GLN C 784 -49.69 -12.68 -18.95
N ILE C 785 -49.31 -13.13 -20.14
CA ILE C 785 -48.88 -12.24 -21.21
C ILE C 785 -50.13 -11.88 -22.03
N TYR C 786 -50.68 -10.69 -21.80
CA TYR C 786 -51.87 -10.28 -22.49
C TYR C 786 -51.53 -9.77 -23.90
N LYS C 787 -52.51 -9.90 -24.80
CA LYS C 787 -52.37 -9.42 -26.16
C LYS C 787 -53.57 -8.56 -26.52
N THR C 788 -53.32 -7.46 -27.23
CA THR C 788 -54.39 -6.57 -27.66
C THR C 788 -55.26 -7.27 -28.70
N PRO C 789 -56.55 -6.92 -28.76
CA PRO C 789 -57.42 -7.55 -29.74
C PRO C 789 -56.97 -7.23 -31.15
N PRO C 790 -57.22 -8.13 -32.11
CA PRO C 790 -56.74 -7.89 -33.48
C PRO C 790 -57.29 -6.64 -34.12
N ILE C 791 -58.54 -6.27 -33.80
CA ILE C 791 -59.16 -5.06 -34.32
C ILE C 791 -59.06 -3.97 -33.27
N LYS C 792 -58.45 -2.83 -33.65
CA LYS C 792 -58.22 -1.74 -32.72
C LYS C 792 -59.39 -0.76 -32.82
N ASP C 793 -60.42 -1.04 -32.03
CA ASP C 793 -61.60 -0.17 -31.94
C ASP C 793 -61.79 0.16 -30.47
N PHE C 794 -61.14 1.24 -30.02
CA PHE C 794 -61.15 1.65 -28.62
C PHE C 794 -61.95 2.93 -28.41
N GLY C 795 -63.05 3.08 -29.15
CA GLY C 795 -63.88 4.26 -29.01
C GLY C 795 -63.27 5.54 -29.52
N GLY C 796 -62.29 5.46 -30.42
CA GLY C 796 -61.63 6.61 -30.98
C GLY C 796 -60.22 6.82 -30.52
N PHE C 797 -59.82 6.22 -29.40
CA PHE C 797 -58.45 6.36 -28.92
C PHE C 797 -57.50 5.57 -29.81
N ASN C 798 -56.42 6.21 -30.23
CA ASN C 798 -55.46 5.62 -31.16
C ASN C 798 -54.21 5.23 -30.39
N PHE C 799 -53.99 3.91 -30.25
CA PHE C 799 -52.83 3.37 -29.57
C PHE C 799 -51.78 2.85 -30.53
N SER C 800 -51.90 3.15 -31.82
CA SER C 800 -50.92 2.63 -32.78
C SER C 800 -49.53 3.16 -32.50
N GLN C 801 -49.43 4.41 -32.03
CA GLN C 801 -48.14 4.98 -31.69
C GLN C 801 -47.53 4.37 -30.43
N ILE C 802 -48.27 3.55 -29.71
CA ILE C 802 -47.79 3.02 -28.43
C ILE C 802 -47.83 1.50 -28.37
N LEU C 803 -48.48 0.81 -29.30
CA LEU C 803 -48.52 -0.64 -29.29
C LEU C 803 -47.50 -1.20 -30.29
N PRO C 804 -46.98 -2.40 -30.04
CA PRO C 804 -46.01 -2.99 -30.96
C PRO C 804 -46.60 -3.17 -32.36
N ASP C 805 -45.77 -2.90 -33.37
CA ASP C 805 -46.18 -3.06 -34.76
C ASP C 805 -45.67 -4.37 -35.32
N PRO C 806 -46.53 -5.27 -35.78
CA PRO C 806 -46.04 -6.54 -36.35
C PRO C 806 -45.19 -6.38 -37.59
N SER C 807 -45.27 -5.23 -38.27
CA SER C 807 -44.51 -5.05 -39.51
C SER C 807 -43.00 -5.09 -39.24
N LYS C 808 -42.55 -4.47 -38.16
CA LYS C 808 -41.13 -4.48 -37.85
C LYS C 808 -40.69 -5.88 -37.43
N PRO C 809 -39.48 -6.31 -37.79
CA PRO C 809 -39.00 -7.62 -37.32
C PRO C 809 -38.97 -7.75 -35.81
N SER C 810 -38.68 -6.67 -35.09
CA SER C 810 -38.71 -6.65 -33.64
C SER C 810 -40.04 -6.07 -33.18
N LYS C 811 -40.68 -6.75 -32.24
CA LYS C 811 -41.98 -6.32 -31.74
C LYS C 811 -41.84 -5.17 -30.76
N ARG C 812 -41.58 -3.97 -31.28
CA ARG C 812 -41.42 -2.78 -30.47
C ARG C 812 -42.29 -1.65 -31.03
N SER C 813 -42.86 -0.86 -30.13
CA SER C 813 -43.67 0.27 -30.52
C SER C 813 -42.81 1.33 -31.20
N PRO C 814 -43.41 2.22 -31.99
CA PRO C 814 -42.62 3.32 -32.58
C PRO C 814 -41.92 4.17 -31.54
N ILE C 815 -42.57 4.43 -30.40
CA ILE C 815 -41.94 5.21 -29.34
C ILE C 815 -40.74 4.45 -28.78
N GLU C 816 -40.90 3.14 -28.58
CA GLU C 816 -39.79 2.32 -28.09
C GLU C 816 -38.64 2.31 -29.09
N ASP C 817 -38.96 2.27 -30.39
CA ASP C 817 -37.93 2.34 -31.42
C ASP C 817 -37.19 3.66 -31.36
N LEU C 818 -37.93 4.76 -31.19
CA LEU C 818 -37.29 6.07 -31.07
C LEU C 818 -36.39 6.13 -29.85
N LEU C 819 -36.83 5.60 -28.72
CA LEU C 819 -35.99 5.58 -27.52
C LEU C 819 -34.74 4.75 -27.74
N PHE C 820 -34.89 3.58 -28.37
CA PHE C 820 -33.74 2.71 -28.64
C PHE C 820 -32.73 3.40 -29.55
N ASN C 821 -33.21 4.08 -30.59
CA ASN C 821 -32.30 4.79 -31.48
C ASN C 821 -31.63 5.96 -30.79
N LYS C 822 -32.38 6.70 -29.96
CA LYS C 822 -31.81 7.89 -29.32
C LYS C 822 -30.78 7.52 -28.27
N VAL C 823 -30.99 6.43 -27.54
CA VAL C 823 -30.01 5.99 -26.56
C VAL C 823 -28.90 5.25 -27.30
N THR C 824 -27.67 5.72 -27.13
CA THR C 824 -26.52 5.11 -27.80
C THR C 824 -25.48 4.61 -26.79
N LYS C 851 -9.98 -5.13 -26.35
CA LYS C 851 -11.22 -4.67 -25.75
C LYS C 851 -11.34 -5.14 -24.31
N PHE C 852 -11.02 -6.41 -24.07
CA PHE C 852 -11.12 -7.00 -22.75
C PHE C 852 -9.73 -7.13 -22.13
N ASN C 853 -9.57 -6.58 -20.94
CA ASN C 853 -8.34 -6.70 -20.16
C ASN C 853 -8.60 -7.41 -18.84
N GLY C 854 -9.42 -8.45 -18.87
CA GLY C 854 -9.95 -9.09 -17.68
C GLY C 854 -11.39 -8.77 -17.40
N LEU C 855 -11.94 -7.75 -18.05
CA LEU C 855 -13.35 -7.40 -17.88
C LEU C 855 -14.24 -8.34 -18.68
N THR C 856 -15.52 -8.34 -18.33
CA THR C 856 -16.53 -9.04 -19.12
C THR C 856 -17.89 -8.49 -18.73
N VAL C 857 -18.75 -8.31 -19.73
CA VAL C 857 -20.11 -7.80 -19.52
C VAL C 857 -21.07 -8.95 -19.74
N LEU C 858 -21.60 -9.49 -18.63
CA LEU C 858 -22.58 -10.56 -18.71
C LEU C 858 -23.88 -10.03 -19.31
N PRO C 859 -24.48 -10.77 -20.25
CA PRO C 859 -25.73 -10.31 -20.85
C PRO C 859 -26.85 -10.31 -19.83
N PRO C 860 -27.79 -9.37 -19.92
CA PRO C 860 -28.92 -9.37 -18.99
C PRO C 860 -29.78 -10.61 -19.17
N LEU C 861 -30.38 -11.05 -18.06
CA LEU C 861 -31.21 -12.25 -18.11
C LEU C 861 -32.41 -12.05 -19.02
N LEU C 862 -33.07 -10.90 -18.94
CA LEU C 862 -34.18 -10.58 -19.81
C LEU C 862 -33.67 -9.77 -21.00
N THR C 863 -33.74 -10.35 -22.19
CA THR C 863 -33.33 -9.65 -23.38
C THR C 863 -34.29 -8.50 -23.69
N ASP C 864 -33.86 -7.61 -24.59
CA ASP C 864 -34.70 -6.48 -24.95
C ASP C 864 -36.01 -6.93 -25.57
N GLU C 865 -35.99 -8.04 -26.33
CA GLU C 865 -37.23 -8.58 -26.88
C GLU C 865 -38.18 -9.02 -25.77
N MET C 866 -37.65 -9.69 -24.74
CA MET C 866 -38.49 -10.13 -23.63
C MET C 866 -39.00 -8.96 -22.81
N ILE C 867 -38.18 -7.91 -22.63
CA ILE C 867 -38.65 -6.74 -21.90
C ILE C 867 -39.74 -6.02 -22.68
N ALA C 868 -39.57 -5.94 -24.02
CA ALA C 868 -40.63 -5.37 -24.84
C ALA C 868 -41.89 -6.22 -24.80
N GLN C 869 -41.75 -7.54 -24.72
CA GLN C 869 -42.93 -8.40 -24.56
C GLN C 869 -43.62 -8.14 -23.23
N TYR C 870 -42.85 -7.94 -22.17
CA TYR C 870 -43.44 -7.63 -20.87
C TYR C 870 -44.20 -6.29 -20.92
N THR C 871 -43.59 -5.28 -21.53
CA THR C 871 -44.26 -3.99 -21.63
C THR C 871 -45.51 -4.09 -22.50
N SER C 872 -45.44 -4.88 -23.57
CA SER C 872 -46.62 -5.09 -24.41
C SER C 872 -47.73 -5.79 -23.65
N ALA C 873 -47.39 -6.78 -22.83
CA ALA C 873 -48.39 -7.47 -22.02
C ALA C 873 -49.03 -6.51 -21.02
N LEU C 874 -48.21 -5.70 -20.35
CA LEU C 874 -48.74 -4.73 -19.40
C LEU C 874 -49.64 -3.73 -20.10
N LEU C 875 -49.22 -3.24 -21.27
CA LEU C 875 -50.00 -2.23 -21.99
C LEU C 875 -51.32 -2.81 -22.50
N ALA C 876 -51.29 -4.02 -23.05
CA ALA C 876 -52.52 -4.65 -23.53
C ALA C 876 -53.47 -4.92 -22.39
N GLY C 877 -52.95 -5.40 -21.25
CA GLY C 877 -53.79 -5.60 -20.09
C GLY C 877 -54.42 -4.31 -19.62
N THR C 878 -53.63 -3.23 -19.56
CA THR C 878 -54.17 -1.93 -19.17
C THR C 878 -55.30 -1.51 -20.11
N ILE C 879 -55.05 -1.58 -21.42
CA ILE C 879 -56.03 -1.13 -22.40
C ILE C 879 -57.32 -1.93 -22.29
N THR C 880 -57.21 -3.26 -22.16
CA THR C 880 -58.39 -4.10 -22.22
C THR C 880 -59.10 -4.29 -20.89
N SER C 881 -58.45 -4.03 -19.76
CA SER C 881 -59.16 -4.28 -18.51
C SER C 881 -59.07 -3.15 -17.50
N GLY C 882 -58.00 -2.35 -17.54
CA GLY C 882 -57.83 -1.31 -16.54
C GLY C 882 -56.92 -1.71 -15.41
N TRP C 883 -57.36 -1.54 -14.17
CA TRP C 883 -56.59 -1.98 -13.02
C TRP C 883 -56.94 -3.39 -12.56
N THR C 884 -57.96 -4.01 -13.15
CA THR C 884 -58.40 -5.32 -12.69
C THR C 884 -57.35 -6.39 -12.94
N PHE C 885 -56.61 -6.31 -14.05
CA PHE C 885 -55.59 -7.29 -14.33
C PHE C 885 -54.39 -7.17 -13.39
N GLY C 886 -54.28 -6.08 -12.65
CA GLY C 886 -53.24 -5.94 -11.64
C GLY C 886 -53.78 -6.24 -10.25
N ALA C 887 -55.08 -6.05 -10.06
CA ALA C 887 -55.72 -6.37 -8.79
C ALA C 887 -56.18 -7.82 -8.70
N GLY C 888 -56.07 -8.58 -9.78
CA GLY C 888 -56.49 -9.96 -9.79
C GLY C 888 -56.54 -10.50 -11.21
N PRO C 889 -57.64 -11.15 -11.57
CA PRO C 889 -57.81 -11.61 -12.95
C PRO C 889 -58.27 -10.49 -13.84
N ALA C 890 -57.95 -10.63 -15.14
CA ALA C 890 -58.30 -9.59 -16.11
C ALA C 890 -59.79 -9.58 -16.37
N LEU C 891 -60.39 -8.39 -16.30
CA LEU C 891 -61.82 -8.20 -16.52
C LEU C 891 -62.01 -7.25 -17.68
N GLN C 892 -62.48 -7.76 -18.81
CA GLN C 892 -62.64 -6.94 -19.99
C GLN C 892 -63.63 -5.80 -19.74
N ILE C 893 -63.34 -4.65 -20.33
CA ILE C 893 -64.16 -3.46 -20.16
C ILE C 893 -63.91 -2.53 -21.34
N PRO C 894 -64.94 -1.91 -21.92
CA PRO C 894 -64.71 -0.96 -23.01
C PRO C 894 -63.81 0.19 -22.54
N PHE C 895 -62.93 0.62 -23.44
CA PHE C 895 -62.03 1.71 -23.08
C PHE C 895 -62.74 3.02 -22.73
N PRO C 896 -63.80 3.44 -23.43
CA PRO C 896 -64.54 4.61 -22.92
C PRO C 896 -65.06 4.41 -21.51
N MET C 897 -65.51 3.19 -21.19
CA MET C 897 -66.01 2.93 -19.84
C MET C 897 -64.87 3.00 -18.82
N GLN C 898 -63.68 2.51 -19.20
CA GLN C 898 -62.53 2.63 -18.31
C GLN C 898 -62.13 4.09 -18.11
N MET C 899 -62.18 4.89 -19.17
CA MET C 899 -61.88 6.31 -19.03
C MET C 899 -62.91 7.00 -18.15
N ALA C 900 -64.17 6.58 -18.24
CA ALA C 900 -65.19 7.09 -17.31
C ALA C 900 -64.87 6.70 -15.88
N TYR C 901 -64.38 5.47 -15.67
CA TYR C 901 -63.90 5.06 -14.37
C TYR C 901 -62.83 6.02 -13.86
N ARG C 902 -61.85 6.32 -14.71
CA ARG C 902 -60.75 7.19 -14.28
C ARG C 902 -61.26 8.60 -13.98
N PHE C 903 -62.17 9.12 -14.80
CA PHE C 903 -62.74 10.44 -14.55
C PHE C 903 -63.48 10.46 -13.22
N ASN C 904 -64.27 9.43 -12.93
CA ASN C 904 -64.93 9.34 -11.63
C ASN C 904 -63.89 9.25 -10.51
N GLY C 905 -62.74 8.65 -10.80
CA GLY C 905 -61.67 8.61 -9.81
C GLY C 905 -61.10 9.98 -9.50
N ILE C 906 -60.93 10.82 -10.52
CA ILE C 906 -60.33 12.14 -10.31
C ILE C 906 -61.39 13.13 -9.84
N GLY C 907 -62.62 12.67 -9.64
CA GLY C 907 -63.68 13.52 -9.13
C GLY C 907 -64.54 14.19 -10.18
N VAL C 908 -64.48 13.74 -11.43
CA VAL C 908 -65.30 14.28 -12.50
C VAL C 908 -66.30 13.22 -12.93
N THR C 909 -67.57 13.61 -13.05
CA THR C 909 -68.62 12.66 -13.35
C THR C 909 -68.43 12.06 -14.75
N GLN C 910 -68.98 10.85 -14.93
CA GLN C 910 -68.80 10.11 -16.18
C GLN C 910 -69.38 10.85 -17.38
N ASN C 911 -70.42 11.66 -17.15
CA ASN C 911 -71.10 12.32 -18.26
C ASN C 911 -70.15 13.26 -19.01
N VAL C 912 -69.14 13.80 -18.32
CA VAL C 912 -68.19 14.67 -18.98
C VAL C 912 -67.46 13.93 -20.10
N LEU C 913 -66.93 12.75 -19.79
CA LEU C 913 -66.27 11.95 -20.82
C LEU C 913 -67.28 11.45 -21.84
N TYR C 914 -68.43 10.95 -21.40
CA TYR C 914 -69.38 10.36 -22.32
C TYR C 914 -70.01 11.39 -23.26
N GLU C 915 -69.93 12.68 -22.93
CA GLU C 915 -70.38 13.73 -23.81
C GLU C 915 -69.25 14.44 -24.55
N ASN C 916 -68.00 14.25 -24.11
CA ASN C 916 -66.84 14.79 -24.80
C ASN C 916 -65.89 13.69 -25.24
N GLN C 917 -66.43 12.53 -25.63
CA GLN C 917 -65.58 11.38 -25.94
C GLN C 917 -64.70 11.66 -27.15
N LYS C 918 -65.28 12.23 -28.20
CA LYS C 918 -64.51 12.52 -29.41
C LYS C 918 -63.41 13.53 -29.13
N LEU C 919 -63.73 14.59 -28.39
CA LEU C 919 -62.74 15.61 -28.07
C LEU C 919 -61.62 15.02 -27.22
N ILE C 920 -61.96 14.20 -26.24
CA ILE C 920 -60.93 13.62 -25.36
C ILE C 920 -60.05 12.64 -26.13
N ALA C 921 -60.65 11.84 -27.02
CA ALA C 921 -59.86 10.93 -27.84
C ALA C 921 -58.91 11.69 -28.76
N ASN C 922 -59.39 12.77 -29.38
CA ASN C 922 -58.53 13.56 -30.24
C ASN C 922 -57.40 14.20 -29.45
N GLN C 923 -57.72 14.71 -28.25
CA GLN C 923 -56.69 15.31 -27.42
C GLN C 923 -55.63 14.29 -27.01
N PHE C 924 -56.07 13.09 -26.64
CA PHE C 924 -55.11 12.04 -26.25
C PHE C 924 -54.23 11.63 -27.43
N ASN C 925 -54.82 11.47 -28.61
CA ASN C 925 -54.02 11.13 -29.78
C ASN C 925 -53.02 12.22 -30.12
N SER C 926 -53.46 13.48 -30.03
CA SER C 926 -52.54 14.59 -30.29
C SER C 926 -51.43 14.65 -29.26
N ALA C 927 -51.74 14.35 -28.00
CA ALA C 927 -50.72 14.34 -26.96
C ALA C 927 -49.70 13.24 -27.21
N ILE C 928 -50.16 12.06 -27.61
CA ILE C 928 -49.23 10.96 -27.91
C ILE C 928 -48.34 11.33 -29.10
N GLY C 929 -48.94 11.92 -30.15
CA GLY C 929 -48.14 12.34 -31.29
C GLY C 929 -47.13 13.41 -30.93
N LYS C 930 -47.53 14.36 -30.08
CA LYS C 930 -46.62 15.41 -29.63
C LYS C 930 -45.48 14.82 -28.81
N ILE C 931 -45.77 13.81 -27.97
CA ILE C 931 -44.72 13.15 -27.21
C ILE C 931 -43.73 12.47 -28.16
N GLN C 932 -44.25 11.80 -29.18
CA GLN C 932 -43.37 11.17 -30.17
C GLN C 932 -42.49 12.20 -30.86
N ASP C 933 -43.09 13.33 -31.28
CA ASP C 933 -42.32 14.36 -31.97
C ASP C 933 -41.27 14.98 -31.07
N SER C 934 -41.61 15.23 -29.81
CA SER C 934 -40.65 15.80 -28.88
C SER C 934 -39.49 14.85 -28.61
N LEU C 935 -39.80 13.54 -28.47
CA LEU C 935 -38.73 12.56 -28.30
C LEU C 935 -37.84 12.50 -29.53
N SER C 936 -38.43 12.57 -30.72
CA SER C 936 -37.64 12.51 -31.94
C SER C 936 -36.76 13.74 -32.12
N SER C 937 -37.28 14.91 -31.73
CA SER C 937 -36.56 16.16 -31.99
C SER C 937 -35.54 16.47 -30.89
N THR C 938 -35.99 16.54 -29.65
CA THR C 938 -35.10 16.91 -28.55
C THR C 938 -34.06 15.82 -28.31
N PRO C 939 -32.77 16.13 -28.38
CA PRO C 939 -31.75 15.06 -28.27
C PRO C 939 -31.44 14.67 -26.83
N SER C 940 -31.60 15.60 -25.89
CA SER C 940 -31.28 15.37 -24.49
C SER C 940 -32.45 14.83 -23.69
N ALA C 941 -33.45 14.26 -24.37
CA ALA C 941 -34.61 13.73 -23.67
C ALA C 941 -34.25 12.52 -22.81
N LEU C 942 -33.40 11.63 -23.32
CA LEU C 942 -33.03 10.41 -22.61
C LEU C 942 -31.85 10.64 -21.67
N GLY C 943 -31.99 11.70 -20.87
CA GLY C 943 -30.86 12.17 -20.08
C GLY C 943 -30.39 11.19 -19.03
N LYS C 944 -31.34 10.60 -18.29
CA LYS C 944 -30.95 9.74 -17.16
C LYS C 944 -30.28 8.47 -17.65
N LEU C 945 -30.88 7.80 -18.63
CA LEU C 945 -30.28 6.57 -19.16
C LEU C 945 -28.94 6.86 -19.84
N GLN C 946 -28.88 7.94 -20.63
CA GLN C 946 -27.62 8.28 -21.28
C GLN C 946 -26.55 8.58 -20.24
N ASP C 947 -26.92 9.28 -19.17
CA ASP C 947 -25.97 9.61 -18.12
C ASP C 947 -25.46 8.35 -17.42
N VAL C 948 -26.36 7.41 -17.13
CA VAL C 948 -25.92 6.20 -16.42
C VAL C 948 -25.01 5.37 -17.32
N VAL C 949 -25.33 5.27 -18.62
CA VAL C 949 -24.48 4.51 -19.53
C VAL C 949 -23.12 5.17 -19.66
N ASN C 950 -23.10 6.49 -19.83
CA ASN C 950 -21.83 7.20 -19.96
C ASN C 950 -21.00 7.09 -18.69
N GLN C 951 -21.65 7.17 -17.52
CA GLN C 951 -20.91 7.08 -16.26
C GLN C 951 -20.29 5.70 -16.09
N ASN C 952 -21.05 4.63 -16.40
CA ASN C 952 -20.49 3.29 -16.29
C ASN C 952 -19.35 3.08 -17.27
N ALA C 953 -19.53 3.56 -18.51
CA ALA C 953 -18.47 3.44 -19.51
C ALA C 953 -17.23 4.19 -19.10
N GLN C 954 -17.39 5.39 -18.53
CA GLN C 954 -16.25 6.18 -18.08
C GLN C 954 -15.54 5.49 -16.92
N ALA C 955 -16.30 4.89 -16.01
CA ALA C 955 -15.67 4.15 -14.91
C ALA C 955 -14.85 2.98 -15.44
N LEU C 956 -15.40 2.23 -16.39
CA LEU C 956 -14.65 1.12 -16.98
C LEU C 956 -13.41 1.62 -17.73
N ASN C 957 -13.55 2.72 -18.46
CA ASN C 957 -12.42 3.25 -19.21
C ASN C 957 -11.31 3.73 -18.29
N THR C 958 -11.67 4.37 -17.18
CA THR C 958 -10.64 4.83 -16.24
C THR C 958 -10.00 3.64 -15.51
N LEU C 959 -10.78 2.58 -15.27
CA LEU C 959 -10.20 1.38 -14.68
C LEU C 959 -9.19 0.73 -15.64
N VAL C 960 -9.52 0.70 -16.93
CA VAL C 960 -8.59 0.13 -17.90
C VAL C 960 -7.35 1.01 -18.05
N LYS C 961 -7.54 2.32 -18.14
CA LYS C 961 -6.41 3.23 -18.23
C LYS C 961 -5.58 3.23 -16.96
N GLN C 962 -6.12 2.73 -15.85
CA GLN C 962 -5.36 2.69 -14.61
C GLN C 962 -4.18 1.72 -14.68
N LEU C 963 -4.18 0.80 -15.65
CA LEU C 963 -3.05 -0.12 -15.79
C LEU C 963 -1.78 0.63 -16.22
N SER C 964 -1.93 1.63 -17.08
CA SER C 964 -0.77 2.39 -17.54
C SER C 964 -0.15 3.22 -16.43
N SER C 965 -0.81 3.32 -15.28
CA SER C 965 -0.23 4.05 -14.16
C SER C 965 1.01 3.34 -13.64
N ASN C 966 2.06 4.12 -13.37
CA ASN C 966 3.31 3.54 -12.90
C ASN C 966 3.24 3.12 -11.45
N PHE C 967 2.48 3.84 -10.62
CA PHE C 967 2.39 3.60 -9.18
C PHE C 967 3.76 3.64 -8.51
N GLY C 968 4.65 4.51 -8.99
CA GLY C 968 5.95 4.68 -8.41
C GLY C 968 6.98 3.63 -8.78
N ALA C 969 6.59 2.59 -9.50
CA ALA C 969 7.54 1.58 -9.96
C ALA C 969 8.33 2.11 -11.15
N ILE C 970 9.20 1.26 -11.71
CA ILE C 970 9.97 1.68 -12.87
C ILE C 970 9.07 1.79 -14.09
N SER C 971 8.20 0.80 -14.31
CA SER C 971 7.41 0.74 -15.52
C SER C 971 6.02 0.20 -15.18
N SER C 972 5.07 0.46 -16.07
CA SER C 972 3.69 0.06 -15.88
C SER C 972 3.35 -1.27 -16.52
N VAL C 973 4.34 -1.97 -17.10
CA VAL C 973 4.12 -3.21 -17.84
C VAL C 973 4.75 -4.34 -17.04
N LEU C 974 3.98 -5.40 -16.79
CA LEU C 974 4.46 -6.48 -15.95
C LEU C 974 5.57 -7.27 -16.62
N ASN C 975 5.48 -7.49 -17.93
CA ASN C 975 6.57 -8.16 -18.64
C ASN C 975 7.84 -7.32 -18.61
N ASP C 976 7.70 -6.00 -18.81
CA ASP C 976 8.86 -5.11 -18.72
C ASP C 976 9.48 -5.11 -17.33
N ILE C 977 8.66 -5.19 -16.29
CA ILE C 977 9.20 -5.06 -14.93
C ILE C 977 9.79 -6.39 -14.46
N LEU C 978 9.23 -7.51 -14.93
CA LEU C 978 9.86 -8.81 -14.67
C LEU C 978 11.19 -8.93 -15.40
N SER C 979 11.20 -8.66 -16.70
CA SER C 979 12.46 -8.66 -17.44
C SER C 979 13.29 -7.45 -17.04
N ARG C 980 14.60 -7.52 -17.34
CA ARG C 980 15.52 -6.41 -17.15
C ARG C 980 15.83 -6.18 -15.67
N LEU C 981 15.13 -6.88 -14.78
CA LEU C 981 15.26 -6.65 -13.36
C LEU C 981 15.32 -8.01 -12.65
N ASP C 982 16.13 -8.09 -11.61
CA ASP C 982 16.36 -9.33 -10.88
C ASP C 982 15.34 -9.52 -9.76
N PRO C 983 15.05 -10.78 -9.41
CA PRO C 983 13.89 -11.08 -8.54
C PRO C 983 13.93 -10.38 -7.18
N PRO C 984 15.12 -10.25 -6.50
CA PRO C 984 15.12 -9.62 -5.17
C PRO C 984 14.32 -8.33 -5.05
N GLU C 985 14.64 -7.31 -5.85
CA GLU C 985 13.86 -6.08 -5.83
C GLU C 985 12.73 -6.07 -6.86
N ALA C 986 12.73 -7.02 -7.79
CA ALA C 986 11.52 -7.21 -8.60
C ALA C 986 10.34 -7.51 -7.70
N GLU C 987 10.57 -8.22 -6.59
CA GLU C 987 9.48 -8.51 -5.67
C GLU C 987 8.85 -7.24 -5.14
N VAL C 988 9.66 -6.29 -4.67
CA VAL C 988 9.10 -5.06 -4.12
C VAL C 988 8.48 -4.20 -5.22
N GLN C 989 9.03 -4.27 -6.44
CA GLN C 989 8.44 -3.52 -7.54
C GLN C 989 7.04 -4.03 -7.87
N ILE C 990 6.90 -5.34 -8.07
CA ILE C 990 5.57 -5.91 -8.34
C ILE C 990 4.66 -5.75 -7.12
N ASP C 991 5.23 -5.68 -5.92
CA ASP C 991 4.41 -5.43 -4.74
C ASP C 991 3.80 -4.03 -4.80
N ARG C 992 4.60 -3.03 -5.17
CA ARG C 992 4.06 -1.68 -5.33
C ARG C 992 3.01 -1.63 -6.43
N LEU C 993 3.29 -2.29 -7.56
CA LEU C 993 2.33 -2.32 -8.67
C LEU C 993 1.03 -3.00 -8.24
N ILE C 994 1.14 -4.10 -7.49
CA ILE C 994 -0.04 -4.82 -7.03
C ILE C 994 -0.84 -3.97 -6.06
N THR C 995 -0.16 -3.26 -5.15
CA THR C 995 -0.88 -2.38 -4.24
C THR C 995 -1.63 -1.29 -5.00
N GLY C 996 -0.98 -0.70 -6.01
CA GLY C 996 -1.66 0.31 -6.80
C GLY C 996 -2.87 -0.23 -7.54
N ARG C 997 -2.71 -1.39 -8.19
CA ARG C 997 -3.80 -1.96 -8.97
C ARG C 997 -4.94 -2.43 -8.06
N LEU C 998 -4.61 -2.93 -6.87
CA LEU C 998 -5.64 -3.34 -5.92
C LEU C 998 -6.39 -2.13 -5.37
N GLN C 999 -5.69 -1.02 -5.13
CA GLN C 999 -6.38 0.21 -4.75
C GLN C 999 -7.31 0.67 -5.86
N SER C 1000 -6.85 0.58 -7.12
CA SER C 1000 -7.70 0.96 -8.24
C SER C 1000 -8.95 0.08 -8.31
N LEU C 1001 -8.78 -1.23 -8.11
CA LEU C 1001 -9.92 -2.14 -8.18
C LEU C 1001 -10.88 -1.93 -7.02
N GLN C 1002 -10.35 -1.66 -5.82
CA GLN C 1002 -11.22 -1.39 -4.68
C GLN C 1002 -12.00 -0.10 -4.90
N THR C 1003 -11.34 0.94 -5.42
CA THR C 1003 -12.05 2.17 -5.73
C THR C 1003 -13.15 1.92 -6.76
N TYR C 1004 -12.83 1.14 -7.79
CA TYR C 1004 -13.82 0.86 -8.83
C TYR C 1004 -15.01 0.12 -8.27
N VAL C 1005 -14.78 -0.92 -7.46
CA VAL C 1005 -15.90 -1.70 -6.94
C VAL C 1005 -16.70 -0.90 -5.92
N THR C 1006 -16.04 -0.03 -5.14
CA THR C 1006 -16.80 0.80 -4.21
C THR C 1006 -17.67 1.81 -4.95
N GLN C 1007 -17.13 2.45 -5.99
CA GLN C 1007 -17.95 3.35 -6.78
C GLN C 1007 -19.07 2.59 -7.48
N GLN C 1008 -18.80 1.36 -7.92
CA GLN C 1008 -19.83 0.54 -8.53
C GLN C 1008 -20.91 0.16 -7.54
N LEU C 1009 -20.54 -0.09 -6.28
CA LEU C 1009 -21.55 -0.36 -5.25
C LEU C 1009 -22.39 0.87 -4.97
N ILE C 1010 -21.77 2.05 -4.94
CA ILE C 1010 -22.53 3.28 -4.76
C ILE C 1010 -23.53 3.45 -5.90
N ARG C 1011 -23.05 3.30 -7.14
CA ARG C 1011 -23.94 3.45 -8.29
C ARG C 1011 -24.99 2.36 -8.33
N ALA C 1012 -24.67 1.16 -7.85
CA ALA C 1012 -25.65 0.08 -7.80
C ALA C 1012 -26.72 0.36 -6.77
N ALA C 1013 -26.36 0.96 -5.63
CA ALA C 1013 -27.37 1.38 -4.66
C ALA C 1013 -28.25 2.47 -5.23
N GLU C 1014 -27.66 3.43 -5.94
CA GLU C 1014 -28.47 4.47 -6.58
C GLU C 1014 -29.42 3.87 -7.61
N ILE C 1015 -28.94 2.92 -8.42
CA ILE C 1015 -29.78 2.28 -9.43
C ILE C 1015 -30.84 1.42 -8.76
N ARG C 1016 -30.51 0.79 -7.62
CA ARG C 1016 -31.50 0.02 -6.88
C ARG C 1016 -32.63 0.92 -6.39
N ALA C 1017 -32.28 2.10 -5.86
CA ALA C 1017 -33.31 3.05 -5.44
C ALA C 1017 -34.16 3.50 -6.62
N SER C 1018 -33.50 3.80 -7.74
CA SER C 1018 -34.24 4.26 -8.92
C SER C 1018 -35.16 3.15 -9.46
N ALA C 1019 -34.70 1.90 -9.43
CA ALA C 1019 -35.49 0.78 -9.89
C ALA C 1019 -36.63 0.45 -8.94
N ASN C 1020 -36.43 0.60 -7.64
CA ASN C 1020 -37.55 0.47 -6.70
C ASN C 1020 -38.59 1.55 -6.95
N LEU C 1021 -38.15 2.77 -7.21
CA LEU C 1021 -39.08 3.83 -7.56
C LEU C 1021 -39.82 3.51 -8.86
N ALA C 1022 -39.10 2.97 -9.84
CA ALA C 1022 -39.73 2.60 -11.11
C ALA C 1022 -40.75 1.49 -10.91
N ALA C 1023 -40.42 0.49 -10.09
CA ALA C 1023 -41.35 -0.61 -9.85
C ALA C 1023 -42.60 -0.13 -9.13
N THR C 1024 -42.44 0.69 -8.10
CA THR C 1024 -43.62 1.20 -7.40
C THR C 1024 -44.41 2.16 -8.27
N LYS C 1025 -43.74 2.91 -9.14
CA LYS C 1025 -44.44 3.76 -10.10
C LYS C 1025 -45.26 2.92 -11.07
N MET C 1026 -44.68 1.83 -11.56
CA MET C 1026 -45.44 0.90 -12.38
C MET C 1026 -46.68 0.41 -11.63
N SER C 1027 -46.47 -0.09 -10.42
CA SER C 1027 -47.56 -0.69 -9.65
C SER C 1027 -48.69 0.31 -9.39
N GLU C 1028 -48.35 1.55 -9.05
CA GLU C 1028 -49.37 2.51 -8.68
C GLU C 1028 -49.82 3.43 -9.80
N CYS C 1029 -49.22 3.35 -10.98
CA CYS C 1029 -49.62 4.20 -12.09
C CYS C 1029 -50.22 3.42 -13.25
N VAL C 1030 -49.59 2.33 -13.71
CA VAL C 1030 -50.16 1.62 -14.83
C VAL C 1030 -51.03 0.45 -14.37
N LEU C 1031 -50.64 -0.23 -13.28
CA LEU C 1031 -51.48 -1.27 -12.73
C LEU C 1031 -52.72 -0.72 -12.04
N GLY C 1032 -52.81 0.59 -11.85
CA GLY C 1032 -53.99 1.19 -11.26
C GLY C 1032 -53.85 2.69 -11.24
N GLN C 1033 -54.99 3.36 -11.09
CA GLN C 1033 -55.01 4.81 -11.00
C GLN C 1033 -54.49 5.26 -9.66
N SER C 1034 -53.78 6.39 -9.65
CA SER C 1034 -53.14 6.90 -8.44
C SER C 1034 -53.78 8.23 -8.04
N LYS C 1035 -54.28 8.29 -6.81
CA LYS C 1035 -54.69 9.54 -6.19
C LYS C 1035 -53.54 10.22 -5.48
N ARG C 1036 -52.33 9.70 -5.65
CA ARG C 1036 -51.13 10.22 -5.00
C ARG C 1036 -50.64 11.42 -5.79
N VAL C 1037 -50.73 12.61 -5.17
CA VAL C 1037 -50.58 13.85 -5.90
C VAL C 1037 -49.17 14.01 -6.45
N ASP C 1038 -49.07 14.39 -7.72
CA ASP C 1038 -47.80 14.69 -8.38
C ASP C 1038 -46.85 13.50 -8.34
N PHE C 1039 -47.38 12.29 -8.46
CA PHE C 1039 -46.58 11.08 -8.53
C PHE C 1039 -46.49 10.53 -9.95
N CYS C 1040 -47.65 10.30 -10.59
CA CYS C 1040 -47.68 9.86 -11.98
C CYS C 1040 -47.98 11.08 -12.85
N GLY C 1041 -46.96 11.92 -13.00
CA GLY C 1041 -47.07 13.10 -13.84
C GLY C 1041 -47.85 14.24 -13.22
N LYS C 1042 -47.61 15.46 -13.70
CA LYS C 1042 -48.31 16.64 -13.17
C LYS C 1042 -49.74 16.66 -13.66
N GLY C 1043 -50.67 16.93 -12.75
CA GLY C 1043 -52.09 16.94 -13.06
C GLY C 1043 -52.80 15.79 -12.36
N TYR C 1044 -54.10 15.69 -12.63
CA TYR C 1044 -54.87 14.59 -12.08
C TYR C 1044 -54.64 13.33 -12.90
N HIS C 1045 -53.96 12.35 -12.29
CA HIS C 1045 -53.53 11.16 -13.00
C HIS C 1045 -54.72 10.34 -13.47
N LEU C 1046 -54.65 9.87 -14.72
CA LEU C 1046 -55.68 9.01 -15.30
C LEU C 1046 -55.15 7.62 -15.60
N MET C 1047 -54.11 7.51 -16.43
CA MET C 1047 -53.52 6.23 -16.78
C MET C 1047 -52.01 6.43 -16.93
N SER C 1048 -51.30 5.32 -17.14
CA SER C 1048 -49.88 5.37 -17.44
C SER C 1048 -49.57 4.24 -18.40
N PHE C 1049 -48.48 4.42 -19.15
CA PHE C 1049 -48.11 3.42 -20.15
C PHE C 1049 -46.63 3.12 -20.06
N PRO C 1050 -46.24 1.88 -19.78
CA PRO C 1050 -44.80 1.57 -19.70
C PRO C 1050 -44.22 1.31 -21.08
N GLN C 1051 -43.02 1.83 -21.30
CA GLN C 1051 -42.30 1.63 -22.54
C GLN C 1051 -40.86 1.27 -22.20
N SER C 1052 -40.38 0.15 -22.72
CA SER C 1052 -39.01 -0.27 -22.46
C SER C 1052 -38.02 0.71 -23.10
N ALA C 1053 -36.88 0.88 -22.46
CA ALA C 1053 -35.79 1.68 -22.99
C ALA C 1053 -34.49 1.04 -22.55
N PRO C 1054 -33.40 1.27 -23.28
CA PRO C 1054 -32.13 0.65 -22.92
C PRO C 1054 -31.73 0.94 -21.48
N HIS C 1055 -31.72 -0.11 -20.65
CA HIS C 1055 -31.40 0.00 -19.23
C HIS C 1055 -32.34 0.96 -18.51
N GLY C 1056 -33.62 0.88 -18.83
CA GLY C 1056 -34.58 1.71 -18.12
C GLY C 1056 -35.98 1.60 -18.67
N VAL C 1057 -36.85 2.42 -18.09
CA VAL C 1057 -38.27 2.42 -18.43
C VAL C 1057 -38.70 3.87 -18.65
N VAL C 1058 -39.77 4.03 -19.44
CA VAL C 1058 -40.34 5.34 -19.72
C VAL C 1058 -41.85 5.24 -19.52
N PHE C 1059 -42.39 6.13 -18.69
CA PHE C 1059 -43.82 6.17 -18.41
C PHE C 1059 -44.44 7.35 -19.12
N LEU C 1060 -45.53 7.11 -19.84
CA LEU C 1060 -46.30 8.15 -20.50
C LEU C 1060 -47.52 8.42 -19.62
N HIS C 1061 -47.31 9.26 -18.60
CA HIS C 1061 -48.36 9.60 -17.64
C HIS C 1061 -49.42 10.42 -18.35
N VAL C 1062 -50.66 9.91 -18.36
CA VAL C 1062 -51.80 10.64 -18.89
C VAL C 1062 -52.44 11.40 -17.72
N THR C 1063 -52.67 12.69 -17.89
CA THR C 1063 -53.20 13.52 -16.82
C THR C 1063 -54.29 14.45 -17.33
N TYR C 1064 -55.25 14.72 -16.46
CA TYR C 1064 -56.32 15.67 -16.68
C TYR C 1064 -55.91 16.99 -16.04
N VAL C 1065 -55.96 18.08 -16.81
CA VAL C 1065 -55.54 19.39 -16.34
C VAL C 1065 -56.64 20.40 -16.66
N PRO C 1066 -57.18 21.11 -15.67
CA PRO C 1066 -58.16 22.17 -15.97
C PRO C 1066 -57.56 23.24 -16.85
N ALA C 1067 -58.39 23.76 -17.76
CA ALA C 1067 -57.89 24.63 -18.83
C ALA C 1067 -58.44 26.06 -18.74
N GLN C 1068 -59.76 26.25 -18.73
CA GLN C 1068 -60.36 27.56 -18.92
C GLN C 1068 -61.18 27.93 -17.69
N GLU C 1069 -60.62 28.78 -16.83
CA GLU C 1069 -61.29 29.16 -15.60
C GLU C 1069 -62.40 30.17 -15.86
N LYS C 1070 -63.51 30.01 -15.13
CA LYS C 1070 -64.51 31.04 -14.98
C LYS C 1070 -64.72 31.22 -13.48
N ASN C 1071 -64.78 32.47 -13.02
CA ASN C 1071 -64.92 32.75 -11.60
C ASN C 1071 -66.31 33.28 -11.29
N PHE C 1072 -66.92 32.73 -10.26
CA PHE C 1072 -68.26 33.08 -9.81
C PHE C 1072 -68.23 33.42 -8.33
N THR C 1073 -69.40 33.80 -7.81
CA THR C 1073 -69.58 34.07 -6.39
C THR C 1073 -70.09 32.80 -5.72
N THR C 1074 -69.44 32.40 -4.64
CA THR C 1074 -69.73 31.15 -3.96
C THR C 1074 -70.21 31.42 -2.54
N ALA C 1075 -71.03 30.50 -2.03
CA ALA C 1075 -71.57 30.57 -0.68
C ALA C 1075 -71.44 29.21 0.00
N PRO C 1076 -71.10 29.19 1.28
CA PRO C 1076 -70.99 27.89 1.98
C PRO C 1076 -72.28 27.10 2.05
N ALA C 1077 -73.43 27.77 2.16
CA ALA C 1077 -74.70 27.08 2.34
C ALA C 1077 -75.81 27.94 1.76
N ILE C 1078 -77.06 27.47 1.90
CA ILE C 1078 -78.22 28.16 1.35
C ILE C 1078 -79.31 28.20 2.41
N CYS C 1079 -79.98 29.35 2.54
CA CYS C 1079 -81.12 29.51 3.45
C CYS C 1079 -82.40 29.34 2.65
N HIS C 1080 -82.94 28.12 2.62
CA HIS C 1080 -84.18 27.88 1.89
C HIS C 1080 -85.41 28.23 2.72
N ASP C 1081 -85.61 27.53 3.83
CA ASP C 1081 -86.74 27.73 4.73
C ASP C 1081 -86.24 27.91 6.15
N GLY C 1082 -85.16 28.68 6.30
CA GLY C 1082 -84.52 28.84 7.58
C GLY C 1082 -83.58 27.73 7.98
N LYS C 1083 -83.39 26.73 7.11
CA LYS C 1083 -82.51 25.61 7.38
C LYS C 1083 -81.35 25.62 6.39
N ALA C 1084 -80.14 25.46 6.88
CA ALA C 1084 -78.96 25.52 6.02
C ALA C 1084 -78.90 24.32 5.09
N HIS C 1085 -78.59 24.59 3.83
CA HIS C 1085 -78.43 23.57 2.81
C HIS C 1085 -76.98 23.56 2.34
N PHE C 1086 -76.36 22.38 2.34
CA PHE C 1086 -75.00 22.20 1.90
C PHE C 1086 -74.96 21.28 0.68
N PRO C 1087 -73.97 21.43 -0.19
CA PRO C 1087 -73.91 20.57 -1.39
C PRO C 1087 -73.44 19.18 -1.05
N ARG C 1088 -74.16 18.18 -1.57
CA ARG C 1088 -73.72 16.79 -1.41
C ARG C 1088 -72.39 16.56 -2.10
N GLU C 1089 -72.31 16.94 -3.38
CA GLU C 1089 -71.06 16.92 -4.14
C GLU C 1089 -70.93 18.23 -4.90
N GLY C 1090 -69.78 18.87 -4.77
CA GLY C 1090 -69.54 20.13 -5.46
C GLY C 1090 -69.75 21.33 -4.56
N VAL C 1091 -69.90 22.48 -5.21
CA VAL C 1091 -70.01 23.76 -4.54
C VAL C 1091 -71.16 24.55 -5.16
N PHE C 1092 -71.51 25.65 -4.48
CA PHE C 1092 -72.51 26.59 -4.96
C PHE C 1092 -71.83 27.73 -5.68
N VAL C 1093 -72.31 28.06 -6.88
CA VAL C 1093 -71.80 29.16 -7.67
C VAL C 1093 -72.98 30.01 -8.13
N SER C 1094 -72.68 31.14 -8.74
CA SER C 1094 -73.72 32.01 -9.28
C SER C 1094 -73.15 32.85 -10.40
N ASN C 1095 -73.88 32.94 -11.51
CA ASN C 1095 -73.49 33.78 -12.63
C ASN C 1095 -73.96 35.22 -12.47
N GLY C 1096 -74.52 35.57 -11.32
CA GLY C 1096 -74.92 36.93 -11.05
C GLY C 1096 -76.34 37.06 -10.52
N THR C 1097 -77.25 36.23 -11.00
CA THR C 1097 -78.65 36.29 -10.60
C THR C 1097 -79.15 35.00 -9.97
N HIS C 1098 -78.82 33.85 -10.55
CA HIS C 1098 -79.30 32.56 -10.08
C HIS C 1098 -78.15 31.76 -9.48
N TRP C 1099 -78.46 30.94 -8.48
CA TRP C 1099 -77.48 30.11 -7.81
C TRP C 1099 -77.59 28.68 -8.32
N PHE C 1100 -76.46 28.06 -8.62
CA PHE C 1100 -76.39 26.71 -9.14
C PHE C 1100 -75.43 25.89 -8.28
N VAL C 1101 -75.61 24.57 -8.34
CA VAL C 1101 -74.67 23.63 -7.73
C VAL C 1101 -73.90 22.95 -8.84
N THR C 1102 -72.59 22.81 -8.65
CA THR C 1102 -71.75 22.26 -9.71
C THR C 1102 -70.61 21.45 -9.09
N GLN C 1103 -70.14 20.46 -9.85
CA GLN C 1103 -68.99 19.69 -9.40
C GLN C 1103 -67.74 20.56 -9.34
N ARG C 1104 -66.80 20.17 -8.49
CA ARG C 1104 -65.67 21.02 -8.17
C ARG C 1104 -64.71 21.18 -9.36
N ASN C 1105 -64.48 20.11 -10.12
CA ASN C 1105 -63.45 20.10 -11.15
C ASN C 1105 -63.99 20.36 -12.55
N PHE C 1106 -65.27 20.73 -12.67
CA PHE C 1106 -65.85 21.00 -13.98
C PHE C 1106 -67.08 21.88 -13.79
N TYR C 1107 -67.28 22.82 -14.69
CA TYR C 1107 -68.43 23.70 -14.63
C TYR C 1107 -69.62 23.01 -15.27
N GLU C 1108 -70.44 22.35 -14.45
CA GLU C 1108 -71.70 21.74 -14.88
C GLU C 1108 -72.79 22.23 -13.94
N PRO C 1109 -73.17 23.50 -14.04
CA PRO C 1109 -74.16 24.05 -13.11
C PRO C 1109 -75.51 23.39 -13.27
N GLN C 1110 -76.22 23.24 -12.15
CA GLN C 1110 -77.56 22.70 -12.20
C GLN C 1110 -78.37 23.30 -11.05
N ILE C 1111 -79.69 23.31 -11.20
CA ILE C 1111 -80.56 23.99 -10.26
C ILE C 1111 -80.44 23.34 -8.88
N ILE C 1112 -80.42 24.18 -7.84
CA ILE C 1112 -80.36 23.68 -6.47
C ILE C 1112 -81.58 22.82 -6.20
N THR C 1113 -81.36 21.62 -5.66
CA THR C 1113 -82.43 20.65 -5.45
C THR C 1113 -82.09 19.82 -4.22
N THR C 1114 -83.14 19.36 -3.53
CA THR C 1114 -82.93 18.51 -2.36
C THR C 1114 -82.18 17.23 -2.70
N ASP C 1115 -82.19 16.82 -3.98
CA ASP C 1115 -81.44 15.63 -4.37
C ASP C 1115 -79.93 15.85 -4.25
N ASN C 1116 -79.45 17.05 -4.62
CA ASN C 1116 -78.03 17.35 -4.60
C ASN C 1116 -77.60 18.20 -3.42
N THR C 1117 -78.51 18.51 -2.49
CA THR C 1117 -78.17 19.27 -1.29
C THR C 1117 -78.76 18.57 -0.07
N PHE C 1118 -78.02 18.59 1.03
CA PHE C 1118 -78.49 18.03 2.30
C PHE C 1118 -78.61 19.13 3.33
N VAL C 1119 -79.65 19.05 4.16
CA VAL C 1119 -79.92 20.07 5.17
C VAL C 1119 -79.26 19.68 6.48
N SER C 1120 -78.61 20.64 7.13
CA SER C 1120 -77.93 20.38 8.39
C SER C 1120 -77.83 21.69 9.17
N GLY C 1121 -78.57 21.77 10.28
CA GLY C 1121 -78.43 22.87 11.20
C GLY C 1121 -79.40 24.02 11.00
N ASN C 1122 -78.94 25.24 11.27
CA ASN C 1122 -79.76 26.43 11.23
C ASN C 1122 -79.05 27.52 10.44
N CYS C 1123 -79.81 28.51 10.00
CA CYS C 1123 -79.26 29.56 9.15
C CYS C 1123 -78.25 30.42 9.91
N ASP C 1124 -78.48 30.65 11.21
CA ASP C 1124 -77.67 31.63 11.94
C ASP C 1124 -76.27 31.11 12.24
N VAL C 1125 -76.09 29.79 12.34
CA VAL C 1125 -74.81 29.25 12.76
C VAL C 1125 -73.73 29.50 11.71
N VAL C 1126 -74.04 29.22 10.44
CA VAL C 1126 -73.07 29.35 9.37
C VAL C 1126 -72.92 30.82 9.01
N ILE C 1127 -71.70 31.24 8.71
CA ILE C 1127 -71.41 32.60 8.25
C ILE C 1127 -71.26 32.56 6.74
N GLY C 1128 -71.70 33.63 6.07
CA GLY C 1128 -71.63 33.72 4.63
C GLY C 1128 -72.71 32.99 3.88
N ILE C 1129 -73.66 32.36 4.59
CA ILE C 1129 -74.71 31.61 3.92
C ILE C 1129 -75.75 32.60 3.36
N VAL C 1130 -76.09 32.42 2.09
CA VAL C 1130 -76.94 33.35 1.36
C VAL C 1130 -78.35 32.80 1.25
N ASN C 1131 -79.30 33.71 1.06
CA ASN C 1131 -80.69 33.31 0.89
C ASN C 1131 -80.95 32.86 -0.55
N ASN C 1132 -81.74 31.81 -0.69
CA ASN C 1132 -82.18 31.34 -2.00
C ASN C 1132 -83.29 30.31 -1.79
N THR C 1133 -83.89 29.88 -2.90
CA THR C 1133 -84.89 28.85 -2.89
C THR C 1133 -84.28 27.53 -3.38
N VAL C 1134 -84.73 26.44 -2.78
CA VAL C 1134 -84.26 25.10 -3.12
C VAL C 1134 -85.42 24.37 -3.77
N TYR C 1135 -85.24 23.92 -5.01
CA TYR C 1135 -86.32 23.29 -5.74
C TYR C 1135 -86.58 21.88 -5.20
N ASP C 1136 -87.86 21.57 -5.00
CA ASP C 1136 -88.27 20.26 -4.51
C ASP C 1136 -88.86 19.46 -5.67
N PRO C 1137 -88.20 18.41 -6.14
CA PRO C 1137 -88.75 17.66 -7.28
C PRO C 1137 -90.07 16.99 -7.02
N LEU C 1138 -90.39 16.70 -5.75
CA LEU C 1138 -91.63 16.00 -5.42
C LEU C 1138 -92.82 16.95 -5.32
N GLN C 1139 -92.58 18.25 -5.24
CA GLN C 1139 -93.69 19.21 -5.17
C GLN C 1139 -94.54 19.21 -6.44
N PRO C 1140 -93.99 19.30 -7.65
CA PRO C 1140 -94.85 19.20 -8.84
C PRO C 1140 -95.55 17.86 -8.96
N GLU C 1141 -94.91 16.77 -8.52
CA GLU C 1141 -95.57 15.46 -8.54
C GLU C 1141 -96.78 15.45 -7.62
N LEU C 1142 -96.65 16.04 -6.43
CA LEU C 1142 -97.81 16.19 -5.56
C LEU C 1142 -98.88 17.07 -6.18
N ASP C 1143 -98.45 18.16 -6.85
CA ASP C 1143 -99.42 19.06 -7.46
C ASP C 1143 -100.22 18.36 -8.56
N SER C 1144 -99.56 17.55 -9.37
CA SER C 1144 -100.23 16.83 -10.45
C SER C 1144 -101.03 15.65 -9.92
N GLU D 1 58.84 -37.53 -36.96
CA GLU D 1 59.56 -37.54 -35.69
C GLU D 1 59.09 -38.70 -34.82
N SER D 2 58.69 -38.39 -33.59
CA SER D 2 58.23 -39.41 -32.67
C SER D 2 57.38 -38.78 -31.57
N LEU D 3 56.40 -39.53 -31.09
CA LEU D 3 55.57 -39.13 -29.96
C LEU D 3 55.48 -40.27 -28.98
N GLU D 4 55.52 -39.94 -27.68
CA GLU D 4 55.49 -40.95 -26.62
C GLU D 4 54.52 -40.51 -25.54
N GLU D 5 53.96 -41.49 -24.83
CA GLU D 5 53.00 -41.24 -23.77
C GLU D 5 53.47 -41.86 -22.47
N SER D 6 53.06 -41.26 -21.35
CA SER D 6 53.38 -41.77 -20.03
C SER D 6 52.30 -41.32 -19.06
N GLY D 7 52.15 -42.09 -17.98
CA GLY D 7 51.14 -41.81 -16.97
C GLY D 7 49.89 -42.65 -17.03
N GLY D 8 49.84 -43.65 -17.91
CA GLY D 8 48.71 -44.54 -18.00
C GLY D 8 48.85 -45.74 -17.09
N GLY D 9 47.95 -46.71 -17.27
CA GLY D 9 47.96 -47.93 -16.51
C GLY D 9 46.66 -48.14 -15.75
N LEU D 10 46.77 -48.73 -14.56
CA LEU D 10 45.62 -49.06 -13.74
C LEU D 10 45.20 -47.83 -12.94
N VAL D 11 43.91 -47.48 -13.02
CA VAL D 11 43.34 -46.37 -12.28
C VAL D 11 42.08 -46.86 -11.58
N GLN D 12 41.94 -46.51 -10.31
CA GLN D 12 40.77 -46.91 -9.54
C GLN D 12 39.53 -46.19 -10.05
N PRO D 13 38.37 -46.86 -10.01
CA PRO D 13 37.13 -46.21 -10.44
C PRO D 13 36.80 -45.02 -9.54
N GLY D 14 36.28 -43.96 -10.15
CA GLY D 14 35.94 -42.75 -9.44
C GLY D 14 37.09 -41.83 -9.13
N ALA D 15 38.31 -42.20 -9.48
CA ALA D 15 39.48 -41.37 -9.22
C ALA D 15 39.76 -40.47 -10.42
N SER D 16 40.93 -39.84 -10.43
CA SER D 16 41.38 -38.99 -11.53
C SER D 16 42.72 -39.49 -12.04
N LEU D 17 42.91 -39.40 -13.35
CA LEU D 17 44.15 -39.80 -13.99
C LEU D 17 44.70 -38.66 -14.82
N THR D 18 46.03 -38.62 -14.95
CA THR D 18 46.72 -37.60 -15.72
C THR D 18 47.63 -38.30 -16.73
N LEU D 19 47.50 -37.92 -17.99
CA LEU D 19 48.28 -38.51 -19.07
C LEU D 19 49.09 -37.42 -19.77
N THR D 20 50.35 -37.72 -20.07
CA THR D 20 51.27 -36.77 -20.67
C THR D 20 51.81 -37.33 -21.98
N CYS D 21 51.88 -36.48 -23.00
CA CYS D 21 52.49 -36.82 -24.28
C CYS D 21 53.73 -35.95 -24.47
N LYS D 22 54.88 -36.60 -24.71
CA LYS D 22 56.14 -35.91 -24.89
C LYS D 22 56.64 -36.12 -26.32
N ALA D 23 57.02 -35.03 -26.96
CA ALA D 23 57.49 -35.05 -28.34
C ALA D 23 59.01 -35.12 -28.39
N SER D 24 59.53 -35.62 -29.51
CA SER D 24 60.97 -35.70 -29.72
C SER D 24 61.27 -35.34 -31.16
N GLY D 25 62.11 -34.33 -31.36
CA GLY D 25 62.52 -33.90 -32.69
C GLY D 25 61.81 -32.68 -33.22
N PHE D 26 60.85 -32.12 -32.49
CA PHE D 26 60.15 -30.91 -32.94
C PHE D 26 59.57 -30.22 -31.71
N SER D 27 58.89 -29.10 -31.95
CA SER D 27 58.27 -28.31 -30.90
C SER D 27 56.81 -28.07 -31.23
N PHE D 28 56.02 -27.75 -30.21
CA PHE D 28 54.59 -27.51 -30.37
C PHE D 28 54.38 -26.07 -30.84
N SER D 29 54.67 -25.85 -32.11
CA SER D 29 54.50 -24.53 -32.71
C SER D 29 53.02 -24.23 -32.92
N SER D 30 52.73 -22.97 -33.24
CA SER D 30 51.36 -22.55 -33.50
C SER D 30 50.78 -23.17 -34.77
N GLY D 31 51.60 -23.80 -35.59
CA GLY D 31 51.15 -24.49 -36.78
C GLY D 31 50.82 -25.95 -36.59
N TYR D 32 50.74 -26.42 -35.34
CA TYR D 32 50.38 -27.79 -35.05
C TYR D 32 49.47 -27.85 -33.84
N TYR D 33 48.46 -28.71 -33.91
CA TYR D 33 47.49 -28.90 -32.84
C TYR D 33 47.76 -30.24 -32.16
N MET D 34 47.74 -30.24 -30.83
CA MET D 34 47.90 -31.46 -30.06
C MET D 34 46.52 -32.02 -29.73
N CYS D 35 46.21 -33.20 -30.27
CA CYS D 35 44.89 -33.79 -30.14
C CYS D 35 44.97 -35.13 -29.43
N TRP D 36 43.87 -35.50 -28.78
CA TRP D 36 43.76 -36.72 -28.00
C TRP D 36 42.58 -37.54 -28.51
N VAL D 37 42.80 -38.84 -28.71
CA VAL D 37 41.76 -39.76 -29.14
C VAL D 37 41.87 -41.03 -28.30
N ARG D 38 40.74 -41.73 -28.16
CA ARG D 38 40.67 -42.97 -27.39
C ARG D 38 40.10 -44.07 -28.26
N GLN D 39 40.39 -45.32 -27.87
CA GLN D 39 39.94 -46.49 -28.60
C GLN D 39 39.52 -47.58 -27.62
N ALA D 40 38.25 -47.93 -27.62
CA ALA D 40 37.77 -49.04 -26.81
C ALA D 40 38.42 -50.34 -27.28
N PRO D 41 38.54 -51.34 -26.40
CA PRO D 41 39.26 -52.57 -26.76
C PRO D 41 38.75 -53.25 -28.03
N GLY D 42 37.45 -53.18 -28.29
CA GLY D 42 36.90 -53.79 -29.47
C GLY D 42 36.08 -52.87 -30.34
N LYS D 43 36.13 -51.56 -30.07
CA LYS D 43 35.37 -50.57 -30.80
C LYS D 43 36.30 -49.62 -31.54
N GLY D 44 35.72 -48.59 -32.16
CA GLY D 44 36.46 -47.66 -32.98
C GLY D 44 37.06 -46.53 -32.19
N LEU D 45 37.45 -45.49 -32.92
CA LEU D 45 38.12 -44.32 -32.34
C LEU D 45 37.08 -43.30 -31.89
N GLU D 46 37.31 -42.72 -30.72
CA GLU D 46 36.46 -41.66 -30.16
C GLU D 46 37.33 -40.47 -29.83
N TRP D 47 37.07 -39.34 -30.49
CA TRP D 47 37.86 -38.13 -30.28
C TRP D 47 37.56 -37.52 -28.91
N ILE D 48 38.58 -36.90 -28.32
CA ILE D 48 38.49 -36.35 -26.97
C ILE D 48 38.59 -34.82 -26.98
N ALA D 49 39.73 -34.28 -27.40
CA ALA D 49 39.95 -32.85 -27.34
C ALA D 49 41.19 -32.49 -28.15
N CYS D 50 41.39 -31.18 -28.34
CA CYS D 50 42.57 -30.64 -28.99
C CYS D 50 42.96 -29.33 -28.33
N THR D 51 44.21 -28.94 -28.50
CA THR D 51 44.73 -27.66 -28.02
C THR D 51 45.71 -27.10 -29.04
N SER D 52 45.50 -25.84 -29.42
CA SER D 52 46.38 -25.19 -30.37
C SER D 52 47.77 -24.97 -29.78
N GLY D 53 48.79 -25.14 -30.61
CA GLY D 53 50.16 -24.91 -30.19
C GLY D 53 50.54 -23.45 -30.22
N GLY D 54 51.79 -23.19 -29.86
CA GLY D 54 52.28 -21.83 -29.83
C GLY D 54 51.73 -21.04 -28.66
N SER D 55 51.72 -19.71 -28.82
CA SER D 55 51.23 -18.83 -27.76
C SER D 55 49.72 -18.88 -27.61
N SER D 56 49.01 -19.42 -28.60
CA SER D 56 47.56 -19.48 -28.53
C SER D 56 47.11 -20.46 -27.44
N GLN D 57 46.10 -20.03 -26.69
CA GLN D 57 45.49 -20.85 -25.64
C GLN D 57 44.16 -21.44 -26.05
N TYR D 58 43.85 -21.40 -27.34
CA TYR D 58 42.57 -21.89 -27.83
C TYR D 58 42.49 -23.41 -27.66
N THR D 59 41.33 -23.89 -27.21
CA THR D 59 41.14 -25.29 -26.86
C THR D 59 39.71 -25.71 -27.15
N ILE D 60 39.56 -26.90 -27.75
CA ILE D 60 38.26 -27.42 -28.14
C ILE D 60 38.04 -28.76 -27.43
N TYR D 61 36.88 -28.93 -26.81
CA TYR D 61 36.51 -30.16 -26.14
C TYR D 61 35.42 -30.88 -26.92
N ALA D 62 35.31 -32.19 -26.71
CA ALA D 62 34.24 -32.96 -27.32
C ALA D 62 32.94 -32.79 -26.53
N ASN D 63 31.84 -33.20 -27.15
CA ASN D 63 30.54 -33.10 -26.50
C ASN D 63 30.44 -34.01 -25.30
N TRP D 64 30.93 -35.25 -25.42
CA TRP D 64 30.77 -36.22 -24.35
C TRP D 64 31.66 -35.93 -23.16
N ALA D 65 32.86 -35.37 -23.40
CA ALA D 65 33.83 -35.11 -22.35
C ALA D 65 34.04 -33.62 -22.11
N LYS D 66 33.01 -32.79 -22.29
CA LYS D 66 33.16 -31.35 -22.11
C LYS D 66 33.51 -31.02 -20.67
N GLY D 67 32.85 -31.67 -19.71
CA GLY D 67 33.06 -31.36 -18.31
C GLY D 67 33.96 -32.31 -17.55
N ARG D 68 34.44 -33.36 -18.21
CA ARG D 68 35.24 -34.38 -17.55
C ARG D 68 36.68 -34.45 -18.03
N SER D 69 37.12 -33.55 -18.91
CA SER D 69 38.50 -33.53 -19.36
C SER D 69 39.06 -32.13 -19.25
N THR D 70 40.39 -32.06 -19.10
CA THR D 70 41.10 -30.79 -19.00
C THR D 70 42.39 -30.91 -19.78
N ILE D 71 42.46 -30.27 -20.95
CA ILE D 71 43.60 -30.34 -21.85
C ILE D 71 44.25 -28.97 -21.91
N SER D 72 45.56 -28.94 -21.66
CA SER D 72 46.31 -27.69 -21.68
C SER D 72 47.77 -28.01 -21.97
N LYS D 73 48.48 -27.03 -22.53
CA LYS D 73 49.88 -27.19 -22.90
C LYS D 73 50.76 -26.75 -21.74
N THR D 74 51.44 -27.71 -21.11
CA THR D 74 52.35 -27.41 -20.02
C THR D 74 53.71 -26.90 -20.49
N SER D 75 54.15 -27.34 -21.67
CA SER D 75 55.46 -26.94 -22.19
C SER D 75 55.43 -27.11 -23.70
N SER D 76 56.42 -26.48 -24.37
CA SER D 76 56.52 -26.57 -25.81
C SER D 76 56.79 -28.00 -26.29
N THR D 77 57.20 -28.91 -25.40
CA THR D 77 57.46 -30.29 -25.77
C THR D 77 56.54 -31.29 -25.08
N THR D 78 55.85 -30.92 -24.00
CA THR D 78 55.00 -31.83 -23.25
C THR D 78 53.60 -31.25 -23.13
N VAL D 79 52.60 -32.12 -23.18
CA VAL D 79 51.21 -31.74 -23.00
C VAL D 79 50.58 -32.70 -22.00
N THR D 80 49.51 -32.26 -21.35
CA THR D 80 48.84 -33.07 -20.34
C THR D 80 47.33 -32.99 -20.51
N LEU D 81 46.65 -34.09 -20.19
CA LEU D 81 45.20 -34.19 -20.22
C LEU D 81 44.73 -35.03 -19.05
N GLN D 82 43.68 -34.58 -18.37
CA GLN D 82 43.22 -35.20 -17.13
C GLN D 82 41.78 -35.67 -17.29
N MET D 83 41.51 -36.88 -16.81
CA MET D 83 40.16 -37.43 -16.74
C MET D 83 39.63 -37.32 -15.32
N THR D 84 38.32 -37.11 -15.19
CA THR D 84 37.67 -37.03 -13.89
C THR D 84 36.51 -38.00 -13.84
N SER D 85 36.29 -38.58 -12.65
CA SER D 85 35.20 -39.53 -12.40
C SER D 85 35.23 -40.68 -13.41
N LEU D 86 36.32 -41.44 -13.36
CA LEU D 86 36.53 -42.54 -14.29
C LEU D 86 35.51 -43.64 -14.05
N THR D 87 34.99 -44.19 -15.14
CA THR D 87 34.08 -45.34 -15.10
C THR D 87 34.66 -46.48 -15.92
N ALA D 88 34.02 -47.64 -15.81
CA ALA D 88 34.48 -48.82 -16.55
C ALA D 88 34.40 -48.62 -18.05
N ALA D 89 33.48 -47.78 -18.52
CA ALA D 89 33.37 -47.53 -19.96
C ALA D 89 34.54 -46.72 -20.50
N ASP D 90 35.31 -46.07 -19.63
CA ASP D 90 36.46 -45.28 -20.06
C ASP D 90 37.72 -46.12 -20.30
N THR D 91 37.67 -47.42 -20.02
CA THR D 91 38.80 -48.28 -20.30
C THR D 91 39.05 -48.35 -21.80
N ALA D 92 40.16 -47.78 -22.25
CA ALA D 92 40.44 -47.64 -23.67
C ALA D 92 41.94 -47.42 -23.84
N THR D 93 42.35 -47.24 -25.10
CA THR D 93 43.74 -46.95 -25.44
C THR D 93 43.83 -45.53 -25.97
N TYR D 94 44.67 -44.72 -25.35
CA TYR D 94 44.81 -43.31 -25.69
C TYR D 94 45.93 -43.14 -26.70
N PHE D 95 45.66 -42.43 -27.79
CA PHE D 95 46.62 -42.16 -28.84
C PHE D 95 46.90 -40.67 -28.90
N CYS D 96 48.19 -40.31 -28.91
CA CYS D 96 48.60 -38.91 -29.01
C CYS D 96 49.02 -38.63 -30.44
N ALA D 97 48.23 -37.82 -31.14
CA ALA D 97 48.47 -37.51 -32.54
C ALA D 97 48.48 -36.01 -32.75
N ARG D 98 49.29 -35.58 -33.72
CA ARG D 98 49.43 -34.17 -34.06
C ARG D 98 48.61 -33.86 -35.30
N GLY D 99 48.12 -32.62 -35.39
CA GLY D 99 47.35 -32.18 -36.52
C GLY D 99 47.82 -30.83 -37.04
N PRO D 100 48.25 -30.79 -38.29
CA PRO D 100 48.76 -29.54 -38.86
C PRO D 100 47.68 -28.46 -38.91
N SER D 101 48.12 -27.21 -38.77
CA SER D 101 47.20 -26.08 -38.82
C SER D 101 46.55 -25.91 -40.18
N THR D 102 47.09 -26.57 -41.21
CA THR D 102 46.49 -26.54 -42.54
C THR D 102 45.18 -27.32 -42.60
N TYR D 103 44.82 -28.01 -41.52
CA TYR D 103 43.60 -28.81 -41.43
C TYR D 103 43.69 -30.05 -42.32
N TYR D 104 44.89 -30.61 -42.39
CA TYR D 104 45.08 -31.92 -43.00
C TYR D 104 44.84 -32.99 -41.93
N GLY D 105 45.01 -34.26 -42.31
CA GLY D 105 44.83 -35.34 -41.37
C GLY D 105 45.97 -35.44 -40.38
N MET D 106 45.77 -36.26 -39.35
CA MET D 106 46.78 -36.46 -38.33
C MET D 106 47.85 -37.39 -38.87
N ASP D 107 49.10 -36.95 -38.80
CA ASP D 107 50.25 -37.80 -39.11
C ASP D 107 51.11 -37.98 -37.86
N LEU D 108 52.01 -38.97 -37.92
CA LEU D 108 52.94 -39.27 -36.83
C LEU D 108 52.18 -39.60 -35.54
N TRP D 109 51.43 -40.69 -35.59
CA TRP D 109 50.68 -41.15 -34.42
C TRP D 109 51.60 -41.84 -33.43
N GLY D 110 51.30 -41.67 -32.14
CA GLY D 110 52.03 -42.31 -31.09
C GLY D 110 51.64 -43.76 -30.93
N PRO D 111 52.51 -44.56 -30.30
CA PRO D 111 52.18 -45.98 -30.08
C PRO D 111 50.94 -46.18 -29.22
N GLY D 112 50.69 -45.30 -28.25
CA GLY D 112 49.51 -45.41 -27.43
C GLY D 112 49.77 -46.09 -26.10
N THR D 113 48.91 -45.80 -25.13
CA THR D 113 48.98 -46.41 -23.81
C THR D 113 47.60 -46.90 -23.41
N LEU D 114 47.57 -47.97 -22.63
CA LEU D 114 46.30 -48.57 -22.19
C LEU D 114 45.99 -48.11 -20.77
N VAL D 115 44.75 -47.68 -20.56
CA VAL D 115 44.25 -47.29 -19.24
C VAL D 115 43.10 -48.21 -18.88
N THR D 116 43.14 -48.76 -17.67
CA THR D 116 42.14 -49.72 -17.20
C THR D 116 41.49 -49.15 -15.94
N VAL D 117 40.17 -49.10 -15.94
CA VAL D 117 39.40 -48.60 -14.80
C VAL D 117 38.79 -49.81 -14.11
N SER D 118 39.49 -50.34 -13.11
CA SER D 118 39.02 -51.49 -12.36
C SER D 118 39.63 -51.45 -10.97
N SER D 119 39.05 -52.24 -10.07
CA SER D 119 39.54 -52.32 -8.70
C SER D 119 40.40 -53.55 -8.49
N ASP E 1 29.04 -30.38 -32.12
CA ASP E 1 30.06 -31.25 -32.70
C ASP E 1 29.46 -32.15 -33.77
N VAL E 2 30.06 -32.13 -34.96
CA VAL E 2 29.57 -32.96 -36.06
C VAL E 2 29.88 -34.42 -35.76
N VAL E 3 29.00 -35.31 -36.23
CA VAL E 3 29.15 -36.75 -36.04
C VAL E 3 29.39 -37.40 -37.40
N MET E 4 30.18 -38.46 -37.41
CA MET E 4 30.48 -39.20 -38.63
C MET E 4 29.72 -40.52 -38.60
N THR E 5 28.91 -40.77 -39.62
CA THR E 5 28.18 -42.02 -39.79
C THR E 5 28.81 -42.76 -40.96
N GLN E 6 29.52 -43.85 -40.65
CA GLN E 6 30.30 -44.58 -41.64
C GLN E 6 29.69 -45.96 -41.86
N THR E 7 29.38 -46.28 -43.11
CA THR E 7 28.74 -47.52 -43.50
C THR E 7 29.45 -48.06 -44.73
N PRO E 8 29.41 -49.39 -44.94
CA PRO E 8 28.84 -50.45 -44.10
C PRO E 8 29.77 -50.82 -42.95
N ALA E 9 29.23 -51.39 -41.87
CA ALA E 9 30.07 -51.76 -40.74
C ALA E 9 31.07 -52.85 -41.11
N SER E 10 30.62 -53.84 -41.88
CA SER E 10 31.48 -54.94 -42.31
C SER E 10 31.31 -55.16 -43.81
N VAL E 11 32.44 -55.33 -44.50
CA VAL E 11 32.44 -55.57 -45.94
C VAL E 11 33.45 -56.67 -46.25
N SER E 12 33.15 -57.44 -47.30
CA SER E 12 34.03 -58.51 -47.75
C SER E 12 34.20 -58.41 -49.26
N GLU E 13 35.44 -58.39 -49.71
CA GLU E 13 35.75 -58.30 -51.13
C GLU E 13 36.87 -59.28 -51.46
N PRO E 14 36.87 -59.83 -52.67
CA PRO E 14 37.93 -60.75 -53.07
C PRO E 14 39.23 -60.02 -53.37
N VAL E 15 40.25 -60.80 -53.73
CA VAL E 15 41.55 -60.23 -54.05
C VAL E 15 41.48 -59.54 -55.40
N GLY E 16 41.96 -58.30 -55.46
CA GLY E 16 41.94 -57.53 -56.68
C GLY E 16 40.68 -56.74 -56.93
N GLY E 17 39.67 -56.85 -56.06
CA GLY E 17 38.42 -56.14 -56.22
C GLY E 17 38.50 -54.73 -55.66
N THR E 18 37.33 -54.08 -55.65
CA THR E 18 37.21 -52.72 -55.15
C THR E 18 36.19 -52.68 -54.02
N VAL E 19 36.52 -51.94 -52.96
CA VAL E 19 35.66 -51.78 -51.80
C VAL E 19 35.43 -50.29 -51.58
N THR E 20 34.16 -49.91 -51.39
CA THR E 20 33.77 -48.53 -51.22
C THR E 20 33.16 -48.33 -49.84
N THR E 21 33.60 -47.29 -49.14
CA THR E 21 33.12 -46.95 -47.81
C THR E 21 32.51 -45.55 -47.84
N LYS E 22 31.34 -45.40 -47.24
CA LYS E 22 30.60 -44.15 -47.25
C LYS E 22 30.66 -43.49 -45.87
N CYS E 23 30.92 -42.19 -45.85
CA CYS E 23 30.94 -41.40 -44.62
C CYS E 23 30.02 -40.21 -44.80
N GLN E 24 29.14 -39.98 -43.82
CA GLN E 24 28.17 -38.90 -43.86
C GLN E 24 28.28 -38.07 -42.59
N ALA E 25 28.08 -36.76 -42.73
CA ALA E 25 28.18 -35.83 -41.62
C ALA E 25 26.81 -35.27 -41.27
N SER E 26 26.75 -34.55 -40.15
CA SER E 26 25.50 -33.91 -39.76
C SER E 26 25.42 -32.48 -40.29
N GLN E 27 26.57 -31.83 -40.50
CA GLN E 27 26.63 -30.52 -41.11
C GLN E 27 27.69 -30.52 -42.20
N ASN E 28 27.71 -29.45 -42.99
CA ASN E 28 28.66 -29.31 -44.07
C ASN E 28 30.05 -29.04 -43.49
N ILE E 29 31.04 -29.83 -43.92
CA ILE E 29 32.40 -29.71 -43.41
C ILE E 29 33.33 -29.00 -44.38
N PHE E 30 32.98 -28.93 -45.67
CA PHE E 30 33.81 -28.33 -46.71
C PHE E 30 35.17 -29.03 -46.79
N ASN E 31 35.09 -30.31 -47.17
CA ASN E 31 36.24 -31.21 -47.22
C ASN E 31 36.73 -31.37 -45.78
N ASN E 32 38.00 -31.10 -45.48
CA ASN E 32 38.54 -31.24 -44.13
C ASN E 32 38.29 -32.65 -43.57
N LEU E 33 38.48 -33.64 -44.42
CA LEU E 33 38.30 -35.04 -44.05
C LEU E 33 39.63 -35.78 -44.11
N ALA E 34 39.73 -36.84 -43.32
CA ALA E 34 40.92 -37.69 -43.32
C ALA E 34 40.50 -39.15 -43.23
N TRP E 35 41.07 -39.97 -44.10
CA TRP E 35 40.80 -41.40 -44.13
C TRP E 35 41.98 -42.15 -43.54
N TYR E 36 41.70 -43.11 -42.66
CA TYR E 36 42.73 -43.81 -41.92
C TYR E 36 42.60 -45.32 -42.10
N GLN E 37 43.74 -46.00 -41.99
CA GLN E 37 43.79 -47.46 -41.98
C GLN E 37 44.50 -47.92 -40.71
N GLN E 38 43.83 -48.77 -39.94
CA GLN E 38 44.38 -49.28 -38.68
C GLN E 38 44.48 -50.79 -38.75
N LYS E 39 45.69 -51.31 -38.58
CA LYS E 39 45.90 -52.74 -38.44
C LYS E 39 45.85 -53.13 -36.97
N PRO E 40 45.44 -54.36 -36.66
CA PRO E 40 45.39 -54.79 -35.25
C PRO E 40 46.76 -54.68 -34.60
N GLY E 41 46.77 -54.15 -33.38
CA GLY E 41 48.00 -53.93 -32.66
C GLY E 41 48.84 -52.75 -33.13
N GLN E 42 48.31 -51.93 -34.03
CA GLN E 42 49.06 -50.82 -34.60
C GLN E 42 48.25 -49.53 -34.54
N PRO E 43 48.86 -48.40 -34.21
CA PRO E 43 48.16 -47.12 -34.24
C PRO E 43 47.71 -46.78 -35.65
N PRO E 44 46.63 -46.03 -35.80
CA PRO E 44 46.11 -45.73 -37.14
C PRO E 44 47.12 -44.97 -37.99
N LYS E 45 47.13 -45.28 -39.29
CA LYS E 45 48.01 -44.64 -40.26
C LYS E 45 47.19 -43.82 -41.24
N LEU E 46 47.67 -42.62 -41.54
CA LEU E 46 46.98 -41.74 -42.47
C LEU E 46 47.09 -42.28 -43.89
N LEU E 47 45.98 -42.20 -44.63
CA LEU E 47 45.94 -42.58 -46.04
C LEU E 47 45.63 -41.38 -46.93
N ILE E 48 44.50 -40.72 -46.69
CA ILE E 48 44.00 -39.64 -47.54
C ILE E 48 43.62 -38.46 -46.65
N SER E 49 43.99 -37.27 -47.08
CA SER E 49 43.65 -36.04 -46.37
C SER E 49 43.03 -35.05 -47.34
N ASP E 50 42.23 -34.13 -46.80
CA ASP E 50 41.46 -33.16 -47.59
C ASP E 50 40.46 -33.84 -48.51
N ALA E 51 40.21 -35.12 -48.28
CA ALA E 51 39.23 -35.95 -49.00
C ALA E 51 39.63 -36.19 -50.45
N SER E 52 40.72 -35.57 -50.91
CA SER E 52 41.21 -35.80 -52.27
C SER E 52 42.72 -35.95 -52.37
N ASN E 53 43.48 -35.59 -51.36
CA ASN E 53 44.94 -35.57 -51.43
C ASN E 53 45.52 -36.83 -50.79
N LEU E 54 46.51 -37.41 -51.46
CA LEU E 54 47.24 -38.56 -50.97
C LEU E 54 48.60 -38.14 -50.43
N ALA E 55 48.95 -38.64 -49.24
CA ALA E 55 50.20 -38.28 -48.61
C ALA E 55 51.35 -39.07 -49.22
N SER E 56 52.56 -38.77 -48.76
CA SER E 56 53.75 -39.46 -49.25
C SER E 56 53.75 -40.91 -48.78
N GLY E 57 54.25 -41.81 -49.63
CA GLY E 57 54.27 -43.22 -49.30
C GLY E 57 52.92 -43.89 -49.33
N VAL E 58 51.96 -43.33 -50.05
CA VAL E 58 50.61 -43.88 -50.16
C VAL E 58 50.39 -44.32 -51.60
N SER E 59 49.97 -45.56 -51.79
CA SER E 59 49.77 -46.10 -53.12
C SER E 59 48.59 -45.42 -53.80
N SER E 60 48.63 -45.39 -55.14
CA SER E 60 47.59 -44.77 -55.93
C SER E 60 46.27 -45.53 -55.88
N ARG E 61 46.28 -46.77 -55.36
CA ARG E 61 45.05 -47.55 -55.29
C ARG E 61 44.00 -46.85 -54.42
N PHE E 62 44.42 -46.29 -53.29
CA PHE E 62 43.50 -45.53 -52.45
C PHE E 62 43.13 -44.22 -53.14
N THR E 63 41.83 -43.92 -53.19
CA THR E 63 41.34 -42.71 -53.84
C THR E 63 40.10 -42.23 -53.11
N GLY E 64 40.11 -40.96 -52.71
CA GLY E 64 38.98 -40.35 -52.04
C GLY E 64 38.34 -39.28 -52.90
N SER E 65 37.01 -39.19 -52.82
CA SER E 65 36.25 -38.19 -53.57
C SER E 65 35.04 -37.79 -52.75
N GLY E 66 34.24 -36.87 -53.30
CA GLY E 66 33.07 -36.36 -52.63
C GLY E 66 33.27 -34.94 -52.16
N SER E 67 32.15 -34.32 -51.81
CA SER E 67 32.14 -32.92 -51.36
C SER E 67 30.85 -32.70 -50.58
N GLY E 68 30.80 -31.59 -49.84
CA GLY E 68 29.62 -31.23 -49.08
C GLY E 68 29.43 -32.05 -47.82
N THR E 69 28.39 -32.90 -47.82
CA THR E 69 28.08 -33.72 -46.66
C THR E 69 28.36 -35.20 -46.87
N GLU E 70 28.55 -35.65 -48.11
CA GLU E 70 28.77 -37.05 -48.44
C GLU E 70 30.18 -37.23 -48.96
N TYR E 71 30.87 -38.25 -48.45
CA TYR E 71 32.24 -38.55 -48.86
C TYR E 71 32.36 -40.05 -49.13
N THR E 72 33.30 -40.40 -50.02
CA THR E 72 33.49 -41.78 -50.44
C THR E 72 34.98 -42.12 -50.38
N LEU E 73 35.28 -43.36 -50.00
CA LEU E 73 36.63 -43.91 -50.05
C LEU E 73 36.59 -45.23 -50.83
N THR E 74 37.42 -45.34 -51.85
CA THR E 74 37.50 -46.54 -52.67
C THR E 74 38.92 -47.07 -52.64
N ILE E 75 39.04 -48.40 -52.62
CA ILE E 75 40.34 -49.07 -52.60
C ILE E 75 40.34 -50.09 -53.74
N GLY E 76 41.20 -49.88 -54.72
CA GLY E 76 41.28 -50.78 -55.86
C GLY E 76 42.41 -51.77 -55.74
N ASP E 77 42.27 -52.93 -56.38
CA ASP E 77 43.28 -53.98 -56.37
C ASP E 77 43.64 -54.38 -54.94
N LEU E 78 42.64 -54.93 -54.24
CA LEU E 78 42.80 -55.28 -52.83
C LEU E 78 43.88 -56.35 -52.67
N GLU E 79 44.68 -56.22 -51.62
CA GLU E 79 45.78 -57.12 -51.34
C GLU E 79 45.57 -57.79 -49.99
N CYS E 80 46.34 -58.84 -49.74
CA CYS E 80 46.22 -59.59 -48.49
C CYS E 80 46.55 -58.73 -47.29
N ALA E 81 47.45 -57.78 -47.44
CA ALA E 81 47.84 -56.89 -46.34
C ALA E 81 46.85 -55.75 -46.13
N ASP E 82 45.86 -55.60 -47.01
CA ASP E 82 44.89 -54.51 -46.87
C ASP E 82 43.82 -54.79 -45.84
N GLY E 83 43.74 -56.01 -45.31
CA GLY E 83 42.76 -56.33 -44.29
C GLY E 83 42.96 -55.54 -43.02
N ALA E 84 42.07 -54.59 -42.76
CA ALA E 84 42.21 -53.68 -41.64
C ALA E 84 40.87 -52.98 -41.43
N THR E 85 40.87 -51.99 -40.54
CA THR E 85 39.70 -51.18 -40.25
C THR E 85 39.93 -49.76 -40.75
N TYR E 86 38.97 -49.22 -41.49
CA TYR E 86 39.08 -47.90 -42.11
C TYR E 86 38.16 -46.93 -41.40
N TYR E 87 38.64 -45.70 -41.21
CA TYR E 87 37.92 -44.69 -40.45
C TYR E 87 37.89 -43.37 -41.23
N CYS E 88 36.82 -42.61 -41.02
CA CYS E 88 36.70 -41.26 -41.54
C CYS E 88 36.56 -40.29 -40.37
N GLN E 89 37.23 -39.14 -40.48
CA GLN E 89 37.28 -38.20 -39.37
C GLN E 89 37.37 -36.77 -39.90
N SER E 90 36.57 -35.88 -39.33
CA SER E 90 36.69 -34.47 -39.63
C SER E 90 37.98 -33.92 -39.01
N THR E 91 38.57 -32.93 -39.68
CA THR E 91 39.84 -32.34 -39.25
C THR E 91 39.66 -30.90 -38.75
N SER E 92 38.51 -30.61 -38.15
CA SER E 92 38.25 -29.28 -37.59
C SER E 92 38.87 -29.23 -36.19
N TYR E 93 40.04 -28.59 -36.08
CA TYR E 93 40.76 -28.56 -34.82
C TYR E 93 40.25 -27.47 -33.88
N GLY E 94 40.10 -26.25 -34.37
CA GLY E 94 39.62 -25.17 -33.55
C GLY E 94 38.38 -24.50 -34.11
N ASN E 95 37.48 -25.30 -34.69
CA ASN E 95 36.30 -24.79 -35.36
C ASN E 95 35.01 -25.13 -34.62
N ASP E 96 35.09 -25.72 -33.43
CA ASP E 96 33.93 -26.12 -32.63
C ASP E 96 33.14 -27.24 -33.30
N ASP E 97 33.58 -27.68 -34.49
CA ASP E 97 32.93 -28.81 -35.14
C ASP E 97 33.45 -30.14 -34.61
N GLY E 98 34.57 -30.13 -33.88
CA GLY E 98 35.11 -31.35 -33.33
C GLY E 98 35.85 -32.18 -34.35
N ALA E 99 36.35 -33.33 -33.90
CA ALA E 99 37.05 -34.27 -34.76
C ALA E 99 36.61 -35.70 -34.47
N ALA E 100 35.33 -35.92 -34.23
CA ALA E 100 34.82 -37.24 -33.88
C ALA E 100 34.94 -38.19 -35.06
N PHE E 101 35.36 -39.42 -34.80
CA PHE E 101 35.45 -40.44 -35.83
C PHE E 101 34.09 -41.09 -36.07
N GLY E 102 34.01 -41.88 -37.14
CA GLY E 102 32.83 -42.66 -37.43
C GLY E 102 32.99 -44.11 -37.01
N GLY E 103 31.95 -44.89 -37.31
CA GLY E 103 31.99 -46.31 -37.02
C GLY E 103 33.07 -47.00 -37.84
N GLY E 104 33.90 -47.81 -37.17
CA GLY E 104 34.95 -48.51 -37.88
C GLY E 104 34.41 -49.51 -38.87
N THR E 105 35.12 -49.64 -40.00
CA THR E 105 34.71 -50.51 -41.09
C THR E 105 35.82 -51.50 -41.38
N GLU E 106 35.63 -52.74 -40.96
CA GLU E 106 36.60 -53.80 -41.23
C GLU E 106 36.38 -54.37 -42.61
N VAL E 107 37.47 -54.79 -43.25
CA VAL E 107 37.44 -55.37 -44.59
C VAL E 107 37.94 -56.80 -44.50
N VAL E 108 37.29 -57.69 -45.25
CA VAL E 108 37.63 -59.12 -45.26
C VAL E 108 38.11 -59.49 -46.65
N VAL E 109 39.29 -60.08 -46.73
CA VAL E 109 39.87 -60.48 -48.01
C VAL E 109 39.22 -61.77 -48.49
N GLU F 1 60.23 -20.05 35.33
CA GLU F 1 60.78 -19.01 34.46
C GLU F 1 60.67 -17.64 35.10
N SER F 2 60.20 -16.66 34.32
CA SER F 2 60.11 -15.29 34.82
C SER F 2 59.00 -14.54 34.10
N LEU F 3 58.32 -13.67 34.82
CA LEU F 3 57.31 -12.77 34.28
C LEU F 3 57.56 -11.36 34.78
N GLU F 4 57.37 -10.37 33.92
CA GLU F 4 57.65 -8.98 34.25
C GLU F 4 56.51 -8.11 33.75
N GLU F 5 56.31 -6.97 34.42
CA GLU F 5 55.27 -6.02 34.08
C GLU F 5 55.87 -4.65 33.82
N SER F 6 55.20 -3.89 32.95
CA SER F 6 55.61 -2.52 32.65
C SER F 6 54.41 -1.73 32.17
N GLY F 7 54.43 -0.43 32.43
CA GLY F 7 53.36 0.46 32.04
C GLY F 7 52.47 0.96 33.16
N GLY F 8 52.78 0.63 34.41
CA GLY F 8 52.03 1.12 35.55
C GLY F 8 52.54 2.45 36.06
N GLY F 9 52.06 2.81 37.26
CA GLY F 9 52.47 4.04 37.90
C GLY F 9 51.28 4.95 38.18
N LEU F 10 51.51 6.25 38.04
CA LEU F 10 50.51 7.26 38.32
C LEU F 10 49.63 7.48 37.09
N VAL F 11 48.32 7.41 37.28
CA VAL F 11 47.36 7.62 36.21
C VAL F 11 46.30 8.62 36.70
N GLN F 12 45.93 9.55 35.83
CA GLN F 12 44.94 10.55 36.19
C GLN F 12 43.56 9.91 36.32
N PRO F 13 42.74 10.38 37.26
CA PRO F 13 41.38 9.84 37.39
C PRO F 13 40.55 10.11 36.14
N GLY F 14 39.75 9.13 35.75
CA GLY F 14 38.93 9.23 34.57
C GLY F 14 39.65 8.94 33.27
N ALA F 15 40.95 8.64 33.32
CA ALA F 15 41.73 8.36 32.12
C ALA F 15 41.75 6.85 31.86
N SER F 16 42.62 6.43 30.94
CA SER F 16 42.77 5.02 30.61
C SER F 16 44.23 4.62 30.77
N LEU F 17 44.44 3.37 31.18
CA LEU F 17 45.79 2.83 31.37
C LEU F 17 45.93 1.52 30.60
N THR F 18 47.16 1.27 30.14
CA THR F 18 47.51 0.03 29.46
C THR F 18 48.67 -0.60 30.19
N LEU F 19 48.55 -1.89 30.50
CA LEU F 19 49.57 -2.62 31.23
C LEU F 19 49.97 -3.86 30.43
N THR F 20 51.27 -4.15 30.41
CA THR F 20 51.82 -5.24 29.62
C THR F 20 52.57 -6.20 30.54
N CYS F 21 52.38 -7.50 30.32
CA CYS F 21 53.12 -8.56 31.00
C CYS F 21 53.94 -9.31 29.97
N LYS F 22 55.25 -9.33 30.17
CA LYS F 22 56.18 -9.94 29.24
C LYS F 22 56.79 -11.19 29.87
N ALA F 23 56.87 -12.27 29.09
CA ALA F 23 57.37 -13.56 29.55
C ALA F 23 58.81 -13.76 29.09
N SER F 24 59.58 -14.47 29.92
CA SER F 24 60.97 -14.79 29.62
C SER F 24 61.21 -16.25 29.96
N GLY F 25 61.65 -17.02 28.97
CA GLY F 25 61.95 -18.42 29.15
C GLY F 25 60.91 -19.39 28.63
N PHE F 26 59.79 -18.90 28.12
CA PHE F 26 58.76 -19.78 27.57
C PHE F 26 57.91 -18.98 26.58
N SER F 27 56.97 -19.66 25.95
CA SER F 27 56.07 -19.07 24.97
C SER F 27 54.63 -19.24 25.43
N PHE F 28 53.74 -18.43 24.84
CA PHE F 28 52.31 -18.46 25.18
C PHE F 28 51.64 -19.60 24.43
N SER F 29 51.86 -20.81 24.93
CA SER F 29 51.26 -21.98 24.31
C SER F 29 49.78 -22.08 24.66
N SER F 30 49.07 -22.91 23.90
CA SER F 30 47.64 -23.10 24.12
C SER F 30 47.34 -23.82 25.42
N GLY F 31 48.34 -24.39 26.09
CA GLY F 31 48.19 -25.06 27.36
C GLY F 31 48.41 -24.17 28.57
N TYR F 32 48.43 -22.86 28.40
CA TYR F 32 48.60 -21.93 29.51
C TYR F 32 47.71 -20.72 29.32
N TYR F 33 47.17 -20.23 30.43
CA TYR F 33 46.29 -19.06 30.45
C TYR F 33 46.94 -17.94 31.25
N MET F 34 47.06 -16.77 30.64
CA MET F 34 47.54 -15.58 31.34
C MET F 34 46.35 -14.83 31.91
N CYS F 35 46.38 -14.59 33.22
CA CYS F 35 45.30 -13.92 33.92
C CYS F 35 45.83 -12.69 34.62
N TRP F 36 44.93 -11.77 34.94
CA TRP F 36 45.26 -10.55 35.66
C TRP F 36 44.51 -10.53 36.98
N VAL F 37 45.23 -10.24 38.05
CA VAL F 37 44.68 -10.15 39.40
C VAL F 37 45.24 -8.90 40.06
N ARG F 38 44.42 -8.25 40.88
CA ARG F 38 44.80 -7.02 41.56
C ARG F 38 44.74 -7.23 43.06
N GLN F 39 45.54 -6.45 43.78
CA GLN F 39 45.59 -6.49 45.23
C GLN F 39 45.54 -5.07 45.76
N ALA F 40 44.47 -4.73 46.47
CA ALA F 40 44.37 -3.42 47.09
C ALA F 40 45.46 -3.29 48.17
N PRO F 41 45.86 -2.06 48.51
CA PRO F 41 46.97 -1.87 49.44
C PRO F 41 46.80 -2.60 50.76
N GLY F 42 45.57 -2.69 51.26
CA GLY F 42 45.34 -3.37 52.52
C GLY F 42 44.27 -4.45 52.46
N LYS F 43 43.79 -4.78 51.26
CA LYS F 43 42.72 -5.75 51.08
C LYS F 43 43.24 -6.98 50.35
N GLY F 44 42.34 -7.91 50.05
CA GLY F 44 42.69 -9.17 49.44
C GLY F 44 42.81 -9.09 47.93
N LEU F 45 42.91 -10.26 47.31
CA LEU F 45 43.08 -10.38 45.86
C LEU F 45 41.73 -10.31 45.17
N GLU F 46 41.66 -9.52 44.09
CA GLU F 46 40.48 -9.41 43.24
C GLU F 46 40.86 -9.76 41.82
N TRP F 47 40.31 -10.86 41.30
CA TRP F 47 40.60 -11.31 39.95
C TRP F 47 39.94 -10.41 38.92
N ILE F 48 40.57 -10.29 37.75
CA ILE F 48 40.11 -9.40 36.68
C ILE F 48 39.69 -10.17 35.43
N ALA F 49 40.61 -10.87 34.80
CA ALA F 49 40.31 -11.50 33.52
C ALA F 49 41.36 -12.56 33.20
N CYS F 50 41.08 -13.33 32.14
CA CYS F 50 42.00 -14.35 31.64
C CYS F 50 41.92 -14.40 30.13
N THR F 51 42.95 -14.94 29.50
CA THR F 51 42.99 -15.13 28.05
C THR F 51 43.72 -16.42 27.70
N SER F 52 43.09 -17.23 26.86
CA SER F 52 43.70 -18.49 26.42
C SER F 52 44.92 -18.21 25.56
N GLY F 53 45.97 -19.01 25.77
CA GLY F 53 47.16 -18.92 24.95
C GLY F 53 46.98 -19.65 23.62
N GLY F 54 48.04 -19.59 22.81
CA GLY F 54 48.00 -20.25 21.53
C GLY F 54 47.07 -19.56 20.54
N SER F 55 46.58 -20.34 19.57
CA SER F 55 45.72 -19.80 18.53
C SER F 55 44.33 -19.43 19.05
N SER F 56 43.94 -19.96 20.21
CA SER F 56 42.62 -19.68 20.74
C SER F 56 42.48 -18.23 21.15
N GLN F 57 41.34 -17.63 20.80
CA GLN F 57 41.02 -16.25 21.15
C GLN F 57 40.04 -16.19 22.33
N TYR F 58 39.84 -17.30 23.03
CA TYR F 58 38.88 -17.35 24.12
C TYR F 58 39.35 -16.50 25.29
N THR F 59 38.45 -15.64 25.78
CA THR F 59 38.75 -14.75 26.90
C THR F 59 37.61 -14.81 27.90
N ILE F 60 37.94 -14.60 29.17
CA ILE F 60 36.98 -14.60 30.27
C ILE F 60 37.16 -13.30 31.05
N TYR F 61 36.04 -12.64 31.34
CA TYR F 61 36.04 -11.37 32.06
C TYR F 61 35.28 -11.51 33.37
N ALA F 62 35.70 -10.76 34.38
CA ALA F 62 35.02 -10.76 35.66
C ALA F 62 33.71 -9.97 35.56
N ASN F 63 32.81 -10.24 36.50
CA ASN F 63 31.51 -9.58 36.51
C ASN F 63 31.65 -8.08 36.73
N TRP F 64 32.51 -7.67 37.67
CA TRP F 64 32.64 -6.25 37.99
C TRP F 64 33.31 -5.48 36.87
N ALA F 65 34.27 -6.08 36.16
CA ALA F 65 35.03 -5.40 35.13
C ALA F 65 34.68 -5.90 33.72
N LYS F 66 33.44 -6.33 33.50
CA LYS F 66 33.05 -6.82 32.18
C LYS F 66 33.18 -5.73 31.13
N GLY F 67 32.74 -4.52 31.45
CA GLY F 67 32.76 -3.43 30.49
C GLY F 67 33.89 -2.44 30.65
N ARG F 68 34.73 -2.62 31.66
CA ARG F 68 35.80 -1.68 31.95
C ARG F 68 37.20 -2.22 31.72
N SER F 69 37.34 -3.46 31.27
CA SER F 69 38.65 -4.03 30.99
C SER F 69 38.65 -4.68 29.62
N THR F 70 39.83 -4.72 29.00
CA THR F 70 40.02 -5.34 27.70
C THR F 70 41.32 -6.12 27.72
N ILE F 71 41.21 -7.45 27.65
CA ILE F 71 42.37 -8.34 27.72
C ILE F 71 42.50 -9.07 26.40
N SER F 72 43.71 -9.06 25.83
CA SER F 72 43.97 -9.73 24.57
C SER F 72 45.46 -10.02 24.48
N LYS F 73 45.80 -11.05 23.71
CA LYS F 73 47.19 -11.47 23.54
C LYS F 73 47.77 -10.80 22.30
N THR F 74 48.77 -9.94 22.50
CA THR F 74 49.40 -9.25 21.39
C THR F 74 50.46 -10.10 20.68
N SER F 75 51.17 -10.94 21.42
CA SER F 75 52.21 -11.78 20.84
C SER F 75 52.42 -12.98 21.74
N SER F 76 53.33 -13.87 21.30
CA SER F 76 53.61 -15.09 22.06
C SER F 76 54.40 -14.82 23.32
N THR F 77 54.87 -13.60 23.54
CA THR F 77 55.62 -13.26 24.74
C THR F 77 55.02 -12.12 25.56
N THR F 78 54.11 -11.33 24.98
CA THR F 78 53.55 -10.16 25.67
C THR F 78 52.04 -10.23 25.65
N VAL F 79 51.41 -9.71 26.70
CA VAL F 79 49.96 -9.59 26.79
C VAL F 79 49.64 -8.18 27.27
N THR F 80 48.44 -7.70 26.93
CA THR F 80 48.04 -6.34 27.24
C THR F 80 46.64 -6.31 27.86
N LEU F 81 46.51 -5.57 28.95
CA LEU F 81 45.23 -5.34 29.61
C LEU F 81 45.00 -3.84 29.71
N GLN F 82 43.79 -3.40 29.34
CA GLN F 82 43.46 -1.98 29.29
C GLN F 82 42.29 -1.71 30.24
N MET F 83 42.42 -0.65 31.03
CA MET F 83 41.39 -0.22 31.97
C MET F 83 40.78 1.09 31.50
N THR F 84 39.46 1.22 31.66
CA THR F 84 38.74 2.41 31.24
C THR F 84 37.97 2.99 32.42
N SER F 85 37.81 4.32 32.41
CA SER F 85 37.10 5.06 33.44
C SER F 85 37.67 4.75 34.83
N LEU F 86 38.96 5.05 34.99
CA LEU F 86 39.65 4.78 36.24
C LEU F 86 39.06 5.60 37.37
N THR F 87 39.02 5.00 38.56
CA THR F 87 38.44 5.58 39.76
C THR F 87 39.41 5.41 40.91
N ALA F 88 39.28 6.27 41.93
CA ALA F 88 40.18 6.21 43.08
C ALA F 88 40.09 4.89 43.82
N ALA F 89 39.02 4.11 43.61
CA ALA F 89 38.93 2.79 44.21
C ALA F 89 39.72 1.73 43.45
N ASP F 90 40.27 2.08 42.29
CA ASP F 90 40.99 1.13 41.45
C ASP F 90 42.48 1.08 41.72
N THR F 91 43.00 1.92 42.62
CA THR F 91 44.43 1.87 42.92
C THR F 91 44.76 0.59 43.67
N ALA F 92 45.73 -0.15 43.14
CA ALA F 92 46.09 -1.46 43.67
C ALA F 92 47.41 -1.89 43.04
N THR F 93 47.81 -3.13 43.33
CA THR F 93 49.00 -3.73 42.72
C THR F 93 48.55 -4.83 41.77
N TYR F 94 48.93 -4.69 40.51
CA TYR F 94 48.54 -5.64 39.47
C TYR F 94 49.57 -6.76 39.37
N PHE F 95 49.08 -7.99 39.26
CA PHE F 95 49.92 -9.18 39.19
C PHE F 95 49.58 -9.96 37.93
N CYS F 96 50.61 -10.39 37.20
CA CYS F 96 50.43 -11.24 36.03
C CYS F 96 51.10 -12.58 36.28
N ALA F 97 50.37 -13.66 36.05
CA ALA F 97 50.86 -15.01 36.29
C ALA F 97 50.15 -15.98 35.36
N ARG F 98 50.73 -17.16 35.22
CA ARG F 98 50.25 -18.19 34.32
C ARG F 98 49.38 -19.20 35.06
N GLY F 99 48.41 -19.77 34.35
CA GLY F 99 47.58 -20.83 34.88
C GLY F 99 47.43 -21.96 33.89
N PRO F 100 47.87 -23.15 34.29
CA PRO F 100 47.95 -24.27 33.34
C PRO F 100 46.58 -24.71 32.83
N SER F 101 46.58 -25.28 31.62
CA SER F 101 45.36 -25.87 31.05
C SER F 101 44.96 -27.15 31.75
N THR F 102 45.74 -27.60 32.75
CA THR F 102 45.33 -28.66 33.66
C THR F 102 44.27 -28.20 34.66
N TYR F 103 44.00 -26.88 34.73
CA TYR F 103 43.16 -26.29 35.78
C TYR F 103 43.77 -26.55 37.16
N TYR F 104 45.10 -26.52 37.21
CA TYR F 104 45.83 -26.58 38.47
C TYR F 104 45.94 -25.18 39.06
N GLY F 105 46.76 -25.04 40.09
CA GLY F 105 46.94 -23.75 40.73
C GLY F 105 47.72 -22.78 39.87
N MET F 106 47.68 -21.52 40.28
CA MET F 106 48.38 -20.44 39.58
C MET F 106 49.80 -20.39 40.10
N ASP F 107 50.77 -20.57 39.21
CA ASP F 107 52.19 -20.59 39.59
C ASP F 107 52.98 -19.59 38.76
N LEU F 108 54.22 -19.36 39.20
CA LEU F 108 55.14 -18.42 38.56
C LEU F 108 54.54 -17.02 38.49
N TRP F 109 54.32 -16.44 39.67
CA TRP F 109 53.72 -15.12 39.75
C TRP F 109 54.75 -14.03 39.52
N GLY F 110 54.31 -12.92 38.92
CA GLY F 110 55.17 -11.79 38.70
C GLY F 110 55.36 -10.94 39.94
N PRO F 111 56.41 -10.13 39.96
CA PRO F 111 56.63 -9.24 41.13
C PRO F 111 55.51 -8.25 41.36
N GLY F 112 54.87 -7.76 40.31
CA GLY F 112 53.76 -6.83 40.45
C GLY F 112 54.17 -5.39 40.23
N THR F 113 53.19 -4.58 39.83
CA THR F 113 53.38 -3.16 39.57
C THR F 113 52.27 -2.38 40.23
N LEU F 114 52.64 -1.28 40.88
CA LEU F 114 51.68 -0.44 41.61
C LEU F 114 51.10 0.61 40.69
N VAL F 115 49.77 0.71 40.68
CA VAL F 115 49.05 1.72 39.92
C VAL F 115 48.24 2.56 40.90
N THR F 116 48.33 3.89 40.75
CA THR F 116 47.65 4.82 41.64
C THR F 116 46.78 5.75 40.81
N VAL F 117 45.52 5.89 41.21
CA VAL F 117 44.57 6.77 40.53
C VAL F 117 44.45 8.03 41.38
N SER F 118 45.20 9.06 41.01
CA SER F 118 45.22 10.31 41.76
C SER F 118 45.67 11.42 40.83
N SER F 119 45.33 12.66 41.22
CA SER F 119 45.71 13.83 40.44
C SER F 119 46.79 14.63 41.17
N ASP G 1 29.63 -15.48 37.75
CA ASP G 1 30.92 -15.76 38.34
C ASP G 1 30.78 -16.19 39.80
N VAL G 2 31.36 -17.35 40.14
CA VAL G 2 31.27 -17.87 41.49
C VAL G 2 32.01 -16.94 42.46
N VAL G 3 31.46 -16.82 43.67
CA VAL G 3 32.06 -16.02 44.73
C VAL G 3 32.52 -16.95 45.83
N MET G 4 33.64 -16.60 46.47
CA MET G 4 34.22 -17.41 47.53
C MET G 4 34.12 -16.66 48.85
N THR G 5 33.53 -17.31 49.85
CA THR G 5 33.42 -16.76 51.20
C THR G 5 34.40 -17.53 52.09
N GLN G 6 35.48 -16.88 52.48
CA GLN G 6 36.56 -17.50 53.22
C GLN G 6 36.56 -16.99 54.65
N THR G 7 36.46 -17.90 55.61
CA THR G 7 36.38 -17.60 57.03
C THR G 7 37.34 -18.50 57.78
N PRO G 8 37.79 -18.09 58.97
CA PRO G 8 37.57 -16.80 59.65
C PRO G 8 38.47 -15.71 59.10
N ALA G 9 38.09 -14.44 59.27
CA ALA G 9 38.89 -13.34 58.74
C ALA G 9 40.27 -13.28 59.41
N SER G 10 40.31 -13.47 60.73
CA SER G 10 41.56 -13.45 61.48
C SER G 10 41.60 -14.65 62.41
N VAL G 11 42.76 -15.32 62.43
CA VAL G 11 42.97 -16.49 63.28
C VAL G 11 44.35 -16.41 63.92
N SER G 12 44.42 -16.85 65.18
CA SER G 12 45.67 -16.85 65.92
C SER G 12 45.87 -18.22 66.55
N GLU G 13 47.04 -18.82 66.32
CA GLU G 13 47.38 -20.12 66.87
C GLU G 13 48.79 -20.09 67.42
N PRO G 14 49.07 -20.87 68.45
CA PRO G 14 50.42 -20.91 69.01
C PRO G 14 51.38 -21.70 68.11
N VAL G 15 52.63 -21.78 68.56
CA VAL G 15 53.65 -22.49 67.79
C VAL G 15 53.42 -23.99 67.93
N GLY G 16 53.42 -24.68 66.80
CA GLY G 16 53.19 -26.12 66.77
C GLY G 16 51.74 -26.54 66.68
N GLY G 17 50.81 -25.60 66.70
CA GLY G 17 49.39 -25.91 66.62
C GLY G 17 48.93 -26.06 65.18
N THR G 18 47.61 -26.18 65.04
CA THR G 18 46.96 -26.35 63.74
C THR G 18 45.94 -25.25 63.53
N VAL G 19 45.89 -24.72 62.31
CA VAL G 19 44.95 -23.67 61.93
C VAL G 19 44.16 -24.15 60.72
N THR G 20 42.84 -24.03 60.80
CA THR G 20 41.93 -24.48 59.76
C THR G 20 41.18 -23.29 59.17
N THR G 21 41.10 -23.24 57.84
CA THR G 21 40.43 -22.16 57.12
C THR G 21 39.37 -22.76 56.21
N LYS G 22 38.20 -22.13 56.17
CA LYS G 22 37.06 -22.61 55.42
C LYS G 22 36.82 -21.75 54.19
N CYS G 23 36.58 -22.41 53.06
CA CYS G 23 36.20 -21.74 51.81
C CYS G 23 34.89 -22.31 51.30
N GLN G 24 33.95 -21.43 50.97
CA GLN G 24 32.64 -21.81 50.45
C GLN G 24 32.40 -21.15 49.11
N ALA G 25 31.78 -21.87 48.19
CA ALA G 25 31.46 -21.38 46.86
C ALA G 25 29.95 -21.26 46.68
N SER G 26 29.54 -20.38 45.76
CA SER G 26 28.13 -20.23 45.45
C SER G 26 27.60 -21.41 44.65
N GLN G 27 28.44 -22.01 43.79
CA GLN G 27 28.06 -23.20 43.05
C GLN G 27 29.13 -24.27 43.20
N ASN G 28 28.79 -25.48 42.80
CA ASN G 28 29.72 -26.60 42.84
C ASN G 28 30.79 -26.42 41.79
N ILE G 29 32.06 -26.47 42.22
CA ILE G 29 33.19 -26.24 41.31
C ILE G 29 33.87 -27.52 40.86
N PHE G 30 33.58 -28.66 41.52
CA PHE G 30 34.21 -29.94 41.22
C PHE G 30 35.73 -29.85 41.37
N ASN G 31 36.14 -29.62 42.61
CA ASN G 31 37.54 -29.42 42.99
C ASN G 31 38.03 -28.16 42.29
N ASN G 32 39.10 -28.21 41.49
CA ASN G 32 39.60 -27.05 40.75
C ASN G 32 39.86 -25.86 41.69
N LEU G 33 40.47 -26.15 42.84
CA LEU G 33 40.77 -25.14 43.84
C LEU G 33 42.28 -25.00 44.02
N ALA G 34 42.70 -23.80 44.40
CA ALA G 34 44.12 -23.50 44.64
C ALA G 34 44.24 -22.66 45.90
N TRP G 35 45.17 -23.02 46.77
CA TRP G 35 45.41 -22.31 48.01
C TRP G 35 46.76 -21.61 47.94
N TYR G 36 46.85 -20.40 48.48
CA TYR G 36 48.04 -19.58 48.37
C TYR G 36 48.45 -19.01 49.72
N GLN G 37 49.75 -18.74 49.86
CA GLN G 37 50.31 -18.10 51.04
C GLN G 37 50.97 -16.80 50.64
N GLN G 38 50.51 -15.70 51.22
CA GLN G 38 50.96 -14.37 50.81
C GLN G 38 51.78 -13.77 51.94
N LYS G 39 53.01 -13.54 51.68
CA LYS G 39 53.78 -12.78 52.64
C LYS G 39 53.75 -11.29 52.31
N PRO G 40 53.82 -10.44 53.33
CA PRO G 40 53.84 -8.98 53.10
C PRO G 40 55.03 -8.58 52.24
N GLY G 41 54.77 -7.74 51.25
CA GLY G 41 55.79 -7.31 50.32
C GLY G 41 56.21 -8.36 49.31
N GLN G 42 55.52 -9.50 49.24
CA GLN G 42 55.88 -10.59 48.36
C GLN G 42 54.68 -11.03 47.53
N PRO G 43 54.88 -11.34 46.25
CA PRO G 43 53.79 -11.87 45.44
C PRO G 43 53.30 -13.19 45.97
N PRO G 44 52.04 -13.51 45.68
CA PRO G 44 51.44 -14.76 46.17
C PRO G 44 52.23 -15.96 45.66
N LYS G 45 52.38 -16.97 46.54
CA LYS G 45 53.01 -18.24 46.21
C LYS G 45 52.03 -19.40 46.36
N LEU G 46 52.10 -20.34 45.43
CA LEU G 46 51.19 -21.48 45.43
C LEU G 46 51.55 -22.45 46.54
N LEU G 47 50.52 -23.00 47.19
CA LEU G 47 50.68 -24.07 48.17
C LEU G 47 50.02 -25.37 47.71
N ILE G 48 48.72 -25.35 47.43
CA ILE G 48 47.96 -26.55 47.13
C ILE G 48 47.22 -26.35 45.81
N SER G 49 47.32 -27.33 44.92
CA SER G 49 46.61 -27.33 43.65
C SER G 49 45.61 -28.48 43.63
N ASP G 50 44.49 -28.26 42.94
CA ASP G 50 43.38 -29.22 42.85
C ASP G 50 42.78 -29.53 44.21
N ALA G 51 43.06 -28.70 45.21
CA ALA G 51 42.51 -28.79 46.55
C ALA G 51 42.99 -30.03 47.32
N SER G 52 43.76 -30.89 46.66
CA SER G 52 44.30 -32.07 47.33
C SER G 52 45.75 -32.37 46.99
N ASN G 53 46.32 -31.77 45.94
CA ASN G 53 47.66 -32.08 45.49
C ASN G 53 48.63 -30.99 45.94
N LEU G 54 49.78 -31.42 46.45
CA LEU G 54 50.83 -30.51 46.91
C LEU G 54 51.90 -30.39 45.83
N ALA G 55 52.29 -29.15 45.54
CA ALA G 55 53.28 -28.88 44.50
C ALA G 55 54.69 -29.18 45.01
N SER G 56 55.66 -29.07 44.11
CA SER G 56 57.05 -29.33 44.47
C SER G 56 57.57 -28.26 45.42
N GLY G 57 58.40 -28.68 46.36
CA GLY G 57 58.94 -27.76 47.35
C GLY G 57 57.96 -27.31 48.40
N VAL G 58 56.87 -28.04 48.59
CA VAL G 58 55.84 -27.71 49.57
C VAL G 58 55.88 -28.75 50.67
N SER G 59 55.98 -28.30 51.92
CA SER G 59 56.04 -29.20 53.05
C SER G 59 54.71 -29.94 53.23
N SER G 60 54.79 -31.14 53.80
CA SER G 60 53.61 -31.97 54.00
C SER G 60 52.67 -31.41 55.07
N ARG G 61 53.09 -30.39 55.81
CA ARG G 61 52.24 -29.82 56.85
C ARG G 61 50.96 -29.25 56.26
N PHE G 62 51.06 -28.56 55.13
CA PHE G 62 49.88 -28.04 54.46
C PHE G 62 49.09 -29.19 53.84
N THR G 63 47.80 -29.26 54.15
CA THR G 63 46.93 -30.29 53.59
C THR G 63 45.56 -29.70 53.29
N GLY G 64 45.03 -30.04 52.12
CA GLY G 64 43.71 -29.58 51.70
C GLY G 64 42.78 -30.75 51.46
N SER G 65 41.50 -30.52 51.75
CA SER G 65 40.49 -31.56 51.54
C SER G 65 39.15 -30.88 51.28
N GLY G 66 38.10 -31.70 51.19
CA GLY G 66 36.78 -31.23 50.84
C GLY G 66 36.48 -31.44 49.36
N SER G 67 35.21 -31.24 49.03
CA SER G 67 34.72 -31.46 47.67
C SER G 67 33.43 -30.66 47.51
N GLY G 68 33.01 -30.49 46.25
CA GLY G 68 31.75 -29.84 45.98
C GLY G 68 31.74 -28.36 46.32
N THR G 69 31.14 -28.00 47.46
CA THR G 69 31.06 -26.60 47.85
C THR G 69 31.95 -26.24 49.02
N GLU G 70 32.19 -27.15 49.95
CA GLU G 70 32.89 -26.85 51.20
C GLU G 70 34.31 -27.38 51.12
N TYR G 71 35.29 -26.51 51.39
CA TYR G 71 36.70 -26.86 51.30
C TYR G 71 37.40 -26.45 52.59
N THR G 72 38.45 -27.20 52.93
CA THR G 72 39.18 -26.99 54.18
C THR G 72 40.67 -26.89 53.89
N LEU G 73 41.34 -25.95 54.54
CA LEU G 73 42.78 -25.83 54.50
C LEU G 73 43.33 -25.95 55.92
N THR G 74 44.16 -26.96 56.15
CA THR G 74 44.70 -27.22 57.47
C THR G 74 46.22 -27.12 57.41
N ILE G 75 46.79 -26.35 58.33
CA ILE G 75 48.24 -26.17 58.43
C ILE G 75 48.67 -26.69 59.80
N GLY G 76 49.48 -27.75 59.81
CA GLY G 76 49.94 -28.32 61.06
C GLY G 76 51.35 -27.89 61.41
N ASP G 77 51.66 -27.88 62.71
CA ASP G 77 52.99 -27.48 63.20
C ASP G 77 53.36 -26.08 62.71
N LEU G 78 52.57 -25.10 63.16
CA LEU G 78 52.77 -23.72 62.74
C LEU G 78 54.13 -23.22 63.20
N GLU G 79 54.78 -22.45 62.32
CA GLU G 79 56.12 -21.93 62.56
C GLU G 79 56.09 -20.41 62.53
N CYS G 80 57.18 -19.80 63.01
CA CYS G 80 57.26 -18.34 63.04
C CYS G 80 57.19 -17.73 61.65
N ALA G 81 57.72 -18.42 60.64
CA ALA G 81 57.68 -17.93 59.28
C ALA G 81 56.35 -18.21 58.59
N ASP G 82 55.47 -18.97 59.22
CA ASP G 82 54.16 -19.25 58.63
C ASP G 82 53.19 -18.09 58.75
N GLY G 83 53.56 -17.03 59.48
CA GLY G 83 52.70 -15.87 59.59
C GLY G 83 52.50 -15.18 58.25
N ALA G 84 51.31 -15.32 57.68
CA ALA G 84 51.00 -14.80 56.36
C ALA G 84 49.49 -14.77 56.21
N THR G 85 49.01 -14.38 55.04
CA THR G 85 47.58 -14.34 54.75
C THR G 85 47.27 -15.33 53.63
N TYR G 86 46.30 -16.21 53.87
CA TYR G 86 46.03 -17.35 53.00
C TYR G 86 44.73 -17.14 52.24
N TYR G 87 44.71 -17.60 50.99
CA TYR G 87 43.58 -17.42 50.09
C TYR G 87 43.14 -18.75 49.50
N CYS G 88 41.87 -18.80 49.12
CA CYS G 88 41.32 -19.91 48.32
C CYS G 88 40.80 -19.35 47.01
N GLN G 89 41.10 -20.03 45.91
CA GLN G 89 40.91 -19.47 44.58
C GLN G 89 40.44 -20.54 43.62
N SER G 90 39.33 -20.27 42.92
CA SER G 90 38.83 -21.20 41.92
C SER G 90 39.63 -21.09 40.63
N THR G 91 39.98 -22.24 40.06
CA THR G 91 40.86 -22.31 38.89
C THR G 91 40.09 -22.51 37.59
N SER G 92 38.89 -21.94 37.50
CA SER G 92 38.10 -22.00 36.27
C SER G 92 38.51 -20.82 35.38
N TYR G 93 39.58 -21.02 34.61
CA TYR G 93 40.15 -19.95 33.80
C TYR G 93 39.31 -19.65 32.56
N GLY G 94 38.74 -20.68 31.93
CA GLY G 94 37.94 -20.49 30.73
C GLY G 94 36.60 -21.19 30.78
N ASN G 95 35.98 -21.21 31.96
CA ASN G 95 34.72 -21.92 32.18
C ASN G 95 33.54 -21.00 32.47
N ASP G 96 33.73 -19.67 32.38
CA ASP G 96 32.69 -18.69 32.68
C ASP G 96 32.33 -18.70 34.17
N ASP G 97 32.97 -19.58 34.94
CA ASP G 97 32.77 -19.57 36.39
C ASP G 97 33.57 -18.46 37.06
N GLY G 98 34.50 -17.84 36.34
CA GLY G 98 35.34 -16.82 36.92
C GLY G 98 36.48 -17.41 37.72
N ALA G 99 37.34 -16.51 38.19
CA ALA G 99 38.48 -16.90 39.00
C ALA G 99 38.65 -15.97 40.20
N ALA G 100 37.55 -15.52 40.77
CA ALA G 100 37.60 -14.57 41.88
C ALA G 100 38.17 -15.23 43.13
N PHE G 101 38.92 -14.45 43.91
CA PHE G 101 39.48 -14.93 45.16
C PHE G 101 38.52 -14.67 46.31
N GLY G 102 38.79 -15.32 47.45
CA GLY G 102 38.02 -15.12 48.65
C GLY G 102 38.68 -14.12 49.59
N GLY G 103 38.00 -13.88 50.71
CA GLY G 103 38.53 -12.96 51.71
C GLY G 103 39.82 -13.49 52.31
N GLY G 104 40.84 -12.64 52.36
CA GLY G 104 42.12 -13.05 52.91
C GLY G 104 42.03 -13.38 54.39
N THR G 105 42.83 -14.36 54.80
CA THR G 105 42.84 -14.85 56.18
C THR G 105 44.26 -14.80 56.71
N GLU G 106 44.54 -13.80 57.55
CA GLU G 106 45.85 -13.67 58.16
C GLU G 106 45.95 -14.57 59.38
N VAL G 107 47.15 -15.08 59.64
CA VAL G 107 47.42 -15.95 60.78
C VAL G 107 48.43 -15.25 61.68
N VAL G 108 48.21 -15.36 62.99
CA VAL G 108 49.06 -14.73 63.99
C VAL G 108 49.68 -15.84 64.83
N VAL G 109 51.01 -15.82 64.94
CA VAL G 109 51.73 -16.82 65.70
C VAL G 109 51.66 -16.53 67.20
N GLU H 1 65.62 21.56 5.65
CA GLU H 1 65.62 20.11 5.52
C GLU H 1 65.45 19.69 4.06
N SER H 2 64.56 18.74 3.81
CA SER H 2 64.35 18.24 2.47
C SER H 2 62.96 17.64 2.34
N LEU H 3 62.36 17.80 1.16
CA LEU H 3 61.10 17.17 0.81
C LEU H 3 61.25 16.53 -0.57
N GLU H 4 60.71 15.32 -0.71
CA GLU H 4 60.83 14.56 -1.94
C GLU H 4 59.48 13.99 -2.35
N GLU H 5 59.29 13.80 -3.65
CA GLU H 5 58.05 13.26 -4.18
C GLU H 5 58.34 11.99 -4.97
N SER H 6 57.33 11.11 -5.02
CA SER H 6 57.41 9.89 -5.80
C SER H 6 56.00 9.43 -6.13
N GLY H 7 55.87 8.67 -7.21
CA GLY H 7 54.59 8.17 -7.67
C GLY H 7 53.98 8.90 -8.85
N GLY H 8 54.71 9.83 -9.47
CA GLY H 8 54.24 10.53 -10.63
C GLY H 8 54.59 9.79 -11.92
N GLY H 9 54.46 10.51 -13.03
CA GLY H 9 54.79 9.98 -14.34
C GLY H 9 53.57 9.92 -15.25
N LEU H 10 53.56 8.92 -16.12
CA LEU H 10 52.50 8.75 -17.10
C LEU H 10 51.29 8.11 -16.44
N VAL H 11 50.12 8.69 -16.67
CA VAL H 11 48.85 8.17 -16.19
C VAL H 11 47.84 8.17 -17.32
N GLN H 12 47.09 7.09 -17.45
CA GLN H 12 46.09 6.99 -18.52
C GLN H 12 44.95 7.96 -18.26
N PRO H 13 44.35 8.52 -19.31
CA PRO H 13 43.22 9.43 -19.13
C PRO H 13 42.03 8.71 -18.50
N GLY H 14 41.32 9.42 -17.62
CA GLY H 14 40.17 8.86 -16.94
C GLY H 14 40.49 7.97 -15.77
N ALA H 15 41.77 7.77 -15.44
CA ALA H 15 42.17 6.89 -14.35
C ALA H 15 42.42 7.72 -13.10
N SER H 16 42.97 7.08 -12.06
CA SER H 16 43.31 7.74 -10.81
C SER H 16 44.77 7.48 -10.49
N LEU H 17 45.43 8.49 -9.95
CA LEU H 17 46.85 8.41 -9.61
C LEU H 17 47.06 8.80 -8.15
N THR H 18 48.15 8.30 -7.59
CA THR H 18 48.52 8.58 -6.20
C THR H 18 49.92 9.16 -6.17
N LEU H 19 50.09 10.29 -5.50
CA LEU H 19 51.38 10.95 -5.36
C LEU H 19 51.72 11.05 -3.88
N THR H 20 52.97 10.72 -3.55
CA THR H 20 53.42 10.67 -2.16
C THR H 20 54.55 11.66 -1.94
N CYS H 21 54.50 12.39 -0.84
CA CYS H 21 55.55 13.31 -0.42
C CYS H 21 56.19 12.78 0.85
N LYS H 22 57.51 12.67 0.83
CA LYS H 22 58.28 12.13 1.95
C LYS H 22 59.17 13.21 2.54
N ALA H 23 59.14 13.35 3.86
CA ALA H 23 59.94 14.34 4.57
C ALA H 23 61.23 13.72 5.07
N SER H 24 62.28 14.54 5.13
CA SER H 24 63.59 14.10 5.60
C SER H 24 64.19 15.19 6.48
N GLY H 25 64.41 14.86 7.75
CA GLY H 25 65.00 15.80 8.69
C GLY H 25 64.04 16.42 9.67
N PHE H 26 62.76 16.07 9.62
CA PHE H 26 61.77 16.63 10.54
C PHE H 26 60.55 15.70 10.54
N SER H 27 59.52 16.12 11.29
CA SER H 27 58.28 15.38 11.39
C SER H 27 57.10 16.29 11.10
N PHE H 28 55.98 15.69 10.69
CA PHE H 28 54.76 16.42 10.38
C PHE H 28 54.02 16.73 11.68
N SER H 29 54.58 17.66 12.46
CA SER H 29 53.96 18.08 13.70
C SER H 29 52.76 18.98 13.42
N SER H 30 52.00 19.26 14.48
CA SER H 30 50.85 20.14 14.37
C SER H 30 51.23 21.58 14.05
N GLY H 31 52.51 21.95 14.19
CA GLY H 31 52.99 23.26 13.85
C GLY H 31 53.39 23.44 12.40
N TYR H 32 53.14 22.46 11.55
CA TYR H 32 53.45 22.55 10.14
C TYR H 32 52.36 21.85 9.34
N TYR H 33 51.94 22.46 8.25
CA TYR H 33 50.90 21.91 7.39
C TYR H 33 51.48 21.52 6.04
N MET H 34 51.13 20.32 5.58
CA MET H 34 51.41 19.90 4.22
C MET H 34 50.50 20.66 3.26
N CYS H 35 50.94 20.83 2.02
CA CYS H 35 50.13 21.43 0.98
C CYS H 35 50.55 20.88 -0.38
N TRP H 36 49.59 20.87 -1.31
CA TRP H 36 49.82 20.45 -2.69
C TRP H 36 49.53 21.60 -3.62
N VAL H 37 50.42 21.83 -4.58
CA VAL H 37 50.28 22.89 -5.56
C VAL H 37 50.75 22.37 -6.91
N ARG H 38 50.13 22.85 -7.98
CA ARG H 38 50.40 22.37 -9.34
C ARG H 38 50.80 23.53 -10.24
N GLN H 39 51.51 23.19 -11.32
CA GLN H 39 51.96 24.17 -12.30
C GLN H 39 51.76 23.62 -13.70
N ALA H 40 50.94 24.31 -14.50
CA ALA H 40 50.84 23.98 -15.91
C ALA H 40 52.18 24.24 -16.60
N PRO H 41 52.47 23.52 -17.70
CA PRO H 41 53.79 23.62 -18.33
C PRO H 41 54.19 25.04 -18.71
N GLY H 42 53.22 25.85 -19.16
CA GLY H 42 53.52 27.20 -19.58
C GLY H 42 52.69 28.25 -18.88
N LYS H 43 51.98 27.86 -17.82
CA LYS H 43 51.13 28.75 -17.07
C LYS H 43 51.63 28.84 -15.64
N GLY H 44 50.86 29.52 -14.79
CA GLY H 44 51.25 29.78 -13.42
C GLY H 44 50.83 28.67 -12.48
N LEU H 45 50.97 28.97 -11.18
CA LEU H 45 50.73 27.99 -10.14
C LEU H 45 49.25 27.97 -9.75
N GLU H 46 48.76 26.80 -9.36
CA GLU H 46 47.38 26.60 -8.92
C GLU H 46 47.39 25.74 -7.66
N TRP H 47 46.80 26.25 -6.58
CA TRP H 47 46.77 25.54 -5.32
C TRP H 47 45.74 24.42 -5.35
N ILE H 48 46.01 23.35 -4.59
CA ILE H 48 45.19 22.13 -4.60
C ILE H 48 44.52 21.89 -3.24
N ALA H 49 45.32 21.66 -2.20
CA ALA H 49 44.77 21.30 -0.89
C ALA H 49 45.88 21.38 0.15
N CYS H 50 45.47 21.34 1.42
CA CYS H 50 46.40 21.29 2.54
C CYS H 50 45.81 20.44 3.65
N THR H 51 46.68 19.92 4.51
CA THR H 51 46.28 19.12 5.67
C THR H 51 47.16 19.49 6.86
N SER H 52 46.51 19.82 7.97
CA SER H 52 47.24 20.14 9.19
C SER H 52 47.92 18.91 9.76
N GLY H 53 49.14 19.08 10.26
CA GLY H 53 49.89 17.99 10.83
C GLY H 53 49.48 17.67 12.26
N GLY H 54 50.22 16.74 12.85
CA GLY H 54 49.94 16.34 14.22
C GLY H 54 48.69 15.49 14.32
N SER H 55 48.11 15.46 15.52
CA SER H 55 46.91 14.67 15.76
C SER H 55 45.69 15.25 15.05
N SER H 56 45.73 16.52 14.67
CA SER H 56 44.59 17.14 14.00
C SER H 56 44.37 16.53 12.62
N GLN H 57 43.10 16.28 12.31
CA GLN H 57 42.70 15.75 11.01
C GLN H 57 42.08 16.83 10.12
N TYR H 58 42.31 18.10 10.46
CA TYR H 58 41.72 19.20 9.70
C TYR H 58 42.34 19.28 8.30
N THR H 59 41.49 19.28 7.28
CA THR H 59 41.93 19.34 5.89
C THR H 59 41.13 20.41 5.16
N ILE H 60 41.77 21.05 4.19
CA ILE H 60 41.16 22.10 3.39
C ILE H 60 41.37 21.75 1.91
N TYR H 61 40.29 21.87 1.13
CA TYR H 61 40.30 21.55 -0.28
C TYR H 61 40.01 22.79 -1.11
N ALA H 62 40.54 22.83 -2.33
CA ALA H 62 40.23 23.92 -3.24
C ALA H 62 38.84 23.76 -3.83
N ASN H 63 38.30 24.87 -4.34
CA ASN H 63 36.97 24.84 -4.94
C ASN H 63 36.95 23.98 -6.20
N TRP H 64 38.00 24.08 -7.03
CA TRP H 64 38.01 23.35 -8.30
C TRP H 64 38.15 21.85 -8.10
N ALA H 65 38.94 21.42 -7.12
CA ALA H 65 39.21 20.02 -6.88
C ALA H 65 38.51 19.49 -5.64
N LYS H 66 37.38 20.08 -5.25
CA LYS H 66 36.69 19.65 -4.04
C LYS H 66 36.23 18.20 -4.16
N GLY H 67 35.70 17.82 -5.32
CA GLY H 67 35.20 16.47 -5.51
C GLY H 67 36.16 15.53 -6.20
N ARG H 68 37.32 16.03 -6.61
CA ARG H 68 38.27 15.25 -7.37
C ARG H 68 39.63 15.05 -6.69
N SER H 69 39.78 15.47 -5.44
CA SER H 69 41.01 15.23 -4.70
C SER H 69 40.68 14.71 -3.30
N THR H 70 41.60 13.93 -2.74
CA THR H 70 41.47 13.39 -1.40
C THR H 70 42.84 13.45 -0.73
N ILE H 71 42.95 14.22 0.34
CA ILE H 71 44.21 14.42 1.04
C ILE H 71 44.03 13.97 2.48
N SER H 72 44.96 13.13 2.95
CA SER H 72 44.93 12.62 4.32
C SER H 72 46.34 12.21 4.71
N LYS H 73 46.64 12.32 6.00
CA LYS H 73 47.96 12.00 6.51
C LYS H 73 48.04 10.52 6.86
N THR H 74 49.02 9.83 6.31
CA THR H 74 49.23 8.42 6.60
C THR H 74 50.27 8.18 7.70
N SER H 75 51.29 9.03 7.77
CA SER H 75 52.32 8.91 8.80
C SER H 75 52.98 10.26 8.99
N SER H 76 53.87 10.31 9.99
CA SER H 76 54.56 11.56 10.31
C SER H 76 55.59 11.96 9.26
N THR H 77 55.94 11.07 8.34
CA THR H 77 56.94 11.38 7.32
C THR H 77 56.51 11.03 5.91
N THR H 78 55.42 10.29 5.72
CA THR H 78 54.90 9.96 4.39
C THR H 78 53.43 10.35 4.34
N VAL H 79 52.96 10.71 3.15
CA VAL H 79 51.61 11.20 2.95
C VAL H 79 51.25 11.05 1.48
N THR H 80 49.95 11.00 1.20
CA THR H 80 49.47 10.72 -0.15
C THR H 80 48.34 11.67 -0.54
N LEU H 81 48.33 12.06 -1.82
CA LEU H 81 47.22 12.78 -2.43
C LEU H 81 46.71 11.97 -3.61
N GLN H 82 45.40 11.75 -3.66
CA GLN H 82 44.78 10.95 -4.70
C GLN H 82 43.82 11.81 -5.50
N MET H 83 43.90 11.74 -6.82
CA MET H 83 43.04 12.47 -7.72
C MET H 83 42.39 11.51 -8.70
N THR H 84 41.12 11.76 -9.03
CA THR H 84 40.34 10.87 -9.88
C THR H 84 39.92 11.61 -11.14
N SER H 85 39.58 10.83 -12.17
CA SER H 85 39.09 11.34 -13.45
C SER H 85 40.08 12.34 -14.07
N LEU H 86 41.31 11.88 -14.23
CA LEU H 86 42.37 12.72 -14.77
C LEU H 86 42.08 13.08 -16.23
N THR H 87 42.31 14.34 -16.57
CA THR H 87 42.13 14.86 -17.92
C THR H 87 43.43 15.51 -18.39
N ALA H 88 43.50 15.75 -19.70
CA ALA H 88 44.68 16.39 -20.28
C ALA H 88 44.94 17.77 -19.70
N ALA H 89 43.91 18.44 -19.16
CA ALA H 89 44.11 19.73 -18.52
C ALA H 89 44.82 19.60 -17.18
N ASP H 90 44.86 18.40 -16.60
CA ASP H 90 45.51 18.19 -15.32
C ASP H 90 47.01 17.90 -15.46
N THR H 91 47.53 17.85 -16.69
CA THR H 91 48.97 17.66 -16.88
C THR H 91 49.72 18.86 -16.30
N ALA H 92 50.44 18.62 -15.21
CA ALA H 92 51.08 19.71 -14.47
C ALA H 92 52.22 19.12 -13.65
N THR H 93 53.00 20.01 -13.03
CA THR H 93 54.07 19.63 -12.12
C THR H 93 53.62 19.92 -10.70
N TYR H 94 53.70 18.90 -9.84
CA TYR H 94 53.19 18.99 -8.49
C TYR H 94 54.33 19.27 -7.52
N PHE H 95 54.13 20.22 -6.62
CA PHE H 95 55.13 20.63 -5.65
C PHE H 95 54.60 20.38 -4.24
N CYS H 96 55.44 19.78 -3.40
CA CYS H 96 55.09 19.53 -2.01
C CYS H 96 55.82 20.53 -1.12
N ALA H 97 55.05 21.38 -0.44
CA ALA H 97 55.61 22.46 0.37
C ALA H 97 55.02 22.40 1.77
N ARG H 98 55.75 22.98 2.71
CA ARG H 98 55.36 23.01 4.11
C ARG H 98 54.99 24.44 4.52
N GLY H 99 54.10 24.56 5.50
CA GLY H 99 53.67 25.84 5.99
C GLY H 99 53.79 25.95 7.49
N PRO H 100 54.53 26.95 7.96
CA PRO H 100 54.70 27.13 9.40
C PRO H 100 53.39 27.50 10.08
N SER H 101 53.30 27.22 11.38
CA SER H 101 52.09 27.47 12.14
C SER H 101 51.79 28.95 12.28
N THR H 102 52.75 29.82 11.96
CA THR H 102 52.57 31.26 12.09
C THR H 102 51.71 31.84 10.96
N TYR H 103 51.27 31.01 10.01
CA TYR H 103 50.62 31.48 8.78
C TYR H 103 51.59 32.34 7.96
N TYR H 104 52.85 31.94 7.97
CA TYR H 104 53.86 32.56 7.13
C TYR H 104 53.87 31.88 5.77
N GLY H 105 54.80 32.29 4.91
CA GLY H 105 54.83 31.79 3.56
C GLY H 105 55.39 30.39 3.45
N MET H 106 55.32 29.85 2.24
CA MET H 106 55.83 28.53 1.92
C MET H 106 57.36 28.56 1.91
N ASP H 107 57.97 27.75 2.76
CA ASP H 107 59.41 27.53 2.73
C ASP H 107 59.71 26.06 2.52
N LEU H 108 60.93 25.77 2.06
CA LEU H 108 61.40 24.41 1.82
C LEU H 108 60.50 23.67 0.83
N TRP H 109 60.48 24.17 -0.40
CA TRP H 109 59.68 23.56 -1.45
C TRP H 109 60.32 22.27 -1.94
N GLY H 110 59.49 21.39 -2.49
CA GLY H 110 59.96 20.17 -3.09
C GLY H 110 60.43 20.39 -4.52
N PRO H 111 61.27 19.50 -5.03
CA PRO H 111 61.74 19.64 -6.42
C PRO H 111 60.62 19.56 -7.45
N GLY H 112 59.57 18.79 -7.19
CA GLY H 112 58.47 18.66 -8.10
C GLY H 112 58.55 17.42 -8.97
N THR H 113 57.39 16.89 -9.31
CA THR H 113 57.27 15.71 -10.16
C THR H 113 56.24 15.98 -11.25
N LEU H 114 56.59 15.64 -12.48
CA LEU H 114 55.73 15.90 -13.62
C LEU H 114 54.80 14.71 -13.87
N VAL H 115 53.52 15.00 -14.07
CA VAL H 115 52.52 13.98 -14.41
C VAL H 115 51.98 14.30 -15.80
N THR H 116 51.82 13.26 -16.61
CA THR H 116 51.33 13.40 -17.98
C THR H 116 50.07 12.55 -18.13
N VAL H 117 48.98 13.17 -18.59
CA VAL H 117 47.71 12.49 -18.79
C VAL H 117 47.55 12.31 -20.30
N SER H 118 47.97 11.16 -20.80
CA SER H 118 47.86 10.85 -22.22
C SER H 118 47.90 9.34 -22.41
N SER H 119 47.46 8.91 -23.58
CA SER H 119 47.44 7.49 -23.91
C SER H 119 48.77 7.04 -24.49
N ASP I 1 36.31 30.17 -1.43
CA ASP I 1 37.74 30.39 -1.57
C ASP I 1 38.04 31.74 -2.20
N VAL I 2 38.99 32.46 -1.62
CA VAL I 2 39.35 33.77 -2.13
C VAL I 2 40.09 33.63 -3.46
N VAL I 3 39.77 34.51 -4.40
CA VAL I 3 40.38 34.54 -5.71
C VAL I 3 41.34 35.73 -5.77
N MET I 4 42.51 35.52 -6.34
CA MET I 4 43.58 36.50 -6.31
C MET I 4 43.93 36.91 -7.74
N THR I 5 43.82 38.21 -8.03
CA THR I 5 44.17 38.76 -9.34
C THR I 5 45.47 39.54 -9.20
N GLN I 6 46.45 39.22 -10.05
CA GLN I 6 47.76 39.86 -10.03
C GLN I 6 48.00 40.54 -11.36
N THR I 7 48.34 41.83 -11.31
CA THR I 7 48.59 42.65 -12.48
C THR I 7 49.88 43.42 -12.27
N PRO I 8 50.59 43.77 -13.36
CA PRO I 8 50.33 43.43 -14.77
C PRO I 8 50.78 42.01 -15.09
N ALA I 9 50.28 41.45 -16.20
CA ALA I 9 50.71 40.11 -16.60
C ALA I 9 52.18 40.09 -16.98
N SER I 10 52.65 41.12 -17.70
CA SER I 10 54.03 41.21 -18.14
C SER I 10 54.56 42.61 -17.86
N VAL I 11 55.81 42.67 -17.38
CA VAL I 11 56.47 43.94 -17.09
C VAL I 11 57.91 43.87 -17.58
N SER I 12 58.44 45.02 -17.97
CA SER I 12 59.82 45.14 -18.42
C SER I 12 60.43 46.40 -17.86
N GLU I 13 61.57 46.26 -17.17
CA GLU I 13 62.26 47.37 -16.55
C GLU I 13 63.75 47.29 -16.87
N PRO I 14 64.44 48.42 -16.94
CA PRO I 14 65.88 48.40 -17.19
C PRO I 14 66.66 47.95 -15.97
N VAL I 15 67.98 47.91 -16.12
CA VAL I 15 68.85 47.51 -15.03
C VAL I 15 68.90 48.61 -13.98
N GLY I 16 68.68 48.24 -12.73
CA GLY I 16 68.69 49.18 -11.63
C GLY I 16 67.39 49.88 -11.35
N GLY I 17 66.36 49.66 -12.17
CA GLY I 17 65.07 50.30 -12.00
C GLY I 17 64.21 49.59 -10.97
N THR I 18 62.99 50.08 -10.83
CA THR I 18 62.02 49.55 -9.88
C THR I 18 60.83 48.99 -10.64
N VAL I 19 60.44 47.76 -10.28
CA VAL I 19 59.29 47.09 -10.87
C VAL I 19 58.28 46.80 -9.76
N THR I 20 57.02 47.17 -9.98
CA THR I 20 55.97 47.02 -9.00
C THR I 20 54.92 46.05 -9.51
N THR I 21 54.39 45.22 -8.61
CA THR I 21 53.33 44.27 -8.91
C THR I 21 52.18 44.47 -7.93
N LYS I 22 50.96 44.43 -8.44
CA LYS I 22 49.76 44.62 -7.63
C LYS I 22 48.99 43.31 -7.52
N CYS I 23 48.61 42.95 -6.30
CA CYS I 23 47.85 41.75 -6.03
C CYS I 23 46.59 42.13 -5.26
N GLN I 24 45.44 41.71 -5.77
CA GLN I 24 44.14 42.08 -5.22
C GLN I 24 43.41 40.85 -4.70
N ALA I 25 42.67 41.04 -3.61
CA ALA I 25 41.90 39.96 -2.99
C ALA I 25 40.41 40.26 -3.08
N SER I 26 39.63 39.20 -3.32
CA SER I 26 38.18 39.36 -3.40
C SER I 26 37.59 39.71 -2.03
N GLN I 27 38.08 39.08 -0.96
CA GLN I 27 37.68 39.40 0.40
C GLN I 27 38.91 39.79 1.20
N ASN I 28 38.68 40.38 2.37
CA ASN I 28 39.77 40.85 3.22
C ASN I 28 40.53 39.65 3.77
N ILE I 29 41.87 39.71 3.69
CA ILE I 29 42.72 38.62 4.15
C ILE I 29 43.47 38.95 5.44
N PHE I 30 43.60 40.23 5.79
CA PHE I 30 44.33 40.69 6.96
C PHE I 30 45.79 40.21 6.91
N ASN I 31 46.50 40.75 5.91
CA ASN I 31 47.87 40.37 5.60
C ASN I 31 47.86 38.91 5.19
N ASN I 32 48.63 38.03 5.82
CA ASN I 32 48.68 36.61 5.45
C ASN I 32 48.98 36.44 3.96
N LEU I 33 49.97 37.18 3.47
CA LEU I 33 50.37 37.13 2.08
C LEU I 33 51.82 36.67 1.98
N ALA I 34 52.14 36.01 0.87
CA ALA I 34 53.49 35.53 0.61
C ALA I 34 53.85 35.84 -0.84
N TRP I 35 55.04 36.40 -1.05
CA TRP I 35 55.54 36.74 -2.37
C TRP I 35 56.65 35.76 -2.74
N TYR I 36 56.61 35.24 -3.97
CA TYR I 36 57.55 34.22 -4.40
C TYR I 36 58.22 34.64 -5.70
N GLN I 37 59.45 34.15 -5.90
CA GLN I 37 60.18 34.31 -7.14
C GLN I 37 60.55 32.93 -7.68
N GLN I 38 60.15 32.65 -8.91
CA GLN I 38 60.39 31.36 -9.54
C GLN I 38 61.22 31.56 -10.80
N LYS I 39 62.36 30.90 -10.86
CA LYS I 39 63.15 30.84 -12.08
C LYS I 39 62.76 29.61 -12.90
N PRO I 40 62.89 29.68 -14.22
CA PRO I 40 62.55 28.52 -15.05
C PRO I 40 63.40 27.31 -14.66
N GLY I 41 62.73 26.16 -14.55
CA GLY I 41 63.38 24.94 -14.12
C GLY I 41 63.66 24.85 -12.63
N GLN I 42 63.17 25.80 -11.84
CA GLN I 42 63.41 25.83 -10.41
C GLN I 42 62.09 25.97 -9.65
N PRO I 43 61.93 25.29 -8.53
CA PRO I 43 60.74 25.49 -7.69
C PRO I 43 60.71 26.91 -7.12
N PRO I 44 59.53 27.45 -6.85
CA PRO I 44 59.45 28.82 -6.33
C PRO I 44 60.17 28.97 -5.01
N LYS I 45 60.80 30.12 -4.82
CA LYS I 45 61.52 30.44 -3.59
C LYS I 45 60.86 31.62 -2.89
N LEU I 46 60.73 31.51 -1.57
CA LEU I 46 60.06 32.54 -0.80
C LEU I 46 60.87 33.84 -0.80
N LEU I 47 60.17 34.97 -0.90
CA LEU I 47 60.77 36.28 -0.78
C LEU I 47 60.27 37.03 0.44
N ILE I 48 58.96 37.21 0.56
CA ILE I 48 58.35 38.01 1.61
C ILE I 48 57.19 37.24 2.22
N SER I 49 57.10 37.24 3.54
CA SER I 49 56.01 36.62 4.27
C SER I 49 55.30 37.69 5.11
N ASP I 50 54.02 37.46 5.37
CA ASP I 50 53.15 38.39 6.10
C ASP I 50 53.01 39.73 5.38
N ALA I 51 53.41 39.79 4.11
CA ALA I 51 53.30 40.95 3.24
C ALA I 51 54.20 42.09 3.68
N SER I 52 54.89 41.94 4.81
CA SER I 52 55.80 42.97 5.29
C SER I 52 57.14 42.44 5.81
N ASN I 53 57.27 41.15 6.06
CA ASN I 53 58.47 40.58 6.67
C ASN I 53 59.32 39.90 5.61
N LEU I 54 60.63 40.09 5.71
CA LEU I 54 61.59 39.46 4.82
C LEU I 54 62.27 38.30 5.52
N ALA I 55 62.40 37.18 4.81
CA ALA I 55 62.98 35.98 5.38
C ALA I 55 64.51 36.06 5.37
N SER I 56 65.15 35.05 5.95
CA SER I 56 66.60 34.99 5.98
C SER I 56 67.15 34.75 4.58
N GLY I 57 68.27 35.40 4.27
CA GLY I 57 68.86 35.26 2.96
C GLY I 57 68.12 35.98 1.85
N VAL I 58 67.31 36.98 2.19
CA VAL I 58 66.54 37.75 1.23
C VAL I 58 67.06 39.19 1.24
N SER I 59 67.42 39.69 0.07
CA SER I 59 67.98 41.03 -0.04
C SER I 59 66.94 42.09 0.32
N SER I 60 67.44 43.22 0.82
CA SER I 60 66.57 44.33 1.22
C SER I 60 65.90 45.00 0.03
N ARG I 61 66.31 44.69 -1.20
CA ARG I 61 65.70 45.31 -2.37
C ARG I 61 64.22 44.95 -2.47
N PHE I 62 63.86 43.71 -2.20
CA PHE I 62 62.46 43.32 -2.19
C PHE I 62 61.74 43.95 -0.99
N THR I 63 60.59 44.55 -1.26
CA THR I 63 59.82 45.24 -0.23
C THR I 63 58.34 44.95 -0.43
N GLY I 64 57.65 44.66 0.66
CA GLY I 64 56.22 44.40 0.63
C GLY I 64 55.44 45.47 1.37
N SER I 65 54.26 45.78 0.85
CA SER I 65 53.41 46.80 1.45
C SER I 65 51.95 46.48 1.13
N GLY I 66 51.05 47.32 1.63
CA GLY I 66 49.62 47.13 1.44
C GLY I 66 48.98 46.42 2.60
N SER I 67 47.64 46.50 2.62
CA SER I 67 46.83 45.90 3.67
C SER I 67 45.41 45.75 3.11
N GLY I 68 44.58 45.04 3.86
CA GLY I 68 43.21 44.81 3.43
C GLY I 68 43.13 43.90 2.22
N THR I 69 42.76 44.47 1.07
CA THR I 69 42.64 43.72 -0.17
C THR I 69 43.65 44.10 -1.23
N GLU I 70 44.35 45.23 -1.08
CA GLU I 70 45.33 45.69 -2.05
C GLU I 70 46.73 45.52 -1.48
N TYR I 71 47.60 44.86 -2.25
CA TYR I 71 48.97 44.60 -1.83
C TYR I 71 49.93 44.98 -2.96
N THR I 72 51.15 45.34 -2.58
CA THR I 72 52.15 45.81 -3.52
C THR I 72 53.48 45.13 -3.24
N LEU I 73 54.16 44.71 -4.31
CA LEU I 73 55.51 44.18 -4.23
C LEU I 73 56.44 45.06 -5.06
N THR I 74 57.50 45.56 -4.43
CA THR I 74 58.43 46.47 -5.08
C THR I 74 59.82 45.84 -5.08
N ILE I 75 60.45 45.81 -6.24
CA ILE I 75 61.81 45.30 -6.40
C ILE I 75 62.68 46.45 -6.93
N GLY I 76 63.62 46.90 -6.11
CA GLY I 76 64.51 47.97 -6.50
C GLY I 76 65.88 47.47 -6.92
N ASP I 77 66.58 48.24 -7.74
CA ASP I 77 67.91 47.88 -8.24
C ASP I 77 67.88 46.50 -8.91
N LEU I 78 67.13 46.42 -9.99
CA LEU I 78 66.96 45.16 -10.70
C LEU I 78 68.28 44.69 -11.30
N GLU I 79 68.51 43.39 -11.23
CA GLU I 79 69.74 42.77 -11.68
C GLU I 79 69.45 41.78 -12.80
N CYS I 80 70.52 41.35 -13.48
CA CYS I 80 70.36 40.40 -14.58
C CYS I 80 69.80 39.06 -14.10
N ALA I 81 70.08 38.68 -12.85
CA ALA I 81 69.58 37.44 -12.29
C ALA I 81 68.16 37.57 -11.74
N ASP I 82 67.59 38.78 -11.74
CA ASP I 82 66.24 38.96 -11.23
C ASP I 82 65.17 38.58 -12.23
N GLY I 83 65.53 38.29 -13.48
CA GLY I 83 64.55 37.87 -14.47
C GLY I 83 63.90 36.56 -14.10
N ALA I 84 62.63 36.62 -13.72
CA ALA I 84 61.89 35.46 -13.23
C ALA I 84 60.41 35.79 -13.25
N THR I 85 59.61 34.90 -12.66
CA THR I 85 58.18 35.08 -12.53
C THR I 85 57.82 35.20 -11.06
N TYR I 86 57.02 36.20 -10.71
CA TYR I 86 56.69 36.52 -9.34
C TYR I 86 55.21 36.23 -9.07
N TYR I 87 54.92 35.69 -7.89
CA TYR I 87 53.58 35.24 -7.54
C TYR I 87 53.21 35.74 -6.15
N CYS I 88 51.90 35.89 -5.91
CA CYS I 88 51.36 36.24 -4.61
C CYS I 88 50.35 35.19 -4.18
N GLN I 89 50.31 34.91 -2.87
CA GLN I 89 49.50 33.82 -2.32
C GLN I 89 49.01 34.20 -0.93
N SER I 90 47.72 33.98 -0.68
CA SER I 90 47.22 34.04 0.68
C SER I 90 47.63 32.79 1.46
N THR I 91 47.97 32.98 2.73
CA THR I 91 48.46 31.91 3.59
C THR I 91 47.40 31.45 4.58
N SER I 92 46.13 31.46 4.16
CA SER I 92 45.04 30.94 4.99
C SER I 92 44.91 29.46 4.70
N TYR I 93 45.67 28.64 5.43
CA TYR I 93 45.77 27.21 5.14
C TYR I 93 44.57 26.43 5.67
N GLY I 94 44.16 26.69 6.90
CA GLY I 94 43.02 26.00 7.48
C GLY I 94 41.87 26.93 7.80
N ASN I 95 41.69 27.96 6.98
CA ASN I 95 40.69 29.01 7.22
C ASN I 95 39.52 28.95 6.26
N ASP I 96 39.46 27.94 5.39
CA ASP I 96 38.41 27.78 4.38
C ASP I 96 38.49 28.84 3.30
N ASP I 97 39.44 29.78 3.43
CA ASP I 97 39.67 30.75 2.38
C ASP I 97 40.54 30.20 1.26
N GLY I 98 41.22 29.09 1.50
CA GLY I 98 42.10 28.51 0.51
C GLY I 98 43.41 29.26 0.40
N ALA I 99 44.29 28.73 -0.46
CA ALA I 99 45.58 29.34 -0.71
C ALA I 99 45.78 29.56 -2.22
N ALA I 100 44.75 30.00 -2.92
CA ALA I 100 44.80 30.09 -4.37
C ALA I 100 45.80 31.13 -4.83
N PHE I 101 46.66 30.75 -5.76
CA PHE I 101 47.63 31.65 -6.37
C PHE I 101 46.96 32.59 -7.36
N GLY I 102 47.65 33.68 -7.67
CA GLY I 102 47.23 34.58 -8.71
C GLY I 102 48.03 34.38 -9.99
N GLY I 103 47.66 35.15 -11.01
CA GLY I 103 48.36 35.07 -12.27
C GLY I 103 49.79 35.56 -12.11
N GLY I 104 50.75 34.73 -12.53
CA GLY I 104 52.14 35.10 -12.41
C GLY I 104 52.51 36.24 -13.34
N THR I 105 53.51 37.02 -12.92
CA THR I 105 54.02 38.14 -13.70
C THR I 105 55.50 37.92 -13.99
N GLU I 106 55.87 38.03 -15.25
CA GLU I 106 57.27 37.86 -15.64
C GLU I 106 57.94 39.22 -15.81
N VAL I 107 59.22 39.28 -15.44
CA VAL I 107 60.00 40.51 -15.52
C VAL I 107 61.07 40.33 -16.59
N VAL I 108 61.25 41.37 -17.41
CA VAL I 108 62.24 41.38 -18.48
C VAL I 108 63.26 42.47 -18.19
N VAL I 109 64.54 42.09 -18.16
CA VAL I 109 65.60 43.03 -17.87
C VAL I 109 65.84 43.96 -19.06
C1 NAG J . -4.93 -45.69 -15.68
C2 NAG J . -5.65 -46.32 -16.87
C3 NAG J . -4.84 -46.10 -18.14
C4 NAG J . -4.58 -44.61 -18.32
C5 NAG J . -3.96 -44.02 -17.04
C6 NAG J . -3.74 -42.53 -17.10
C7 NAG J . -7.14 -48.26 -16.59
C8 NAG J . -7.17 -49.76 -16.35
N2 NAG J . -5.90 -47.73 -16.66
O3 NAG J . -5.55 -46.64 -19.21
O4 NAG J . -3.72 -44.46 -19.43
O5 NAG J . -4.79 -44.31 -15.94
O6 NAG J . -4.95 -41.89 -17.40
O7 NAG J . -8.17 -47.61 -16.69
C1 NAG K . 27.87 -41.91 6.28
C2 NAG K . 28.81 -40.70 6.50
C3 NAG K . 30.01 -40.70 5.55
C4 NAG K . 30.37 -42.12 5.16
C5 NAG K . 29.20 -42.65 4.33
C6 NAG K . 29.30 -44.12 3.99
C7 NAG K . 27.56 -38.77 7.41
C8 NAG K . 26.85 -37.50 7.01
N2 NAG K . 28.09 -39.47 6.38
O3 NAG K . 31.07 -40.04 6.21
O4 NAG K . 31.56 -42.07 4.41
O5 NAG K . 27.93 -42.45 4.97
O6 NAG K . 30.42 -44.34 3.15
O7 NAG K . 27.63 -39.12 8.57
C1 NAG L . 18.30 -34.49 -2.57
C2 NAG L . 18.62 -33.23 -1.74
C3 NAG L . 18.97 -31.98 -2.54
C4 NAG L . 19.74 -32.31 -3.80
C5 NAG L . 18.86 -33.27 -4.58
C6 NAG L . 19.35 -33.54 -6.00
C7 NAG L . 17.49 -32.97 0.46
C8 NAG L . 16.19 -32.58 1.11
N2 NAG L . 17.50 -32.91 -0.88
O3 NAG L . 19.68 -31.11 -1.70
O4 NAG L . 19.97 -31.10 -4.50
O5 NAG L . 18.86 -34.49 -3.87
O6 NAG L . 18.49 -34.45 -6.63
O7 NAG L . 18.45 -33.32 1.13
C1 NAG M . -18.73 -38.64 18.65
C2 NAG M . -19.37 -39.75 17.80
C3 NAG M . -19.47 -41.06 18.57
C4 NAG M . -18.16 -41.26 19.32
C5 NAG M . -18.13 -40.22 20.44
C6 NAG M . -16.76 -40.05 21.07
C7 NAG M . -20.99 -39.19 16.03
C8 NAG M . -22.42 -38.75 15.79
N2 NAG M . -20.66 -39.34 17.33
O3 NAG M . -19.72 -42.09 17.65
O4 NAG M . -18.17 -42.57 19.83
O5 NAG M . -18.60 -38.95 20.02
O6 NAG M . -16.33 -41.27 21.62
O7 NAG M . -20.21 -39.39 15.11
C1 NAG N . 12.24 -8.35 -47.29
C2 NAG N . 11.32 -9.38 -47.97
C3 NAG N . 10.34 -8.68 -48.91
C4 NAG N . 9.61 -7.56 -48.17
C5 NAG N . 10.61 -6.66 -47.43
C6 NAG N . 9.96 -5.57 -46.61
C7 NAG N . 12.90 -10.27 -49.68
C8 NAG N . 13.50 -11.56 -50.18
N2 NAG N . 12.04 -10.42 -48.65
O3 NAG N . 9.46 -9.64 -49.40
O4 NAG N . 8.88 -6.84 -49.14
O5 NAG N . 11.41 -7.47 -46.58
O6 NAG N . 9.37 -4.62 -47.46
O7 NAG N . 13.18 -9.20 -50.21
C1 NAG O . -33.01 -32.82 -0.44
C2 NAG O . -33.03 -31.94 0.82
C3 NAG O . -33.35 -32.81 2.03
C4 NAG O . -34.61 -33.64 1.79
C5 NAG O . -34.48 -34.40 0.47
C6 NAG O . -35.68 -35.24 0.09
C7 NAG O . -31.61 -29.93 0.93
C8 NAG O . -30.19 -29.45 1.14
N2 NAG O . -31.78 -31.27 0.99
O3 NAG O . -33.48 -31.98 3.15
O4 NAG O . -34.75 -34.51 2.88
O5 NAG O . -34.24 -33.48 -0.57
O6 NAG O . -36.52 -34.50 -0.75
O7 NAG O . -32.52 -29.14 0.72
C1 NAG P . -17.39 -18.78 -33.10
C2 NAG P . -17.21 -18.79 -34.63
C3 NAG P . -17.54 -17.46 -35.31
C4 NAG P . -18.80 -16.83 -34.72
C5 NAG P . -18.60 -16.74 -33.22
C6 NAG P . -19.69 -15.99 -32.47
C7 NAG P . -15.48 -20.35 -35.45
C8 NAG P . -13.99 -20.48 -35.72
N2 NAG P . -15.85 -19.16 -34.96
O3 NAG P . -17.68 -17.71 -36.68
O4 NAG P . -18.97 -15.57 -35.31
O5 NAG P . -18.55 -18.07 -32.72
O6 NAG P . -20.95 -16.51 -32.80
O7 NAG P . -16.25 -21.26 -35.68
C1 NAG Q . -35.42 -26.81 -31.86
C2 NAG Q . -34.91 -28.27 -31.91
C3 NAG Q . -34.53 -28.80 -33.29
C4 NAG Q . -35.25 -28.11 -34.45
C5 NAG Q . -35.09 -26.63 -34.21
C6 NAG Q . -35.51 -25.76 -35.38
C7 NAG Q . -33.32 -29.56 -30.52
C8 NAG Q . -32.05 -29.45 -29.72
N2 NAG Q . -33.73 -28.41 -31.09
O3 NAG Q . -34.77 -30.19 -33.29
O4 NAG Q . -34.63 -28.54 -35.64
O5 NAG Q . -35.90 -26.34 -33.10
O6 NAG Q . -35.16 -24.42 -35.11
O7 NAG Q . -33.90 -30.62 -30.63
C1 NAG R . -68.78 -1.62 -31.57
C2 NAG R . -69.86 -0.54 -31.59
C3 NAG R . -71.13 -1.06 -32.25
C4 NAG R . -70.82 -1.66 -33.62
C5 NAG R . -69.74 -2.73 -33.44
C6 NAG R . -69.33 -3.41 -34.73
C7 NAG R . -69.95 1.16 -29.82
C8 NAG R . -70.33 1.41 -28.38
N2 NAG R . -70.15 -0.09 -30.26
O3 NAG R . -72.03 0.01 -32.35
O4 NAG R . -72.02 -2.22 -34.12
O5 NAG R . -68.59 -2.13 -32.87
O6 NAG R . -68.17 -4.18 -34.53
O7 NAG R . -69.50 2.07 -30.51
C1 NAG S . -67.98 -18.16 -4.15
C2 NAG S . -69.33 -18.84 -4.48
C3 NAG S . -69.78 -19.88 -3.46
C4 NAG S . -68.62 -20.72 -2.96
C5 NAG S . -67.62 -19.74 -2.36
C6 NAG S . -66.47 -20.39 -1.63
C7 NAG S . -71.24 -17.67 -5.59
C8 NAG S . -71.11 -18.65 -6.72
N2 NAG S . -70.36 -17.84 -4.58
O3 NAG S . -70.77 -20.67 -4.08
O4 NAG S . -69.13 -21.61 -1.99
O5 NAG S . -67.09 -19.01 -3.44
O6 NAG S . -65.65 -21.07 -2.56
O7 NAG S . -72.09 -16.81 -5.59
C1 NAG T . -67.99 -14.28 -22.54
C2 NAG T . -69.09 -14.19 -23.63
C3 NAG T . -69.02 -15.40 -24.57
C4 NAG T . -67.61 -15.61 -25.08
C5 NAG T . -66.65 -15.71 -23.88
C6 NAG T . -65.21 -15.93 -24.25
C7 NAG T . -71.31 -13.18 -23.29
C8 NAG T . -72.61 -13.32 -22.53
N2 NAG T . -70.39 -14.12 -23.02
O3 NAG T . -69.92 -15.17 -25.61
O4 NAG T . -67.61 -16.79 -25.84
O5 NAG T . -66.74 -14.51 -23.14
O6 NAG T . -64.39 -15.76 -23.12
O7 NAG T . -71.14 -12.27 -24.09
C1 NAG U . -82.25 -12.00 -16.75
C2 NAG U . -82.99 -13.24 -17.28
C3 NAG U . -84.48 -13.09 -17.03
C4 NAG U . -84.74 -12.82 -15.55
C5 NAG U . -83.92 -11.60 -15.13
C6 NAG U . -84.07 -11.25 -13.66
C7 NAG U . -81.83 -14.32 -19.16
C8 NAG U . -81.69 -14.35 -20.67
N2 NAG U . -82.71 -13.43 -18.68
O3 NAG U . -85.11 -14.27 -17.47
O4 NAG U . -86.12 -12.61 -15.40
O5 NAG U . -82.55 -11.84 -15.39
O6 NAG U . -83.51 -12.26 -12.87
O7 NAG U . -81.16 -15.05 -18.45
C1 NAG V . -84.82 4.47 -29.06
C2 NAG V . -84.22 3.99 -30.38
C3 NAG V . -84.28 5.12 -31.41
C4 NAG V . -85.70 5.64 -31.54
C5 NAG V . -86.24 6.02 -30.16
C6 NAG V . -87.68 6.50 -30.15
C7 NAG V . -82.44 2.28 -30.32
C8 NAG V . -80.97 2.06 -30.06
N2 NAG V . -82.85 3.56 -30.19
O3 NAG V . -83.79 4.62 -32.63
O4 NAG V . -85.67 6.74 -32.41
O5 NAG V . -86.14 4.91 -29.30
O6 NAG V . -87.77 7.74 -30.81
O7 NAG V . -83.19 1.36 -30.63
C1 NAG W . 29.41 -14.51 -55.80
C2 NAG W . 28.78 -15.56 -56.71
C3 NAG W . 27.97 -16.57 -55.89
C4 NAG W . 28.81 -17.12 -54.75
C5 NAG W . 29.37 -15.95 -53.93
C6 NAG W . 30.22 -16.39 -52.75
C7 NAG W . 27.96 -15.26 -59.01
C8 NAG W . 26.98 -14.49 -59.86
N2 NAG W . 27.93 -14.95 -57.71
O3 NAG W . 27.53 -17.58 -56.76
O4 NAG W . 27.96 -17.94 -53.98
O5 NAG W . 30.15 -15.14 -54.78
O6 NAG W . 29.41 -16.94 -51.75
O7 NAG W . 28.71 -16.09 -59.50
C1 NAG X . -2.80 12.21 49.89
C2 NAG X . -3.17 11.33 51.09
C3 NAG X . -2.25 10.12 51.11
C4 NAG X . -2.28 9.40 49.77
C5 NAG X . -2.07 10.40 48.63
C6 NAG X . -2.15 9.78 47.25
C7 NAG X . -4.21 12.59 52.91
C8 NAG X . -3.93 13.38 54.16
N2 NAG X . -3.12 12.11 52.30
O3 NAG X . -2.65 9.29 52.17
O4 NAG X . -1.27 8.42 49.79
O5 NAG X . -3.03 11.45 48.73
O6 NAG X . -3.30 8.98 47.14
O7 NAG X . -5.34 12.42 52.50
C1 NAG Y . 33.15 22.92 34.81
C2 NAG Y . 33.91 22.35 33.60
C3 NAG Y . 34.92 21.27 33.96
C4 NAG Y . 35.44 21.50 35.36
C5 NAG Y . 34.26 21.27 36.29
C6 NAG Y . 34.58 21.52 37.75
C7 NAG Y . 32.84 22.27 31.36
C8 NAG Y . 31.80 21.55 30.54
N2 NAG Y . 32.98 21.83 32.62
O3 NAG Y . 35.94 21.31 32.99
O4 NAG Y . 36.49 20.59 35.59
O5 NAG Y . 33.13 22.08 35.96
O6 NAG Y . 35.49 20.56 38.22
O7 NAG Y . 33.50 23.19 30.89
C1 NAG Z . 20.51 12.90 31.89
C2 NAG Z . 21.50 13.56 30.90
C3 NAG Z . 22.53 12.49 30.51
C4 NAG Z . 23.18 11.91 31.76
C5 NAG Z . 22.12 11.45 32.76
C6 NAG Z . 22.69 10.93 34.07
C7 NAG Z . 20.88 15.46 29.51
C8 NAG Z . 20.12 15.89 28.26
N2 NAG Z . 20.84 14.14 29.77
O3 NAG Z . 23.47 13.10 29.65
O4 NAG Z . 24.01 10.85 31.33
O5 NAG Z . 21.22 12.51 33.04
O6 NAG Z . 21.64 10.52 34.90
O7 NAG Z . 21.47 16.28 30.20
C1 NAG AA . -11.07 40.27 26.89
C2 NAG AA . -11.67 40.27 28.31
C3 NAG AA . -11.47 41.59 29.04
C4 NAG AA . -10.05 42.05 28.76
C5 NAG AA . -10.01 42.48 27.29
C6 NAG AA . -8.62 42.78 26.77
C7 NAG AA . -13.63 38.83 28.79
C8 NAG AA . -15.12 38.71 28.61
N2 NAG AA . -13.08 39.94 28.26
O3 NAG AA . -11.71 41.38 30.40
O4 NAG AA . -9.77 43.14 29.63
O5 NAG AA . -10.61 41.53 26.41
O6 NAG AA . -8.07 43.87 27.48
O7 NAG AA . -12.98 37.98 29.37
C1 NAG BA . 5.62 -36.67 32.51
C2 NAG BA . 4.76 -36.26 33.71
C3 NAG BA . 3.57 -37.20 33.86
C4 NAG BA . 2.81 -37.31 32.54
C5 NAG BA . 3.78 -37.68 31.42
C6 NAG BA . 3.14 -37.79 30.05
C7 NAG BA . 6.20 -37.21 35.53
C8 NAG BA . 6.92 -36.81 36.80
N2 NAG BA . 5.53 -36.19 34.93
O3 NAG BA . 2.75 -36.72 34.90
O4 NAG BA . 1.82 -38.29 32.72
O5 NAG BA . 4.81 -36.71 31.35
O6 NAG BA . 2.27 -38.90 30.01
O7 NAG BA . 6.23 -38.36 35.12
C1 NAG CA . -28.44 23.89 31.67
C2 NAG CA . -28.43 24.60 30.30
C3 NAG CA . -28.37 26.12 30.53
C4 NAG CA . -29.44 26.57 31.50
C5 NAG CA . -29.37 25.74 32.79
C6 NAG CA . -30.43 26.07 33.81
C7 NAG CA . -27.45 23.81 28.19
C8 NAG CA . -26.16 23.38 27.54
N2 NAG CA . -27.34 24.16 29.48
O3 NAG CA . -28.49 26.74 29.28
O4 NAG CA . -29.21 27.94 31.77
O5 NAG CA . -29.50 24.37 32.44
O6 NAG CA . -31.71 25.80 33.29
O7 NAG CA . -28.49 23.84 27.57
C1 NAG DA . -19.70 -13.82 35.36
C2 NAG DA . -19.76 -15.09 36.23
C3 NAG DA . -20.38 -16.33 35.57
C4 NAG DA . -21.43 -15.99 34.53
C5 NAG DA . -20.78 -14.99 33.58
C6 NAG DA . -21.56 -14.73 32.32
C7 NAG DA . -18.05 -15.44 37.98
C8 NAG DA . -16.60 -15.83 38.18
N2 NAG DA . -18.44 -15.41 36.70
O3 NAG DA . -20.90 -17.12 36.61
O4 NAG DA . -21.77 -17.19 33.89
O5 NAG DA . -20.64 -13.80 34.31
O6 NAG DA . -22.83 -14.22 32.62
O7 NAG DA . -18.77 -15.18 38.92
C1 NAG EA . -36.29 -5.63 42.07
C2 NAG EA . -35.72 -4.97 43.34
C3 NAG EA . -35.58 -5.88 44.58
C4 NAG EA . -36.48 -7.10 44.54
C5 NAG EA . -36.30 -7.75 43.19
C6 NAG EA . -36.90 -9.13 43.05
C7 NAG EA . -33.81 -3.46 43.82
C8 NAG EA . -32.40 -3.12 43.38
N2 NAG EA . -34.39 -4.45 43.11
O3 NAG EA . -35.81 -5.10 45.71
O4 NAG EA . -36.07 -7.95 45.60
O5 NAG EA . -36.92 -6.88 42.28
O6 NAG EA . -36.55 -9.67 41.80
O7 NAG EA . -34.34 -2.88 44.75
C1 NAG FA . -72.11 -10.92 21.04
C2 NAG FA . -73.37 -11.21 20.21
C3 NAG FA . -74.60 -11.26 21.10
C4 NAG FA . -74.38 -12.17 22.30
C5 NAG FA . -73.12 -11.73 23.02
C6 NAG FA . -72.79 -12.54 24.25
C7 NAG FA . -73.85 -10.45 17.91
C8 NAG FA . -73.96 -9.20 17.05
N2 NAG FA . -73.54 -10.21 19.19
O3 NAG FA . -75.69 -11.67 20.32
O4 NAG FA . -75.52 -12.07 23.11
O5 NAG FA . -72.03 -11.83 22.11
O6 NAG FA . -71.55 -12.13 24.77
O7 NAG FA . -74.04 -11.57 17.45
C1 NAG GA . -64.94 20.13 21.74
C2 NAG GA . -66.24 20.44 22.48
C3 NAG GA . -66.43 21.92 22.83
C4 NAG GA . -65.14 22.53 23.35
C5 NAG GA . -64.11 22.33 22.25
C6 NAG GA . -62.79 23.02 22.50
C7 NAG GA . -68.39 19.23 22.10
C8 NAG GA . -68.30 18.74 23.52
N2 NAG GA . -67.38 20.02 21.69
O3 NAG GA . -67.46 22.00 23.78
O4 NAG GA . -65.39 23.89 23.61
O5 NAG GA . -63.86 20.95 22.15
O6 NAG GA . -62.18 22.45 23.63
O7 NAG GA . -69.33 18.91 21.37
C1 NAG HA . -68.46 2.58 27.42
C2 NAG HA . -69.76 1.92 27.93
C3 NAG HA . -69.69 1.72 29.44
C4 NAG HA . -68.40 1.00 29.83
C5 NAG HA . -67.21 1.77 29.27
C6 NAG HA . -65.87 1.15 29.58
C7 NAG HA . -72.04 2.23 27.04
C8 NAG HA . -73.11 3.25 26.78
N2 NAG HA . -70.91 2.71 27.59
O3 NAG HA . -70.83 1.00 29.83
O4 NAG HA . -68.37 0.94 31.25
O5 NAG HA . -67.35 1.85 27.87
O6 NAG HA . -64.87 1.75 28.79
O7 NAG HA . -72.19 1.05 26.76
C1 NAG IA . -81.58 9.35 23.06
C2 NAG IA . -82.24 9.64 24.42
C3 NAG IA . -83.68 10.08 24.21
C4 NAG IA . -83.73 11.27 23.25
C5 NAG IA . -82.99 10.91 21.96
C6 NAG IA . -82.94 12.04 20.96
C7 NAG IA . -81.22 8.32 26.22
C8 NAG IA . -81.32 7.03 27.01
N2 NAG IA . -82.15 8.48 25.27
O3 NAG IA . -84.21 10.40 25.46
O4 NAG IA . -85.08 11.56 23.02
O5 NAG IA . -81.67 10.52 22.26
O6 NAG IA . -82.27 13.15 21.53
O7 NAG IA . -80.34 9.13 26.44
C1 NAG JA . -88.08 -8.70 14.93
C2 NAG JA . -87.54 -9.73 15.93
C3 NAG JA . -87.88 -11.13 15.44
C4 NAG JA . -89.37 -11.26 15.19
C5 NAG JA . -89.82 -10.15 14.22
C6 NAG JA . -91.31 -10.13 13.96
C7 NAG JA . -85.56 -9.30 17.31
C8 NAG JA . -84.05 -9.19 17.29
N2 NAG JA . -86.13 -9.58 16.13
O3 NAG JA . -87.43 -12.05 16.41
O4 NAG JA . -89.60 -12.54 14.66
O5 NAG JA . -89.46 -8.89 14.76
O6 NAG JA . -91.69 -11.30 13.27
O7 NAG JA . -86.19 -9.16 18.35
C1 NAG KA . 25.50 -43.78 35.63
C2 NAG KA . 25.04 -43.96 37.09
C3 NAG KA . 24.35 -42.68 37.56
C4 NAG KA . 25.25 -41.48 37.33
C5 NAG KA . 25.70 -41.44 35.87
C6 NAG KA . 26.62 -40.29 35.54
C7 NAG KA . 24.35 -46.11 38.09
C8 NAG KA . 23.30 -47.19 38.03
N2 NAG KA . 24.16 -45.10 37.21
O3 NAG KA . 24.01 -42.85 38.91
O4 NAG KA . 24.51 -40.34 37.70
O5 NAG KA . 26.35 -42.66 35.55
O6 NAG KA . 25.89 -39.08 35.57
O7 NAG KA . 25.28 -46.16 38.87
C1 NAG LA . 3.41 38.78 -32.95
C2 NAG LA . 3.44 40.31 -33.02
C3 NAG LA . 4.63 40.85 -32.23
C4 NAG LA . 4.61 40.30 -30.81
C5 NAG LA . 4.54 38.77 -30.87
C6 NAG LA . 4.47 38.11 -29.50
C7 NAG LA . 2.50 41.50 -34.96
C8 NAG LA . 2.75 41.86 -36.41
N2 NAG LA . 3.47 40.76 -34.39
O3 NAG LA . 4.56 42.25 -32.24
O4 NAG LA . 5.78 40.75 -30.16
O5 NAG LA . 3.40 38.38 -31.59
O6 NAG LA . 3.36 38.60 -28.80
O7 NAG LA . 1.49 41.86 -34.37
C1 NAG MA . 35.36 14.65 -35.95
C2 NAG MA . 36.04 13.76 -34.88
C3 NAG MA . 37.24 14.44 -34.21
C4 NAG MA . 37.85 15.48 -35.14
C5 NAG MA . 36.78 16.56 -35.30
C6 NAG MA . 37.21 17.71 -36.19
C7 NAG MA . 34.55 12.12 -33.80
C8 NAG MA . 33.58 11.93 -32.65
N2 NAG MA . 35.10 13.34 -33.89
O3 NAG MA . 38.16 13.43 -33.87
O4 NAG MA . 39.01 15.97 -34.52
O5 NAG MA . 35.56 16.04 -35.81
O6 NAG MA . 38.22 18.46 -35.58
O7 NAG MA . 34.79 11.21 -34.58
C1 NAG NA . 23.60 19.48 -25.82
C2 NAG NA . 24.30 18.11 -25.79
C3 NAG NA . 25.36 18.12 -24.70
C4 NAG NA . 26.29 19.31 -24.87
C5 NAG NA . 25.47 20.61 -25.00
C6 NAG NA . 26.30 21.86 -25.19
C7 NAG NA . 23.09 16.12 -26.58
C8 NAG NA . 22.07 15.08 -26.19
N2 NAG NA . 23.36 17.03 -25.63
O3 NAG NA . 26.06 16.90 -24.75
O4 NAG NA . 27.14 19.35 -23.75
O5 NAG NA . 24.56 20.48 -26.08
O6 NAG NA . 25.55 22.98 -24.78
O7 NAG NA . 23.62 16.12 -27.68
C1 NAG OA . -11.48 7.69 -45.96
C2 NAG OA . -11.73 9.07 -46.59
C3 NAG OA . -11.60 9.01 -48.10
C4 NAG OA . -10.34 8.22 -48.43
C5 NAG OA . -10.63 6.76 -48.07
C6 NAG OA . -9.38 5.93 -47.88
C7 NAG OA . -13.20 10.77 -45.57
C8 NAG OA . -14.64 11.10 -45.28
N2 NAG OA . -13.02 9.59 -46.20
O3 NAG OA . -11.53 10.33 -48.58
O4 NAG OA . -10.07 8.38 -49.79
O5 NAG OA . -11.43 6.63 -46.90
O6 NAG OA . -8.55 6.04 -49.01
O7 NAG OA . -12.29 11.51 -45.27
C1 NAG PA . 14.71 46.65 17.25
C2 NAG PA . 14.05 47.92 16.67
C3 NAG PA . 13.12 48.57 17.70
C4 NAG PA . 12.15 47.54 18.27
C5 NAG PA . 12.94 46.33 18.76
C6 NAG PA . 12.11 45.24 19.40
C7 NAG PA . 15.98 49.50 16.91
C8 NAG PA . 16.86 50.41 16.10
N2 NAG PA . 15.05 48.86 16.19
O3 NAG PA . 12.46 49.63 17.05
O4 NAG PA . 11.45 48.18 19.30
O5 NAG PA . 13.66 45.79 17.66
O6 NAG PA . 11.54 45.70 20.60
O7 NAG PA . 16.13 49.39 18.12
C1 NAG QA . -25.84 22.88 -33.58
C2 NAG QA . -26.11 21.38 -33.50
C3 NAG QA . -26.28 20.83 -34.92
C4 NAG QA . -27.34 21.62 -35.68
C5 NAG QA . -27.00 23.11 -35.62
C6 NAG QA . -28.01 24.01 -36.30
C7 NAG QA . -25.19 20.06 -31.64
C8 NAG QA . -23.93 19.42 -31.10
N2 NAG QA . -25.05 20.71 -32.81
O3 NAG QA . -26.61 19.47 -34.81
O4 NAG QA . -27.35 21.13 -36.99
O5 NAG QA . -26.89 23.51 -34.26
O6 NAG QA . -29.25 23.92 -35.64
O7 NAG QA . -26.25 19.99 -31.03
C1 NAG RA . -12.24 41.55 -2.63
C2 NAG RA . -12.15 43.08 -2.83
C3 NAG RA . -12.86 43.90 -1.74
C4 NAG RA . -13.79 43.03 -0.91
C5 NAG RA . -12.89 41.96 -0.29
C6 NAG RA . -13.61 41.10 0.73
C7 NAG RA . -10.33 44.67 -3.40
C8 NAG RA . -8.84 44.84 -3.38
N2 NAG RA . -10.78 43.49 -2.92
O3 NAG RA . -13.54 44.96 -2.37
O4 NAG RA . -14.39 43.86 0.06
O5 NAG RA . -12.34 41.11 -1.28
O6 NAG RA . -14.73 40.49 0.12
O7 NAG RA . -11.07 45.56 -3.82
C1 NAG SA . -28.35 47.64 -12.98
C2 NAG SA . -27.66 48.33 -14.19
C3 NAG SA . -27.24 49.78 -13.97
C4 NAG SA . -28.04 50.52 -12.90
C5 NAG SA . -28.04 49.61 -11.67
C6 NAG SA . -28.57 50.25 -10.42
C7 NAG SA . -25.90 47.65 -15.79
C8 NAG SA . -24.66 46.80 -15.92
N2 NAG SA . -26.48 47.60 -14.58
O3 NAG SA . -27.33 50.44 -15.21
O4 NAG SA . -27.39 51.74 -12.64
O5 NAG SA . -28.88 48.53 -12.02
O6 NAG SA . -28.49 49.33 -9.35
O7 NAG SA . -26.31 48.32 -16.72
C1 NAG TA . -65.94 39.13 3.02
C2 NAG TA . -67.27 38.75 3.70
C3 NAG TA . -68.38 39.73 3.34
C4 NAG TA . -67.92 41.16 3.54
C5 NAG TA . -66.64 41.38 2.74
C6 NAG TA . -66.11 42.79 2.80
C7 NAG TA . -68.31 36.54 4.08
C8 NAG TA . -68.57 35.20 3.41
N2 NAG TA . -67.64 37.42 3.30
O3 NAG TA . -69.50 39.41 4.12
O4 NAG TA . -68.97 42.00 3.09
O5 NAG TA . -65.66 40.49 3.25
O6 NAG TA . -64.92 42.88 2.04
O7 NAG TA . -68.67 36.77 5.21
C1 NAG UA . -62.57 23.29 -24.44
C2 NAG UA . -63.83 23.99 -24.98
C3 NAG UA . -64.20 23.58 -26.40
C4 NAG UA . -62.98 23.49 -27.31
C5 NAG UA . -62.01 22.52 -26.65
C6 NAG UA . -60.80 22.20 -27.49
C7 NAG UA . -65.78 24.62 -23.58
C8 NAG UA . -65.49 26.07 -23.91
N2 NAG UA . -64.95 23.73 -24.12
O3 NAG UA . -65.15 24.50 -26.88
O4 NAG UA . -63.42 23.05 -28.57
O5 NAG UA . -61.59 23.11 -25.44
O6 NAG UA . -60.05 23.37 -27.69
O7 NAG UA . -66.73 24.32 -22.86
C1 NAG VA . -62.98 37.34 -11.88
C2 NAG VA . -64.15 38.27 -11.51
C3 NAG VA . -63.87 39.69 -11.99
C4 NAG VA . -62.51 40.16 -11.49
C5 NAG VA . -61.44 39.16 -11.93
C6 NAG VA . -60.05 39.51 -11.48
C7 NAG VA . -66.56 37.74 -11.41
C8 NAG VA . -67.73 37.24 -12.21
N2 NAG VA . -65.39 37.81 -12.08
O3 NAG VA . -64.91 40.51 -11.54
O4 NAG VA . -62.28 41.44 -12.03
O5 NAG VA . -61.77 37.88 -11.41
O6 NAG VA . -59.18 38.43 -11.70
O7 NAG VA . -66.67 38.07 -10.24
C1 NAG WA . -77.45 32.70 -15.41
C2 NAG WA . -77.96 33.84 -16.30
C3 NAG WA . -79.46 33.69 -16.54
C4 NAG WA . -79.78 32.29 -17.06
C5 NAG WA . -79.19 31.25 -16.11
C6 NAG WA . -79.42 29.82 -16.54
C7 NAG WA . -76.63 35.90 -16.09
C8 NAG WA . -76.50 37.20 -15.32
N2 NAG WA . -77.66 35.12 -15.71
O3 NAG WA . -79.86 34.69 -17.45
O4 NAG WA . -81.18 32.19 -17.15
O5 NAG WA . -77.80 31.47 -15.99
O6 NAG WA . -78.84 29.61 -17.81
O7 NAG WA . -75.84 35.59 -16.96
C1 NAG XA . -82.90 35.81 4.54
C2 NAG XA . -82.17 37.10 4.94
C3 NAG XA . -82.44 37.41 6.41
C4 NAG XA . -83.94 37.45 6.68
C5 NAG XA . -84.57 36.13 6.20
C6 NAG XA . -86.07 36.06 6.37
C7 NAG XA . -80.08 37.73 3.80
C8 NAG XA . -78.61 37.43 3.71
N2 NAG XA . -80.76 36.99 4.69
O3 NAG XA . -81.83 38.64 6.71
O4 NAG XA . -84.12 37.64 8.05
O5 NAG XA . -84.28 35.96 4.82
O6 NAG XA . -86.39 35.99 7.74
O7 NAG XA . -80.60 38.58 3.10
C1 NAG YA . 36.99 48.32 20.46
C2 NAG YA . 37.27 49.42 19.42
C3 NAG YA . 36.70 49.01 18.06
C4 NAG YA . 37.18 47.61 17.68
C5 NAG YA . 36.83 46.64 18.81
C6 NAG YA . 37.22 45.21 18.55
C7 NAG YA . 37.39 51.63 20.49
C8 NAG YA . 36.59 52.86 20.86
N2 NAG YA . 36.70 50.67 19.86
O3 NAG YA . 37.10 49.97 17.12
O4 NAG YA . 36.54 47.27 16.47
O5 NAG YA . 37.47 47.08 19.99
O6 NAG YA . 36.37 44.64 17.58
O7 NAG YA . 38.57 51.55 20.77
#